data_7YPI
#
_entry.id   7YPI
#
_cell.length_a   1.00
_cell.length_b   1.00
_cell.length_c   1.00
_cell.angle_alpha   90.00
_cell.angle_beta   90.00
_cell.angle_gamma   90.00
#
_symmetry.space_group_name_H-M   'P 1'
#
loop_
_entity.id
_entity.type
_entity.pdbx_description
1 polymer 'Lon protease'
2 non-polymer 'PHOSPHOTHIOPHOSPHORIC ACID-ADENYLATE ESTER'
#
_entity_poly.entity_id   1
_entity_poly.type   'polypeptide(L)'
_entity_poly.pdbx_seq_one_letter_code
;MRLELPVIPLRNTVILPHTTTPVDVGRAKSKRAVEEAMGADRLIFLVAQRDPEVDDPAPDDLYTWGVQAVVKQAMRLPDG
TLQVMVEARARAQVTDYIPGPYLRARGEVFSEIFPIDEAVVRVLVEELKEAFEKYVANHKSLRLDRYQLEAVKGTSDPAM
LADTIAYHATWTVAEKQEILELTDLEARLKKVLGLLSRDLERFELDKRVAQRVKEQMDTNQRESYLREQMKAIQKELGGE
DGLSDLEALRKKIEEVGMPEAVKTKALKELDRLERMQQGSPEATVARTYLDWLTEVPWSKADPEVLDINHTRQVLDEDHY
GLKDVKERILEYLAVRQLTQGLDVRNKAPILVLVGPPGVGKTSLGRSIARSMNRKFHRISLGGVRDEAEIRGHRRTYIGA
MPGKLIHAMKQVGVINPVILLDEIDKMSSDWRGDPASAMLEVLDPEQNNTFTDHYLDVPYDLSKVFFITTANTLQTIPRP
LLDRMEVIEIPGYTNMEKQAIARQYLWPKQVRESGMEGRIEVTDAAILRVISEYTREAGVRGLERELGKIARKGAKFWLE
GAWEGLRTIDASDIPTYLGIPRYRPDKAETEPQVGTAQGLAWTPVGGTLLTIEVAAVPGSGKLSLTGQLGEVMKESAQAA
LTYLRAHTQDYGLPEDFYNKVDLHVHVPDGATPKDGPSAGITMATAIASALSRRPARMDIAMTGEVSLRGKVMPIGGVKE
KLLAAHQAGIHKIVLPKDNEAQLEELPKEVLEGLEIKLVEDVGEVLEYLLLPEPTMPPVVQPSDNRQQPGAGA
;
_entity_poly.pdbx_strand_id   A,B,C,D,E,F
#
loop_
_chem_comp.id
_chem_comp.type
_chem_comp.name
_chem_comp.formula
AGS non-polymer 'PHOSPHOTHIOPHOSPHORIC ACID-ADENYLATE ESTER' 'C10 H16 N5 O12 P3 S'
#
# COMPACT_ATOMS: atom_id res chain seq x y z
N ARG A 2 94.72 48.47 -23.67
CA ARG A 2 95.40 48.65 -24.95
C ARG A 2 96.66 47.81 -25.03
N LEU A 3 97.41 47.77 -23.94
CA LEU A 3 98.63 46.98 -23.86
C LEU A 3 98.31 45.59 -23.28
N GLU A 4 99.34 44.84 -22.90
CA GLU A 4 99.15 43.55 -22.25
C GLU A 4 98.70 43.80 -20.82
N LEU A 5 97.40 43.62 -20.57
CA LEU A 5 96.81 43.88 -19.28
C LEU A 5 96.21 42.60 -18.70
N PRO A 6 96.41 42.33 -17.41
CA PRO A 6 95.81 41.13 -16.82
C PRO A 6 94.31 41.24 -16.67
N VAL A 7 93.65 40.09 -16.64
CA VAL A 7 92.19 40.00 -16.54
C VAL A 7 91.82 39.52 -15.14
N ILE A 8 91.01 40.30 -14.44
CA ILE A 8 90.50 39.91 -13.14
C ILE A 8 89.37 38.89 -13.36
N PRO A 9 89.46 37.69 -12.78
CA PRO A 9 88.35 36.73 -12.88
C PRO A 9 87.17 37.20 -12.04
N LEU A 10 86.02 37.37 -12.69
CA LEU A 10 84.83 37.89 -12.04
C LEU A 10 83.85 36.77 -11.78
N ARG A 11 83.42 36.65 -10.52
CA ARG A 11 82.36 35.74 -10.12
C ARG A 11 81.10 36.51 -9.72
N ASN A 12 80.98 37.76 -10.16
CA ASN A 12 79.89 38.65 -9.80
C ASN A 12 79.44 39.47 -11.00
N THR A 13 78.71 40.56 -10.75
CA THR A 13 78.24 41.41 -11.83
C THR A 13 79.39 42.11 -12.54
N VAL A 14 79.33 42.12 -13.87
CA VAL A 14 80.41 42.65 -14.68
C VAL A 14 80.37 44.17 -14.65
N ILE A 15 81.52 44.80 -14.39
CA ILE A 15 81.59 46.24 -14.26
C ILE A 15 81.52 46.89 -15.64
N LEU A 16 80.61 47.84 -15.81
CA LEU A 16 80.24 48.64 -16.96
C LEU A 16 81.07 49.92 -17.01
N PRO A 17 81.31 50.48 -18.20
CA PRO A 17 82.17 51.66 -18.31
C PRO A 17 81.57 52.91 -17.66
N HIS A 18 82.48 53.81 -17.23
CA HIS A 18 82.17 55.09 -16.58
C HIS A 18 81.38 54.90 -15.29
N THR A 19 81.68 53.83 -14.56
CA THR A 19 81.05 53.52 -13.29
C THR A 19 82.11 53.36 -12.22
N THR A 20 81.86 53.94 -11.04
CA THR A 20 82.75 53.82 -9.88
C THR A 20 82.09 52.93 -8.84
N THR A 21 82.53 51.67 -8.77
CA THR A 21 82.03 50.69 -7.83
C THR A 21 83.20 49.92 -7.23
N PRO A 22 83.09 49.49 -5.97
CA PRO A 22 84.13 48.64 -5.38
C PRO A 22 83.95 47.16 -5.70
N VAL A 23 85.07 46.48 -5.85
CA VAL A 23 85.12 45.06 -6.18
C VAL A 23 85.83 44.33 -5.06
N ASP A 24 85.16 43.33 -4.49
CA ASP A 24 85.71 42.52 -3.39
C ASP A 24 86.09 41.15 -3.96
N VAL A 25 87.40 40.94 -4.15
CA VAL A 25 87.92 39.66 -4.63
C VAL A 25 88.14 38.78 -3.41
N GLY A 26 87.20 37.86 -3.16
CA GLY A 26 87.24 37.01 -1.99
C GLY A 26 88.02 35.72 -2.12
N ARG A 27 88.67 35.49 -3.26
CA ARG A 27 89.44 34.27 -3.49
C ARG A 27 90.93 34.57 -3.38
N ALA A 28 91.63 33.71 -2.63
CA ALA A 28 93.07 33.87 -2.45
C ALA A 28 93.89 33.47 -3.67
N LYS A 29 93.30 32.69 -4.59
CA LYS A 29 94.00 32.33 -5.82
C LYS A 29 93.77 33.31 -6.95
N SER A 30 92.90 34.30 -6.76
CA SER A 30 92.65 35.34 -7.75
C SER A 30 93.38 36.64 -7.44
N LYS A 31 94.27 36.62 -6.44
CA LYS A 31 94.99 37.82 -6.04
C LYS A 31 96.15 38.16 -6.98
N ARG A 32 96.49 37.27 -7.92
CA ARG A 32 97.57 37.54 -8.85
C ARG A 32 97.21 38.64 -9.83
N ALA A 33 95.93 38.79 -10.17
CA ALA A 33 95.49 39.90 -11.00
C ALA A 33 95.64 41.23 -10.27
N VAL A 34 95.36 41.25 -8.97
CA VAL A 34 95.56 42.45 -8.16
C VAL A 34 97.05 42.75 -8.01
N GLU A 35 97.87 41.71 -7.88
CA GLU A 35 99.31 41.90 -7.73
C GLU A 35 99.95 42.32 -9.05
N GLU A 36 99.33 41.99 -10.17
CA GLU A 36 99.78 42.47 -11.48
C GLU A 36 99.00 43.70 -11.96
N ALA A 37 98.10 44.24 -11.13
CA ALA A 37 97.32 45.41 -11.53
C ALA A 37 98.17 46.65 -11.65
N MET A 38 99.07 46.91 -10.68
CA MET A 38 99.91 48.09 -10.75
C MET A 38 101.16 47.88 -11.59
N GLY A 39 101.41 46.65 -12.05
CA GLY A 39 102.51 46.36 -12.95
C GLY A 39 102.18 46.53 -14.42
N ALA A 40 101.00 47.03 -14.74
CA ALA A 40 100.55 47.25 -16.12
C ALA A 40 100.02 48.65 -16.29
N ASP A 41 100.72 49.63 -15.70
CA ASP A 41 100.40 51.07 -15.75
C ASP A 41 98.99 51.37 -15.22
N ARG A 42 98.57 50.62 -14.18
CA ARG A 42 97.29 50.78 -13.49
C ARG A 42 96.09 50.66 -14.44
N LEU A 43 96.20 49.76 -15.42
CA LEU A 43 95.14 49.49 -16.37
C LEU A 43 94.82 48.01 -16.35
N ILE A 44 93.56 47.67 -16.12
CA ILE A 44 93.14 46.29 -15.89
C ILE A 44 91.93 45.96 -16.76
N PHE A 45 91.73 44.67 -16.96
CA PHE A 45 90.56 44.14 -17.67
C PHE A 45 89.73 43.31 -16.69
N LEU A 46 88.41 43.35 -16.87
CA LEU A 46 87.47 42.64 -16.01
C LEU A 46 86.55 41.80 -16.89
N VAL A 47 86.90 40.53 -17.08
CA VAL A 47 86.09 39.59 -17.86
C VAL A 47 85.71 38.44 -16.94
N ALA A 48 84.42 38.11 -16.92
CA ALA A 48 83.92 37.02 -16.10
C ALA A 48 84.17 35.68 -16.80
N GLN A 49 83.76 34.60 -16.13
CA GLN A 49 84.02 33.24 -16.60
C GLN A 49 82.76 32.62 -17.17
N ARG A 50 82.93 31.81 -18.23
CA ARG A 50 81.81 31.06 -18.77
C ARG A 50 81.35 29.97 -17.82
N ASP A 51 82.31 29.32 -17.14
CA ASP A 51 81.99 28.27 -16.20
C ASP A 51 81.29 28.83 -14.97
N PRO A 52 80.36 28.07 -14.36
CA PRO A 52 79.59 28.62 -13.23
C PRO A 52 80.39 28.78 -11.94
N GLU A 53 81.24 29.81 -11.91
CA GLU A 53 82.01 30.26 -10.75
C GLU A 53 82.94 29.15 -10.22
N VAL A 54 83.84 28.71 -11.09
CA VAL A 54 84.83 27.72 -10.72
C VAL A 54 86.02 28.41 -10.07
N ASP A 55 86.84 27.62 -9.38
CA ASP A 55 88.00 28.13 -8.66
C ASP A 55 89.27 28.06 -9.49
N ASP A 56 89.19 27.63 -10.75
CA ASP A 56 90.36 27.48 -11.61
C ASP A 56 90.16 28.31 -12.87
N PRO A 57 91.02 29.30 -13.14
CA PRO A 57 90.92 30.02 -14.40
C PRO A 57 91.29 29.14 -15.58
N ALA A 58 90.64 29.40 -16.71
CA ALA A 58 90.80 28.60 -17.91
C ALA A 58 90.87 29.53 -19.12
N PRO A 59 91.53 29.10 -20.21
CA PRO A 59 91.47 29.87 -21.45
C PRO A 59 90.09 29.92 -22.07
N ASP A 60 89.22 28.95 -21.76
CA ASP A 60 87.83 28.99 -22.19
C ASP A 60 86.96 29.85 -21.28
N ASP A 61 87.50 30.35 -20.17
CA ASP A 61 86.78 31.25 -19.27
C ASP A 61 87.02 32.71 -19.59
N LEU A 62 87.73 33.01 -20.67
CA LEU A 62 88.03 34.37 -21.08
C LEU A 62 87.32 34.66 -22.39
N TYR A 63 86.70 35.84 -22.50
CA TYR A 63 85.97 36.24 -23.69
C TYR A 63 86.87 37.08 -24.59
N THR A 64 86.31 37.48 -25.73
CA THR A 64 87.00 38.35 -26.68
C THR A 64 86.63 39.82 -26.51
N TRP A 65 85.79 40.15 -25.53
CA TRP A 65 85.38 41.54 -25.28
C TRP A 65 85.46 41.81 -23.78
N GLY A 66 86.34 42.73 -23.40
CA GLY A 66 86.51 43.13 -22.02
C GLY A 66 86.07 44.55 -21.76
N VAL A 67 86.49 45.07 -20.61
CA VAL A 67 86.26 46.46 -20.23
C VAL A 67 87.58 47.02 -19.70
N GLN A 68 87.84 48.28 -20.02
CA GLN A 68 89.07 48.96 -19.62
C GLN A 68 88.81 49.74 -18.34
N ALA A 69 89.60 49.46 -17.31
CA ALA A 69 89.40 50.06 -16.00
C ALA A 69 90.73 50.54 -15.43
N VAL A 70 90.65 51.57 -14.60
CA VAL A 70 91.79 52.15 -13.92
C VAL A 70 91.54 52.08 -12.41
N VAL A 71 92.59 51.79 -11.65
CA VAL A 71 92.49 51.65 -10.21
C VAL A 71 92.84 52.99 -9.57
N LYS A 72 91.89 53.55 -8.81
CA LYS A 72 92.15 54.80 -8.10
C LYS A 72 93.08 54.59 -6.91
N GLN A 73 92.85 53.55 -6.10
CA GLN A 73 93.71 53.23 -4.98
C GLN A 73 93.60 51.74 -4.69
N ALA A 74 94.70 51.17 -4.17
CA ALA A 74 94.75 49.76 -3.83
C ALA A 74 95.31 49.59 -2.43
N MET A 75 94.62 48.82 -1.61
CA MET A 75 95.09 48.46 -0.28
C MET A 75 94.88 46.96 -0.10
N ARG A 76 95.68 46.37 0.79
CA ARG A 76 95.68 44.92 0.98
C ARG A 76 95.09 44.58 2.34
N LEU A 77 94.10 43.69 2.34
CA LEU A 77 93.50 43.18 3.57
C LEU A 77 93.92 41.73 3.77
N PRO A 78 94.70 41.40 4.80
CA PRO A 78 95.19 40.02 4.99
C PRO A 78 94.16 39.12 5.67
N ASP A 79 93.04 38.90 4.99
CA ASP A 79 92.00 38.01 5.51
C ASP A 79 91.38 37.13 4.42
N GLY A 80 91.96 37.10 3.23
CA GLY A 80 91.45 36.33 2.13
C GLY A 80 90.61 37.11 1.14
N THR A 81 90.12 38.28 1.53
CA THR A 81 89.33 39.14 0.66
C THR A 81 90.03 40.48 0.50
N LEU A 82 90.23 40.90 -0.74
CA LEU A 82 90.90 42.15 -1.05
C LEU A 82 89.86 43.20 -1.41
N GLN A 83 89.95 44.37 -0.80
CA GLN A 83 89.04 45.48 -1.06
C GLN A 83 89.74 46.50 -1.94
N VAL A 84 89.18 46.73 -3.13
CA VAL A 84 89.70 47.71 -4.07
C VAL A 84 88.54 48.23 -4.91
N MET A 85 88.53 49.53 -5.15
CA MET A 85 87.53 50.16 -6.02
C MET A 85 88.20 50.64 -7.30
N VAL A 86 87.48 50.47 -8.41
CA VAL A 86 87.98 50.85 -9.74
C VAL A 86 86.94 51.75 -10.40
N GLU A 87 87.37 52.41 -11.47
CA GLU A 87 86.49 53.21 -12.32
C GLU A 87 86.78 52.84 -13.77
N ALA A 88 85.84 52.14 -14.39
CA ALA A 88 86.02 51.69 -15.76
C ALA A 88 85.89 52.85 -16.74
N ARG A 89 86.48 52.69 -17.92
CA ARG A 89 86.49 53.73 -18.93
C ARG A 89 85.71 53.35 -20.18
N ALA A 90 86.05 52.24 -20.82
CA ALA A 90 85.42 51.82 -22.07
C ALA A 90 85.62 50.31 -22.23
N ARG A 91 84.99 49.77 -23.27
CA ARG A 91 85.11 48.35 -23.58
C ARG A 91 86.47 48.05 -24.23
N ALA A 92 86.74 46.76 -24.45
CA ALA A 92 88.03 46.34 -24.96
C ALA A 92 87.86 45.12 -25.86
N GLN A 93 88.92 44.82 -26.61
CA GLN A 93 88.96 43.67 -27.50
C GLN A 93 90.20 42.83 -27.18
N VAL A 94 90.00 41.53 -26.98
CA VAL A 94 91.08 40.59 -26.66
C VAL A 94 91.04 39.48 -27.70
N THR A 95 92.18 39.23 -28.36
CA THR A 95 92.29 38.15 -29.32
C THR A 95 93.02 36.93 -28.76
N ASP A 96 94.24 37.12 -28.27
CA ASP A 96 95.05 36.01 -27.79
C ASP A 96 94.64 35.58 -26.39
N TYR A 97 94.82 34.29 -26.11
CA TYR A 97 94.49 33.70 -24.82
C TYR A 97 95.74 33.13 -24.17
N ILE A 98 95.82 33.26 -22.85
CA ILE A 98 96.87 32.63 -22.06
C ILE A 98 96.20 31.76 -21.01
N PRO A 99 96.49 30.45 -20.96
CA PRO A 99 95.83 29.57 -19.98
C PRO A 99 96.25 29.84 -18.54
N GLY A 100 95.29 30.26 -17.72
CA GLY A 100 95.56 30.57 -16.34
C GLY A 100 95.53 29.35 -15.45
N PRO A 101 95.76 29.53 -14.13
CA PRO A 101 96.10 30.79 -13.46
C PRO A 101 97.57 31.19 -13.60
N TYR A 102 97.87 32.47 -13.76
CA TYR A 102 96.88 33.54 -13.84
C TYR A 102 96.69 34.03 -15.27
N LEU A 103 95.84 35.05 -15.44
CA LEU A 103 95.48 35.55 -16.76
C LEU A 103 96.33 36.76 -17.11
N ARG A 104 96.94 36.73 -18.30
CA ARG A 104 97.66 37.87 -18.86
C ARG A 104 97.27 37.94 -20.34
N ALA A 105 96.23 38.72 -20.63
CA ALA A 105 95.66 38.79 -21.96
C ALA A 105 96.36 39.86 -22.80
N ARG A 106 95.86 40.04 -24.01
CA ARG A 106 96.40 41.00 -24.97
C ARG A 106 95.37 42.07 -25.25
N GLY A 107 95.81 43.32 -25.32
CA GLY A 107 94.93 44.45 -25.57
C GLY A 107 94.92 44.88 -27.02
N GLU A 108 93.79 45.44 -27.44
CA GLU A 108 93.61 45.95 -28.79
C GLU A 108 92.54 47.04 -28.72
N VAL A 109 92.51 47.89 -29.75
CA VAL A 109 91.51 48.94 -29.83
C VAL A 109 90.12 48.33 -30.00
N PHE A 110 89.13 48.95 -29.35
CA PHE A 110 87.78 48.41 -29.30
C PHE A 110 87.01 48.77 -30.57
N SER A 111 85.88 48.09 -30.77
CA SER A 111 84.99 48.31 -31.91
C SER A 111 83.72 48.96 -31.40
N GLU A 112 83.49 50.22 -31.78
CA GLU A 112 82.30 50.95 -31.39
C GLU A 112 82.01 52.02 -32.43
N ILE A 113 80.79 52.54 -32.38
CA ILE A 113 80.34 53.58 -33.30
C ILE A 113 79.60 54.65 -32.51
N PHE A 114 79.85 55.91 -32.85
CA PHE A 114 79.14 57.01 -32.23
C PHE A 114 77.67 57.00 -32.65
N PRO A 115 76.76 57.50 -31.81
CA PRO A 115 75.34 57.50 -32.18
C PRO A 115 75.04 58.44 -33.35
N ILE A 116 74.52 57.85 -34.42
CA ILE A 116 74.18 58.57 -35.64
C ILE A 116 72.66 58.68 -35.67
N ASP A 117 72.16 59.77 -36.29
CA ASP A 117 70.75 60.13 -36.35
C ASP A 117 70.18 60.31 -34.93
N GLU A 118 70.65 61.41 -34.32
CA GLU A 118 70.43 61.68 -32.89
C GLU A 118 68.96 61.81 -32.52
N ALA A 119 68.08 62.12 -33.47
CA ALA A 119 66.64 62.13 -33.20
C ALA A 119 66.14 60.74 -32.85
N VAL A 120 66.59 59.73 -33.61
CA VAL A 120 66.23 58.34 -33.32
C VAL A 120 66.85 57.90 -31.99
N VAL A 121 68.05 58.38 -31.70
CA VAL A 121 68.71 58.08 -30.43
C VAL A 121 67.93 58.65 -29.25
N ARG A 122 67.45 59.90 -29.37
CA ARG A 122 66.68 60.50 -28.29
C ARG A 122 65.29 59.87 -28.17
N VAL A 123 64.71 59.41 -29.29
CA VAL A 123 63.46 58.67 -29.24
C VAL A 123 63.64 57.36 -28.49
N LEU A 124 64.75 56.66 -28.76
CA LEU A 124 65.05 55.41 -28.06
C LEU A 124 65.35 55.67 -26.58
N VAL A 125 65.98 56.80 -26.27
CA VAL A 125 66.24 57.18 -24.87
C VAL A 125 64.93 57.46 -24.14
N GLU A 126 64.00 58.16 -24.79
CA GLU A 126 62.69 58.45 -24.18
C GLU A 126 61.88 57.17 -23.98
N GLU A 127 61.93 56.26 -24.94
CA GLU A 127 61.25 54.97 -24.80
C GLU A 127 61.86 54.13 -23.69
N LEU A 128 63.20 54.15 -23.58
CA LEU A 128 63.88 53.42 -22.50
C LEU A 128 63.52 54.01 -21.14
N LYS A 129 63.42 55.34 -21.05
CA LYS A 129 63.05 55.98 -19.78
C LYS A 129 61.61 55.67 -19.40
N GLU A 130 60.68 55.69 -20.37
CA GLU A 130 59.29 55.36 -20.10
C GLU A 130 59.12 53.91 -19.68
N ALA A 131 59.82 52.99 -20.36
CA ALA A 131 59.72 51.59 -20.02
C ALA A 131 60.42 51.28 -18.70
N PHE A 132 61.47 52.03 -18.36
CA PHE A 132 62.09 51.91 -17.04
C PHE A 132 61.18 52.44 -15.95
N GLU A 133 60.41 53.50 -16.25
CA GLU A 133 59.39 53.98 -15.32
C GLU A 133 58.31 52.92 -15.11
N LYS A 134 57.97 52.19 -16.18
CA LYS A 134 57.04 51.06 -16.05
C LYS A 134 57.63 49.94 -15.20
N TYR A 135 58.93 49.67 -15.35
CA TYR A 135 59.60 48.64 -14.55
C TYR A 135 59.62 49.00 -13.07
N VAL A 136 59.87 50.28 -12.76
CA VAL A 136 59.85 50.74 -11.38
C VAL A 136 58.42 50.69 -10.82
N ALA A 137 57.44 51.06 -11.64
CA ALA A 137 56.04 51.05 -11.20
C ALA A 137 55.45 49.64 -11.15
N ASN A 138 56.15 48.63 -11.67
CA ASN A 138 55.65 47.25 -11.57
C ASN A 138 55.65 46.75 -10.14
N HIS A 139 56.64 47.14 -9.33
CA HIS A 139 56.76 46.63 -7.97
C HIS A 139 55.73 47.29 -7.06
N LYS A 140 54.81 46.50 -6.53
CA LYS A 140 53.84 46.98 -5.55
C LYS A 140 53.84 46.22 -4.24
N SER A 141 54.52 45.07 -4.18
CA SER A 141 54.62 44.31 -2.94
C SER A 141 56.02 44.29 -2.36
N LEU A 142 57.05 44.49 -3.19
CA LEU A 142 58.42 44.54 -2.72
C LEU A 142 58.83 45.93 -2.25
N ARG A 143 57.98 46.94 -2.46
CA ARG A 143 58.16 48.33 -2.02
C ARG A 143 59.44 48.94 -2.58
N LEU A 144 59.49 48.99 -3.91
CA LEU A 144 60.60 49.64 -4.60
C LEU A 144 60.48 51.15 -4.47
N ASP A 145 61.59 51.81 -4.15
CA ASP A 145 61.59 53.26 -3.99
C ASP A 145 61.43 53.94 -5.34
N ARG A 146 60.55 54.94 -5.38
CA ARG A 146 60.35 55.76 -6.56
C ARG A 146 61.37 56.89 -6.68
N TYR A 147 62.11 57.18 -5.61
CA TYR A 147 63.11 58.23 -5.62
C TYR A 147 64.34 57.86 -6.44
N GLN A 148 64.71 56.57 -6.44
CA GLN A 148 65.83 56.11 -7.26
C GLN A 148 65.48 56.04 -8.74
N LEU A 149 64.19 56.04 -9.08
CA LEU A 149 63.77 56.12 -10.48
C LEU A 149 64.14 57.47 -11.08
N GLU A 150 63.94 58.55 -10.33
CA GLU A 150 64.27 59.88 -10.82
C GLU A 150 65.75 60.23 -10.67
N ALA A 151 66.54 59.37 -10.01
CA ALA A 151 67.96 59.65 -9.83
C ALA A 151 68.78 59.35 -11.08
N VAL A 152 68.20 58.64 -12.06
CA VAL A 152 68.93 58.34 -13.29
C VAL A 152 68.98 59.52 -14.26
N LYS A 153 68.23 60.58 -13.98
CA LYS A 153 68.28 61.78 -14.81
C LYS A 153 69.46 62.65 -14.39
N GLY A 154 70.27 63.03 -15.36
CA GLY A 154 71.48 63.78 -15.08
C GLY A 154 72.62 63.40 -16.01
N THR A 155 72.43 62.32 -16.77
CA THR A 155 73.40 61.87 -17.76
C THR A 155 72.75 61.98 -19.14
N SER A 156 73.27 62.88 -19.96
CA SER A 156 72.67 63.11 -21.28
C SER A 156 73.02 62.01 -22.26
N ASP A 157 74.25 61.48 -22.19
CA ASP A 157 74.67 60.43 -23.09
C ASP A 157 74.03 59.11 -22.67
N PRO A 158 73.57 58.27 -23.62
CA PRO A 158 72.79 57.08 -23.23
C PRO A 158 73.59 55.99 -22.54
N ALA A 159 74.92 56.04 -22.58
CA ALA A 159 75.74 54.92 -22.11
C ALA A 159 75.65 54.74 -20.60
N MET A 160 75.87 55.81 -19.84
CA MET A 160 75.78 55.71 -18.38
C MET A 160 74.33 55.57 -17.92
N LEU A 161 73.38 56.08 -18.70
CA LEU A 161 71.97 55.85 -18.41
C LEU A 161 71.64 54.36 -18.50
N ALA A 162 72.07 53.70 -19.58
CA ALA A 162 71.86 52.27 -19.72
C ALA A 162 72.62 51.47 -18.67
N ASP A 163 73.82 51.95 -18.30
CA ASP A 163 74.63 51.24 -17.30
C ASP A 163 74.01 51.35 -15.91
N THR A 164 73.46 52.51 -15.58
CA THR A 164 72.78 52.69 -14.30
C THR A 164 71.51 51.86 -14.24
N ILE A 165 70.76 51.79 -15.35
CA ILE A 165 69.58 50.92 -15.40
C ILE A 165 69.99 49.44 -15.31
N ALA A 166 71.14 49.08 -15.90
CA ALA A 166 71.62 47.70 -15.83
C ALA A 166 72.05 47.32 -14.42
N TYR A 167 72.64 48.26 -13.67
CA TYR A 167 72.89 48.02 -12.25
C TYR A 167 71.58 47.94 -11.47
N HIS A 168 70.58 48.72 -11.86
CA HIS A 168 69.29 48.68 -11.15
C HIS A 168 68.53 47.38 -11.41
N ALA A 169 68.74 46.76 -12.57
CA ALA A 169 68.04 45.52 -12.90
C ALA A 169 68.66 44.31 -12.19
N THR A 170 69.97 44.35 -11.92
CA THR A 170 70.75 43.30 -11.23
C THR A 170 70.63 41.96 -11.97
N TRP A 171 71.24 41.94 -13.16
CA TRP A 171 71.16 40.79 -14.04
C TRP A 171 72.14 39.70 -13.65
N THR A 172 72.14 38.62 -14.42
CA THR A 172 73.04 37.50 -14.23
C THR A 172 74.42 37.80 -14.80
N VAL A 173 75.33 36.84 -14.63
CA VAL A 173 76.72 37.02 -15.03
C VAL A 173 76.85 37.04 -16.56
N ALA A 174 76.17 36.12 -17.23
CA ALA A 174 76.35 35.93 -18.68
C ALA A 174 75.78 37.11 -19.46
N GLU A 175 74.62 37.62 -19.05
CA GLU A 175 74.03 38.75 -19.76
C GLU A 175 74.79 40.04 -19.50
N LYS A 176 75.33 40.21 -18.28
CA LYS A 176 76.20 41.35 -18.00
C LYS A 176 77.49 41.29 -18.79
N GLN A 177 78.01 40.09 -19.05
CA GLN A 177 79.17 39.98 -19.94
C GLN A 177 78.77 40.27 -21.38
N GLU A 178 77.59 39.80 -21.81
CA GLU A 178 77.14 40.00 -23.18
C GLU A 178 76.69 41.43 -23.47
N ILE A 179 76.51 42.24 -22.43
CA ILE A 179 76.26 43.67 -22.64
C ILE A 179 77.47 44.33 -23.28
N LEU A 180 78.67 43.99 -22.80
CA LEU A 180 79.90 44.57 -23.32
C LEU A 180 80.34 43.99 -24.66
N GLU A 181 79.79 42.84 -25.06
CA GLU A 181 80.27 42.17 -26.27
C GLU A 181 79.80 42.85 -27.55
N LEU A 182 78.70 43.60 -27.49
CA LEU A 182 78.13 44.19 -28.70
C LEU A 182 78.99 45.33 -29.21
N THR A 183 79.09 45.42 -30.54
CA THR A 183 79.99 46.37 -31.19
C THR A 183 79.35 47.70 -31.49
N ASP A 184 78.10 47.91 -31.09
CA ASP A 184 77.38 49.15 -31.36
C ASP A 184 76.85 49.73 -30.06
N LEU A 185 76.80 51.06 -29.99
CA LEU A 185 76.20 51.72 -28.83
C LEU A 185 74.68 51.66 -28.84
N GLU A 186 74.07 51.39 -29.99
CA GLU A 186 72.62 51.24 -30.09
C GLU A 186 72.15 49.80 -29.96
N ALA A 187 72.98 48.82 -30.37
CA ALA A 187 72.66 47.43 -30.13
C ALA A 187 72.72 47.10 -28.64
N ARG A 188 73.62 47.78 -27.92
CA ARG A 188 73.64 47.75 -26.46
C ARG A 188 72.33 48.23 -25.88
N LEU A 189 71.81 49.34 -26.43
CA LEU A 189 70.52 49.86 -26.02
C LEU A 189 69.37 48.92 -26.39
N LYS A 190 69.51 48.24 -27.54
CA LYS A 190 68.51 47.25 -27.94
C LYS A 190 68.47 46.06 -26.98
N LYS A 191 69.65 45.60 -26.55
CA LYS A 191 69.73 44.50 -25.58
C LYS A 191 69.16 44.91 -24.23
N VAL A 192 69.49 46.13 -23.78
CA VAL A 192 68.97 46.64 -22.51
C VAL A 192 67.45 46.78 -22.56
N LEU A 193 66.92 47.31 -23.67
CA LEU A 193 65.48 47.46 -23.84
C LEU A 193 64.77 46.11 -23.91
N GLY A 194 65.37 45.13 -24.59
CA GLY A 194 64.75 43.82 -24.71
C GLY A 194 64.68 43.07 -23.39
N LEU A 195 65.79 43.05 -22.64
CA LEU A 195 65.80 42.37 -21.34
C LEU A 195 64.93 43.12 -20.32
N LEU A 196 64.92 44.45 -20.40
CA LEU A 196 64.06 45.28 -19.56
C LEU A 196 62.58 45.01 -19.85
N SER A 197 62.22 44.91 -21.13
CA SER A 197 60.85 44.59 -21.49
C SER A 197 60.46 43.18 -21.08
N ARG A 198 61.42 42.24 -21.09
CA ARG A 198 61.17 40.91 -20.56
C ARG A 198 60.81 40.97 -19.08
N ASP A 199 61.52 41.83 -18.32
CA ASP A 199 61.12 42.11 -16.94
C ASP A 199 59.74 42.74 -16.85
N LEU A 200 59.40 43.64 -17.79
CA LEU A 200 58.09 44.28 -17.81
C LEU A 200 56.96 43.28 -17.94
N GLU A 201 57.01 42.42 -18.96
CA GLU A 201 55.94 41.44 -19.10
C GLU A 201 56.00 40.37 -18.02
N ARG A 202 57.18 40.08 -17.45
CA ARG A 202 57.27 39.12 -16.36
C ARG A 202 56.56 39.62 -15.11
N PHE A 203 56.87 40.84 -14.67
CA PHE A 203 56.24 41.39 -13.48
C PHE A 203 54.77 41.71 -13.72
N GLU A 204 54.40 42.10 -14.94
CA GLU A 204 53.00 42.34 -15.26
C GLU A 204 52.20 41.05 -15.25
N LEU A 205 52.80 39.95 -15.72
CA LEU A 205 52.14 38.65 -15.61
C LEU A 205 52.04 38.19 -14.16
N ASP A 206 53.04 38.52 -13.33
CA ASP A 206 52.94 38.22 -11.90
C ASP A 206 51.77 38.94 -11.24
N LYS A 207 51.63 40.24 -11.51
CA LYS A 207 50.52 41.02 -10.96
C LYS A 207 49.17 40.54 -11.50
N ARG A 208 49.12 40.20 -12.79
CA ARG A 208 47.86 39.74 -13.39
C ARG A 208 47.45 38.37 -12.87
N VAL A 209 48.41 37.46 -12.70
CA VAL A 209 48.11 36.15 -12.13
C VAL A 209 47.70 36.28 -10.66
N ALA A 210 48.32 37.18 -9.90
CA ALA A 210 47.90 37.44 -8.53
C ALA A 210 46.48 38.00 -8.48
N GLN A 211 46.14 38.88 -9.42
CA GLN A 211 44.80 39.46 -9.47
C GLN A 211 43.76 38.41 -9.89
N ARG A 212 44.15 37.47 -10.76
CA ARG A 212 43.24 36.37 -11.09
C ARG A 212 43.10 35.40 -9.93
N VAL A 213 44.13 35.26 -9.10
CA VAL A 213 44.02 34.46 -7.89
C VAL A 213 43.03 35.10 -6.92
N LYS A 214 43.10 36.43 -6.76
CA LYS A 214 42.14 37.15 -5.93
C LYS A 214 40.71 37.07 -6.50
N GLU A 215 40.58 37.20 -7.82
CA GLU A 215 39.28 37.11 -8.47
C GLU A 215 38.69 35.71 -8.33
N GLN A 216 39.53 34.68 -8.49
CA GLN A 216 39.15 33.30 -8.32
C GLN A 216 38.74 33.01 -6.88
N MET A 217 39.47 33.59 -5.92
CA MET A 217 39.17 33.43 -4.51
C MET A 217 37.81 34.04 -4.16
N ASP A 218 37.55 35.28 -4.63
CA ASP A 218 36.27 35.93 -4.37
C ASP A 218 35.14 35.22 -5.12
N THR A 219 35.42 34.75 -6.34
CA THR A 219 34.42 34.05 -7.13
C THR A 219 34.10 32.69 -6.54
N ASN A 220 35.11 32.02 -5.96
CA ASN A 220 34.88 30.74 -5.30
C ASN A 220 34.15 30.93 -3.98
N GLN A 221 34.39 32.07 -3.32
CA GLN A 221 33.54 32.47 -2.20
C GLN A 221 32.11 32.65 -2.66
N ARG A 222 31.92 33.30 -3.81
CA ARG A 222 30.58 33.52 -4.33
C ARG A 222 29.90 32.21 -4.74
N GLU A 223 30.68 31.26 -5.29
CA GLU A 223 30.13 29.93 -5.57
C GLU A 223 29.80 29.16 -4.31
N SER A 224 30.64 29.26 -3.29
CA SER A 224 30.35 28.62 -2.01
C SER A 224 29.12 29.25 -1.38
N TYR A 225 28.92 30.55 -1.65
CA TYR A 225 27.66 31.18 -1.32
C TYR A 225 26.51 30.57 -2.10
N LEU A 226 26.70 30.30 -3.39
CA LEU A 226 25.64 29.72 -4.22
C LEU A 226 25.23 28.33 -3.73
N ARG A 227 26.21 27.53 -3.30
CA ARG A 227 25.89 26.28 -2.61
C ARG A 227 25.20 26.51 -1.27
N GLU A 228 25.56 27.55 -0.52
CA GLU A 228 24.84 27.69 0.75
C GLU A 228 23.42 28.22 0.54
N GLN A 229 23.16 29.01 -0.52
CA GLN A 229 21.74 29.21 -0.88
C GLN A 229 21.06 27.93 -1.37
N MET A 230 21.76 27.04 -2.10
CA MET A 230 21.10 25.78 -2.48
C MET A 230 20.74 24.90 -1.28
N LYS A 231 21.68 24.68 -0.36
CA LYS A 231 21.32 23.88 0.82
C LYS A 231 20.41 24.66 1.77
N ALA A 232 20.51 26.00 1.77
CA ALA A 232 19.61 26.86 2.52
C ALA A 232 18.14 26.72 2.07
N ILE A 233 17.87 26.70 0.77
CA ILE A 233 16.50 26.59 0.30
C ILE A 233 16.05 25.14 0.16
N GLN A 234 16.97 24.17 0.14
CA GLN A 234 16.59 22.79 -0.16
C GLN A 234 16.63 21.91 1.09
N LYS A 235 17.69 22.00 1.87
CA LYS A 235 17.97 21.03 2.93
C LYS A 235 17.49 21.53 4.29
N GLU A 236 17.81 22.77 4.67
CA GLU A 236 17.40 23.23 5.98
C GLU A 236 15.97 23.74 5.96
N LEU A 237 15.57 24.37 4.85
CA LEU A 237 14.19 24.77 4.67
C LEU A 237 13.38 23.57 4.16
N GLY A 238 12.36 23.21 4.93
CA GLY A 238 11.51 22.08 4.58
C GLY A 238 12.05 20.76 5.09
N GLY A 239 13.37 20.61 5.04
CA GLY A 239 14.01 19.36 5.43
C GLY A 239 13.83 18.27 4.39
N GLU A 240 13.65 18.67 3.13
CA GLU A 240 12.99 17.85 2.10
C GLU A 240 11.64 17.34 2.60
N ASP A 241 10.76 18.31 2.90
CA ASP A 241 9.41 18.11 3.44
C ASP A 241 9.43 17.29 4.73
N GLY A 242 10.36 17.66 5.61
CA GLY A 242 10.54 16.93 6.85
C GLY A 242 11.31 15.63 6.70
N LEU A 243 11.88 15.39 5.52
CA LEU A 243 12.58 14.16 5.15
C LEU A 243 11.66 12.95 5.36
N SER A 244 10.62 12.90 4.53
CA SER A 244 9.72 11.77 4.53
C SER A 244 10.46 10.50 4.16
N ASP A 245 9.86 9.38 4.52
CA ASP A 245 10.47 8.06 4.55
C ASP A 245 11.04 7.67 3.19
N LEU A 246 10.36 8.09 2.12
CA LEU A 246 10.78 7.76 0.77
C LEU A 246 12.07 8.49 0.39
N GLU A 247 12.12 9.80 0.61
CA GLU A 247 13.33 10.54 0.25
C GLU A 247 14.44 10.27 1.25
N ALA A 248 14.06 9.92 2.48
CA ALA A 248 15.05 9.44 3.45
C ALA A 248 15.70 8.16 2.95
N LEU A 249 14.90 7.26 2.37
CA LEU A 249 15.43 6.05 1.75
C LEU A 249 16.29 6.38 0.55
N ARG A 250 15.87 7.36 -0.26
CA ARG A 250 16.62 7.81 -1.42
C ARG A 250 18.00 8.30 -1.03
N LYS A 251 18.08 9.09 0.03
CA LYS A 251 19.37 9.57 0.49
C LYS A 251 20.17 8.45 1.14
N LYS A 252 19.55 7.65 2.01
CA LYS A 252 20.27 6.69 2.82
C LYS A 252 20.84 5.53 2.00
N ILE A 253 20.18 5.17 0.89
CA ILE A 253 20.74 4.19 -0.03
C ILE A 253 22.06 4.70 -0.59
N GLU A 254 22.12 5.99 -0.90
CA GLU A 254 23.38 6.54 -1.36
C GLU A 254 24.30 6.89 -0.18
N GLU A 255 23.78 6.86 1.05
CA GLU A 255 24.62 7.18 2.20
C GLU A 255 25.38 5.96 2.71
N VAL A 256 24.86 4.77 2.51
CA VAL A 256 25.59 3.55 2.85
C VAL A 256 26.10 2.91 1.56
N GLY A 257 27.35 2.45 1.58
CA GLY A 257 28.00 1.99 0.37
C GLY A 257 27.76 0.53 0.02
N MET A 258 26.97 0.29 -1.01
CA MET A 258 26.75 -1.02 -1.59
C MET A 258 27.58 -1.15 -2.86
N PRO A 259 27.66 -2.35 -3.43
CA PRO A 259 27.92 -2.45 -4.87
C PRO A 259 26.84 -1.71 -5.65
N GLU A 260 27.24 -1.16 -6.80
CA GLU A 260 26.40 -0.20 -7.50
C GLU A 260 25.15 -0.85 -8.09
N ALA A 261 25.24 -2.15 -8.39
CA ALA A 261 24.06 -2.89 -8.83
C ALA A 261 23.00 -2.95 -7.75
N VAL A 262 23.42 -3.05 -6.49
CA VAL A 262 22.48 -3.02 -5.37
C VAL A 262 21.83 -1.65 -5.27
N LYS A 263 22.59 -0.59 -5.56
CA LYS A 263 22.01 0.75 -5.57
C LYS A 263 21.01 0.91 -6.69
N THR A 264 21.27 0.30 -7.84
CA THR A 264 20.30 0.32 -8.93
C THR A 264 19.04 -0.46 -8.60
N LYS A 265 19.18 -1.66 -8.02
CA LYS A 265 18.01 -2.44 -7.65
C LYS A 265 17.23 -1.73 -6.55
N ALA A 266 17.95 -1.13 -5.60
CA ALA A 266 17.34 -0.34 -4.53
C ALA A 266 16.54 0.82 -5.09
N LEU A 267 17.09 1.52 -6.08
CA LEU A 267 16.37 2.62 -6.69
C LEU A 267 15.19 2.12 -7.53
N LYS A 268 15.30 0.95 -8.15
CA LYS A 268 14.22 0.53 -9.06
C LYS A 268 12.99 0.00 -8.31
N GLU A 269 13.17 -0.75 -7.22
CA GLU A 269 12.00 -1.00 -6.36
C GLU A 269 11.75 0.13 -5.35
N LEU A 270 12.63 1.11 -5.25
CA LEU A 270 12.28 2.32 -4.51
C LEU A 270 11.30 3.17 -5.32
N ASP A 271 11.53 3.30 -6.62
CA ASP A 271 10.63 4.07 -7.46
C ASP A 271 9.47 3.22 -7.97
N ARG A 272 9.58 1.89 -7.88
CA ARG A 272 8.45 1.01 -8.16
C ARG A 272 7.36 1.14 -7.12
N LEU A 273 7.69 1.64 -5.93
CA LEU A 273 6.71 2.01 -4.92
C LEU A 273 6.11 3.37 -5.28
N GLU A 274 5.52 4.01 -4.27
CA GLU A 274 4.98 5.37 -4.30
C GLU A 274 3.78 5.50 -5.23
N ARG A 275 3.13 4.39 -5.57
CA ARG A 275 1.97 4.41 -6.44
C ARG A 275 0.85 3.47 -5.99
N MET A 276 1.03 2.73 -4.89
CA MET A 276 -0.04 1.98 -4.26
C MET A 276 -0.64 2.81 -3.12
N GLN A 277 -1.63 2.24 -2.45
CA GLN A 277 -2.14 2.81 -1.21
C GLN A 277 -1.46 2.23 0.03
N GLN A 278 -0.46 1.36 -0.18
CA GLN A 278 0.45 0.85 0.86
C GLN A 278 -0.30 0.03 1.92
N GLY A 279 -1.46 -0.49 1.56
CA GLY A 279 -2.15 -1.41 2.44
C GLY A 279 -2.22 -2.76 1.75
N SER A 280 -1.79 -2.79 0.51
CA SER A 280 -1.80 -4.02 -0.26
C SER A 280 -0.72 -4.97 0.26
N PRO A 281 -0.98 -6.28 0.21
CA PRO A 281 0.01 -7.23 0.73
C PRO A 281 1.11 -7.59 -0.26
N GLU A 282 1.62 -6.60 -0.98
CA GLU A 282 2.89 -6.68 -1.70
C GLU A 282 3.67 -5.40 -1.44
N ALA A 283 2.92 -4.32 -1.16
CA ALA A 283 3.54 -3.05 -0.80
C ALA A 283 4.31 -3.16 0.51
N THR A 284 3.77 -3.93 1.45
CA THR A 284 4.51 -4.24 2.66
C THR A 284 5.75 -5.07 2.35
N VAL A 285 5.63 -6.01 1.41
CA VAL A 285 6.74 -6.90 1.06
C VAL A 285 7.88 -6.12 0.42
N ALA A 286 7.54 -5.25 -0.54
CA ALA A 286 8.57 -4.45 -1.19
C ALA A 286 9.11 -3.38 -0.24
N ARG A 287 8.27 -2.87 0.66
CA ARG A 287 8.74 -1.92 1.66
C ARG A 287 9.76 -2.53 2.58
N THR A 288 9.50 -3.77 3.02
CA THR A 288 10.47 -4.48 3.85
C THR A 288 11.71 -4.85 3.06
N TYR A 289 11.56 -5.14 1.77
CA TYR A 289 12.74 -5.45 0.96
C TYR A 289 13.64 -4.24 0.78
N LEU A 290 13.04 -3.08 0.51
CA LEU A 290 13.80 -1.84 0.42
C LEU A 290 14.46 -1.51 1.75
N ASP A 291 13.73 -1.68 2.86
CA ASP A 291 14.31 -1.39 4.17
C ASP A 291 15.42 -2.38 4.52
N TRP A 292 15.26 -3.64 4.11
CA TRP A 292 16.22 -4.63 4.55
C TRP A 292 17.41 -4.71 3.61
N LEU A 293 17.34 -4.01 2.47
CA LEU A 293 18.58 -3.63 1.80
C LEU A 293 19.14 -2.34 2.38
N THR A 294 18.28 -1.49 2.95
CA THR A 294 18.78 -0.22 3.47
C THR A 294 19.63 -0.39 4.72
N GLU A 295 19.10 -1.06 5.75
CA GLU A 295 19.86 -1.23 6.97
C GLU A 295 20.51 -2.60 7.10
N VAL A 296 20.59 -3.39 6.03
CA VAL A 296 21.65 -4.41 6.09
C VAL A 296 23.00 -3.68 6.03
N PRO A 297 23.98 -4.06 6.86
CA PRO A 297 25.30 -3.43 6.75
C PRO A 297 25.97 -3.80 5.45
N TRP A 298 26.78 -2.90 4.92
CA TRP A 298 27.65 -3.18 3.79
C TRP A 298 28.94 -2.39 3.99
N SER A 299 30.08 -3.06 3.76
CA SER A 299 31.42 -2.46 3.73
C SER A 299 31.77 -1.76 5.05
N LYS A 300 31.72 -2.52 6.13
CA LYS A 300 32.14 -2.02 7.42
C LYS A 300 33.15 -2.98 8.04
N ALA A 301 34.37 -2.49 8.19
CA ALA A 301 35.51 -3.27 8.63
C ALA A 301 35.73 -3.09 10.13
N ASP A 302 36.79 -3.72 10.63
CA ASP A 302 37.12 -3.77 12.05
C ASP A 302 38.61 -3.54 12.24
N PRO A 303 38.99 -2.74 13.22
CA PRO A 303 40.40 -2.67 13.61
C PRO A 303 40.78 -3.87 14.44
N GLU A 304 42.00 -4.36 14.21
CA GLU A 304 42.42 -5.56 14.92
C GLU A 304 43.93 -5.55 15.12
N VAL A 305 44.35 -6.27 16.16
CA VAL A 305 45.75 -6.54 16.43
C VAL A 305 46.09 -7.88 15.80
N LEU A 306 47.35 -8.06 15.42
CA LEU A 306 47.76 -9.22 14.64
C LEU A 306 48.76 -10.10 15.38
N ASP A 307 48.60 -10.27 16.68
CA ASP A 307 49.60 -10.93 17.52
C ASP A 307 49.13 -12.32 17.93
N ILE A 308 49.99 -13.33 17.76
CA ILE A 308 49.68 -14.66 18.24
C ILE A 308 50.01 -14.82 19.71
N ASN A 309 50.87 -13.95 20.24
CA ASN A 309 51.12 -13.98 21.68
C ASN A 309 49.89 -13.51 22.45
N HIS A 310 49.16 -12.53 21.90
CA HIS A 310 47.90 -12.11 22.49
C HIS A 310 46.87 -13.22 22.40
N THR A 311 46.95 -14.02 21.34
CA THR A 311 46.13 -15.23 21.23
C THR A 311 46.54 -16.24 22.30
N ARG A 312 47.83 -16.33 22.63
CA ARG A 312 48.27 -17.18 23.72
C ARG A 312 47.74 -16.71 25.07
N GLN A 313 47.74 -15.39 25.31
CA GLN A 313 47.20 -14.91 26.58
C GLN A 313 45.68 -15.07 26.66
N VAL A 314 44.96 -14.98 25.53
CA VAL A 314 43.52 -15.21 25.63
C VAL A 314 43.23 -16.70 25.69
N LEU A 315 44.15 -17.54 25.23
CA LEU A 315 43.97 -18.99 25.29
C LEU A 315 44.59 -19.62 26.52
N ASP A 316 45.22 -18.84 27.38
CA ASP A 316 45.79 -19.37 28.60
C ASP A 316 44.98 -19.01 29.83
N GLU A 317 44.39 -17.82 29.87
CA GLU A 317 43.67 -17.35 31.05
C GLU A 317 42.24 -17.87 31.09
N ASP A 318 41.84 -18.72 30.15
CA ASP A 318 40.51 -19.30 30.16
C ASP A 318 40.48 -20.81 30.28
N HIS A 319 41.56 -21.50 29.94
CA HIS A 319 41.59 -22.95 30.02
C HIS A 319 42.85 -23.42 30.73
N TYR A 320 42.68 -24.41 31.59
CA TYR A 320 43.78 -25.08 32.26
C TYR A 320 43.50 -26.58 32.27
N GLY A 321 43.93 -27.27 31.22
CA GLY A 321 43.76 -28.71 31.22
C GLY A 321 43.46 -29.35 29.87
N LEU A 322 43.25 -28.57 28.82
CA LEU A 322 43.19 -29.17 27.48
C LEU A 322 44.59 -29.14 26.88
N LYS A 323 45.09 -27.94 26.59
CA LYS A 323 46.51 -27.59 26.47
C LYS A 323 47.28 -28.32 25.36
N ASP A 324 46.61 -29.19 24.60
CA ASP A 324 47.19 -29.89 23.46
C ASP A 324 46.57 -29.42 22.16
N VAL A 325 45.25 -29.36 22.12
CA VAL A 325 44.52 -28.86 20.98
C VAL A 325 44.60 -27.34 20.83
N LYS A 326 44.85 -26.63 21.94
CA LYS A 326 44.92 -25.17 21.94
C LYS A 326 46.07 -24.68 21.08
N GLU A 327 47.18 -25.41 21.10
CA GLU A 327 48.31 -25.02 20.27
C GLU A 327 48.06 -25.28 18.79
N ARG A 328 47.27 -26.32 18.46
CA ARG A 328 46.88 -26.54 17.07
C ARG A 328 46.07 -25.37 16.56
N ILE A 329 45.17 -24.86 17.42
CA ILE A 329 44.35 -23.70 17.09
C ILE A 329 45.23 -22.46 16.90
N LEU A 330 46.18 -22.25 17.82
CA LEU A 330 47.07 -21.10 17.75
C LEU A 330 47.94 -21.11 16.49
N GLU A 331 48.43 -22.29 16.12
CA GLU A 331 49.29 -22.41 14.95
C GLU A 331 48.49 -22.31 13.66
N TYR A 332 47.21 -22.72 13.66
CA TYR A 332 46.35 -22.36 12.54
C TYR A 332 46.16 -20.85 12.46
N LEU A 333 45.93 -20.20 13.60
CA LEU A 333 45.61 -18.77 13.56
C LEU A 333 46.82 -17.97 13.13
N ALA A 334 48.02 -18.46 13.46
CA ALA A 334 49.28 -17.87 13.00
C ALA A 334 49.40 -17.85 11.48
N VAL A 335 48.78 -18.81 10.80
CA VAL A 335 48.74 -18.76 9.35
C VAL A 335 47.83 -17.63 8.89
N ARG A 336 46.71 -17.44 9.57
CA ARG A 336 45.73 -16.41 9.21
C ARG A 336 45.97 -15.07 9.88
N GLN A 337 47.01 -14.94 10.72
CA GLN A 337 47.26 -13.64 11.32
C GLN A 337 47.82 -12.67 10.30
N LEU A 338 48.41 -13.19 9.22
CA LEU A 338 48.70 -12.36 8.06
C LEU A 338 47.40 -11.89 7.42
N THR A 339 47.27 -10.58 7.26
CA THR A 339 46.11 -10.01 6.60
C THR A 339 46.24 -10.19 5.10
N GLN A 340 45.22 -10.77 4.48
CA GLN A 340 45.13 -10.85 3.03
C GLN A 340 44.43 -9.62 2.44
N GLY A 341 44.43 -8.50 3.17
CA GLY A 341 43.71 -7.31 2.80
C GLY A 341 42.55 -7.00 3.73
N LEU A 342 42.75 -7.27 5.02
CA LEU A 342 41.68 -7.30 6.05
C LEU A 342 40.52 -8.20 5.63
N ASP A 343 40.87 -9.33 5.01
CA ASP A 343 39.90 -10.24 4.41
C ASP A 343 40.28 -11.67 4.77
N VAL A 344 39.26 -12.49 5.03
CA VAL A 344 39.49 -13.91 5.29
C VAL A 344 39.76 -14.62 3.98
N ARG A 345 40.85 -15.40 3.93
CA ARG A 345 41.20 -16.26 2.81
C ARG A 345 41.57 -17.59 3.45
N ASN A 346 40.59 -18.49 3.57
CA ASN A 346 40.87 -19.75 4.22
C ASN A 346 41.57 -20.70 3.24
N LYS A 347 40.84 -21.10 2.18
CA LYS A 347 41.27 -22.06 1.16
C LYS A 347 41.84 -23.34 1.73
N ALA A 348 41.28 -23.79 2.85
CA ALA A 348 41.81 -24.83 3.73
C ALA A 348 40.69 -25.17 4.72
N PRO A 349 40.88 -26.17 5.61
CA PRO A 349 39.95 -26.32 6.76
C PRO A 349 39.67 -25.09 7.63
N ILE A 350 38.59 -25.15 8.42
CA ILE A 350 38.07 -23.95 9.07
C ILE A 350 37.89 -24.10 10.57
N LEU A 351 38.46 -25.14 11.17
CA LEU A 351 38.42 -25.42 12.62
C LEU A 351 36.98 -25.61 13.13
N VAL A 352 36.45 -26.79 12.80
CA VAL A 352 35.26 -27.27 13.50
C VAL A 352 35.67 -27.77 14.89
N LEU A 353 34.87 -27.48 15.90
CA LEU A 353 35.17 -27.91 17.26
C LEU A 353 34.34 -29.15 17.59
N VAL A 354 34.98 -30.31 17.55
CA VAL A 354 34.27 -31.58 17.74
C VAL A 354 34.45 -32.05 19.18
N GLY A 355 33.33 -32.24 19.87
CA GLY A 355 33.36 -32.71 21.23
C GLY A 355 31.99 -32.55 21.89
N PRO A 356 31.92 -32.87 23.18
CA PRO A 356 30.66 -32.73 23.91
C PRO A 356 30.26 -31.27 24.04
N PRO A 357 28.98 -30.99 24.29
CA PRO A 357 28.60 -29.65 24.67
C PRO A 357 29.19 -29.31 26.04
N GLY A 358 29.43 -28.03 26.25
CA GLY A 358 29.96 -27.60 27.52
C GLY A 358 31.45 -27.81 27.69
N VAL A 359 32.18 -28.07 26.61
CA VAL A 359 33.62 -28.20 26.69
C VAL A 359 34.32 -26.89 26.32
N GLY A 360 33.57 -25.80 26.30
CA GLY A 360 34.19 -24.51 26.15
C GLY A 360 34.29 -24.00 24.73
N LYS A 361 33.49 -24.54 23.81
CA LYS A 361 33.63 -24.20 22.40
C LYS A 361 33.21 -22.76 22.12
N THR A 362 32.12 -22.30 22.73
CA THR A 362 31.81 -20.88 22.58
C THR A 362 32.71 -20.02 23.46
N SER A 363 33.30 -20.59 24.50
CA SER A 363 34.35 -19.87 25.20
C SER A 363 35.60 -19.75 24.32
N LEU A 364 35.87 -20.78 23.51
CA LEU A 364 36.92 -20.70 22.51
C LEU A 364 36.61 -19.61 21.49
N GLY A 365 35.35 -19.52 21.07
CA GLY A 365 34.96 -18.49 20.12
C GLY A 365 35.07 -17.09 20.68
N ARG A 366 34.66 -16.91 21.94
CA ARG A 366 34.83 -15.61 22.58
C ARG A 366 36.29 -15.30 22.85
N SER A 367 37.12 -16.34 23.06
CA SER A 367 38.55 -16.12 23.20
C SER A 367 39.16 -15.62 21.90
N ILE A 368 38.78 -16.23 20.78
CA ILE A 368 39.25 -15.82 19.47
C ILE A 368 38.78 -14.41 19.14
N ALA A 369 37.51 -14.12 19.45
CA ALA A 369 36.96 -12.80 19.19
C ALA A 369 37.51 -11.74 20.13
N ARG A 370 37.99 -12.13 21.29
CA ARG A 370 38.69 -11.17 22.14
C ARG A 370 40.09 -10.92 21.60
N SER A 371 40.70 -11.96 21.02
CA SER A 371 42.01 -11.81 20.38
C SER A 371 41.93 -10.86 19.19
N MET A 372 40.88 -10.99 18.37
CA MET A 372 40.74 -10.14 17.21
C MET A 372 39.99 -8.85 17.46
N ASN A 373 39.33 -8.72 18.62
CA ASN A 373 38.56 -7.54 19.03
C ASN A 373 37.48 -7.17 18.01
N ARG A 374 36.90 -8.19 17.37
CA ARG A 374 35.78 -8.05 16.45
C ARG A 374 34.49 -8.32 17.21
N LYS A 375 33.38 -8.43 16.50
CA LYS A 375 32.09 -8.78 17.11
C LYS A 375 31.90 -10.29 17.02
N PHE A 376 31.29 -10.85 18.04
CA PHE A 376 31.06 -12.29 18.11
C PHE A 376 29.58 -12.62 18.13
N HIS A 377 29.20 -13.62 17.36
CA HIS A 377 27.82 -14.08 17.43
C HIS A 377 27.75 -15.56 17.10
N ARG A 378 26.69 -16.17 17.59
CA ARG A 378 26.41 -17.58 17.56
C ARG A 378 25.01 -17.76 17.01
N ILE A 379 24.82 -18.68 16.06
CA ILE A 379 23.48 -19.01 15.59
C ILE A 379 23.31 -20.53 15.53
N SER A 380 22.07 -20.96 15.72
CA SER A 380 21.72 -22.37 15.66
C SER A 380 21.69 -22.87 14.23
N LEU A 381 22.12 -24.11 14.05
CA LEU A 381 21.87 -24.83 12.81
C LEU A 381 21.38 -26.24 13.06
N GLY A 382 21.40 -26.71 14.30
CA GLY A 382 20.90 -28.03 14.58
C GLY A 382 19.39 -28.12 14.45
N GLY A 383 18.93 -29.26 13.93
CA GLY A 383 17.52 -29.49 13.73
C GLY A 383 16.89 -28.74 12.58
N VAL A 384 17.68 -28.15 11.69
CA VAL A 384 17.15 -27.44 10.53
C VAL A 384 16.83 -28.47 9.45
N ARG A 385 15.59 -28.47 8.97
CA ARG A 385 15.16 -29.42 7.97
C ARG A 385 15.07 -28.76 6.59
N ASP A 386 14.83 -27.46 6.54
CA ASP A 386 14.57 -26.79 5.28
C ASP A 386 15.80 -26.05 4.80
N GLU A 387 16.08 -26.21 3.51
CA GLU A 387 17.05 -25.35 2.84
C GLU A 387 16.58 -23.91 2.86
N ALA A 388 15.27 -23.70 2.66
CA ALA A 388 14.67 -22.39 2.75
C ALA A 388 14.63 -21.85 4.17
N GLU A 389 14.96 -22.66 5.18
CA GLU A 389 15.33 -22.09 6.47
C GLU A 389 16.71 -21.45 6.39
N ILE A 390 17.68 -22.12 5.76
CA ILE A 390 19.00 -21.57 5.57
C ILE A 390 19.00 -20.44 4.56
N ARG A 391 18.36 -20.67 3.42
CA ARG A 391 18.15 -19.62 2.43
C ARG A 391 16.97 -18.76 2.83
N GLY A 392 16.63 -17.81 1.97
CA GLY A 392 15.44 -17.00 2.14
C GLY A 392 14.21 -17.68 1.61
N HIS A 393 13.20 -16.86 1.31
CA HIS A 393 11.97 -17.33 0.70
C HIS A 393 11.54 -16.31 -0.36
N ARG A 394 10.69 -16.74 -1.29
CA ARG A 394 10.23 -15.81 -2.31
C ARG A 394 9.25 -14.81 -1.71
N ARG A 395 9.01 -13.74 -2.46
CA ARG A 395 8.19 -12.64 -1.96
C ARG A 395 6.71 -12.91 -2.23
N THR A 396 6.20 -14.03 -1.71
CA THR A 396 4.87 -14.54 -2.05
C THR A 396 3.92 -14.52 -0.87
N TYR A 397 4.24 -13.79 0.19
CA TYR A 397 3.44 -13.80 1.41
C TYR A 397 3.77 -12.54 2.21
N ILE A 398 2.93 -12.25 3.20
CA ILE A 398 3.13 -11.07 4.03
C ILE A 398 4.36 -11.25 4.91
N GLY A 399 5.25 -10.26 4.90
CA GLY A 399 6.50 -10.31 5.63
C GLY A 399 7.46 -11.38 5.15
N ALA A 400 7.86 -11.34 3.89
CA ALA A 400 8.78 -12.34 3.36
C ALA A 400 10.18 -12.12 3.94
N MET A 401 10.93 -13.24 4.07
CA MET A 401 12.10 -13.22 4.94
C MET A 401 13.35 -13.76 4.25
N PRO A 402 14.53 -13.25 4.59
CA PRO A 402 15.78 -13.86 4.14
C PRO A 402 16.17 -15.06 4.98
N GLY A 403 17.39 -15.54 4.80
CA GLY A 403 17.87 -16.67 5.57
C GLY A 403 18.22 -16.31 7.00
N LYS A 404 18.59 -17.37 7.74
CA LYS A 404 19.12 -17.17 9.09
C LYS A 404 20.42 -16.41 9.06
N LEU A 405 21.27 -16.73 8.09
CA LEU A 405 22.59 -16.13 8.00
C LEU A 405 22.50 -14.66 7.68
N ILE A 406 21.56 -14.30 6.80
CA ILE A 406 21.42 -12.93 6.35
C ILE A 406 20.90 -12.04 7.47
N HIS A 407 19.94 -12.54 8.23
CA HIS A 407 19.42 -11.76 9.35
C HIS A 407 20.43 -11.72 10.49
N ALA A 408 21.25 -12.77 10.62
CA ALA A 408 22.34 -12.77 11.58
C ALA A 408 23.35 -11.69 11.23
N MET A 409 23.64 -11.52 9.94
CA MET A 409 24.47 -10.39 9.52
C MET A 409 23.73 -9.07 9.70
N LYS A 410 22.40 -9.11 9.60
CA LYS A 410 21.60 -7.90 9.75
C LYS A 410 21.64 -7.38 11.18
N GLN A 411 21.89 -8.23 12.17
CA GLN A 411 22.01 -7.70 13.53
C GLN A 411 23.44 -7.27 13.86
N VAL A 412 24.45 -7.87 13.19
CA VAL A 412 25.81 -7.36 13.31
C VAL A 412 25.93 -6.05 12.53
N GLY A 413 26.80 -5.15 12.99
CA GLY A 413 27.00 -3.89 12.32
C GLY A 413 28.24 -3.77 11.46
N VAL A 414 29.08 -4.81 11.37
CA VAL A 414 30.30 -4.76 10.57
C VAL A 414 30.38 -6.02 9.72
N ILE A 415 31.12 -5.94 8.62
CA ILE A 415 31.14 -7.04 7.67
C ILE A 415 32.37 -7.91 7.86
N ASN A 416 33.11 -7.69 8.95
CA ASN A 416 34.10 -8.67 9.41
C ASN A 416 33.96 -8.96 10.90
N PRO A 417 32.87 -9.64 11.32
CA PRO A 417 32.86 -10.17 12.69
C PRO A 417 33.36 -11.61 12.74
N VAL A 418 33.45 -12.18 13.94
CA VAL A 418 33.80 -13.58 14.12
C VAL A 418 32.53 -14.31 14.52
N ILE A 419 32.03 -15.18 13.66
CA ILE A 419 30.69 -15.70 13.85
C ILE A 419 30.75 -17.20 14.07
N LEU A 420 30.05 -17.66 15.10
CA LEU A 420 30.01 -19.06 15.47
C LEU A 420 28.68 -19.64 15.01
N LEU A 421 28.71 -20.92 14.65
CA LEU A 421 27.53 -21.68 14.32
C LEU A 421 27.18 -22.58 15.50
N ASP A 422 26.07 -23.32 15.38
CA ASP A 422 25.71 -24.31 16.38
C ASP A 422 25.23 -25.56 15.69
N GLU A 423 25.89 -26.68 15.99
CA GLU A 423 25.41 -28.03 15.70
C GLU A 423 25.19 -28.21 14.20
N ILE A 424 26.29 -27.99 13.46
CA ILE A 424 26.26 -28.10 12.01
C ILE A 424 26.27 -29.56 11.58
N ASP A 425 26.42 -30.48 12.53
CA ASP A 425 26.24 -31.89 12.25
C ASP A 425 24.78 -32.31 12.32
N LYS A 426 23.86 -31.39 12.60
CA LYS A 426 22.45 -31.71 12.69
C LYS A 426 21.56 -30.91 11.73
N MET A 427 21.93 -30.83 10.46
CA MET A 427 20.90 -30.51 9.49
C MET A 427 20.20 -31.78 9.01
N SER A 428 19.12 -31.55 8.29
CA SER A 428 18.36 -32.58 7.59
C SER A 428 17.74 -31.91 6.38
N SER A 429 17.38 -32.73 5.39
CA SER A 429 16.59 -32.27 4.24
C SER A 429 15.94 -33.48 3.60
N ASP A 430 14.62 -33.52 3.58
CA ASP A 430 13.93 -34.67 3.02
C ASP A 430 13.64 -34.54 1.54
N TRP A 431 14.16 -33.50 0.89
CA TRP A 431 14.02 -33.35 -0.55
C TRP A 431 15.40 -33.23 -1.16
N ARG A 432 15.41 -33.10 -2.49
CA ARG A 432 16.64 -33.15 -3.26
C ARG A 432 17.55 -31.96 -2.94
N GLY A 433 18.84 -32.20 -2.96
CA GLY A 433 19.70 -31.11 -2.58
C GLY A 433 19.98 -31.09 -1.10
N ASP A 434 21.05 -30.40 -0.73
CA ASP A 434 21.48 -30.28 0.65
C ASP A 434 21.71 -28.81 1.01
N PRO A 435 21.55 -28.45 2.29
CA PRO A 435 22.15 -27.19 2.77
C PRO A 435 23.66 -27.31 2.98
N ALA A 436 24.21 -28.52 2.84
CA ALA A 436 25.64 -28.74 2.78
C ALA A 436 26.31 -27.94 1.66
N SER A 437 25.66 -27.86 0.50
CA SER A 437 26.21 -27.08 -0.61
C SER A 437 26.10 -25.58 -0.31
N ALA A 438 25.13 -25.19 0.51
CA ALA A 438 24.99 -23.78 0.88
C ALA A 438 26.06 -23.34 1.87
N MET A 439 26.37 -24.17 2.86
CA MET A 439 27.43 -23.73 3.75
C MET A 439 28.79 -24.03 3.12
N LEU A 440 28.83 -24.91 2.11
CA LEU A 440 30.00 -24.99 1.25
C LEU A 440 30.20 -23.69 0.45
N GLU A 441 29.10 -23.06 0.01
CA GLU A 441 29.17 -21.71 -0.55
C GLU A 441 29.66 -20.71 0.50
N VAL A 442 29.30 -20.94 1.76
CA VAL A 442 29.82 -20.08 2.82
C VAL A 442 31.32 -20.31 3.02
N LEU A 443 31.81 -21.54 2.77
CA LEU A 443 33.19 -21.93 3.08
C LEU A 443 34.23 -21.10 2.34
N ASP A 444 34.26 -21.19 1.01
CA ASP A 444 35.21 -20.42 0.22
C ASP A 444 34.82 -18.95 0.21
N PRO A 445 35.70 -18.04 0.62
CA PRO A 445 35.39 -16.61 0.53
C PRO A 445 35.21 -16.10 -0.90
N GLU A 446 35.85 -16.76 -1.86
CA GLU A 446 35.69 -16.42 -3.28
C GLU A 446 34.36 -16.93 -3.80
N GLN A 447 33.75 -17.86 -3.09
CA GLN A 447 32.40 -18.34 -3.35
C GLN A 447 31.35 -17.65 -2.48
N ASN A 448 31.80 -16.95 -1.42
CA ASN A 448 30.90 -16.15 -0.59
C ASN A 448 30.18 -15.06 -1.36
N ASN A 449 30.78 -14.51 -2.42
CA ASN A 449 30.03 -13.50 -3.16
C ASN A 449 29.15 -14.10 -4.27
N THR A 450 28.72 -15.36 -4.13
CA THR A 450 27.76 -16.02 -5.01
C THR A 450 26.67 -16.78 -4.25
N PHE A 451 26.06 -16.20 -3.21
CA PHE A 451 25.06 -16.95 -2.45
C PHE A 451 23.79 -17.23 -3.25
N THR A 452 23.24 -18.43 -3.05
CA THR A 452 21.82 -18.62 -3.23
C THR A 452 21.03 -17.76 -2.25
N ASP A 453 19.97 -17.16 -2.74
CA ASP A 453 19.18 -16.19 -2.00
C ASP A 453 17.81 -16.13 -2.64
N HIS A 454 16.80 -15.85 -1.83
CA HIS A 454 15.44 -15.93 -2.33
C HIS A 454 14.61 -14.72 -1.97
N TYR A 455 14.90 -14.10 -0.82
CA TYR A 455 14.28 -12.81 -0.53
C TYR A 455 15.11 -11.70 -1.15
N LEU A 456 16.36 -11.61 -0.73
CA LEU A 456 17.38 -10.85 -1.43
C LEU A 456 17.81 -11.61 -2.68
N ASP A 457 18.56 -10.93 -3.54
CA ASP A 457 19.04 -11.54 -4.77
C ASP A 457 20.51 -11.26 -5.05
N VAL A 458 21.01 -10.08 -4.71
CA VAL A 458 22.43 -9.78 -4.85
C VAL A 458 23.17 -10.60 -3.80
N PRO A 459 24.13 -11.43 -4.20
CA PRO A 459 24.94 -12.17 -3.23
C PRO A 459 25.78 -11.25 -2.35
N TYR A 460 25.62 -11.43 -1.05
CA TYR A 460 26.26 -10.53 -0.11
C TYR A 460 27.76 -10.81 -0.02
N ASP A 461 28.50 -9.81 0.42
CA ASP A 461 29.92 -9.95 0.72
C ASP A 461 30.14 -10.35 2.17
N LEU A 462 30.05 -11.64 2.46
CA LEU A 462 30.58 -12.25 3.68
C LEU A 462 31.98 -12.81 3.50
N SER A 463 32.81 -12.22 2.65
CA SER A 463 34.17 -12.71 2.54
C SER A 463 34.99 -12.39 3.78
N LYS A 464 34.78 -11.22 4.37
CA LYS A 464 35.56 -10.79 5.53
C LYS A 464 35.02 -11.30 6.86
N VAL A 465 33.81 -11.85 6.89
CA VAL A 465 33.22 -12.43 8.10
C VAL A 465 34.04 -13.65 8.46
N PHE A 466 34.72 -13.62 9.60
CA PHE A 466 35.54 -14.75 9.99
C PHE A 466 34.65 -15.87 10.48
N PHE A 467 34.94 -17.08 10.06
CA PHE A 467 34.07 -18.22 10.25
C PHE A 467 34.65 -19.16 11.30
N ILE A 468 33.84 -19.46 12.31
CA ILE A 468 34.13 -20.51 13.29
C ILE A 468 32.85 -21.32 13.48
N THR A 469 33.00 -22.63 13.70
CA THR A 469 31.89 -23.58 13.59
C THR A 469 31.79 -24.48 14.83
N THR A 470 30.62 -25.11 14.97
CA THR A 470 30.36 -26.04 16.09
C THR A 470 29.65 -27.28 15.57
N ALA A 471 30.20 -28.45 15.89
CA ALA A 471 29.56 -29.73 15.62
C ALA A 471 29.96 -30.69 16.73
N ASN A 472 28.98 -31.23 17.45
CA ASN A 472 29.30 -32.11 18.57
C ASN A 472 29.84 -33.45 18.10
N THR A 473 29.35 -33.94 16.97
CA THR A 473 29.78 -35.21 16.42
C THR A 473 30.40 -34.93 15.06
N LEU A 474 31.67 -35.32 14.90
CA LEU A 474 32.32 -35.17 13.61
C LEU A 474 31.70 -36.07 12.55
N GLN A 475 31.16 -37.22 12.95
CA GLN A 475 30.68 -38.22 12.02
C GLN A 475 29.35 -37.86 11.38
N THR A 476 28.54 -37.01 12.01
CA THR A 476 27.25 -36.64 11.47
C THR A 476 27.23 -35.28 10.80
N ILE A 477 28.38 -34.63 10.71
CA ILE A 477 28.54 -33.48 9.80
C ILE A 477 28.25 -33.96 8.38
N PRO A 478 27.48 -33.18 7.55
CA PRO A 478 27.13 -33.65 6.19
C PRO A 478 28.33 -33.96 5.31
N ARG A 479 28.33 -35.14 4.68
CA ARG A 479 29.49 -35.63 3.92
C ARG A 479 29.94 -34.78 2.71
N PRO A 480 29.10 -33.93 2.06
CA PRO A 480 29.72 -32.99 1.10
C PRO A 480 30.56 -31.91 1.76
N LEU A 481 30.54 -31.80 3.09
CA LEU A 481 31.34 -30.82 3.80
C LEU A 481 32.50 -31.43 4.54
N LEU A 482 32.80 -32.71 4.33
CA LEU A 482 33.95 -33.29 5.02
C LEU A 482 35.27 -32.76 4.46
N ASP A 483 35.28 -32.30 3.21
CA ASP A 483 36.39 -31.53 2.68
C ASP A 483 36.48 -30.19 3.39
N ARG A 484 37.73 -29.81 3.70
CA ARG A 484 38.09 -28.57 4.37
C ARG A 484 37.41 -28.42 5.74
N MET A 485 37.43 -29.51 6.51
CA MET A 485 37.25 -29.50 7.96
C MET A 485 38.56 -29.98 8.59
N GLU A 486 38.93 -29.41 9.74
CA GLU A 486 40.07 -29.91 10.53
C GLU A 486 39.54 -30.52 11.83
N VAL A 487 39.77 -31.83 11.99
CA VAL A 487 39.35 -32.55 13.18
C VAL A 487 40.30 -32.24 14.34
N ILE A 488 39.90 -31.32 15.20
CA ILE A 488 40.64 -31.01 16.42
C ILE A 488 39.75 -31.44 17.59
N GLU A 489 39.96 -32.68 18.03
CA GLU A 489 39.05 -33.32 18.99
C GLU A 489 39.29 -32.81 20.40
N ILE A 490 38.26 -32.25 21.00
CA ILE A 490 38.30 -31.82 22.40
C ILE A 490 37.84 -33.02 23.23
N PRO A 491 38.71 -33.68 23.98
CA PRO A 491 38.29 -34.86 24.74
C PRO A 491 37.55 -34.46 26.02
N GLY A 492 37.28 -35.46 26.86
CA GLY A 492 36.67 -35.24 28.15
C GLY A 492 37.64 -34.61 29.14
N TYR A 493 37.27 -34.67 30.41
CA TYR A 493 38.07 -34.05 31.46
C TYR A 493 38.19 -34.98 32.67
N THR A 494 39.32 -34.88 33.36
CA THR A 494 39.56 -35.69 34.53
C THR A 494 38.97 -35.08 35.78
N ASN A 495 39.28 -35.73 36.90
CA ASN A 495 38.86 -35.21 38.20
C ASN A 495 39.58 -33.90 38.53
N MET A 496 40.91 -33.91 38.45
CA MET A 496 41.69 -32.77 38.90
C MET A 496 41.64 -31.63 37.90
N GLU A 497 41.55 -31.93 36.61
CA GLU A 497 41.42 -30.88 35.61
C GLU A 497 40.12 -30.12 35.80
N LYS A 498 39.03 -30.85 36.03
CA LYS A 498 37.76 -30.21 36.36
C LYS A 498 37.84 -29.42 37.66
N GLN A 499 38.51 -29.98 38.68
CA GLN A 499 38.65 -29.30 39.96
C GLN A 499 39.43 -28.00 39.82
N ALA A 500 40.50 -28.06 39.04
CA ALA A 500 41.36 -26.90 38.86
C ALA A 500 40.65 -25.81 38.08
N ILE A 501 39.94 -26.17 37.01
CA ILE A 501 39.25 -25.12 36.26
C ILE A 501 38.06 -24.59 37.05
N ALA A 502 37.47 -25.43 37.91
CA ALA A 502 36.45 -24.97 38.83
C ALA A 502 37.01 -23.92 39.76
N ARG A 503 38.00 -24.31 40.55
CA ARG A 503 38.63 -23.48 41.57
C ARG A 503 39.27 -22.23 40.99
N GLN A 504 39.71 -22.28 39.74
CA GLN A 504 40.31 -21.13 39.08
C GLN A 504 39.27 -20.15 38.56
N TYR A 505 38.41 -20.60 37.66
CA TYR A 505 37.42 -19.70 37.07
C TYR A 505 36.00 -20.05 37.46
N LEU A 506 35.62 -21.32 37.37
CA LEU A 506 34.22 -21.70 37.33
C LEU A 506 33.59 -21.57 38.70
N TRP A 507 34.32 -21.96 39.73
CA TRP A 507 33.82 -21.75 41.08
C TRP A 507 33.85 -20.27 41.49
N PRO A 508 34.87 -19.45 41.16
CA PRO A 508 34.72 -18.01 41.43
C PRO A 508 33.69 -17.28 40.57
N LYS A 509 33.34 -17.78 39.37
CA LYS A 509 32.18 -17.23 38.67
C LYS A 509 30.91 -17.44 39.47
N GLN A 510 30.71 -18.65 39.99
CA GLN A 510 29.52 -18.90 40.80
C GLN A 510 29.61 -18.17 42.12
N VAL A 511 30.83 -17.81 42.53
CA VAL A 511 30.95 -16.89 43.67
C VAL A 511 30.39 -15.52 43.28
N ARG A 512 30.85 -14.94 42.18
CA ARG A 512 30.72 -13.50 42.04
C ARG A 512 29.45 -13.07 41.30
N GLU A 513 28.97 -13.87 40.34
CA GLU A 513 27.80 -13.43 39.59
C GLU A 513 26.51 -13.36 40.37
N SER A 514 26.41 -14.08 41.49
CA SER A 514 25.19 -14.06 42.30
C SER A 514 25.15 -12.88 43.26
N GLY A 515 26.19 -12.07 43.29
CA GLY A 515 26.31 -11.04 44.30
C GLY A 515 26.86 -11.60 45.59
N MET A 516 27.41 -12.82 45.57
CA MET A 516 27.92 -13.40 46.79
C MET A 516 29.40 -13.06 46.91
N GLU A 517 29.80 -12.69 48.13
CA GLU A 517 31.07 -12.02 48.39
C GLU A 517 32.20 -12.97 48.80
N GLY A 518 32.22 -14.19 48.28
CA GLY A 518 33.29 -15.12 48.58
C GLY A 518 33.26 -15.68 49.98
N ARG A 519 32.09 -15.72 50.63
CA ARG A 519 32.02 -16.16 52.01
C ARG A 519 31.82 -17.66 52.14
N ILE A 520 31.92 -18.40 51.06
CA ILE A 520 31.78 -19.84 51.08
C ILE A 520 33.01 -20.47 50.45
N GLU A 521 33.61 -21.42 51.16
CA GLU A 521 34.70 -22.23 50.63
C GLU A 521 34.22 -23.67 50.52
N VAL A 522 34.50 -24.30 49.39
CA VAL A 522 34.19 -25.70 49.17
C VAL A 522 35.49 -26.47 49.06
N THR A 523 35.73 -27.40 49.98
CA THR A 523 36.97 -28.17 49.96
C THR A 523 36.93 -29.23 48.87
N ASP A 524 38.12 -29.67 48.46
CA ASP A 524 38.27 -30.39 47.19
C ASP A 524 37.69 -31.79 47.24
N ALA A 525 37.60 -32.39 48.43
CA ALA A 525 37.01 -33.72 48.55
C ALA A 525 35.53 -33.69 48.24
N ALA A 526 34.88 -32.57 48.54
CA ALA A 526 33.49 -32.37 48.14
C ALA A 526 33.38 -32.34 46.61
N ILE A 527 34.32 -31.70 45.93
CA ILE A 527 34.31 -31.71 44.47
C ILE A 527 34.53 -33.11 43.93
N LEU A 528 35.43 -33.90 44.54
CA LEU A 528 35.63 -35.29 44.10
C LEU A 528 34.37 -36.12 44.28
N ARG A 529 33.67 -35.94 45.41
CA ARG A 529 32.44 -36.68 45.62
C ARG A 529 31.35 -36.23 44.66
N VAL A 530 31.32 -34.94 44.32
CA VAL A 530 30.36 -34.43 43.34
C VAL A 530 30.60 -35.06 41.98
N ILE A 531 31.84 -35.05 41.52
CA ILE A 531 32.11 -35.48 40.16
C ILE A 531 32.13 -36.99 40.08
N SER A 532 32.20 -37.68 41.21
CA SER A 532 31.97 -39.11 41.21
C SER A 532 30.52 -39.48 41.44
N GLU A 533 29.68 -38.52 41.87
CA GLU A 533 28.36 -38.84 42.38
C GLU A 533 27.21 -37.97 41.85
N TYR A 534 27.48 -36.95 41.04
CA TYR A 534 26.45 -36.06 40.50
C TYR A 534 26.33 -36.01 38.98
N THR A 535 27.44 -36.01 38.25
CA THR A 535 27.40 -35.92 36.79
C THR A 535 28.10 -37.12 36.18
N ARG A 536 27.40 -37.84 35.30
CA ARG A 536 27.97 -38.90 34.48
C ARG A 536 28.02 -38.40 33.04
N GLU A 537 29.06 -37.65 32.73
CA GLU A 537 29.13 -36.87 31.50
C GLU A 537 30.57 -36.39 31.32
N ALA A 538 30.79 -35.58 30.28
CA ALA A 538 32.14 -35.16 29.95
C ALA A 538 32.41 -33.69 30.26
N GLY A 539 31.48 -32.81 29.91
CA GLY A 539 31.71 -31.38 30.04
C GLY A 539 31.66 -30.89 31.48
N VAL A 540 31.68 -29.58 31.62
CA VAL A 540 31.67 -28.94 32.93
C VAL A 540 30.49 -27.99 33.11
N ARG A 541 29.55 -27.98 32.16
CA ARG A 541 28.33 -27.21 32.35
C ARG A 541 27.49 -27.80 33.47
N GLY A 542 27.37 -29.12 33.51
CA GLY A 542 26.63 -29.77 34.56
C GLY A 542 27.27 -29.57 35.92
N LEU A 543 28.61 -29.63 35.97
CA LEU A 543 29.33 -29.34 37.20
C LEU A 543 29.20 -27.87 37.60
N GLU A 544 29.11 -26.98 36.60
CA GLU A 544 28.83 -25.59 36.88
C GLU A 544 27.46 -25.42 37.52
N ARG A 545 26.48 -26.17 37.06
CA ARG A 545 25.16 -26.12 37.71
C ARG A 545 25.21 -26.75 39.10
N GLU A 546 26.03 -27.79 39.28
CA GLU A 546 26.19 -28.39 40.61
C GLU A 546 26.74 -27.37 41.58
N LEU A 547 27.83 -26.70 41.21
CA LEU A 547 28.44 -25.68 42.07
C LEU A 547 27.54 -24.47 42.21
N GLY A 548 26.79 -24.13 41.16
CA GLY A 548 25.85 -23.04 41.23
C GLY A 548 24.75 -23.31 42.22
N LYS A 549 24.18 -24.52 42.18
CA LYS A 549 23.13 -24.86 43.13
C LYS A 549 23.70 -25.10 44.52
N ILE A 550 24.98 -25.46 44.60
CA ILE A 550 25.68 -25.45 45.89
C ILE A 550 25.66 -24.05 46.47
N ALA A 551 25.97 -23.07 45.63
CA ALA A 551 25.93 -21.67 46.06
C ALA A 551 24.50 -21.23 46.38
N ARG A 552 23.52 -21.75 45.63
CA ARG A 552 22.12 -21.40 45.88
C ARG A 552 21.68 -21.93 47.25
N LYS A 553 21.99 -23.19 47.54
CA LYS A 553 21.60 -23.74 48.83
C LYS A 553 22.39 -23.09 49.95
N GLY A 554 23.66 -22.79 49.72
CA GLY A 554 24.43 -22.05 50.72
C GLY A 554 23.88 -20.66 50.98
N ALA A 555 23.34 -20.02 49.94
CA ALA A 555 22.72 -18.71 50.09
C ALA A 555 21.43 -18.79 50.91
N LYS A 556 20.61 -19.80 50.65
CA LYS A 556 19.39 -19.95 51.43
C LYS A 556 19.71 -20.33 52.88
N PHE A 557 20.69 -21.22 53.07
CA PHE A 557 21.08 -21.61 54.42
C PHE A 557 21.73 -20.46 55.14
N TRP A 558 22.38 -19.58 54.39
CA TRP A 558 23.02 -18.40 54.94
C TRP A 558 22.01 -17.33 55.28
N LEU A 559 20.93 -17.23 54.52
CA LEU A 559 19.95 -16.19 54.74
C LEU A 559 18.92 -16.58 55.79
N GLU A 560 18.50 -17.84 55.80
CA GLU A 560 17.71 -18.31 56.92
C GLU A 560 18.61 -18.58 58.13
N GLY A 561 19.91 -18.73 57.90
CA GLY A 561 20.88 -18.62 58.97
C GLY A 561 21.33 -17.20 59.19
N ALA A 562 22.39 -17.05 59.97
CA ALA A 562 22.94 -15.74 60.28
C ALA A 562 24.02 -15.36 59.28
N TRP A 563 24.36 -14.06 59.29
CA TRP A 563 25.50 -13.56 58.52
C TRP A 563 26.79 -14.15 59.10
N GLU A 564 27.49 -14.94 58.29
CA GLU A 564 28.70 -15.61 58.73
C GLU A 564 29.88 -15.19 57.86
N GLY A 565 31.07 -15.27 58.45
CA GLY A 565 32.29 -14.87 57.77
C GLY A 565 32.71 -15.83 56.68
N LEU A 566 33.07 -17.06 57.05
CA LEU A 566 33.37 -18.08 56.06
C LEU A 566 32.64 -19.35 56.46
N ARG A 567 31.78 -19.81 55.56
CA ARG A 567 31.04 -21.06 55.74
C ARG A 567 31.77 -22.10 54.92
N THR A 568 32.78 -22.71 55.53
CA THR A 568 33.57 -23.70 54.83
C THR A 568 32.78 -24.98 54.64
N ILE A 569 32.74 -25.46 53.41
CA ILE A 569 31.89 -26.57 53.03
C ILE A 569 32.80 -27.71 52.59
N ASP A 570 32.51 -28.90 53.08
CA ASP A 570 33.30 -30.07 52.74
C ASP A 570 32.41 -31.15 52.17
N ALA A 571 32.95 -32.37 52.12
CA ALA A 571 32.23 -33.52 51.57
C ALA A 571 31.06 -33.98 52.44
N SER A 572 30.97 -33.51 53.68
CA SER A 572 29.95 -34.04 54.58
C SER A 572 28.58 -33.47 54.24
N ASP A 573 28.45 -32.15 54.22
CA ASP A 573 27.17 -31.48 54.04
C ASP A 573 26.78 -31.31 52.57
N ILE A 574 27.30 -32.19 51.69
CA ILE A 574 26.79 -32.26 50.32
C ILE A 574 25.29 -32.57 50.25
N PRO A 575 24.74 -33.58 50.97
CA PRO A 575 23.27 -33.71 50.95
C PRO A 575 22.55 -32.60 51.66
N THR A 576 23.23 -31.84 52.52
CA THR A 576 22.64 -30.61 52.99
C THR A 576 22.66 -29.56 51.89
N TYR A 577 23.84 -29.30 51.34
CA TYR A 577 24.02 -28.15 50.47
C TYR A 577 23.68 -28.48 49.02
N LEU A 578 23.21 -29.69 48.76
CA LEU A 578 22.56 -30.06 47.51
C LEU A 578 21.49 -31.08 47.85
N GLY A 579 21.04 -31.82 46.84
CA GLY A 579 20.18 -32.95 47.07
C GLY A 579 20.99 -34.17 47.48
N ILE A 580 20.34 -35.33 47.34
CA ILE A 580 20.97 -36.62 47.65
C ILE A 580 22.14 -36.85 46.71
N PRO A 581 23.19 -37.55 47.14
CA PRO A 581 24.18 -38.07 46.19
C PRO A 581 23.53 -38.85 45.08
N ARG A 582 23.58 -38.29 43.88
CA ARG A 582 22.82 -38.83 42.77
C ARG A 582 23.48 -40.01 42.12
N TYR A 583 24.74 -40.31 42.45
CA TYR A 583 25.35 -41.53 41.95
C TYR A 583 26.20 -42.14 43.04
N ARG A 584 26.59 -43.38 42.82
CA ARG A 584 27.60 -44.09 43.57
C ARG A 584 28.58 -44.74 42.62
N PRO A 585 29.87 -44.80 42.97
CA PRO A 585 30.86 -45.42 42.09
C PRO A 585 30.91 -46.94 42.21
N ASP A 586 29.75 -47.57 42.24
CA ASP A 586 29.63 -49.00 42.40
C ASP A 586 28.48 -49.49 41.55
N LYS A 587 28.47 -50.79 41.29
CA LYS A 587 27.35 -51.41 40.61
C LYS A 587 26.31 -51.92 41.60
N ALA A 588 26.17 -51.25 42.74
CA ALA A 588 25.04 -51.50 43.62
C ALA A 588 23.77 -50.86 43.08
N GLU A 589 23.84 -49.57 42.72
CA GLU A 589 22.72 -48.92 42.05
C GLU A 589 22.52 -49.43 40.63
N THR A 590 23.61 -49.58 39.89
CA THR A 590 23.57 -50.14 38.55
C THR A 590 23.21 -51.61 38.66
N GLU A 591 22.51 -52.12 37.63
CA GLU A 591 21.91 -53.44 37.67
C GLU A 591 22.97 -54.54 37.74
N PRO A 592 22.61 -55.70 38.31
CA PRO A 592 23.56 -56.80 38.41
C PRO A 592 23.98 -57.35 37.05
N GLN A 593 25.04 -58.14 37.10
CA GLN A 593 25.94 -58.33 35.97
C GLN A 593 25.51 -59.46 35.03
N VAL A 594 24.30 -60.02 35.22
CA VAL A 594 23.95 -61.35 34.70
C VAL A 594 23.92 -61.34 33.18
N GLY A 595 23.22 -60.40 32.58
CA GLY A 595 23.27 -60.25 31.16
C GLY A 595 23.99 -58.96 30.89
N THR A 596 24.14 -58.17 31.94
CA THR A 596 24.63 -56.81 31.80
C THR A 596 26.12 -56.79 31.48
N ALA A 597 26.49 -55.89 30.58
CA ALA A 597 27.88 -55.48 30.43
C ALA A 597 27.86 -53.98 30.22
N GLN A 598 28.76 -53.27 30.90
CA GLN A 598 28.82 -51.82 30.80
C GLN A 598 29.57 -51.41 29.54
N GLY A 599 29.02 -50.42 28.83
CA GLY A 599 29.65 -49.97 27.62
C GLY A 599 29.93 -48.49 27.60
N LEU A 600 31.16 -48.11 27.26
CA LEU A 600 31.45 -46.72 26.98
C LEU A 600 31.02 -46.39 25.57
N ALA A 601 30.50 -45.18 25.38
CA ALA A 601 29.94 -44.78 24.10
C ALA A 601 30.45 -43.40 23.71
N TRP A 602 30.78 -43.24 22.43
CA TRP A 602 31.12 -41.94 21.88
C TRP A 602 29.89 -41.34 21.23
N THR A 603 29.47 -40.18 21.71
CA THR A 603 28.17 -39.56 21.46
C THR A 603 28.38 -38.10 21.05
N PRO A 604 27.27 -37.35 20.76
CA PRO A 604 27.40 -35.87 20.76
C PRO A 604 27.81 -35.28 22.09
N VAL A 605 27.53 -35.96 23.20
CA VAL A 605 28.06 -35.49 24.47
C VAL A 605 29.32 -36.30 24.76
N GLY A 606 29.89 -36.90 23.70
CA GLY A 606 31.15 -37.57 23.80
C GLY A 606 31.02 -38.86 24.58
N GLY A 607 31.88 -39.00 25.58
CA GLY A 607 31.81 -40.16 26.43
C GLY A 607 30.68 -40.08 27.43
N THR A 608 30.10 -41.25 27.71
CA THR A 608 29.03 -41.37 28.69
C THR A 608 28.98 -42.84 29.14
N LEU A 609 28.05 -43.12 30.03
CA LEU A 609 27.88 -44.47 30.56
C LEU A 609 26.69 -45.10 29.87
N LEU A 610 26.89 -46.27 29.29
CA LEU A 610 25.82 -46.92 28.52
C LEU A 610 25.80 -48.39 28.93
N THR A 611 25.00 -48.68 29.94
CA THR A 611 24.90 -50.03 30.48
C THR A 611 24.13 -50.89 29.49
N ILE A 612 24.80 -51.84 28.87
CA ILE A 612 24.14 -52.72 27.92
C ILE A 612 23.57 -53.91 28.67
N GLU A 613 22.28 -54.17 28.47
CA GLU A 613 21.56 -55.26 29.09
C GLU A 613 20.90 -56.12 28.04
N VAL A 614 20.65 -57.38 28.38
CA VAL A 614 20.17 -58.38 27.43
C VAL A 614 19.60 -59.56 28.23
N ALA A 615 18.52 -60.17 27.72
CA ALA A 615 18.06 -61.45 28.24
C ALA A 615 17.67 -62.36 27.10
N ALA A 616 17.92 -63.65 27.31
CA ALA A 616 17.63 -64.69 26.34
C ALA A 616 16.52 -65.57 26.89
N VAL A 617 15.63 -66.01 26.02
CA VAL A 617 14.46 -66.79 26.40
C VAL A 617 14.37 -68.03 25.52
N PRO A 618 13.72 -69.12 25.96
CA PRO A 618 13.50 -70.25 25.05
C PRO A 618 12.57 -69.86 23.92
N GLY A 619 12.99 -70.16 22.69
CA GLY A 619 12.30 -69.66 21.52
C GLY A 619 12.59 -70.47 20.27
N SER A 620 12.78 -69.78 19.15
CA SER A 620 13.14 -70.43 17.90
C SER A 620 14.54 -70.06 17.45
N GLY A 621 15.42 -69.73 18.40
CA GLY A 621 16.76 -69.29 18.06
C GLY A 621 16.81 -67.89 17.49
N LYS A 622 15.74 -67.13 17.63
CA LYS A 622 15.62 -65.84 16.98
C LYS A 622 16.30 -64.76 17.82
N LEU A 623 17.02 -63.88 17.14
CA LEU A 623 17.70 -62.79 17.82
C LEU A 623 16.84 -61.55 17.68
N SER A 624 16.56 -60.90 18.80
CA SER A 624 15.80 -59.66 18.80
C SER A 624 16.71 -58.54 19.23
N LEU A 625 16.80 -57.53 18.37
CA LEU A 625 17.68 -56.38 18.55
C LEU A 625 16.83 -55.13 18.60
N THR A 626 16.80 -54.48 19.75
CA THR A 626 16.08 -53.24 19.91
C THR A 626 17.04 -52.17 20.39
N GLY A 627 16.47 -51.07 20.88
CA GLY A 627 17.29 -49.91 21.15
C GLY A 627 17.45 -49.01 19.96
N GLN A 628 16.72 -49.28 18.88
CA GLN A 628 16.89 -48.50 17.61
C GLN A 628 18.39 -48.33 17.38
N LEU A 629 19.15 -49.42 17.52
CA LEU A 629 20.63 -49.36 17.37
C LEU A 629 21.02 -49.14 15.92
N GLY A 630 22.10 -48.39 15.69
CA GLY A 630 22.62 -48.22 14.31
C GLY A 630 23.15 -49.56 13.82
N GLU A 631 23.21 -49.76 12.51
CA GLU A 631 23.62 -51.10 11.98
C GLU A 631 24.99 -51.52 12.51
N VAL A 632 25.90 -50.59 12.78
CA VAL A 632 27.25 -51.02 13.15
C VAL A 632 27.25 -51.78 14.47
N MET A 633 26.35 -51.41 15.38
CA MET A 633 26.13 -52.21 16.57
C MET A 633 25.53 -53.56 16.23
N LYS A 634 24.69 -53.63 15.18
CA LYS A 634 24.09 -54.90 14.78
C LYS A 634 25.14 -55.89 14.28
N GLU A 635 26.04 -55.48 13.36
CA GLU A 635 27.04 -56.49 13.00
C GLU A 635 28.13 -56.63 14.06
N SER A 636 28.24 -55.68 14.99
CA SER A 636 29.07 -55.91 16.16
C SER A 636 28.52 -57.08 17.00
N ALA A 637 27.21 -57.10 17.20
CA ALA A 637 26.57 -58.24 17.85
C ALA A 637 26.62 -59.50 16.99
N GLN A 638 26.62 -59.35 15.66
CA GLN A 638 26.70 -60.53 14.80
C GLN A 638 28.08 -61.17 14.88
N ALA A 639 29.13 -60.35 14.93
CA ALA A 639 30.48 -60.88 15.11
C ALA A 639 30.66 -61.45 16.51
N ALA A 640 29.96 -60.86 17.48
CA ALA A 640 29.88 -61.45 18.82
C ALA A 640 29.27 -62.84 18.79
N LEU A 641 28.14 -63.00 18.10
CA LEU A 641 27.47 -64.30 18.00
C LEU A 641 28.30 -65.28 17.18
N THR A 642 29.05 -64.78 16.19
CA THR A 642 29.92 -65.63 15.39
C THR A 642 31.09 -66.14 16.22
N TYR A 643 31.64 -65.30 17.10
CA TYR A 643 32.66 -65.77 18.03
C TYR A 643 32.09 -66.79 19.01
N LEU A 644 30.83 -66.57 19.44
CA LEU A 644 30.14 -67.56 20.27
C LEU A 644 29.99 -68.90 19.55
N ARG A 645 29.66 -68.87 18.26
CA ARG A 645 29.59 -70.09 17.48
C ARG A 645 30.97 -70.70 17.22
N ALA A 646 32.02 -69.88 17.25
CA ALA A 646 33.38 -70.40 17.14
C ALA A 646 33.86 -71.07 18.42
N HIS A 647 33.34 -70.68 19.59
CA HIS A 647 33.75 -71.29 20.85
C HIS A 647 32.53 -71.84 21.60
N THR A 648 31.75 -72.68 20.90
CA THR A 648 30.54 -73.28 21.47
C THR A 648 30.82 -74.14 22.69
N GLN A 649 32.06 -74.57 22.92
CA GLN A 649 32.39 -75.26 24.16
C GLN A 649 33.57 -74.64 24.90
N ASP A 650 34.35 -73.77 24.24
CA ASP A 650 35.57 -73.26 24.86
C ASP A 650 35.28 -72.25 25.97
N TYR A 651 34.06 -71.71 26.01
CA TYR A 651 33.59 -70.91 27.14
C TYR A 651 32.34 -71.51 27.77
N GLY A 652 32.21 -72.83 27.74
CA GLY A 652 31.20 -73.56 28.47
C GLY A 652 29.80 -73.45 27.93
N LEU A 653 29.65 -73.05 26.66
CA LEU A 653 28.33 -72.73 26.14
C LEU A 653 27.52 -74.00 25.87
N PRO A 654 26.19 -73.91 25.97
CA PRO A 654 25.34 -74.90 25.28
C PRO A 654 25.50 -74.69 23.78
N GLU A 655 25.88 -75.77 23.08
CA GLU A 655 26.22 -75.64 21.67
C GLU A 655 24.99 -75.43 20.78
N ASP A 656 23.79 -75.61 21.32
CA ASP A 656 22.54 -75.26 20.66
C ASP A 656 22.00 -74.00 21.36
N PHE A 657 22.43 -72.84 20.86
CA PHE A 657 22.03 -71.55 21.41
C PHE A 657 21.53 -70.57 20.37
N TYR A 658 21.82 -70.78 19.10
CA TYR A 658 21.37 -69.91 18.02
C TYR A 658 20.28 -70.54 17.18
N ASN A 659 19.79 -71.72 17.57
CA ASN A 659 18.80 -72.46 16.80
C ASN A 659 17.48 -72.66 17.53
N LYS A 660 17.49 -72.68 18.87
CA LYS A 660 16.26 -72.88 19.63
C LYS A 660 16.16 -71.91 20.81
N VAL A 661 17.10 -70.98 20.95
CA VAL A 661 17.14 -70.08 22.09
C VAL A 661 16.95 -68.65 21.56
N ASP A 662 15.79 -68.07 21.84
CA ASP A 662 15.56 -66.67 21.51
C ASP A 662 16.40 -65.79 22.44
N LEU A 663 16.62 -64.55 22.00
CA LEU A 663 17.45 -63.63 22.77
C LEU A 663 17.08 -62.22 22.37
N HIS A 664 16.83 -61.38 23.37
CA HIS A 664 16.29 -60.06 23.12
C HIS A 664 17.27 -59.02 23.64
N VAL A 665 17.56 -58.03 22.80
CA VAL A 665 18.61 -57.07 23.06
C VAL A 665 18.02 -55.67 23.05
N HIS A 666 18.33 -54.89 24.08
CA HIS A 666 18.05 -53.47 24.06
C HIS A 666 19.28 -52.73 24.56
N VAL A 667 19.52 -51.57 23.97
CA VAL A 667 20.49 -50.62 24.51
C VAL A 667 19.80 -49.28 24.72
N PRO A 668 20.10 -48.56 25.80
CA PRO A 668 19.49 -47.23 26.01
C PRO A 668 19.93 -46.13 25.05
N ASP A 669 20.74 -46.42 24.04
CA ASP A 669 21.06 -45.42 23.03
C ASP A 669 21.00 -46.02 21.64
N GLY A 670 21.62 -45.35 20.66
CA GLY A 670 21.51 -45.73 19.26
C GLY A 670 20.72 -44.68 18.51
N ALA A 671 19.62 -44.22 19.12
CA ALA A 671 18.94 -43.03 18.61
C ALA A 671 19.79 -41.78 18.80
N THR A 672 20.68 -41.80 19.78
CA THR A 672 21.78 -40.84 19.83
C THR A 672 22.69 -41.07 18.61
N PRO A 673 23.19 -40.01 17.95
CA PRO A 673 24.15 -40.21 16.85
C PRO A 673 25.45 -40.85 17.29
N LYS A 674 25.72 -42.03 16.78
CA LYS A 674 26.71 -42.91 17.38
C LYS A 674 27.91 -42.98 16.45
N ASP A 675 29.10 -42.84 17.05
CA ASP A 675 30.34 -42.77 16.28
C ASP A 675 30.87 -44.18 16.06
N GLY A 676 30.25 -44.84 15.09
CA GLY A 676 30.65 -46.17 14.69
C GLY A 676 30.35 -47.21 15.74
N PRO A 677 31.00 -48.37 15.64
CA PRO A 677 30.95 -49.32 16.75
C PRO A 677 31.88 -48.87 17.86
N SER A 678 31.39 -48.92 19.09
CA SER A 678 32.26 -48.78 20.25
C SER A 678 31.78 -49.63 21.43
N ALA A 679 30.83 -50.54 21.23
CA ALA A 679 30.40 -51.44 22.30
C ALA A 679 30.11 -52.83 21.77
N GLY A 680 30.82 -53.24 20.72
CA GLY A 680 30.67 -54.60 20.22
C GLY A 680 31.22 -55.64 21.17
N ILE A 681 32.34 -55.33 21.84
CA ILE A 681 32.84 -56.23 22.88
C ILE A 681 31.90 -56.21 24.08
N THR A 682 31.22 -55.09 24.31
CA THR A 682 30.24 -55.02 25.38
C THR A 682 29.06 -55.94 25.07
N MET A 683 28.62 -55.94 23.82
CA MET A 683 27.59 -56.86 23.40
C MET A 683 28.09 -58.31 23.39
N ALA A 684 29.38 -58.52 23.09
CA ALA A 684 29.95 -59.85 23.13
C ALA A 684 29.92 -60.44 24.52
N THR A 685 30.45 -59.70 25.49
CA THR A 685 30.45 -60.15 26.88
C THR A 685 29.04 -60.18 27.46
N ALA A 686 28.17 -59.28 27.03
CA ALA A 686 26.80 -59.25 27.53
C ALA A 686 26.02 -60.48 27.09
N ILE A 687 26.10 -60.82 25.81
CA ILE A 687 25.37 -61.99 25.28
C ILE A 687 25.99 -63.28 25.80
N ALA A 688 27.32 -63.34 25.93
CA ALA A 688 27.96 -64.51 26.50
C ALA A 688 27.63 -64.66 27.98
N SER A 689 27.45 -63.54 28.67
CA SER A 689 27.02 -63.57 30.06
C SER A 689 25.58 -64.05 30.17
N ALA A 690 24.74 -63.67 29.20
CA ALA A 690 23.34 -64.06 29.24
C ALA A 690 23.13 -65.52 28.86
N LEU A 691 23.92 -66.02 27.90
CA LEU A 691 23.68 -67.34 27.33
C LEU A 691 24.17 -68.50 28.20
N SER A 692 24.64 -68.23 29.40
CA SER A 692 24.96 -69.28 30.35
C SER A 692 24.51 -68.96 31.76
N ARG A 693 23.67 -67.93 31.95
CA ARG A 693 23.17 -67.45 33.25
C ARG A 693 24.34 -67.11 34.18
N ARG A 694 25.20 -66.21 33.73
CA ARG A 694 26.51 -66.03 34.35
C ARG A 694 26.86 -64.55 34.41
N PRO A 695 27.06 -63.97 35.60
CA PRO A 695 27.32 -62.53 35.69
C PRO A 695 28.68 -62.13 35.13
N ALA A 696 28.74 -60.94 34.56
CA ALA A 696 30.00 -60.34 34.17
C ALA A 696 30.70 -59.74 35.39
N ARG A 697 31.85 -59.10 35.15
CA ARG A 697 32.64 -58.65 36.29
C ARG A 697 32.17 -57.32 36.85
N MET A 698 32.83 -56.88 37.91
CA MET A 698 32.30 -55.91 38.86
C MET A 698 33.01 -54.56 38.68
N ASP A 699 32.24 -53.54 38.28
CA ASP A 699 32.71 -52.14 38.14
C ASP A 699 33.86 -51.99 37.14
N ILE A 700 33.66 -52.46 35.90
CA ILE A 700 34.70 -52.43 34.88
C ILE A 700 34.15 -51.85 33.59
N ALA A 701 34.74 -50.75 33.12
CA ALA A 701 34.35 -50.08 31.90
C ALA A 701 35.16 -50.63 30.73
N MET A 702 34.66 -50.37 29.51
CA MET A 702 35.20 -50.95 28.27
C MET A 702 34.49 -50.39 27.06
N THR A 703 35.17 -50.53 25.91
CA THR A 703 34.70 -50.08 24.61
C THR A 703 35.54 -50.78 23.54
N GLY A 704 34.95 -51.09 22.39
CA GLY A 704 35.73 -51.74 21.35
C GLY A 704 34.87 -52.27 20.22
N GLU A 705 35.50 -53.09 19.38
CA GLU A 705 34.86 -53.69 18.21
C GLU A 705 35.24 -55.16 18.12
N VAL A 706 34.33 -55.98 17.60
CA VAL A 706 34.54 -57.42 17.42
C VAL A 706 34.63 -57.73 15.93
N SER A 707 35.71 -58.38 15.52
CA SER A 707 35.84 -58.83 14.14
C SER A 707 35.22 -60.21 13.96
N LEU A 708 35.24 -60.70 12.72
CA LEU A 708 34.65 -61.99 12.41
C LEU A 708 35.45 -63.14 13.04
N ARG A 709 36.78 -63.05 12.99
CA ARG A 709 37.61 -64.13 13.50
C ARG A 709 37.60 -64.21 15.02
N GLY A 710 37.54 -63.05 15.70
CA GLY A 710 37.66 -63.02 17.14
C GLY A 710 38.77 -62.11 17.61
N LYS A 711 39.13 -61.14 16.78
CA LYS A 711 40.15 -60.15 17.09
C LYS A 711 39.48 -58.81 17.40
N VAL A 712 39.97 -58.11 18.40
CA VAL A 712 39.39 -56.82 18.76
C VAL A 712 39.92 -55.75 17.82
N MET A 713 39.07 -55.30 16.89
CA MET A 713 39.45 -54.22 16.00
C MET A 713 39.51 -52.90 16.75
N PRO A 714 40.40 -51.98 16.37
CA PRO A 714 40.46 -50.69 17.06
C PRO A 714 39.30 -49.79 16.72
N ILE A 715 39.09 -48.80 17.59
CA ILE A 715 38.08 -47.77 17.38
C ILE A 715 38.73 -46.42 17.68
N GLY A 716 38.23 -45.38 17.03
CA GLY A 716 38.90 -44.10 17.09
C GLY A 716 38.43 -43.21 18.23
N GLY A 717 39.28 -42.23 18.56
CA GLY A 717 38.97 -41.18 19.52
C GLY A 717 38.68 -41.66 20.93
N VAL A 718 39.52 -42.58 21.44
CA VAL A 718 39.26 -43.22 22.72
C VAL A 718 39.60 -42.33 23.91
N LYS A 719 40.09 -41.12 23.65
CA LYS A 719 40.26 -40.12 24.70
C LYS A 719 38.94 -39.79 25.37
N GLU A 720 37.86 -39.70 24.58
CA GLU A 720 36.54 -39.38 25.11
C GLU A 720 36.03 -40.43 26.07
N LYS A 721 36.02 -41.69 25.63
CA LYS A 721 35.50 -42.77 26.45
C LYS A 721 36.41 -43.06 27.63
N LEU A 722 37.71 -42.83 27.46
CA LEU A 722 38.64 -43.05 28.57
C LEU A 722 38.46 -41.99 29.65
N LEU A 723 38.27 -40.73 29.24
CA LEU A 723 37.99 -39.65 30.19
C LEU A 723 36.64 -39.81 30.87
N ALA A 724 35.63 -40.28 30.12
CA ALA A 724 34.35 -40.59 30.74
C ALA A 724 34.47 -41.72 31.75
N ALA A 725 35.28 -42.73 31.42
CA ALA A 725 35.51 -43.83 32.35
C ALA A 725 36.26 -43.37 33.59
N HIS A 726 37.22 -42.46 33.43
CA HIS A 726 37.90 -41.85 34.57
C HIS A 726 36.92 -41.09 35.44
N GLN A 727 35.99 -40.40 34.80
CA GLN A 727 35.00 -39.67 35.57
C GLN A 727 33.92 -40.62 36.11
N ALA A 728 33.83 -41.84 35.57
CA ALA A 728 32.74 -42.77 35.88
C ALA A 728 32.83 -43.40 37.25
N GLY A 729 33.91 -43.18 38.00
CA GLY A 729 34.11 -44.00 39.18
C GLY A 729 34.54 -45.40 38.85
N ILE A 730 35.03 -45.63 37.64
CA ILE A 730 35.45 -46.93 37.16
C ILE A 730 36.92 -46.81 36.77
N HIS A 731 37.73 -47.79 37.17
CA HIS A 731 39.16 -47.66 36.92
C HIS A 731 39.76 -48.79 36.11
N LYS A 732 39.29 -50.01 36.25
CA LYS A 732 39.67 -51.05 35.29
C LYS A 732 38.92 -50.74 34.02
N ILE A 733 39.64 -50.29 32.99
CA ILE A 733 39.05 -50.06 31.68
C ILE A 733 39.74 -50.96 30.67
N VAL A 734 39.02 -51.31 29.62
CA VAL A 734 39.50 -52.23 28.61
C VAL A 734 39.51 -51.52 27.26
N LEU A 735 40.67 -51.45 26.62
CA LEU A 735 40.88 -50.79 25.34
C LEU A 735 41.74 -51.73 24.49
N PRO A 736 41.59 -51.71 23.16
CA PRO A 736 42.43 -52.59 22.33
C PRO A 736 43.89 -52.17 22.30
N LYS A 737 44.76 -53.17 22.09
CA LYS A 737 46.17 -52.88 21.84
C LYS A 737 46.42 -52.28 20.48
N ASP A 738 45.46 -52.38 19.57
CA ASP A 738 45.55 -51.60 18.34
C ASP A 738 45.20 -50.15 18.61
N ASN A 739 44.41 -49.89 19.64
CA ASN A 739 44.15 -48.54 20.13
C ASN A 739 45.15 -48.07 21.16
N GLU A 740 46.19 -48.88 21.45
CA GLU A 740 47.23 -48.49 22.38
C GLU A 740 48.01 -47.26 21.90
N ALA A 741 48.10 -47.05 20.58
CA ALA A 741 48.71 -45.85 20.05
C ALA A 741 47.91 -44.61 20.43
N GLN A 742 46.58 -44.73 20.50
CA GLN A 742 45.74 -43.60 20.88
C GLN A 742 45.71 -43.37 22.38
N LEU A 743 46.35 -44.23 23.16
CA LEU A 743 46.42 -44.01 24.60
C LEU A 743 47.24 -42.77 24.94
N GLU A 744 48.40 -42.62 24.29
CA GLU A 744 49.34 -41.56 24.63
C GLU A 744 49.06 -40.26 23.89
N GLU A 745 47.84 -40.08 23.39
CA GLU A 745 47.39 -38.81 22.82
C GLU A 745 46.82 -37.87 23.87
N LEU A 746 47.15 -38.10 25.13
CA LEU A 746 46.47 -37.55 26.29
C LEU A 746 47.49 -36.87 27.19
N PRO A 747 47.03 -35.99 28.08
CA PRO A 747 47.87 -35.62 29.22
C PRO A 747 48.15 -36.82 30.11
N LYS A 748 49.28 -36.77 30.81
CA LYS A 748 49.71 -37.93 31.57
C LYS A 748 48.92 -38.14 32.86
N GLU A 749 48.35 -37.06 33.41
CA GLU A 749 47.43 -37.16 34.55
C GLU A 749 46.23 -38.04 34.20
N VAL A 750 45.76 -37.92 32.96
CA VAL A 750 44.61 -38.67 32.47
C VAL A 750 44.88 -40.17 32.51
N LEU A 751 46.05 -40.58 32.03
CA LEU A 751 46.37 -41.99 31.96
C LEU A 751 46.82 -42.53 33.31
N GLU A 752 47.39 -41.65 34.14
CA GLU A 752 47.73 -42.07 35.51
C GLU A 752 46.48 -42.22 36.37
N GLY A 753 45.38 -41.57 36.00
CA GLY A 753 44.15 -41.72 36.76
C GLY A 753 43.49 -43.08 36.62
N LEU A 754 43.81 -43.81 35.55
CA LEU A 754 43.13 -45.07 35.25
C LEU A 754 44.13 -46.21 35.07
N GLU A 755 43.67 -47.41 35.38
CA GLU A 755 44.42 -48.62 35.09
C GLU A 755 43.99 -49.15 33.72
N ILE A 756 44.57 -48.52 32.69
CA ILE A 756 44.23 -48.90 31.32
C ILE A 756 44.74 -50.28 31.02
N LYS A 757 43.82 -51.18 30.68
CA LYS A 757 44.15 -52.53 30.28
C LYS A 757 44.07 -52.62 28.77
N LEU A 758 44.91 -53.47 28.19
CA LEU A 758 45.14 -53.47 26.75
C LEU A 758 44.97 -54.87 26.19
N VAL A 759 44.13 -55.01 25.16
CA VAL A 759 43.65 -56.30 24.69
C VAL A 759 43.78 -56.40 23.17
N GLU A 760 43.68 -57.63 22.67
CA GLU A 760 43.43 -57.85 21.24
C GLU A 760 42.40 -58.91 20.92
N ASP A 761 42.10 -59.85 21.83
CA ASP A 761 41.21 -60.96 21.51
C ASP A 761 39.86 -60.75 22.16
N VAL A 762 38.81 -61.26 21.50
CA VAL A 762 37.47 -61.22 22.10
C VAL A 762 37.35 -62.26 23.21
N GLY A 763 38.11 -63.36 23.11
CA GLY A 763 38.19 -64.28 24.23
C GLY A 763 38.88 -63.65 25.42
N GLU A 764 39.88 -62.79 25.14
CA GLU A 764 40.60 -62.05 26.18
C GLU A 764 39.66 -61.13 26.96
N VAL A 765 38.77 -60.41 26.25
CA VAL A 765 37.84 -59.55 26.96
C VAL A 765 36.68 -60.35 27.55
N LEU A 766 36.46 -61.58 27.09
CA LEU A 766 35.57 -62.48 27.83
C LEU A 766 36.16 -62.80 29.20
N GLU A 767 37.47 -63.04 29.27
CA GLU A 767 38.03 -63.27 30.61
C GLU A 767 38.15 -61.98 31.42
N TYR A 768 38.27 -60.85 30.72
CA TYR A 768 38.45 -59.53 31.38
C TYR A 768 37.20 -59.14 32.18
N LEU A 769 36.01 -59.40 31.65
CA LEU A 769 34.77 -58.94 32.34
C LEU A 769 33.81 -60.12 32.54
N LEU A 770 34.17 -61.06 33.43
CA LEU A 770 33.28 -62.20 33.74
C LEU A 770 33.71 -62.76 35.10
N LEU A 771 32.79 -62.85 36.07
CA LEU A 771 33.15 -63.48 37.36
C LEU A 771 33.95 -64.75 37.03
N PRO A 772 33.42 -65.68 36.20
CA PRO A 772 34.18 -66.83 35.75
C PRO A 772 34.84 -66.42 34.43
N GLU A 773 36.15 -66.17 34.46
CA GLU A 773 36.86 -65.67 33.24
C GLU A 773 36.42 -66.48 32.01
N PRO A 774 36.41 -67.83 32.05
CA PRO A 774 35.90 -68.62 30.93
C PRO A 774 34.38 -68.48 30.79
N ARG B 2 -16.50 68.06 -58.06
CA ARG B 2 -15.62 67.42 -59.03
C ARG B 2 -14.17 67.72 -58.65
N LEU B 3 -13.46 68.47 -59.50
CA LEU B 3 -12.17 69.08 -59.19
C LEU B 3 -11.11 68.02 -58.84
N GLU B 4 -10.65 67.33 -59.89
CA GLU B 4 -9.49 66.43 -59.81
C GLU B 4 -8.31 67.08 -59.09
N LEU B 5 -7.95 66.50 -57.95
CA LEU B 5 -6.95 67.02 -57.05
C LEU B 5 -5.95 65.91 -56.74
N PRO B 6 -4.72 66.26 -56.35
CA PRO B 6 -3.81 65.25 -55.81
C PRO B 6 -4.35 64.69 -54.51
N VAL B 7 -4.75 63.42 -54.55
CA VAL B 7 -5.46 62.81 -53.43
C VAL B 7 -4.48 62.48 -52.33
N ILE B 8 -4.77 62.96 -51.12
CA ILE B 8 -3.84 62.88 -49.98
C ILE B 8 -4.26 61.68 -49.14
N PRO B 9 -3.45 60.63 -49.05
CA PRO B 9 -3.73 59.56 -48.09
C PRO B 9 -3.55 60.05 -46.67
N LEU B 10 -4.48 59.65 -45.80
CA LEU B 10 -4.45 60.06 -44.40
C LEU B 10 -4.45 58.83 -43.52
N ARG B 11 -3.61 58.85 -42.48
CA ARG B 11 -3.57 57.79 -41.48
C ARG B 11 -3.58 58.30 -40.05
N ASN B 12 -3.21 59.55 -39.79
CA ASN B 12 -2.92 60.00 -38.44
C ASN B 12 -3.52 61.36 -38.13
N THR B 13 -4.54 61.78 -38.88
CA THR B 13 -5.20 63.04 -38.59
C THR B 13 -6.67 62.94 -38.98
N VAL B 14 -7.51 63.64 -38.21
CA VAL B 14 -8.94 63.75 -38.46
C VAL B 14 -9.30 65.23 -38.49
N ILE B 15 -9.90 65.67 -39.58
CA ILE B 15 -10.22 67.07 -39.77
C ILE B 15 -11.64 67.32 -39.27
N LEU B 16 -11.95 68.60 -39.05
CA LEU B 16 -13.28 69.00 -38.60
C LEU B 16 -13.88 69.95 -39.62
N PRO B 17 -15.12 69.73 -40.07
CA PRO B 17 -15.78 70.72 -40.92
C PRO B 17 -16.10 71.99 -40.16
N HIS B 18 -15.99 73.12 -40.86
CA HIS B 18 -16.24 74.48 -40.35
C HIS B 18 -15.36 74.84 -39.16
N THR B 19 -14.20 74.20 -39.03
CA THR B 19 -13.26 74.44 -37.94
C THR B 19 -11.86 74.21 -38.47
N THR B 20 -10.93 75.09 -38.10
CA THR B 20 -9.53 74.89 -38.47
C THR B 20 -8.95 73.71 -37.72
N THR B 21 -8.34 72.79 -38.47
CA THR B 21 -7.78 71.56 -37.90
C THR B 21 -6.58 71.17 -38.75
N PRO B 22 -5.39 71.03 -38.15
CA PRO B 22 -4.19 70.76 -38.95
C PRO B 22 -4.18 69.35 -39.53
N VAL B 23 -3.73 69.24 -40.78
CA VAL B 23 -3.55 67.95 -41.44
C VAL B 23 -2.11 67.53 -41.26
N ASP B 24 -1.91 66.37 -40.63
CA ASP B 24 -0.58 65.88 -40.30
C ASP B 24 -0.15 64.84 -41.32
N VAL B 25 0.92 65.15 -42.06
CA VAL B 25 1.52 64.21 -43.01
C VAL B 25 3.01 64.18 -42.72
N GLY B 26 3.52 63.01 -42.33
CA GLY B 26 4.91 62.89 -41.96
C GLY B 26 5.68 61.92 -42.83
N ARG B 27 5.08 61.50 -43.94
CA ARG B 27 5.69 60.55 -44.86
C ARG B 27 6.50 61.30 -45.91
N ALA B 28 7.59 60.66 -46.36
CA ALA B 28 8.57 61.34 -47.21
C ALA B 28 8.03 61.56 -48.62
N LYS B 29 7.39 60.56 -49.21
CA LYS B 29 6.86 60.69 -50.56
C LYS B 29 5.40 61.10 -50.59
N SER B 30 4.79 61.37 -49.44
CA SER B 30 3.43 61.91 -49.41
C SER B 30 3.39 63.43 -49.32
N LYS B 31 4.43 64.06 -48.76
CA LYS B 31 4.40 65.51 -48.58
C LYS B 31 4.49 66.25 -49.91
N ARG B 32 5.02 65.59 -50.95
CA ARG B 32 5.03 66.18 -52.29
C ARG B 32 3.62 66.36 -52.82
N ALA B 33 2.76 65.38 -52.58
CA ALA B 33 1.36 65.48 -53.02
C ALA B 33 0.61 66.54 -52.22
N VAL B 34 0.93 66.72 -50.94
CA VAL B 34 0.28 67.76 -50.15
C VAL B 34 0.75 69.13 -50.60
N GLU B 35 2.04 69.25 -50.93
CA GLU B 35 2.57 70.49 -51.50
C GLU B 35 1.91 70.81 -52.84
N GLU B 36 1.65 69.78 -53.65
CA GLU B 36 0.88 69.95 -54.88
C GLU B 36 -0.58 70.33 -54.57
N ALA B 37 -1.11 69.87 -53.44
CA ALA B 37 -2.48 70.19 -53.07
C ALA B 37 -2.62 71.66 -52.66
N MET B 38 -1.66 72.19 -51.90
CA MET B 38 -1.65 73.64 -51.67
C MET B 38 -1.25 74.40 -52.94
N GLY B 39 -0.51 73.76 -53.85
CA GLY B 39 -0.25 74.33 -55.16
C GLY B 39 -1.41 74.24 -56.13
N ALA B 40 -2.50 73.59 -55.74
CA ALA B 40 -3.73 73.49 -56.50
C ALA B 40 -4.73 74.54 -56.07
N ASP B 41 -4.23 75.75 -55.80
CA ASP B 41 -5.00 76.92 -55.32
C ASP B 41 -5.66 76.63 -53.97
N ARG B 42 -4.85 76.09 -53.04
CA ARG B 42 -5.23 75.81 -51.65
C ARG B 42 -6.43 74.87 -51.57
N LEU B 43 -6.46 73.86 -52.44
CA LEU B 43 -7.58 72.95 -52.54
C LEU B 43 -7.08 71.54 -52.31
N ILE B 44 -7.56 70.90 -51.26
CA ILE B 44 -7.08 69.59 -50.85
C ILE B 44 -8.27 68.63 -50.86
N PHE B 45 -8.08 67.47 -51.48
CA PHE B 45 -9.08 66.40 -51.45
C PHE B 45 -8.54 65.30 -50.56
N LEU B 46 -9.07 65.21 -49.33
CA LEU B 46 -8.56 64.31 -48.32
C LEU B 46 -9.33 62.99 -48.39
N VAL B 47 -8.64 61.93 -48.80
CA VAL B 47 -9.16 60.58 -48.83
C VAL B 47 -8.23 59.72 -48.01
N ALA B 48 -8.70 59.24 -46.86
CA ALA B 48 -7.84 58.52 -45.94
C ALA B 48 -7.71 57.06 -46.36
N GLN B 49 -7.09 56.27 -45.48
CA GLN B 49 -6.85 54.87 -45.82
C GLN B 49 -6.74 54.04 -44.54
N ARG B 50 -7.12 52.76 -44.66
CA ARG B 50 -6.81 51.73 -43.69
C ARG B 50 -6.21 50.48 -44.31
N ASP B 51 -6.01 50.47 -45.63
CA ASP B 51 -5.29 49.42 -46.33
C ASP B 51 -3.80 49.47 -45.98
N PRO B 52 -3.01 48.39 -46.33
CA PRO B 52 -1.54 48.47 -46.23
C PRO B 52 -0.91 49.72 -46.81
N GLU B 53 -0.27 50.49 -45.92
CA GLU B 53 0.00 51.91 -46.13
C GLU B 53 1.28 52.09 -46.91
N VAL B 54 1.21 52.90 -47.97
CA VAL B 54 2.37 53.36 -48.72
C VAL B 54 2.30 54.87 -48.82
N ASP B 55 3.48 55.52 -48.83
CA ASP B 55 3.51 56.97 -48.90
C ASP B 55 3.13 57.50 -50.28
N ASP B 56 3.33 56.71 -51.33
CA ASP B 56 2.88 57.10 -52.67
C ASP B 56 1.36 57.03 -52.75
N PRO B 57 0.73 57.97 -53.47
CA PRO B 57 -0.72 57.89 -53.67
C PRO B 57 -1.11 56.73 -54.59
N ALA B 58 -1.78 55.72 -54.03
CA ALA B 58 -2.17 54.52 -54.77
C ALA B 58 -3.67 54.32 -54.66
N PRO B 59 -4.37 54.06 -55.77
CA PRO B 59 -5.85 53.96 -55.70
C PRO B 59 -6.35 52.69 -55.05
N ASP B 60 -5.60 51.58 -55.16
CA ASP B 60 -6.03 50.33 -54.56
C ASP B 60 -5.90 50.34 -53.04
N ASP B 61 -5.07 51.22 -52.48
CA ASP B 61 -4.82 51.27 -51.05
C ASP B 61 -5.58 52.39 -50.34
N LEU B 62 -6.50 53.05 -51.01
CA LEU B 62 -7.27 54.16 -50.44
C LEU B 62 -8.73 53.78 -50.27
N TYR B 63 -9.52 54.72 -49.76
CA TYR B 63 -10.94 54.54 -49.58
C TYR B 63 -11.68 54.81 -50.90
N THR B 64 -12.98 54.52 -50.89
CA THR B 64 -13.90 55.00 -51.90
C THR B 64 -14.65 56.23 -51.41
N TRP B 65 -14.31 56.73 -50.23
CA TRP B 65 -15.00 57.82 -49.56
C TRP B 65 -14.02 58.98 -49.39
N GLY B 66 -14.53 60.20 -49.48
CA GLY B 66 -13.65 61.35 -49.48
C GLY B 66 -14.29 62.58 -48.89
N VAL B 67 -13.48 63.62 -48.73
CA VAL B 67 -13.93 64.89 -48.17
C VAL B 67 -13.06 66.00 -48.74
N GLN B 68 -13.65 67.16 -48.93
CA GLN B 68 -12.91 68.31 -49.43
C GLN B 68 -12.18 69.01 -48.29
N ALA B 69 -11.22 69.86 -48.65
CA ALA B 69 -10.45 70.61 -47.66
C ALA B 69 -9.89 71.85 -48.33
N VAL B 70 -10.35 73.03 -47.90
CA VAL B 70 -9.81 74.30 -48.37
C VAL B 70 -8.88 74.84 -47.30
N VAL B 71 -7.87 75.62 -47.70
CA VAL B 71 -6.86 76.11 -46.78
C VAL B 71 -7.18 77.54 -46.42
N LYS B 72 -7.35 77.80 -45.12
CA LYS B 72 -7.66 79.15 -44.66
C LYS B 72 -6.41 80.01 -44.54
N GLN B 73 -5.33 79.48 -43.95
CA GLN B 73 -4.07 80.20 -43.80
C GLN B 73 -3.01 79.44 -44.59
N ALA B 74 -2.51 80.07 -45.65
CA ALA B 74 -1.61 79.41 -46.59
C ALA B 74 -0.20 79.25 -46.04
N MET B 75 0.04 78.14 -45.33
CA MET B 75 1.38 77.79 -44.88
C MET B 75 1.62 76.31 -45.11
N ARG B 76 2.83 75.97 -45.55
CA ARG B 76 3.22 74.59 -45.80
C ARG B 76 4.60 74.34 -45.22
N LEU B 77 4.91 73.06 -45.01
CA LEU B 77 6.21 72.66 -44.52
C LEU B 77 6.87 71.69 -45.50
N PRO B 78 8.14 71.91 -45.85
CA PRO B 78 8.80 71.01 -46.80
C PRO B 78 9.32 69.73 -46.19
N ASP B 79 9.30 69.59 -44.87
CA ASP B 79 9.84 68.42 -44.21
C ASP B 79 9.13 68.20 -42.87
N GLY B 80 9.24 66.98 -42.36
CA GLY B 80 8.61 66.63 -41.11
C GLY B 80 7.10 66.52 -41.24
N THR B 81 6.45 66.55 -40.08
CA THR B 81 4.99 66.52 -40.03
C THR B 81 4.45 67.86 -40.50
N LEU B 82 3.66 67.84 -41.57
CA LEU B 82 3.17 69.08 -42.17
C LEU B 82 2.10 69.71 -41.28
N GLN B 83 2.03 71.04 -41.32
CA GLN B 83 1.05 71.79 -40.55
C GLN B 83 0.27 72.69 -41.49
N VAL B 84 -0.96 72.28 -41.83
CA VAL B 84 -1.87 73.11 -42.59
C VAL B 84 -3.30 72.87 -42.09
N MET B 85 -3.95 73.93 -41.60
CA MET B 85 -5.28 73.82 -41.03
C MET B 85 -6.29 73.98 -42.18
N VAL B 86 -7.21 73.03 -42.27
CA VAL B 86 -8.15 72.99 -43.36
C VAL B 86 -9.57 73.15 -42.83
N GLU B 87 -10.51 73.31 -43.75
CA GLU B 87 -11.93 73.47 -43.42
C GLU B 87 -12.73 72.69 -44.45
N ALA B 88 -13.31 71.57 -44.02
CA ALA B 88 -14.12 70.75 -44.92
C ALA B 88 -15.48 71.38 -45.16
N ARG B 89 -15.62 72.13 -46.25
CA ARG B 89 -16.91 72.76 -46.55
C ARG B 89 -17.96 71.74 -46.96
N ALA B 90 -17.56 70.66 -47.61
CA ALA B 90 -18.48 69.60 -47.98
C ALA B 90 -17.71 68.28 -48.07
N ARG B 91 -18.45 67.18 -47.95
CA ARG B 91 -17.92 65.84 -48.14
C ARG B 91 -18.13 65.42 -49.58
N ALA B 92 -17.49 64.32 -49.96
CA ALA B 92 -17.46 63.94 -51.36
C ALA B 92 -17.29 62.44 -51.47
N GLN B 93 -17.00 61.97 -52.69
CA GLN B 93 -16.80 60.56 -52.98
C GLN B 93 -15.58 60.42 -53.89
N VAL B 94 -15.12 59.18 -54.05
CA VAL B 94 -14.00 58.87 -54.93
C VAL B 94 -14.55 58.16 -56.16
N THR B 95 -14.32 58.75 -57.34
CA THR B 95 -14.82 58.19 -58.58
C THR B 95 -13.70 57.84 -59.57
N ASP B 96 -12.79 58.78 -59.84
CA ASP B 96 -11.72 58.55 -60.81
C ASP B 96 -10.64 57.68 -60.19
N TYR B 97 -10.23 56.65 -60.92
CA TYR B 97 -9.18 55.74 -60.47
C TYR B 97 -7.98 55.94 -61.40
N ILE B 98 -7.04 56.75 -60.97
CA ILE B 98 -5.83 57.03 -61.74
C ILE B 98 -4.62 56.54 -60.96
N PRO B 99 -3.79 55.65 -61.52
CA PRO B 99 -2.63 55.16 -60.78
C PRO B 99 -1.56 56.23 -60.57
N GLY B 100 -1.40 56.66 -59.33
CA GLY B 100 -0.41 57.66 -58.99
C GLY B 100 0.94 57.05 -58.71
N PRO B 101 1.93 57.89 -58.32
CA PRO B 101 1.86 59.35 -58.19
C PRO B 101 2.00 60.09 -59.53
N TYR B 102 1.26 61.19 -59.72
CA TYR B 102 0.29 61.71 -58.76
C TYR B 102 -1.10 61.18 -59.06
N LEU B 103 -1.78 60.71 -58.02
CA LEU B 103 -3.16 60.25 -58.18
C LEU B 103 -4.07 61.46 -58.38
N ARG B 104 -5.06 61.31 -59.24
CA ARG B 104 -6.03 62.37 -59.48
C ARG B 104 -7.43 61.78 -59.43
N ALA B 105 -8.30 62.40 -58.64
CA ALA B 105 -9.67 61.93 -58.49
C ALA B 105 -10.56 63.11 -58.15
N ARG B 106 -11.83 63.01 -58.56
CA ARG B 106 -12.77 64.09 -58.39
C ARG B 106 -13.49 63.99 -57.06
N GLY B 107 -14.14 65.09 -56.68
CA GLY B 107 -14.94 65.14 -55.47
C GLY B 107 -16.34 65.68 -55.73
N GLU B 108 -16.78 66.61 -54.89
CA GLU B 108 -18.12 67.18 -55.05
C GLU B 108 -18.06 68.70 -55.07
N VAL B 109 -19.22 69.34 -55.02
CA VAL B 109 -19.27 70.80 -55.06
C VAL B 109 -18.86 71.38 -53.70
N PHE B 110 -18.50 72.66 -53.71
CA PHE B 110 -18.13 73.36 -52.49
C PHE B 110 -19.34 73.84 -51.71
N SER B 111 -20.54 73.80 -52.31
CA SER B 111 -21.74 74.21 -51.60
C SER B 111 -22.11 73.18 -50.53
N GLU B 112 -22.85 73.64 -49.52
CA GLU B 112 -23.22 72.78 -48.42
C GLU B 112 -24.28 71.77 -48.86
N ILE B 113 -24.07 70.51 -48.49
CA ILE B 113 -25.00 69.43 -48.80
C ILE B 113 -25.98 69.29 -47.65
N PHE B 114 -27.27 69.24 -47.98
CA PHE B 114 -28.31 69.18 -46.98
C PHE B 114 -28.98 67.82 -46.99
N PRO B 115 -29.35 67.27 -45.84
CA PRO B 115 -29.98 65.94 -45.81
C PRO B 115 -31.40 65.98 -46.34
N ILE B 116 -31.83 64.83 -46.86
CA ILE B 116 -33.20 64.70 -47.36
C ILE B 116 -34.19 64.70 -46.20
N ASP B 117 -33.78 64.18 -45.05
CA ASP B 117 -34.58 64.24 -43.82
C ASP B 117 -33.91 65.15 -42.82
N GLU B 118 -34.71 66.01 -42.18
CA GLU B 118 -34.18 66.95 -41.21
C GLU B 118 -34.82 66.87 -39.84
N ALA B 119 -35.96 66.19 -39.68
CA ALA B 119 -36.57 66.07 -38.36
C ALA B 119 -36.02 64.86 -37.61
N VAL B 120 -36.17 63.67 -38.20
CA VAL B 120 -35.71 62.43 -37.56
C VAL B 120 -34.19 62.41 -37.48
N VAL B 121 -33.51 62.99 -38.49
CA VAL B 121 -32.05 63.05 -38.49
C VAL B 121 -31.54 63.92 -37.35
N ARG B 122 -32.17 65.08 -37.12
CA ARG B 122 -31.74 65.93 -36.02
C ARG B 122 -32.18 65.37 -34.67
N VAL B 123 -33.26 64.57 -34.63
CA VAL B 123 -33.63 63.86 -33.42
C VAL B 123 -32.56 62.83 -33.06
N LEU B 124 -32.08 62.08 -34.07
CA LEU B 124 -31.00 61.13 -33.86
C LEU B 124 -29.68 61.83 -33.51
N VAL B 125 -29.47 63.04 -34.04
CA VAL B 125 -28.27 63.81 -33.69
C VAL B 125 -28.32 64.26 -32.23
N GLU B 126 -29.50 64.71 -31.77
CA GLU B 126 -29.65 65.07 -30.36
C GLU B 126 -29.56 63.84 -29.45
N GLU B 127 -30.07 62.70 -29.91
CA GLU B 127 -29.92 61.46 -29.15
C GLU B 127 -28.47 61.00 -29.10
N LEU B 128 -27.71 61.26 -30.17
CA LEU B 128 -26.29 60.96 -30.16
C LEU B 128 -25.53 61.92 -29.25
N LYS B 129 -25.98 63.17 -29.17
CA LYS B 129 -25.43 64.12 -28.20
C LYS B 129 -25.66 63.64 -26.78
N GLU B 130 -26.88 63.15 -26.50
CA GLU B 130 -27.19 62.61 -25.18
C GLU B 130 -26.42 61.33 -24.91
N ALA B 131 -26.21 60.50 -25.93
CA ALA B 131 -25.44 59.27 -25.78
C ALA B 131 -23.98 59.56 -25.47
N PHE B 132 -23.39 60.55 -26.15
CA PHE B 132 -22.02 60.91 -25.83
C PHE B 132 -21.93 61.63 -24.48
N GLU B 133 -22.96 62.37 -24.10
CA GLU B 133 -22.95 63.03 -22.80
C GLU B 133 -23.05 62.03 -21.66
N LYS B 134 -23.81 60.96 -21.86
CA LYS B 134 -23.86 59.90 -20.86
C LYS B 134 -22.70 58.92 -20.96
N TYR B 135 -21.97 58.92 -22.08
CA TYR B 135 -20.82 58.04 -22.26
C TYR B 135 -19.51 58.68 -21.81
N VAL B 136 -19.39 60.00 -21.92
CA VAL B 136 -18.13 60.68 -21.60
C VAL B 136 -17.94 60.76 -20.08
N ALA B 137 -19.03 60.62 -19.31
CA ALA B 137 -18.88 60.49 -17.86
C ALA B 137 -18.19 59.17 -17.50
N ASN B 138 -18.55 58.09 -18.18
CA ASN B 138 -17.85 56.83 -18.04
C ASN B 138 -16.53 56.81 -18.80
N HIS B 139 -16.33 57.74 -19.73
CA HIS B 139 -15.09 57.86 -20.48
C HIS B 139 -14.11 58.82 -19.82
N LYS B 140 -14.29 59.12 -18.53
CA LYS B 140 -13.31 59.94 -17.82
C LYS B 140 -12.02 59.16 -17.54
N SER B 141 -12.07 57.83 -17.59
CA SER B 141 -10.86 57.04 -17.48
C SER B 141 -9.97 57.20 -18.70
N LEU B 142 -10.55 57.57 -19.83
CA LEU B 142 -9.86 57.87 -21.08
C LEU B 142 -10.25 59.26 -21.55
N ARG B 143 -10.10 60.24 -20.64
CA ARG B 143 -10.77 61.54 -20.66
C ARG B 143 -10.55 62.32 -21.96
N LEU B 144 -11.66 62.69 -22.58
CA LEU B 144 -11.68 63.62 -23.70
C LEU B 144 -12.71 64.70 -23.39
N ASP B 145 -12.33 65.95 -23.66
CA ASP B 145 -13.17 67.07 -23.27
C ASP B 145 -14.37 67.21 -24.19
N ARG B 146 -15.53 67.49 -23.59
CA ARG B 146 -16.76 67.72 -24.33
C ARG B 146 -16.97 69.19 -24.67
N TYR B 147 -16.03 70.05 -24.29
CA TYR B 147 -16.19 71.49 -24.48
C TYR B 147 -16.17 71.87 -25.96
N GLN B 148 -15.45 71.12 -26.78
CA GLN B 148 -15.48 71.33 -28.22
C GLN B 148 -16.85 71.00 -28.80
N LEU B 149 -17.51 69.97 -28.26
CA LEU B 149 -18.87 69.66 -28.66
C LEU B 149 -19.86 70.71 -28.16
N GLU B 150 -19.63 71.24 -26.96
CA GLU B 150 -20.51 72.27 -26.41
C GLU B 150 -20.29 73.63 -27.07
N ALA B 151 -19.15 73.83 -27.73
CA ALA B 151 -18.87 75.09 -28.40
C ALA B 151 -19.45 75.17 -29.81
N VAL B 152 -20.03 74.08 -30.33
CA VAL B 152 -20.60 74.10 -31.67
C VAL B 152 -22.09 73.78 -31.60
N LYS B 153 -22.73 74.14 -30.48
CA LYS B 153 -24.15 73.87 -30.31
C LYS B 153 -25.00 74.68 -31.28
N GLY B 154 -24.65 75.94 -31.49
CA GLY B 154 -25.42 76.79 -32.37
C GLY B 154 -25.12 76.66 -33.84
N THR B 155 -24.14 75.85 -34.22
CA THR B 155 -23.81 75.70 -35.62
C THR B 155 -24.80 74.75 -36.30
N SER B 156 -25.26 75.13 -37.50
CA SER B 156 -26.19 74.34 -38.28
C SER B 156 -25.43 73.23 -39.02
N ASP B 157 -26.13 72.57 -39.97
CA ASP B 157 -25.68 71.40 -40.73
C ASP B 157 -25.21 70.29 -39.79
N PRO B 158 -26.14 69.53 -39.18
CA PRO B 158 -25.76 68.57 -38.12
C PRO B 158 -24.94 67.37 -38.58
N ALA B 159 -24.56 67.26 -39.86
CA ALA B 159 -23.59 66.25 -40.26
C ALA B 159 -22.24 66.50 -39.59
N MET B 160 -21.86 67.78 -39.47
CA MET B 160 -20.66 68.13 -38.73
C MET B 160 -20.83 67.84 -37.24
N LEU B 161 -22.06 67.96 -36.73
CA LEU B 161 -22.32 67.61 -35.34
C LEU B 161 -22.15 66.12 -35.10
N ALA B 162 -22.65 65.28 -36.02
CA ALA B 162 -22.45 63.84 -35.91
C ALA B 162 -20.98 63.48 -36.02
N ASP B 163 -20.25 64.13 -36.92
CA ASP B 163 -18.81 63.92 -37.05
C ASP B 163 -18.07 64.35 -35.79
N THR B 164 -18.55 65.42 -35.14
CA THR B 164 -17.89 65.95 -33.95
C THR B 164 -18.14 65.04 -32.74
N ILE B 165 -19.34 64.47 -32.65
CA ILE B 165 -19.61 63.45 -31.63
C ILE B 165 -18.76 62.20 -31.89
N ALA B 166 -18.63 61.81 -33.17
CA ALA B 166 -17.85 60.62 -33.51
C ALA B 166 -16.37 60.81 -33.21
N TYR B 167 -15.84 62.01 -33.46
CA TYR B 167 -14.44 62.30 -33.19
C TYR B 167 -14.14 62.32 -31.69
N HIS B 168 -15.09 62.77 -30.88
CA HIS B 168 -14.88 62.92 -29.45
C HIS B 168 -15.02 61.61 -28.70
N ALA B 169 -15.52 60.56 -29.33
CA ALA B 169 -15.68 59.25 -28.72
C ALA B 169 -14.59 58.34 -29.23
N THR B 170 -13.88 57.69 -28.30
CA THR B 170 -12.64 57.00 -28.64
C THR B 170 -12.95 55.64 -29.24
N TRP B 171 -12.58 55.47 -30.50
CA TRP B 171 -12.51 54.17 -31.17
C TRP B 171 -11.43 54.26 -32.24
N THR B 172 -11.47 53.36 -33.22
CA THR B 172 -10.46 53.30 -34.27
C THR B 172 -10.48 54.57 -35.10
N VAL B 173 -9.28 55.12 -35.36
CA VAL B 173 -9.16 56.35 -36.15
C VAL B 173 -9.54 56.09 -37.60
N ALA B 174 -9.33 54.87 -38.09
CA ALA B 174 -9.74 54.53 -39.45
C ALA B 174 -11.27 54.52 -39.59
N GLU B 175 -11.97 54.20 -38.51
CA GLU B 175 -13.43 54.25 -38.52
C GLU B 175 -13.92 55.69 -38.69
N LYS B 176 -13.32 56.64 -37.94
CA LYS B 176 -13.67 58.04 -38.11
C LYS B 176 -13.28 58.55 -39.50
N GLN B 177 -12.10 58.15 -39.97
CA GLN B 177 -11.63 58.51 -41.31
C GLN B 177 -12.50 57.96 -42.42
N GLU B 178 -13.19 56.84 -42.18
CA GLU B 178 -14.23 56.37 -43.09
C GLU B 178 -15.52 57.17 -42.97
N ILE B 179 -16.06 57.31 -41.76
CA ILE B 179 -17.44 57.78 -41.62
C ILE B 179 -17.55 59.28 -41.88
N LEU B 180 -16.47 60.02 -41.61
CA LEU B 180 -16.49 61.45 -41.92
C LEU B 180 -16.31 61.68 -43.41
N GLU B 181 -15.54 60.82 -44.06
CA GLU B 181 -15.43 60.87 -45.52
C GLU B 181 -16.62 60.18 -46.19
N LEU B 182 -17.38 59.41 -45.42
CA LEU B 182 -18.61 58.81 -45.92
C LEU B 182 -19.68 59.87 -46.16
N THR B 183 -20.30 59.81 -47.33
CA THR B 183 -21.39 60.72 -47.67
C THR B 183 -22.68 60.39 -46.92
N ASP B 184 -22.97 59.11 -46.70
CA ASP B 184 -24.22 58.67 -46.09
C ASP B 184 -24.18 59.01 -44.61
N LEU B 185 -24.89 60.08 -44.23
CA LEU B 185 -24.88 60.55 -42.85
C LEU B 185 -25.66 59.60 -41.95
N GLU B 186 -26.68 58.94 -42.50
CA GLU B 186 -27.46 57.98 -41.71
C GLU B 186 -26.65 56.72 -41.44
N ALA B 187 -25.79 56.31 -42.39
CA ALA B 187 -24.94 55.15 -42.18
C ALA B 187 -23.90 55.42 -41.11
N ARG B 188 -23.32 56.62 -41.10
CA ARG B 188 -22.35 56.95 -40.07
C ARG B 188 -23.01 57.11 -38.71
N LEU B 189 -24.27 57.58 -38.70
CA LEU B 189 -25.02 57.67 -37.45
C LEU B 189 -25.34 56.28 -36.90
N LYS B 190 -25.71 55.37 -37.80
CA LYS B 190 -25.99 53.98 -37.42
C LYS B 190 -24.72 53.30 -36.89
N LYS B 191 -23.58 53.54 -37.54
CA LYS B 191 -22.33 52.90 -37.11
C LYS B 191 -21.86 53.46 -35.78
N VAL B 192 -22.00 54.78 -35.56
CA VAL B 192 -21.62 55.39 -34.30
C VAL B 192 -22.53 54.91 -33.16
N LEU B 193 -23.84 54.85 -33.41
CA LEU B 193 -24.77 54.41 -32.38
C LEU B 193 -24.58 52.92 -32.06
N GLY B 194 -24.32 52.10 -33.09
CA GLY B 194 -24.05 50.69 -32.86
C GLY B 194 -22.74 50.44 -32.14
N LEU B 195 -21.72 51.25 -32.42
CA LEU B 195 -20.44 51.06 -31.75
C LEU B 195 -20.50 51.57 -30.31
N LEU B 196 -21.28 52.63 -30.06
CA LEU B 196 -21.53 53.05 -28.68
C LEU B 196 -22.32 51.99 -27.93
N SER B 197 -23.28 51.35 -28.60
CA SER B 197 -24.02 50.24 -28.02
C SER B 197 -23.08 49.07 -27.72
N ARG B 198 -22.12 48.82 -28.60
CA ARG B 198 -21.19 47.70 -28.41
C ARG B 198 -20.21 47.98 -27.26
N ASP B 199 -19.77 49.23 -27.10
CA ASP B 199 -18.91 49.50 -25.95
C ASP B 199 -19.71 49.53 -24.65
N LEU B 200 -20.99 49.90 -24.70
CA LEU B 200 -21.83 49.74 -23.53
C LEU B 200 -22.08 48.27 -23.21
N GLU B 201 -22.17 47.43 -24.24
CA GLU B 201 -22.20 45.98 -24.05
C GLU B 201 -20.92 45.49 -23.39
N ARG B 202 -19.78 46.05 -23.81
CA ARG B 202 -18.50 45.73 -23.18
C ARG B 202 -18.53 46.14 -21.71
N PHE B 203 -19.07 47.31 -21.41
CA PHE B 203 -19.13 47.79 -20.03
C PHE B 203 -20.03 46.93 -19.16
N GLU B 204 -21.22 46.56 -19.64
CA GLU B 204 -22.13 45.78 -18.81
C GLU B 204 -21.66 44.33 -18.67
N LEU B 205 -21.02 43.78 -19.70
CA LEU B 205 -20.40 42.48 -19.55
C LEU B 205 -19.19 42.54 -18.64
N ASP B 206 -18.48 43.67 -18.61
CA ASP B 206 -17.45 43.87 -17.60
C ASP B 206 -18.02 44.01 -16.20
N LYS B 207 -19.26 44.47 -16.06
CA LYS B 207 -19.89 44.46 -14.74
C LYS B 207 -20.25 43.04 -14.31
N ARG B 208 -20.66 42.20 -15.27
CA ARG B 208 -20.82 40.77 -14.99
C ARG B 208 -19.47 40.15 -14.60
N VAL B 209 -18.42 40.57 -15.28
CA VAL B 209 -17.05 40.15 -15.00
C VAL B 209 -16.61 40.58 -13.59
N ALA B 210 -17.01 41.79 -13.18
CA ALA B 210 -16.73 42.26 -11.82
C ALA B 210 -17.51 41.46 -10.79
N GLN B 211 -18.74 41.07 -11.14
CA GLN B 211 -19.51 40.14 -10.33
C GLN B 211 -18.79 38.81 -10.19
N ARG B 212 -18.17 38.34 -11.28
CA ARG B 212 -17.46 37.07 -11.26
C ARG B 212 -16.22 37.14 -10.36
N VAL B 213 -15.46 38.24 -10.46
CA VAL B 213 -14.26 38.36 -9.63
C VAL B 213 -14.63 38.55 -8.17
N LYS B 214 -15.77 39.21 -7.90
CA LYS B 214 -16.24 39.36 -6.54
C LYS B 214 -16.68 38.03 -5.93
N GLU B 215 -17.50 37.27 -6.68
CA GLU B 215 -18.03 36.02 -6.14
C GLU B 215 -16.95 34.98 -5.93
N GLN B 216 -15.83 35.07 -6.63
CA GLN B 216 -14.79 34.11 -6.30
C GLN B 216 -13.69 34.70 -5.41
N MET B 217 -13.54 36.04 -5.32
CA MET B 217 -12.57 36.56 -4.35
C MET B 217 -13.09 36.39 -2.94
N ASP B 218 -14.41 36.49 -2.75
CA ASP B 218 -14.94 36.23 -1.41
C ASP B 218 -14.84 34.75 -1.08
N THR B 219 -15.06 33.90 -2.09
CA THR B 219 -14.98 32.45 -1.90
C THR B 219 -13.58 32.01 -1.49
N ASN B 220 -12.55 32.61 -2.07
CA ASN B 220 -11.19 32.31 -1.64
C ASN B 220 -10.81 33.01 -0.34
N GLN B 221 -11.04 34.31 -0.23
CA GLN B 221 -10.50 35.07 0.91
C GLN B 221 -11.28 34.78 2.19
N ARG B 222 -12.61 34.66 2.09
CA ARG B 222 -13.41 34.39 3.28
C ARG B 222 -13.15 32.98 3.80
N GLU B 223 -12.96 32.02 2.88
CA GLU B 223 -12.56 30.68 3.30
C GLU B 223 -11.17 30.68 3.92
N SER B 224 -10.26 31.50 3.40
CA SER B 224 -8.94 31.62 4.03
C SER B 224 -9.05 32.21 5.43
N TYR B 225 -9.94 33.19 5.62
CA TYR B 225 -10.16 33.71 6.96
C TYR B 225 -10.87 32.70 7.84
N LEU B 226 -11.67 31.81 7.24
CA LEU B 226 -12.24 30.71 8.01
C LEU B 226 -11.15 29.72 8.45
N ARG B 227 -10.15 29.49 7.60
CA ARG B 227 -8.97 28.75 8.02
C ARG B 227 -8.25 29.46 9.15
N GLU B 228 -8.16 30.79 9.04
CA GLU B 228 -7.58 31.60 10.11
C GLU B 228 -8.38 31.44 11.40
N GLN B 229 -9.70 31.29 11.31
CA GLN B 229 -10.50 31.13 12.53
C GLN B 229 -10.36 29.73 13.13
N MET B 230 -10.40 28.68 12.30
CA MET B 230 -10.29 27.30 12.79
C MET B 230 -8.87 26.94 13.23
N LYS B 231 -7.88 27.80 12.97
CA LYS B 231 -6.62 27.70 13.71
C LYS B 231 -6.48 28.74 14.83
N ALA B 232 -6.98 29.96 14.61
CA ALA B 232 -6.75 31.12 15.46
C ALA B 232 -7.54 31.09 16.74
N ILE B 233 -8.61 30.29 16.76
CA ILE B 233 -9.35 30.10 18.04
C ILE B 233 -8.50 29.11 18.83
N GLN B 234 -7.79 28.22 18.11
CA GLN B 234 -6.96 27.19 18.77
C GLN B 234 -7.85 26.45 19.78
N LYS B 235 -9.17 26.46 19.55
CA LYS B 235 -10.12 25.76 20.44
C LYS B 235 -10.07 26.41 21.83
N GLU B 236 -9.22 27.43 22.01
CA GLU B 236 -9.14 28.17 23.30
C GLU B 236 -9.22 27.19 24.46
N LEU B 237 -10.24 27.33 25.31
CA LEU B 237 -10.37 26.47 26.52
C LEU B 237 -10.33 25.00 26.10
N GLY B 238 -11.05 24.64 25.03
CA GLY B 238 -10.99 23.26 24.51
C GLY B 238 -9.60 22.93 23.99
N GLY B 239 -8.95 23.91 23.34
CA GLY B 239 -7.59 23.70 22.80
C GLY B 239 -6.55 23.62 23.90
N GLU B 240 -6.87 24.16 25.08
CA GLU B 240 -5.93 24.08 26.23
C GLU B 240 -5.45 22.63 26.36
N ASP B 241 -6.36 21.68 26.10
CA ASP B 241 -5.97 20.24 26.12
C ASP B 241 -5.57 19.83 24.71
N GLY B 242 -4.35 19.32 24.52
CA GLY B 242 -3.88 18.92 23.18
C GLY B 242 -3.16 20.08 22.50
N LEU B 243 -3.45 21.31 22.91
CA LEU B 243 -2.76 22.50 22.34
C LEU B 243 -2.75 22.44 20.82
N SER B 244 -3.92 22.22 20.19
CA SER B 244 -4.02 22.25 18.71
C SER B 244 -3.53 20.96 18.06
N ASP B 245 -3.80 19.79 18.66
CA ASP B 245 -3.47 18.52 18.02
C ASP B 245 -1.98 18.20 17.88
N LEU B 246 -1.43 17.59 18.94
CA LEU B 246 -0.10 16.97 19.10
C LEU B 246 0.98 17.93 19.57
N GLU B 247 0.60 19.11 20.05
CA GLU B 247 1.53 19.85 20.88
C GLU B 247 1.69 19.17 22.24
N ALA B 248 0.59 18.73 22.83
CA ALA B 248 0.61 18.04 24.11
C ALA B 248 1.28 16.68 24.03
N LEU B 249 1.24 16.04 22.86
CA LEU B 249 1.97 14.79 22.71
C LEU B 249 3.48 15.03 22.66
N ARG B 250 3.90 16.17 22.10
CA ARG B 250 5.30 16.59 22.24
C ARG B 250 5.65 16.91 23.68
N LYS B 251 4.73 17.58 24.37
CA LYS B 251 4.86 17.86 25.80
C LYS B 251 5.02 16.58 26.60
N LYS B 252 4.32 15.52 26.20
CA LYS B 252 4.36 14.25 26.92
C LYS B 252 5.57 13.40 26.50
N ILE B 253 6.10 13.62 25.29
CA ILE B 253 7.45 13.14 24.98
C ILE B 253 8.44 13.72 25.99
N GLU B 254 8.35 15.03 26.20
CA GLU B 254 9.25 15.71 27.12
C GLU B 254 9.01 15.28 28.56
N GLU B 255 7.76 15.04 28.93
CA GLU B 255 7.41 14.77 30.33
C GLU B 255 7.86 13.38 30.75
N VAL B 256 7.74 12.40 29.86
CA VAL B 256 8.18 11.05 30.19
C VAL B 256 9.70 10.99 30.01
N GLY B 257 10.40 10.55 31.05
CA GLY B 257 11.84 10.42 30.98
C GLY B 257 12.25 9.19 30.19
N MET B 258 12.75 9.42 28.99
CA MET B 258 12.96 8.39 27.99
C MET B 258 14.45 8.29 27.69
N PRO B 259 14.90 7.17 27.12
CA PRO B 259 16.23 7.14 26.51
C PRO B 259 16.34 8.09 25.33
N GLU B 260 17.57 8.51 25.05
CA GLU B 260 17.81 9.58 24.08
C GLU B 260 17.54 9.13 22.66
N ALA B 261 17.79 7.86 22.32
CA ALA B 261 17.51 7.38 20.98
C ALA B 261 16.02 7.31 20.72
N VAL B 262 15.26 6.95 21.76
CA VAL B 262 13.80 7.00 21.72
C VAL B 262 13.33 8.44 21.49
N LYS B 263 13.94 9.40 22.19
CA LYS B 263 13.52 10.79 22.05
C LYS B 263 13.88 11.35 20.68
N THR B 264 15.01 10.94 20.11
CA THR B 264 15.37 11.39 18.77
C THR B 264 14.40 10.83 17.73
N LYS B 265 14.07 9.53 17.85
CA LYS B 265 13.06 8.92 16.99
C LYS B 265 11.71 9.61 17.15
N ALA B 266 11.39 10.00 18.39
CA ALA B 266 10.13 10.66 18.71
C ALA B 266 10.04 12.03 18.08
N LEU B 267 11.06 12.86 18.26
CA LEU B 267 11.03 14.22 17.73
C LEU B 267 11.13 14.22 16.22
N LYS B 268 11.91 13.28 15.66
CA LYS B 268 12.00 13.12 14.22
C LYS B 268 10.66 12.77 13.59
N GLU B 269 9.97 11.78 14.15
CA GLU B 269 8.74 11.38 13.51
C GLU B 269 7.56 12.26 13.97
N LEU B 270 7.74 13.04 15.03
CA LEU B 270 6.81 14.12 15.30
C LEU B 270 6.96 15.24 14.27
N ASP B 271 8.18 15.46 13.80
CA ASP B 271 8.37 16.33 12.63
C ASP B 271 7.82 15.68 11.37
N ARG B 272 7.77 14.35 11.32
CA ARG B 272 7.02 13.68 10.26
C ARG B 272 5.52 13.86 10.45
N LEU B 273 5.09 14.23 11.64
CA LEU B 273 3.69 14.57 11.89
C LEU B 273 3.50 16.06 11.62
N GLU B 274 2.31 16.58 11.94
CA GLU B 274 1.85 17.93 11.60
C GLU B 274 1.99 18.23 10.11
N ARG B 275 1.67 17.24 9.28
CA ARG B 275 1.84 17.34 7.84
C ARG B 275 0.54 17.17 7.10
N MET B 276 -0.52 17.87 7.52
CA MET B 276 -1.87 17.77 6.95
C MET B 276 -2.38 16.32 7.05
N GLN B 277 -2.70 15.96 8.30
CA GLN B 277 -3.16 14.63 8.70
C GLN B 277 -4.29 14.08 7.85
N GLN B 278 -5.21 14.97 7.45
CA GLN B 278 -6.28 14.57 6.56
C GLN B 278 -5.73 14.30 5.17
N GLY B 279 -6.26 13.26 4.52
CA GLY B 279 -5.67 12.79 3.29
C GLY B 279 -4.42 11.97 3.49
N SER B 280 -4.16 11.49 4.70
CA SER B 280 -2.94 10.75 5.00
C SER B 280 -3.19 9.85 6.20
N PRO B 281 -3.55 8.58 5.96
CA PRO B 281 -3.57 7.60 7.05
C PRO B 281 -2.18 7.21 7.52
N GLU B 282 -1.14 7.52 6.75
CA GLU B 282 0.22 7.32 7.22
C GLU B 282 0.54 8.26 8.37
N ALA B 283 0.02 9.49 8.33
CA ALA B 283 0.12 10.36 9.50
C ALA B 283 -0.69 9.82 10.67
N THR B 284 -1.79 9.12 10.40
CA THR B 284 -2.57 8.51 11.46
C THR B 284 -1.80 7.39 12.15
N VAL B 285 -1.15 6.51 11.37
CA VAL B 285 -0.36 5.45 11.99
C VAL B 285 0.94 6.02 12.58
N ALA B 286 1.40 7.18 12.10
CA ALA B 286 2.56 7.83 12.71
C ALA B 286 2.21 8.40 14.08
N ARG B 287 1.05 9.05 14.19
CA ARG B 287 0.56 9.49 15.50
C ARG B 287 0.24 8.30 16.39
N THR B 288 -0.21 7.18 15.81
CA THR B 288 -0.40 5.95 16.56
C THR B 288 0.91 5.45 17.13
N TYR B 289 1.98 5.49 16.34
CA TYR B 289 3.30 5.08 16.78
C TYR B 289 3.82 6.02 17.86
N LEU B 290 3.52 7.31 17.72
CA LEU B 290 3.84 8.31 18.73
C LEU B 290 3.16 8.01 20.05
N ASP B 291 1.88 7.62 19.96
CA ASP B 291 1.12 7.27 21.20
C ASP B 291 1.83 6.10 21.88
N TRP B 292 2.07 5.01 21.14
CA TRP B 292 2.76 3.83 21.72
C TRP B 292 4.08 4.28 22.37
N LEU B 293 4.85 5.11 21.67
CA LEU B 293 6.16 5.57 22.21
C LEU B 293 5.93 6.29 23.54
N THR B 294 5.00 7.24 23.58
CA THR B 294 4.74 8.02 24.82
C THR B 294 4.05 7.14 25.87
N GLU B 295 3.05 6.35 25.46
CA GLU B 295 2.28 5.53 26.43
C GLU B 295 3.19 4.48 27.07
N VAL B 296 4.08 3.86 26.29
CA VAL B 296 5.04 2.87 26.87
C VAL B 296 5.67 3.52 28.10
N PRO B 297 5.72 2.83 29.28
CA PRO B 297 6.25 3.43 30.49
C PRO B 297 7.77 3.65 30.41
N TRP B 298 8.22 4.88 30.67
CA TRP B 298 9.68 5.17 30.70
C TRP B 298 10.03 5.84 32.02
N SER B 299 10.95 5.24 32.79
CA SER B 299 11.37 5.83 34.07
C SER B 299 10.20 5.94 35.06
N LYS B 300 9.42 4.87 35.16
CA LYS B 300 8.35 4.80 36.16
C LYS B 300 8.46 3.46 36.88
N ALA B 301 8.85 3.50 38.14
CA ALA B 301 9.23 2.31 38.89
C ALA B 301 8.16 1.94 39.91
N ASP B 302 8.47 0.91 40.69
CA ASP B 302 7.68 0.43 41.80
C ASP B 302 8.57 0.22 43.03
N PRO B 303 8.03 0.44 44.23
CA PRO B 303 8.72 0.00 45.44
C PRO B 303 8.73 -1.50 45.53
N GLU B 304 9.78 -2.01 46.14
CA GLU B 304 10.00 -3.44 46.21
C GLU B 304 9.99 -3.87 47.66
N VAL B 305 10.29 -5.13 47.90
CA VAL B 305 10.63 -5.59 49.24
C VAL B 305 11.97 -6.28 49.14
N LEU B 306 12.94 -5.80 49.92
CA LEU B 306 14.29 -6.32 49.92
C LEU B 306 14.52 -7.38 50.99
N ASP B 307 13.46 -8.13 51.33
CA ASP B 307 13.53 -9.17 52.35
C ASP B 307 12.87 -10.43 51.83
N ILE B 308 13.36 -11.57 52.30
CA ILE B 308 12.77 -12.87 51.99
C ILE B 308 11.73 -13.26 53.03
N ASN B 309 11.65 -12.54 54.15
CA ASN B 309 10.78 -12.92 55.25
C ASN B 309 9.32 -12.70 54.89
N HIS B 310 9.04 -11.61 54.17
CA HIS B 310 7.67 -11.29 53.79
C HIS B 310 7.15 -12.31 52.78
N THR B 311 8.01 -12.84 51.93
CA THR B 311 7.57 -13.88 51.02
C THR B 311 7.34 -15.18 51.76
N ARG B 312 8.12 -15.42 52.83
CA ARG B 312 7.85 -16.55 53.71
C ARG B 312 6.47 -16.43 54.36
N GLN B 313 6.14 -15.23 54.87
CA GLN B 313 4.84 -15.09 55.54
C GLN B 313 3.68 -15.11 54.55
N VAL B 314 3.92 -14.66 53.30
CA VAL B 314 2.85 -14.70 52.31
C VAL B 314 2.58 -16.13 51.85
N LEU B 315 3.64 -16.87 51.51
CA LEU B 315 3.41 -18.20 50.95
C LEU B 315 3.31 -19.28 52.02
N ASP B 316 3.50 -18.91 53.29
CA ASP B 316 2.98 -19.68 54.42
C ASP B 316 1.56 -19.25 54.76
N GLU B 317 1.18 -18.03 54.40
CA GLU B 317 -0.10 -17.45 54.77
C GLU B 317 -1.25 -17.91 53.90
N ASP B 318 -1.17 -17.66 52.61
CA ASP B 318 -2.33 -17.68 51.71
C ASP B 318 -2.48 -18.97 50.93
N HIS B 319 -1.40 -19.71 50.69
CA HIS B 319 -1.42 -20.75 49.69
C HIS B 319 -1.03 -22.12 50.22
N TYR B 320 -1.11 -22.29 51.54
CA TYR B 320 -1.08 -23.60 52.18
C TYR B 320 0.26 -24.30 51.95
N GLY B 321 1.34 -23.51 52.03
CA GLY B 321 2.69 -23.98 52.01
C GLY B 321 3.23 -24.42 50.67
N LEU B 322 2.37 -24.85 49.74
CA LEU B 322 2.75 -25.57 48.51
C LEU B 322 3.70 -26.74 48.79
N LYS B 323 3.44 -27.38 49.93
CA LYS B 323 3.80 -28.73 50.41
C LYS B 323 5.28 -28.90 50.77
N ASP B 324 6.24 -28.36 49.99
CA ASP B 324 7.58 -27.97 50.45
C ASP B 324 8.23 -26.95 49.52
N VAL B 325 7.66 -26.75 48.33
CA VAL B 325 8.46 -26.22 47.23
C VAL B 325 8.48 -24.70 47.26
N LYS B 326 7.72 -24.10 48.20
CA LYS B 326 7.82 -22.68 48.42
C LYS B 326 9.22 -22.27 48.87
N GLU B 327 9.95 -23.15 49.56
CA GLU B 327 11.31 -22.81 49.96
C GLU B 327 12.26 -22.90 48.78
N ARG B 328 12.01 -23.81 47.84
CA ARG B 328 12.76 -23.79 46.58
C ARG B 328 12.43 -22.57 45.73
N ILE B 329 11.32 -21.90 46.00
CA ILE B 329 11.12 -20.59 45.40
C ILE B 329 11.81 -19.49 46.21
N LEU B 330 11.76 -19.60 47.53
CA LEU B 330 12.32 -18.66 48.49
C LEU B 330 13.83 -18.68 48.52
N GLU B 331 14.46 -19.66 47.90
CA GLU B 331 15.87 -19.56 47.60
C GLU B 331 16.13 -18.75 46.35
N TYR B 332 15.25 -18.86 45.34
CA TYR B 332 15.46 -18.12 44.10
C TYR B 332 15.26 -16.63 44.32
N LEU B 333 14.22 -16.25 45.05
CA LEU B 333 14.02 -14.82 45.33
C LEU B 333 15.14 -14.28 46.23
N ALA B 334 15.64 -15.10 47.16
CA ALA B 334 16.73 -14.69 48.03
C ALA B 334 18.02 -14.48 47.24
N VAL B 335 18.33 -15.41 46.34
CA VAL B 335 19.50 -15.29 45.50
C VAL B 335 19.36 -14.09 44.57
N ARG B 336 18.15 -13.84 44.08
CA ARG B 336 17.92 -12.66 43.28
C ARG B 336 18.09 -11.36 44.04
N GLN B 337 17.73 -11.31 45.32
CA GLN B 337 17.96 -10.09 46.08
C GLN B 337 19.36 -10.01 46.68
N LEU B 338 20.16 -11.07 46.58
CA LEU B 338 21.57 -10.93 46.96
C LEU B 338 22.42 -10.31 45.87
N THR B 339 21.92 -10.24 44.65
CA THR B 339 22.74 -9.73 43.56
C THR B 339 22.89 -8.23 43.69
N GLN B 340 24.13 -7.78 43.77
CA GLN B 340 24.43 -6.47 44.34
C GLN B 340 24.09 -5.36 43.36
N GLY B 341 23.55 -4.27 43.88
CA GLY B 341 23.17 -3.13 43.06
C GLY B 341 21.91 -3.33 42.24
N LEU B 342 21.32 -4.55 42.33
CA LEU B 342 20.26 -5.03 41.45
C LEU B 342 20.64 -4.81 39.98
N ASP B 343 21.84 -5.27 39.63
CA ASP B 343 22.47 -4.92 38.37
C ASP B 343 21.80 -5.62 37.19
N VAL B 344 22.14 -5.15 35.98
CA VAL B 344 21.53 -5.65 34.76
C VAL B 344 22.01 -7.06 34.45
N ARG B 345 23.32 -7.29 34.57
CA ARG B 345 23.87 -8.63 34.37
C ARG B 345 23.41 -9.56 35.47
N ASN B 346 23.02 -10.77 35.10
CA ASN B 346 22.69 -11.75 36.12
C ASN B 346 23.38 -13.07 35.83
N LYS B 347 23.44 -13.42 34.54
CA LYS B 347 23.82 -14.76 34.07
C LYS B 347 23.03 -15.84 34.78
N ALA B 348 21.74 -15.59 34.96
CA ALA B 348 20.96 -16.37 35.91
C ALA B 348 19.62 -16.79 35.29
N PRO B 349 19.06 -17.89 35.73
CA PRO B 349 17.71 -18.27 35.28
C PRO B 349 16.60 -17.38 35.78
N ILE B 350 15.39 -17.55 35.22
CA ILE B 350 14.25 -16.71 35.57
C ILE B 350 13.03 -17.53 35.97
N LEU B 351 13.24 -18.71 36.57
CA LEU B 351 12.22 -19.45 37.32
C LEU B 351 11.03 -19.87 36.44
N VAL B 352 11.26 -20.91 35.65
CA VAL B 352 10.13 -21.55 34.99
C VAL B 352 9.34 -22.37 36.02
N LEU B 353 8.03 -22.50 35.80
CA LEU B 353 7.18 -23.39 36.58
C LEU B 353 6.56 -24.40 35.63
N VAL B 354 6.71 -25.68 35.93
CA VAL B 354 6.16 -26.76 35.12
C VAL B 354 5.21 -27.58 35.98
N GLY B 355 4.00 -27.78 35.49
CA GLY B 355 3.06 -28.64 36.18
C GLY B 355 1.72 -28.76 35.50
N PRO B 356 0.97 -29.82 35.84
CA PRO B 356 -0.37 -30.05 35.29
C PRO B 356 -1.31 -28.92 35.63
N PRO B 357 -2.32 -28.63 34.80
CA PRO B 357 -2.95 -27.31 34.83
C PRO B 357 -3.78 -27.09 36.08
N GLY B 358 -3.93 -25.84 36.44
CA GLY B 358 -4.81 -25.49 37.53
C GLY B 358 -4.35 -25.93 38.90
N VAL B 359 -3.05 -25.80 39.18
CA VAL B 359 -2.52 -26.12 40.50
C VAL B 359 -1.95 -24.89 41.20
N GLY B 360 -2.53 -23.73 40.94
CA GLY B 360 -2.21 -22.57 41.73
C GLY B 360 -1.01 -21.80 41.25
N LYS B 361 -0.43 -22.18 40.12
CA LYS B 361 0.81 -21.59 39.63
C LYS B 361 0.63 -20.12 39.29
N THR B 362 -0.52 -19.77 38.71
CA THR B 362 -0.79 -18.38 38.39
C THR B 362 -0.99 -17.55 39.66
N SER B 363 -1.75 -18.08 40.60
CA SER B 363 -1.92 -17.38 41.86
C SER B 363 -0.65 -17.48 42.70
N LEU B 364 0.18 -18.51 42.45
CA LEU B 364 1.54 -18.54 43.00
C LEU B 364 2.33 -17.33 42.56
N GLY B 365 2.29 -17.01 41.27
CA GLY B 365 2.97 -15.82 40.80
C GLY B 365 2.37 -14.53 41.33
N ARG B 366 1.04 -14.50 41.46
CA ARG B 366 0.38 -13.34 42.03
C ARG B 366 0.78 -13.13 43.48
N SER B 367 0.91 -14.23 44.24
CA SER B 367 1.39 -14.17 45.62
C SER B 367 2.82 -13.68 45.69
N ILE B 368 3.66 -14.17 44.78
CA ILE B 368 5.07 -13.80 44.79
C ILE B 368 5.22 -12.32 44.47
N ALA B 369 4.36 -11.80 43.59
CA ALA B 369 4.36 -10.38 43.30
C ALA B 369 3.77 -9.56 44.46
N ARG B 370 2.79 -10.11 45.19
CA ARG B 370 2.26 -9.43 46.38
C ARG B 370 3.33 -9.30 47.45
N SER B 371 4.07 -10.38 47.68
CA SER B 371 5.22 -10.34 48.56
C SER B 371 6.28 -9.39 48.04
N MET B 372 6.41 -9.31 46.72
CA MET B 372 7.31 -8.40 46.07
C MET B 372 6.86 -6.95 46.21
N ASN B 373 5.54 -6.76 46.43
CA ASN B 373 4.86 -5.47 46.39
C ASN B 373 5.14 -4.72 45.09
N ARG B 374 5.22 -5.46 43.99
CA ARG B 374 5.14 -4.93 42.66
C ARG B 374 4.05 -5.70 41.93
N LYS B 375 3.42 -5.06 40.95
CA LYS B 375 2.19 -5.58 40.39
C LYS B 375 2.43 -6.79 39.49
N PHE B 376 1.69 -7.85 39.74
CA PHE B 376 1.68 -9.03 38.91
C PHE B 376 1.08 -8.71 37.56
N HIS B 377 1.49 -9.47 36.54
CA HIS B 377 0.83 -9.43 35.25
C HIS B 377 0.91 -10.85 34.69
N ARG B 378 0.17 -11.12 33.62
CA ARG B 378 0.21 -12.40 32.95
C ARG B 378 -0.24 -12.22 31.50
N ILE B 379 0.32 -13.02 30.59
CA ILE B 379 -0.13 -13.03 29.18
C ILE B 379 -0.08 -14.44 28.61
N SER B 380 -1.26 -14.91 28.19
CA SER B 380 -1.45 -16.26 27.67
C SER B 380 -0.81 -16.31 26.29
N LEU B 381 0.51 -16.56 26.28
CA LEU B 381 1.22 -16.51 25.02
C LEU B 381 1.17 -17.84 24.28
N GLY B 382 0.49 -18.86 24.82
CA GLY B 382 0.38 -20.10 24.11
C GLY B 382 -0.55 -20.00 22.91
N GLY B 383 -0.21 -20.74 21.85
CA GLY B 383 -1.06 -20.80 20.68
C GLY B 383 -0.80 -19.76 19.61
N VAL B 384 0.37 -19.14 19.62
CA VAL B 384 0.71 -18.02 18.75
C VAL B 384 1.60 -18.60 17.66
N ARG B 385 1.35 -18.22 16.40
CA ARG B 385 1.96 -18.95 15.30
C ARG B 385 3.11 -18.20 14.64
N ASP B 386 3.47 -17.02 15.15
CA ASP B 386 4.47 -16.22 14.46
C ASP B 386 5.08 -15.15 15.35
N GLU B 387 6.14 -14.56 14.82
CA GLU B 387 6.87 -13.49 15.47
C GLU B 387 6.16 -12.15 15.29
N ALA B 388 5.15 -12.12 14.43
CA ALA B 388 4.53 -10.87 14.00
C ALA B 388 3.66 -10.24 15.08
N GLU B 389 3.32 -11.00 16.11
CA GLU B 389 2.71 -10.41 17.30
C GLU B 389 3.46 -10.73 18.58
N ILE B 390 4.73 -11.10 18.49
CA ILE B 390 5.63 -10.98 19.60
C ILE B 390 6.57 -9.78 19.44
N ARG B 391 7.00 -9.50 18.20
CA ARG B 391 7.75 -8.29 17.87
C ARG B 391 6.90 -7.24 17.19
N GLY B 392 5.66 -7.56 16.83
CA GLY B 392 4.93 -6.65 15.97
C GLY B 392 5.38 -6.73 14.53
N HIS B 393 5.04 -5.71 13.76
CA HIS B 393 5.47 -5.65 12.38
C HIS B 393 5.73 -4.19 12.04
N ARG B 394 6.53 -3.99 10.99
CA ARG B 394 6.87 -2.64 10.56
C ARG B 394 5.63 -1.94 10.02
N ARG B 395 5.47 -0.69 10.43
CA ARG B 395 4.26 0.08 10.19
C ARG B 395 4.08 0.38 8.71
N THR B 396 2.92 0.00 8.19
CA THR B 396 2.61 0.39 6.81
C THR B 396 1.14 0.75 6.56
N TYR B 397 0.24 0.62 7.53
CA TYR B 397 -1.17 0.95 7.32
C TYR B 397 -1.85 1.16 8.67
N ILE B 398 -3.13 1.55 8.59
CA ILE B 398 -3.99 1.63 9.78
C ILE B 398 -4.25 0.23 10.32
N GLY B 399 -4.07 0.08 11.63
CA GLY B 399 -4.17 -1.22 12.26
C GLY B 399 -2.82 -1.90 12.43
N ALA B 400 -1.77 -1.10 12.57
CA ALA B 400 -0.42 -1.61 12.78
C ALA B 400 -0.21 -1.80 14.29
N MET B 401 0.34 -2.94 14.67
CA MET B 401 0.30 -3.36 16.07
C MET B 401 1.61 -4.00 16.53
N PRO B 402 2.01 -3.76 17.78
CA PRO B 402 3.24 -4.34 18.30
C PRO B 402 3.06 -5.78 18.73
N GLY B 403 4.06 -6.30 19.41
CA GLY B 403 3.94 -7.61 20.01
C GLY B 403 3.06 -7.59 21.24
N LYS B 404 2.70 -8.80 21.69
CA LYS B 404 1.83 -8.94 22.85
C LYS B 404 2.51 -8.49 24.13
N LEU B 405 3.84 -8.60 24.17
CA LEU B 405 4.60 -8.17 25.33
C LEU B 405 4.53 -6.67 25.50
N ILE B 406 4.52 -5.94 24.39
CA ILE B 406 4.40 -4.49 24.45
C ILE B 406 2.99 -4.09 24.85
N HIS B 407 1.98 -4.88 24.44
CA HIS B 407 0.63 -4.67 24.94
C HIS B 407 0.56 -4.91 26.44
N ALA B 408 1.26 -5.96 26.89
CA ALA B 408 1.28 -6.34 28.29
C ALA B 408 1.89 -5.25 29.14
N MET B 409 3.06 -4.78 28.75
CA MET B 409 3.70 -3.75 29.55
C MET B 409 3.13 -2.37 29.25
N LYS B 410 2.27 -2.25 28.24
CA LYS B 410 1.49 -1.03 28.11
C LYS B 410 0.37 -0.98 29.15
N GLN B 411 -0.31 -2.11 29.36
CA GLN B 411 -1.33 -2.12 30.40
C GLN B 411 -0.75 -2.34 31.80
N VAL B 412 0.58 -2.35 31.93
CA VAL B 412 1.26 -2.23 33.21
C VAL B 412 1.95 -0.87 33.23
N GLY B 413 1.46 0.05 34.07
CA GLY B 413 1.96 1.41 34.01
C GLY B 413 3.31 1.71 34.62
N VAL B 414 4.14 0.68 34.84
CA VAL B 414 5.44 0.85 35.45
C VAL B 414 6.49 0.13 34.60
N ILE B 415 7.75 0.50 34.79
CA ILE B 415 8.83 -0.07 34.00
C ILE B 415 9.49 -1.26 34.66
N ASN B 416 9.09 -1.64 35.86
CA ASN B 416 9.62 -2.83 36.52
C ASN B 416 8.52 -3.74 37.05
N PRO B 417 7.73 -4.37 36.19
CA PRO B 417 6.74 -5.31 36.71
C PRO B 417 7.25 -6.72 36.97
N VAL B 418 6.31 -7.51 37.49
CA VAL B 418 6.51 -8.93 37.78
C VAL B 418 5.74 -9.66 36.68
N ILE B 419 6.41 -9.96 35.58
CA ILE B 419 5.70 -10.56 34.41
C ILE B 419 5.71 -12.09 34.50
N LEU B 420 4.55 -12.72 34.33
CA LEU B 420 4.47 -14.20 34.33
C LEU B 420 4.11 -14.70 32.93
N LEU B 421 5.02 -15.45 32.29
CA LEU B 421 4.72 -16.05 30.97
C LEU B 421 3.74 -17.21 31.18
N ASP B 422 2.86 -17.47 30.21
CA ASP B 422 1.81 -18.51 30.43
C ASP B 422 2.20 -19.82 29.75
N GLU B 423 2.31 -19.84 28.41
CA GLU B 423 2.56 -21.13 27.72
C GLU B 423 3.68 -20.98 26.67
N ILE B 424 4.93 -20.93 27.13
CA ILE B 424 6.09 -20.87 26.18
C ILE B 424 6.15 -22.17 25.40
N ASP B 425 5.90 -23.31 26.08
CA ASP B 425 5.99 -24.63 25.43
C ASP B 425 4.84 -24.81 24.42
N LYS B 426 3.82 -23.94 24.47
CA LYS B 426 2.64 -24.10 23.60
C LYS B 426 2.74 -23.15 22.40
N MET B 427 3.95 -22.65 22.11
CA MET B 427 4.14 -21.77 20.92
C MET B 427 4.07 -22.62 19.64
N SER B 428 3.64 -22.02 18.53
CA SER B 428 3.54 -22.75 17.23
C SER B 428 4.40 -22.05 16.18
N SER B 429 4.91 -22.81 15.21
CA SER B 429 5.83 -22.20 14.19
C SER B 429 5.58 -22.79 12.80
N ASP B 430 5.61 -21.96 11.76
CA ASP B 430 5.41 -22.39 10.40
C ASP B 430 5.57 -21.26 9.40
N TRP B 431 5.14 -20.06 9.77
CA TRP B 431 5.11 -18.97 8.80
C TRP B 431 5.29 -17.66 9.56
N ARG B 432 5.61 -16.61 8.80
CA ARG B 432 5.72 -15.22 9.27
C ARG B 432 6.73 -15.08 10.42
N GLY B 433 7.86 -15.78 10.28
CA GLY B 433 8.94 -15.62 11.22
C GLY B 433 8.72 -16.39 12.50
N ASP B 434 9.83 -16.86 13.06
CA ASP B 434 9.80 -17.71 14.24
C ASP B 434 9.85 -16.83 15.47
N PRO B 435 8.81 -16.86 16.31
CA PRO B 435 8.82 -16.04 17.53
C PRO B 435 9.82 -16.50 18.58
N ALA B 436 10.38 -17.71 18.45
CA ALA B 436 11.34 -18.24 19.42
C ALA B 436 12.59 -17.37 19.47
N SER B 437 12.92 -16.71 18.37
CA SER B 437 13.95 -15.66 18.39
C SER B 437 13.56 -14.54 19.33
N ALA B 438 12.29 -14.13 19.29
CA ALA B 438 11.87 -13.01 20.13
C ALA B 438 11.79 -13.39 21.59
N MET B 439 11.33 -14.60 21.90
CA MET B 439 11.36 -15.04 23.30
C MET B 439 12.78 -15.26 23.78
N LEU B 440 13.67 -15.73 22.91
CA LEU B 440 15.08 -15.80 23.30
C LEU B 440 15.65 -14.42 23.52
N GLU B 441 15.20 -13.46 22.71
CA GLU B 441 15.73 -12.12 22.79
C GLU B 441 15.25 -11.41 24.05
N VAL B 442 14.02 -11.71 24.49
CA VAL B 442 13.57 -11.22 25.78
C VAL B 442 13.98 -12.14 26.91
N LEU B 443 14.54 -13.30 26.61
CA LEU B 443 14.71 -14.33 27.63
C LEU B 443 15.91 -14.02 28.51
N ASP B 444 17.09 -13.91 27.89
CA ASP B 444 18.30 -13.70 28.65
C ASP B 444 18.32 -12.29 29.23
N PRO B 445 18.68 -12.15 30.50
CA PRO B 445 18.80 -10.81 31.10
C PRO B 445 19.91 -9.98 30.50
N GLU B 446 20.91 -10.61 29.89
CA GLU B 446 21.95 -9.92 29.12
C GLU B 446 21.47 -9.51 27.73
N GLN B 447 20.30 -9.96 27.32
CA GLN B 447 19.79 -9.78 25.98
C GLN B 447 18.51 -8.98 25.93
N ASN B 448 17.66 -9.08 26.96
CA ASN B 448 16.38 -8.38 26.95
C ASN B 448 16.54 -6.87 27.14
N ASN B 449 17.67 -6.45 27.72
CA ASN B 449 17.99 -5.03 27.83
C ASN B 449 18.13 -4.35 26.47
N THR B 450 18.51 -5.10 25.45
CA THR B 450 18.60 -4.61 24.09
C THR B 450 17.57 -5.25 23.18
N PHE B 451 16.41 -5.58 23.75
CA PHE B 451 15.28 -6.06 22.96
C PHE B 451 14.61 -4.93 22.19
N THR B 452 14.74 -4.99 20.86
CA THR B 452 14.08 -4.07 19.93
C THR B 452 12.89 -4.77 19.28
N ASP B 453 12.09 -3.98 18.58
CA ASP B 453 10.80 -4.42 18.05
C ASP B 453 10.80 -4.49 16.53
N HIS B 454 9.63 -4.85 16.01
CA HIS B 454 9.33 -4.59 14.62
C HIS B 454 8.36 -3.43 14.47
N TYR B 455 7.46 -3.23 15.42
CA TYR B 455 6.67 -2.00 15.44
C TYR B 455 7.57 -0.86 15.86
N LEU B 456 8.08 -0.91 17.09
CA LEU B 456 8.98 0.09 17.60
C LEU B 456 10.40 -0.13 17.05
N ASP B 457 11.28 0.84 17.29
CA ASP B 457 12.63 0.81 16.73
C ASP B 457 13.73 0.63 17.76
N VAL B 458 13.81 1.53 18.73
CA VAL B 458 14.93 1.53 19.69
C VAL B 458 14.79 0.32 20.60
N PRO B 459 15.89 -0.37 20.91
CA PRO B 459 15.82 -1.49 21.85
C PRO B 459 15.33 -1.09 23.23
N TYR B 460 14.40 -1.87 23.76
CA TYR B 460 13.78 -1.58 25.03
C TYR B 460 14.53 -2.27 26.16
N ASP B 461 14.59 -1.59 27.30
CA ASP B 461 15.37 -2.01 28.46
C ASP B 461 14.51 -2.91 29.33
N LEU B 462 14.90 -4.18 29.47
CA LEU B 462 14.09 -5.14 30.20
C LEU B 462 14.86 -5.79 31.34
N SER B 463 15.71 -5.01 32.01
CA SER B 463 16.47 -5.54 33.15
C SER B 463 15.67 -5.51 34.44
N LYS B 464 14.96 -4.41 34.69
CA LYS B 464 14.19 -4.25 35.90
C LYS B 464 12.93 -5.09 35.91
N VAL B 465 12.54 -5.66 34.78
CA VAL B 465 11.28 -6.35 34.63
C VAL B 465 11.48 -7.81 34.99
N PHE B 466 10.81 -8.27 36.03
CA PHE B 466 10.94 -9.66 36.45
C PHE B 466 10.12 -10.57 35.54
N PHE B 467 10.68 -11.73 35.18
CA PHE B 467 10.03 -12.73 34.32
C PHE B 467 9.92 -14.08 35.01
N ILE B 468 8.90 -14.25 35.86
CA ILE B 468 8.39 -15.58 36.18
C ILE B 468 7.73 -16.17 34.94
N THR B 469 7.97 -17.45 34.66
CA THR B 469 7.33 -18.07 33.52
C THR B 469 6.67 -19.38 33.94
N THR B 470 5.63 -19.75 33.20
CA THR B 470 4.95 -21.03 33.32
C THR B 470 4.97 -21.79 32.00
N ALA B 471 4.58 -23.05 32.10
CA ALA B 471 4.61 -24.00 31.01
C ALA B 471 3.76 -25.18 31.42
N ASN B 472 3.84 -26.28 30.69
CA ASN B 472 3.19 -27.52 31.08
C ASN B 472 4.01 -28.76 30.80
N THR B 473 4.91 -28.70 29.82
CA THR B 473 5.71 -29.86 29.42
C THR B 473 7.18 -29.45 29.32
N LEU B 474 8.04 -30.26 29.92
CA LEU B 474 9.49 -30.05 29.83
C LEU B 474 9.96 -30.17 28.39
N GLN B 475 9.39 -31.12 27.65
CA GLN B 475 9.98 -31.66 26.45
C GLN B 475 9.41 -31.05 25.18
N THR B 476 8.74 -29.92 25.27
CA THR B 476 8.33 -29.18 24.08
C THR B 476 8.61 -27.69 24.15
N ILE B 477 9.17 -27.19 25.25
CA ILE B 477 9.80 -25.87 25.22
C ILE B 477 10.98 -25.93 24.26
N PRO B 478 11.17 -24.96 23.37
CA PRO B 478 12.27 -25.03 22.41
C PRO B 478 13.64 -24.90 23.07
N ARG B 479 14.63 -25.48 22.38
CA ARG B 479 16.00 -25.61 22.87
C ARG B 479 16.70 -24.31 23.26
N PRO B 480 16.57 -23.17 22.55
CA PRO B 480 17.16 -21.94 23.10
C PRO B 480 16.48 -21.44 24.37
N LEU B 481 15.26 -21.90 24.66
CA LEU B 481 14.59 -21.47 25.87
C LEU B 481 14.64 -22.52 26.97
N LEU B 482 15.33 -23.64 26.76
CA LEU B 482 15.43 -24.68 27.78
C LEU B 482 16.66 -24.50 28.64
N ASP B 483 17.79 -24.12 28.06
CA ASP B 483 18.97 -23.77 28.81
C ASP B 483 18.78 -22.44 29.54
N ARG B 484 19.65 -22.21 30.53
CA ARG B 484 19.65 -21.04 31.41
C ARG B 484 18.35 -20.87 32.17
N MET B 485 17.67 -21.96 32.53
CA MET B 485 16.37 -21.88 33.18
C MET B 485 16.35 -22.76 34.42
N GLU B 486 15.57 -22.35 35.42
CA GLU B 486 15.52 -23.01 36.72
C GLU B 486 14.23 -23.83 36.78
N VAL B 487 14.37 -25.15 36.64
CA VAL B 487 13.22 -26.04 36.51
C VAL B 487 12.61 -26.30 37.88
N ILE B 488 11.34 -25.97 38.04
CA ILE B 488 10.57 -26.30 39.24
C ILE B 488 9.39 -27.15 38.80
N GLU B 489 9.42 -28.44 39.15
CA GLU B 489 8.30 -29.34 38.90
C GLU B 489 7.25 -29.15 39.98
N ILE B 490 6.13 -28.53 39.60
CA ILE B 490 5.06 -28.20 40.59
C ILE B 490 4.25 -29.45 40.92
N PRO B 491 4.01 -29.77 42.21
CA PRO B 491 3.18 -30.92 42.59
C PRO B 491 1.69 -30.53 42.69
N GLY B 492 0.81 -31.52 42.93
CA GLY B 492 -0.63 -31.24 43.09
C GLY B 492 -1.12 -31.71 44.45
N TYR B 493 -1.71 -30.80 45.24
CA TYR B 493 -2.13 -31.16 46.62
C TYR B 493 -2.90 -32.49 46.61
N THR B 494 -2.61 -33.36 47.58
CA THR B 494 -3.27 -34.70 47.63
C THR B 494 -4.75 -34.53 47.99
N ASN B 495 -5.53 -35.62 47.86
CA ASN B 495 -6.97 -35.57 48.19
C ASN B 495 -7.18 -34.78 49.49
N MET B 496 -6.66 -35.29 50.61
CA MET B 496 -6.88 -34.62 51.89
C MET B 496 -6.28 -33.22 51.90
N GLU B 497 -5.22 -33.01 51.12
CA GLU B 497 -4.70 -31.66 51.06
C GLU B 497 -5.63 -30.75 50.29
N LYS B 498 -6.29 -31.26 49.25
CA LYS B 498 -7.33 -30.47 48.61
C LYS B 498 -8.56 -30.34 49.49
N GLN B 499 -8.79 -31.32 50.36
CA GLN B 499 -9.84 -31.20 51.36
C GLN B 499 -9.58 -30.02 52.29
N ALA B 500 -8.33 -29.90 52.74
CA ALA B 500 -7.94 -28.77 53.55
C ALA B 500 -8.02 -27.47 52.77
N ILE B 501 -7.70 -27.52 51.48
CA ILE B 501 -7.82 -26.36 50.61
C ILE B 501 -9.27 -25.94 50.49
N ALA B 502 -10.17 -26.91 50.27
CA ALA B 502 -11.58 -26.61 50.09
C ALA B 502 -12.20 -26.11 51.38
N ARG B 503 -11.64 -26.52 52.52
CA ARG B 503 -12.17 -26.06 53.79
C ARG B 503 -11.92 -24.59 54.06
N GLN B 504 -10.84 -24.00 53.54
CA GLN B 504 -10.52 -22.64 53.95
C GLN B 504 -10.33 -21.65 52.82
N TYR B 505 -9.84 -22.04 51.64
CA TYR B 505 -9.63 -21.07 50.58
C TYR B 505 -10.41 -21.35 49.32
N LEU B 506 -11.19 -22.43 49.24
CA LEU B 506 -11.95 -22.69 48.02
C LEU B 506 -13.45 -22.58 48.22
N TRP B 507 -14.06 -23.45 49.02
CA TRP B 507 -15.48 -23.32 49.32
C TRP B 507 -15.85 -22.04 50.07
N PRO B 508 -15.02 -21.48 50.98
CA PRO B 508 -15.33 -20.12 51.46
C PRO B 508 -15.35 -19.04 50.38
N LYS B 509 -14.57 -19.17 49.31
CA LYS B 509 -14.69 -18.20 48.24
C LYS B 509 -15.93 -18.44 47.37
N GLN B 510 -16.34 -19.70 47.23
CA GLN B 510 -17.63 -19.99 46.58
C GLN B 510 -18.77 -19.39 47.39
N VAL B 511 -18.64 -19.43 48.70
CA VAL B 511 -19.62 -18.81 49.57
C VAL B 511 -19.56 -17.29 49.48
N ARG B 512 -18.36 -16.71 49.46
CA ARG B 512 -18.23 -15.26 49.48
C ARG B 512 -18.56 -14.64 48.13
N GLU B 513 -18.48 -15.39 47.03
CA GLU B 513 -18.79 -14.75 45.76
C GLU B 513 -20.24 -14.99 45.35
N SER B 514 -20.79 -16.15 45.69
CA SER B 514 -22.20 -16.39 45.42
C SER B 514 -23.11 -15.83 46.50
N GLY B 515 -22.57 -15.08 47.45
CA GLY B 515 -23.37 -14.35 48.42
C GLY B 515 -24.13 -15.17 49.43
N MET B 516 -23.43 -16.08 50.15
CA MET B 516 -24.14 -16.92 51.11
C MET B 516 -23.27 -17.08 52.38
N GLU B 517 -22.68 -16.01 52.88
CA GLU B 517 -21.86 -16.09 54.08
C GLU B 517 -22.73 -16.33 55.31
N GLY B 518 -22.37 -17.37 56.06
CA GLY B 518 -23.14 -17.75 57.22
C GLY B 518 -24.52 -18.29 56.93
N ARG B 519 -24.78 -18.77 55.71
CA ARG B 519 -26.11 -19.26 55.36
C ARG B 519 -26.08 -20.67 54.77
N ILE B 520 -24.91 -21.31 54.69
CA ILE B 520 -24.80 -22.69 54.23
C ILE B 520 -23.52 -23.27 54.78
N GLU B 521 -23.47 -24.60 54.86
CA GLU B 521 -22.26 -25.34 55.20
C GLU B 521 -22.38 -26.76 54.68
N VAL B 522 -21.22 -27.38 54.46
CA VAL B 522 -21.10 -28.76 54.01
C VAL B 522 -20.16 -29.49 54.96
N THR B 523 -20.49 -30.74 55.31
CA THR B 523 -19.56 -31.55 56.08
C THR B 523 -18.38 -31.98 55.22
N ASP B 524 -17.22 -32.16 55.83
CA ASP B 524 -16.01 -32.41 55.05
C ASP B 524 -15.90 -33.83 54.55
N ALA B 525 -16.63 -34.78 55.15
CA ALA B 525 -16.74 -36.09 54.53
C ALA B 525 -17.53 -36.01 53.23
N ALA B 526 -18.45 -35.05 53.14
CA ALA B 526 -19.09 -34.80 51.87
C ALA B 526 -18.15 -34.14 50.89
N ILE B 527 -17.20 -33.34 51.38
CA ILE B 527 -16.19 -32.77 50.49
C ILE B 527 -15.28 -33.88 49.96
N LEU B 528 -15.01 -34.88 50.81
CA LEU B 528 -14.35 -36.12 50.36
C LEU B 528 -15.18 -36.84 49.32
N ARG B 529 -16.50 -36.87 49.50
CA ARG B 529 -17.40 -37.47 48.53
C ARG B 529 -17.34 -36.73 47.19
N VAL B 530 -17.26 -35.39 47.23
CA VAL B 530 -17.12 -34.57 46.03
C VAL B 530 -15.82 -34.86 45.30
N ILE B 531 -14.69 -34.79 46.02
CA ILE B 531 -13.39 -34.97 45.40
C ILE B 531 -13.21 -36.41 44.93
N SER B 532 -13.74 -37.35 45.68
CA SER B 532 -13.70 -38.74 45.22
C SER B 532 -14.71 -39.03 44.13
N GLU B 533 -15.69 -38.15 43.90
CA GLU B 533 -16.78 -38.56 43.02
C GLU B 533 -17.12 -37.57 41.92
N TYR B 534 -16.69 -36.31 42.03
CA TYR B 534 -17.09 -35.26 41.10
C TYR B 534 -15.91 -34.57 40.41
N THR B 535 -14.67 -34.94 40.74
CA THR B 535 -13.49 -34.31 40.14
C THR B 535 -12.35 -35.32 40.16
N ARG B 536 -12.00 -35.86 39.00
CA ARG B 536 -10.81 -36.69 38.89
C ARG B 536 -9.64 -35.95 38.25
N GLU B 537 -9.73 -34.62 38.12
CA GLU B 537 -8.58 -33.89 37.62
C GLU B 537 -7.53 -33.76 38.72
N ALA B 538 -6.30 -33.51 38.30
CA ALA B 538 -5.22 -33.37 39.27
C ALA B 538 -5.26 -32.04 39.99
N GLY B 539 -5.86 -31.02 39.39
CA GLY B 539 -5.77 -29.70 39.95
C GLY B 539 -6.93 -29.42 40.86
N VAL B 540 -7.35 -28.17 40.93
CA VAL B 540 -8.44 -27.80 41.82
C VAL B 540 -9.57 -27.15 41.04
N ARG B 541 -9.35 -26.91 39.75
CA ARG B 541 -10.33 -26.19 38.95
C ARG B 541 -11.60 -27.01 38.79
N GLY B 542 -11.46 -28.33 38.67
CA GLY B 542 -12.62 -29.21 38.65
C GLY B 542 -13.38 -29.18 39.96
N LEU B 543 -12.66 -29.27 41.07
CA LEU B 543 -13.29 -29.14 42.38
C LEU B 543 -13.88 -27.76 42.57
N GLU B 544 -13.22 -26.73 42.01
CA GLU B 544 -13.77 -25.39 42.04
C GLU B 544 -15.10 -25.33 41.31
N ARG B 545 -15.21 -26.05 40.19
CA ARG B 545 -16.46 -26.03 39.42
C ARG B 545 -17.55 -26.77 40.17
N GLU B 546 -17.20 -27.90 40.81
CA GLU B 546 -18.18 -28.64 41.60
C GLU B 546 -18.67 -27.84 42.78
N LEU B 547 -17.76 -27.15 43.47
CA LEU B 547 -18.17 -26.34 44.61
C LEU B 547 -18.92 -25.10 44.15
N GLY B 548 -18.66 -24.63 42.93
CA GLY B 548 -19.51 -23.59 42.36
C GLY B 548 -20.92 -24.08 42.08
N LYS B 549 -21.05 -25.31 41.56
CA LYS B 549 -22.36 -25.88 41.30
C LYS B 549 -23.13 -26.11 42.59
N ILE B 550 -22.42 -26.51 43.64
CA ILE B 550 -23.03 -26.62 44.96
C ILE B 550 -23.46 -25.25 45.48
N ALA B 551 -22.63 -24.22 45.23
CA ALA B 551 -23.01 -22.85 45.62
C ALA B 551 -24.25 -22.37 44.87
N ARG B 552 -24.36 -22.71 43.59
CA ARG B 552 -25.53 -22.29 42.82
C ARG B 552 -26.79 -23.04 43.22
N LYS B 553 -26.69 -24.36 43.43
CA LYS B 553 -27.87 -25.10 43.84
C LYS B 553 -28.23 -24.80 45.28
N GLY B 554 -27.26 -24.39 46.09
CA GLY B 554 -27.57 -23.83 47.39
C GLY B 554 -28.30 -22.51 47.29
N ALA B 555 -27.92 -21.66 46.32
CA ALA B 555 -28.62 -20.40 46.11
C ALA B 555 -30.07 -20.65 45.66
N LYS B 556 -30.28 -21.65 44.81
CA LYS B 556 -31.64 -21.98 44.37
C LYS B 556 -32.47 -22.56 45.51
N PHE B 557 -31.91 -23.52 46.25
CA PHE B 557 -32.66 -24.19 47.31
C PHE B 557 -32.87 -23.25 48.51
N TRP B 558 -32.08 -22.17 48.60
CA TRP B 558 -32.34 -21.11 49.56
C TRP B 558 -33.36 -20.09 49.07
N LEU B 559 -33.37 -19.78 47.77
CA LEU B 559 -34.32 -18.80 47.25
C LEU B 559 -35.67 -19.44 46.93
N GLU B 560 -35.79 -20.77 47.07
CA GLU B 560 -37.07 -21.48 47.11
C GLU B 560 -37.83 -21.28 48.43
N GLY B 561 -37.34 -20.42 49.33
CA GLY B 561 -37.87 -20.29 50.66
C GLY B 561 -36.87 -20.81 51.67
N ALA B 562 -36.30 -19.91 52.46
CA ALA B 562 -35.24 -20.28 53.40
C ALA B 562 -35.81 -21.11 54.54
N TRP B 563 -35.68 -22.44 54.46
CA TRP B 563 -36.21 -23.28 55.53
C TRP B 563 -35.32 -23.32 56.75
N GLU B 564 -34.09 -22.85 56.65
CA GLU B 564 -33.18 -22.82 57.79
C GLU B 564 -32.41 -21.52 57.76
N GLY B 565 -32.08 -21.02 58.95
CA GLY B 565 -31.22 -19.87 59.04
C GLY B 565 -29.77 -20.16 58.75
N LEU B 566 -29.37 -21.42 58.86
CA LEU B 566 -28.05 -21.87 58.43
C LEU B 566 -28.21 -23.32 57.97
N ARG B 567 -27.91 -23.58 56.71
CA ARG B 567 -28.22 -24.87 56.11
C ARG B 567 -27.23 -25.93 56.57
N THR B 568 -27.56 -27.18 56.27
CA THR B 568 -26.74 -28.32 56.65
C THR B 568 -26.64 -29.29 55.49
N ILE B 569 -25.45 -29.37 54.89
CA ILE B 569 -25.22 -30.25 53.76
C ILE B 569 -24.44 -31.43 54.29
N ASP B 570 -25.12 -32.53 54.52
CA ASP B 570 -24.49 -33.79 54.85
C ASP B 570 -24.20 -34.57 53.58
N ALA B 571 -23.67 -35.79 53.76
CA ALA B 571 -23.22 -36.61 52.65
C ALA B 571 -24.36 -37.31 51.91
N SER B 572 -25.59 -37.18 52.40
CA SER B 572 -26.69 -37.96 51.84
C SER B 572 -27.22 -37.32 50.57
N ASP B 573 -27.69 -36.08 50.68
CA ASP B 573 -28.44 -35.36 49.67
C ASP B 573 -27.57 -34.72 48.60
N ILE B 574 -26.39 -35.28 48.37
CA ILE B 574 -25.47 -34.69 47.39
C ILE B 574 -25.99 -34.78 45.96
N PRO B 575 -26.55 -35.94 45.47
CA PRO B 575 -27.24 -35.86 44.17
C PRO B 575 -28.64 -35.26 44.27
N THR B 576 -28.79 -34.18 45.05
CA THR B 576 -29.98 -33.37 45.14
C THR B 576 -29.55 -31.92 45.16
N TYR B 577 -28.32 -31.68 45.62
CA TYR B 577 -27.67 -30.38 45.57
C TYR B 577 -26.66 -30.26 44.44
N LEU B 578 -26.50 -31.30 43.64
CA LEU B 578 -25.81 -31.27 42.36
C LEU B 578 -26.30 -32.51 41.63
N GLY B 579 -25.79 -32.75 40.44
CA GLY B 579 -26.12 -33.95 39.70
C GLY B 579 -25.63 -35.26 40.30
N ILE B 580 -25.59 -36.29 39.46
CA ILE B 580 -25.52 -37.68 39.90
C ILE B 580 -24.04 -38.05 39.96
N PRO B 581 -23.62 -39.03 40.76
CA PRO B 581 -22.22 -39.50 40.67
C PRO B 581 -21.91 -40.13 39.33
N ARG B 582 -21.09 -39.42 38.55
CA ARG B 582 -20.54 -40.02 37.35
C ARG B 582 -19.31 -40.85 37.66
N TYR B 583 -18.54 -40.47 38.67
CA TYR B 583 -17.35 -41.22 39.00
C TYR B 583 -17.67 -42.20 40.12
N ARG B 584 -16.74 -43.11 40.35
CA ARG B 584 -16.85 -44.07 41.42
C ARG B 584 -16.66 -43.35 42.75
N PRO B 585 -17.06 -43.98 43.86
CA PRO B 585 -16.70 -43.46 45.19
C PRO B 585 -15.21 -43.49 45.53
N ASP B 586 -14.90 -43.22 46.79
CA ASP B 586 -13.64 -43.64 47.38
C ASP B 586 -13.38 -45.10 47.01
N LYS B 587 -12.29 -45.34 46.29
CA LYS B 587 -12.23 -46.48 45.41
C LYS B 587 -12.11 -47.81 46.15
N ALA B 588 -13.28 -48.38 46.45
CA ALA B 588 -13.41 -49.74 46.98
C ALA B 588 -14.39 -50.55 46.15
N GLU B 589 -14.75 -50.01 44.98
CA GLU B 589 -15.77 -50.68 44.12
C GLU B 589 -15.18 -50.94 42.74
N THR B 590 -14.06 -50.30 42.42
CA THR B 590 -13.43 -50.47 41.09
C THR B 590 -13.40 -51.96 40.76
N GLU B 591 -14.13 -52.39 39.72
CA GLU B 591 -14.21 -53.83 39.38
C GLU B 591 -12.81 -54.36 39.09
N PRO B 592 -12.39 -55.51 39.68
CA PRO B 592 -11.09 -56.10 39.35
C PRO B 592 -11.05 -56.22 37.81
N GLN B 593 -9.98 -55.72 37.18
CA GLN B 593 -9.93 -55.71 35.70
C GLN B 593 -9.40 -57.04 35.17
N VAL B 594 -10.13 -57.65 34.24
CA VAL B 594 -9.73 -58.93 33.65
C VAL B 594 -8.34 -58.88 33.03
N GLY B 595 -7.98 -57.78 32.38
CA GLY B 595 -6.62 -57.62 31.92
C GLY B 595 -6.12 -56.20 32.01
N THR B 596 -6.95 -55.30 32.52
CA THR B 596 -6.70 -53.87 32.45
C THR B 596 -6.00 -53.39 33.70
N ALA B 597 -4.76 -52.97 33.54
CA ALA B 597 -3.99 -52.34 34.60
C ALA B 597 -4.48 -50.90 34.81
N GLN B 598 -4.04 -50.30 35.89
CA GLN B 598 -4.45 -48.94 36.26
C GLN B 598 -3.20 -48.12 36.50
N GLY B 599 -2.61 -47.58 35.43
CA GLY B 599 -1.25 -47.04 35.49
C GLY B 599 -1.21 -45.57 35.89
N LEU B 600 -0.04 -45.12 36.32
CA LEU B 600 0.07 -43.73 36.74
C LEU B 600 0.21 -42.79 35.55
N ALA B 601 -0.13 -41.53 35.80
CA ALA B 601 -0.02 -40.51 34.77
C ALA B 601 0.71 -39.32 35.31
N TRP B 602 1.77 -38.96 34.63
CA TRP B 602 2.56 -37.82 35.08
C TRP B 602 2.68 -36.93 33.84
N THR B 603 1.64 -36.17 33.63
CA THR B 603 1.30 -35.71 32.30
C THR B 603 1.12 -34.20 32.30
N PRO B 604 1.29 -33.56 31.15
CA PRO B 604 0.85 -32.18 31.01
C PRO B 604 -0.63 -32.02 31.24
N VAL B 605 -1.43 -33.02 30.86
CA VAL B 605 -2.88 -32.88 30.94
C VAL B 605 -3.40 -32.98 32.35
N GLY B 606 -2.60 -33.47 33.28
CA GLY B 606 -3.06 -33.77 34.62
C GLY B 606 -2.80 -35.21 34.99
N GLY B 607 -2.41 -35.39 36.25
CA GLY B 607 -2.24 -36.73 36.76
C GLY B 607 -3.58 -37.46 36.85
N THR B 608 -3.57 -38.69 36.40
CA THR B 608 -4.76 -39.51 36.40
C THR B 608 -4.34 -40.97 36.40
N LEU B 609 -5.29 -41.83 36.12
CA LEU B 609 -4.98 -43.20 35.75
C LEU B 609 -5.00 -43.28 34.24
N LEU B 610 -4.09 -44.08 33.70
CA LEU B 610 -4.07 -44.43 32.29
C LEU B 610 -4.31 -45.92 32.33
N THR B 611 -5.55 -46.34 32.14
CA THR B 611 -5.81 -47.77 32.21
C THR B 611 -5.57 -48.42 30.86
N ILE B 612 -4.45 -49.13 30.74
CA ILE B 612 -4.09 -49.77 29.49
C ILE B 612 -4.78 -51.11 29.34
N GLU B 613 -5.50 -51.26 28.25
CA GLU B 613 -6.24 -52.48 27.99
C GLU B 613 -5.60 -53.26 26.85
N VAL B 614 -5.75 -54.59 26.89
CA VAL B 614 -5.16 -55.46 25.89
C VAL B 614 -6.20 -56.46 25.40
N ALA B 615 -6.34 -56.56 24.10
CA ALA B 615 -7.24 -57.53 23.48
C ALA B 615 -6.55 -58.88 23.47
N ALA B 616 -6.93 -59.74 24.40
CA ALA B 616 -6.42 -61.11 24.41
C ALA B 616 -7.03 -61.90 23.24
N VAL B 617 -6.38 -61.80 22.09
CA VAL B 617 -6.98 -62.35 20.88
C VAL B 617 -6.13 -63.51 20.36
N PRO B 618 -6.75 -64.61 19.90
CA PRO B 618 -5.97 -65.73 19.36
C PRO B 618 -5.54 -65.52 17.93
N GLY B 619 -4.24 -65.56 17.67
CA GLY B 619 -3.77 -65.39 16.31
C GLY B 619 -2.60 -66.26 15.92
N SER B 620 -1.57 -65.63 15.37
CA SER B 620 -0.31 -66.28 15.02
C SER B 620 0.86 -65.44 15.53
N GLY B 621 0.67 -64.78 16.67
CA GLY B 621 1.79 -64.33 17.45
C GLY B 621 2.22 -62.89 17.27
N LYS B 622 1.41 -62.02 16.65
CA LYS B 622 1.85 -60.63 16.59
C LYS B 622 1.66 -59.98 17.96
N LEU B 623 2.17 -58.76 18.08
CA LEU B 623 1.98 -58.01 19.32
C LEU B 623 2.12 -56.55 18.93
N SER B 624 1.02 -55.87 18.72
CA SER B 624 1.05 -54.54 18.15
C SER B 624 0.50 -53.55 19.15
N LEU B 625 0.94 -52.30 19.02
CA LEU B 625 0.60 -51.28 20.00
C LEU B 625 0.10 -50.03 19.29
N THR B 626 -0.97 -49.47 19.85
CA THR B 626 -1.64 -48.33 19.25
C THR B 626 -1.81 -47.28 20.33
N GLY B 627 -2.59 -46.25 20.02
CA GLY B 627 -2.92 -45.26 21.02
C GLY B 627 -1.95 -44.11 21.09
N GLN B 628 -1.70 -43.46 19.96
CA GLN B 628 -0.86 -42.25 19.76
C GLN B 628 0.47 -42.31 20.52
N LEU B 629 1.06 -43.49 20.57
CA LEU B 629 2.05 -43.80 21.57
C LEU B 629 3.46 -43.77 20.98
N GLY B 630 4.38 -43.24 21.79
CA GLY B 630 5.78 -43.20 21.44
C GLY B 630 6.50 -44.52 21.71
N GLU B 631 7.75 -44.59 21.25
CA GLU B 631 8.45 -45.86 21.19
C GLU B 631 8.93 -46.38 22.53
N VAL B 632 9.22 -45.48 23.47
CA VAL B 632 9.71 -45.91 24.78
C VAL B 632 8.63 -46.69 25.53
N MET B 633 7.37 -46.35 25.30
CA MET B 633 6.28 -47.19 25.77
C MET B 633 6.31 -48.59 25.14
N LYS B 634 6.62 -48.70 23.84
CA LYS B 634 6.82 -50.03 23.27
C LYS B 634 7.97 -50.76 23.94
N GLU B 635 9.11 -50.10 24.12
CA GLU B 635 10.29 -50.82 24.60
C GLU B 635 10.11 -51.26 26.05
N SER B 636 9.37 -50.46 26.84
CA SER B 636 8.98 -50.91 28.17
C SER B 636 8.03 -52.10 28.09
N ALA B 637 7.14 -52.11 27.08
CA ALA B 637 6.25 -53.26 26.92
C ALA B 637 7.01 -54.53 26.55
N GLN B 638 7.99 -54.45 25.64
CA GLN B 638 8.74 -55.67 25.39
C GLN B 638 9.75 -56.00 26.49
N ALA B 639 10.14 -55.02 27.31
CA ALA B 639 10.94 -55.36 28.49
C ALA B 639 10.12 -56.19 29.46
N ALA B 640 8.88 -55.78 29.68
CA ALA B 640 7.93 -56.59 30.42
C ALA B 640 7.68 -57.92 29.72
N LEU B 641 7.71 -57.94 28.39
CA LEU B 641 7.45 -59.17 27.65
C LEU B 641 8.57 -60.18 27.78
N THR B 642 9.83 -59.73 27.74
CA THR B 642 10.94 -60.64 27.99
C THR B 642 10.90 -61.14 29.43
N TYR B 643 10.51 -60.26 30.35
CA TYR B 643 10.34 -60.70 31.74
C TYR B 643 9.19 -61.71 31.84
N LEU B 644 8.17 -61.55 31.00
CA LEU B 644 7.06 -62.49 30.99
C LEU B 644 7.50 -63.85 30.47
N ARG B 645 8.26 -63.85 29.38
CA ARG B 645 8.63 -65.10 28.74
C ARG B 645 9.74 -65.81 29.51
N ALA B 646 10.43 -65.10 30.40
CA ALA B 646 11.26 -65.77 31.40
C ALA B 646 10.44 -66.43 32.51
N HIS B 647 9.13 -66.17 32.57
CA HIS B 647 8.25 -66.57 33.68
C HIS B 647 6.97 -67.19 33.16
N THR B 648 7.08 -67.98 32.07
CA THR B 648 5.92 -68.65 31.49
C THR B 648 5.35 -69.70 32.42
N GLN B 649 6.19 -70.47 33.08
CA GLN B 649 5.76 -71.43 34.07
C GLN B 649 5.47 -70.78 35.41
N ASP B 650 5.92 -69.54 35.61
CA ASP B 650 5.70 -68.83 36.86
C ASP B 650 4.35 -68.15 36.92
N TYR B 651 3.64 -68.07 35.80
CA TYR B 651 2.32 -67.47 35.74
C TYR B 651 1.49 -68.34 34.80
N GLY B 652 0.34 -67.83 34.37
CA GLY B 652 -0.58 -68.60 33.57
C GLY B 652 -0.25 -68.74 32.11
N LEU B 653 0.97 -68.38 31.72
CA LEU B 653 1.34 -68.41 30.32
C LEU B 653 1.66 -69.85 29.91
N PRO B 654 1.42 -70.21 28.64
CA PRO B 654 1.79 -71.56 28.19
C PRO B 654 3.29 -71.72 28.01
N GLU B 655 3.72 -72.88 27.52
CA GLU B 655 5.14 -73.15 27.35
C GLU B 655 5.76 -72.24 26.29
N ASP B 656 5.02 -71.95 25.21
CA ASP B 656 5.49 -71.10 24.10
C ASP B 656 4.30 -70.26 23.64
N PHE B 657 4.12 -69.06 24.22
CA PHE B 657 2.99 -68.24 23.84
C PHE B 657 3.32 -67.25 22.73
N TYR B 658 4.61 -67.03 22.49
CA TYR B 658 5.09 -65.94 21.64
C TYR B 658 4.67 -66.13 20.18
N ASN B 659 4.50 -67.37 19.73
CA ASN B 659 4.16 -67.64 18.35
C ASN B 659 2.68 -67.91 18.12
N LYS B 660 1.86 -68.01 19.17
CA LYS B 660 0.48 -68.46 19.01
C LYS B 660 -0.58 -67.41 19.29
N VAL B 661 -0.30 -66.38 20.07
CA VAL B 661 -1.35 -65.47 20.56
C VAL B 661 -1.01 -64.04 20.17
N ASP B 662 -2.03 -63.28 19.75
CA ASP B 662 -1.86 -61.88 19.44
C ASP B 662 -2.28 -61.00 20.62
N LEU B 663 -1.59 -59.86 20.76
CA LEU B 663 -1.95 -58.90 21.80
C LEU B 663 -1.91 -57.50 21.23
N HIS B 664 -3.07 -57.04 20.77
CA HIS B 664 -3.28 -55.62 20.49
C HIS B 664 -3.25 -54.90 21.82
N VAL B 665 -2.37 -53.93 21.94
CA VAL B 665 -2.15 -53.25 23.21
C VAL B 665 -2.39 -51.77 22.97
N HIS B 666 -3.61 -51.34 23.22
CA HIS B 666 -3.91 -49.93 23.11
C HIS B 666 -3.64 -49.20 24.41
N VAL B 667 -3.23 -47.95 24.31
CA VAL B 667 -3.08 -47.07 25.47
C VAL B 667 -3.99 -45.86 25.29
N PRO B 668 -4.74 -45.45 26.32
CA PRO B 668 -5.69 -44.34 26.14
C PRO B 668 -5.09 -43.00 25.80
N ASP B 669 -3.92 -42.65 26.33
CA ASP B 669 -3.43 -41.30 26.11
C ASP B 669 -1.90 -41.37 26.10
N GLY B 670 -1.32 -41.36 24.90
CA GLY B 670 0.09 -41.63 24.76
C GLY B 670 0.90 -40.61 24.00
N ALA B 671 0.25 -39.58 23.45
CA ALA B 671 0.95 -38.53 22.70
C ALA B 671 1.53 -37.56 23.72
N THR B 672 2.58 -38.01 24.39
CA THR B 672 3.11 -37.22 25.49
C THR B 672 4.62 -37.32 25.53
N PRO B 673 5.32 -36.20 25.35
CA PRO B 673 6.78 -36.23 25.46
C PRO B 673 7.28 -36.26 26.90
N LYS B 674 6.43 -35.91 27.89
CA LYS B 674 6.71 -36.31 29.27
C LYS B 674 6.79 -37.82 29.38
N ASP B 675 5.72 -38.50 28.95
CA ASP B 675 5.56 -39.91 29.22
C ASP B 675 6.60 -40.74 28.51
N GLY B 676 7.63 -41.10 29.25
CA GLY B 676 8.58 -42.07 28.79
C GLY B 676 8.08 -43.45 29.15
N PRO B 677 8.99 -44.37 29.29
CA PRO B 677 8.61 -45.76 29.54
C PRO B 677 8.21 -46.06 30.98
N SER B 678 7.28 -45.28 31.52
CA SER B 678 6.99 -45.28 32.94
C SER B 678 5.99 -46.34 33.36
N ALA B 679 5.41 -47.07 32.41
CA ALA B 679 4.33 -47.98 32.74
C ALA B 679 4.61 -49.38 32.23
N GLY B 680 5.88 -49.75 32.08
CA GLY B 680 6.20 -51.10 31.63
C GLY B 680 5.84 -52.15 32.66
N ILE B 681 5.85 -51.77 33.93
CA ILE B 681 5.29 -52.64 34.95
C ILE B 681 3.77 -52.61 34.91
N THR B 682 3.19 -51.46 34.56
CA THR B 682 1.76 -51.41 34.29
C THR B 682 1.43 -52.24 33.05
N MET B 683 2.32 -52.18 32.05
CA MET B 683 2.24 -53.09 30.90
C MET B 683 2.31 -54.53 31.34
N ALA B 684 3.19 -54.83 32.30
CA ALA B 684 3.43 -56.20 32.76
C ALA B 684 2.22 -56.76 33.46
N THR B 685 1.64 -55.97 34.34
CA THR B 685 0.40 -56.38 35.01
C THR B 685 -0.71 -56.56 34.01
N ALA B 686 -0.78 -55.67 33.01
CA ALA B 686 -1.78 -55.78 31.97
C ALA B 686 -1.62 -57.08 31.17
N ILE B 687 -0.40 -57.35 30.71
CA ILE B 687 -0.18 -58.49 29.81
C ILE B 687 -0.32 -59.82 30.57
N ALA B 688 0.16 -59.87 31.81
CA ALA B 688 0.09 -61.12 32.56
C ALA B 688 -1.32 -61.36 33.06
N SER B 689 -2.03 -60.29 33.38
CA SER B 689 -3.43 -60.42 33.76
C SER B 689 -4.28 -60.85 32.59
N ALA B 690 -3.98 -60.34 31.39
CA ALA B 690 -4.79 -60.66 30.22
C ALA B 690 -4.50 -62.07 29.73
N LEU B 691 -3.22 -62.43 29.63
CA LEU B 691 -2.83 -63.75 29.15
C LEU B 691 -3.13 -64.82 30.18
N SER B 692 -2.94 -64.50 31.46
CA SER B 692 -3.35 -65.37 32.55
C SER B 692 -4.86 -65.44 32.69
N ARG B 693 -5.59 -64.47 32.14
CA ARG B 693 -7.05 -64.29 32.27
C ARG B 693 -7.44 -64.08 33.73
N ARG B 694 -6.56 -63.41 34.49
CA ARG B 694 -6.72 -63.24 35.93
C ARG B 694 -6.79 -61.74 36.23
N PRO B 695 -7.48 -61.32 37.30
CA PRO B 695 -7.74 -59.90 37.49
C PRO B 695 -6.51 -59.08 37.82
N ALA B 696 -6.15 -58.18 36.92
CA ALA B 696 -5.29 -57.06 37.25
C ALA B 696 -5.97 -56.22 38.30
N ARG B 697 -5.21 -55.72 39.26
CA ARG B 697 -5.84 -55.18 40.45
C ARG B 697 -6.44 -53.81 40.20
N MET B 698 -7.63 -53.64 40.75
CA MET B 698 -8.11 -52.33 41.11
C MET B 698 -7.16 -51.67 42.10
N ASP B 699 -6.85 -50.41 41.83
CA ASP B 699 -6.33 -49.46 42.80
C ASP B 699 -4.97 -49.86 43.37
N ILE B 700 -4.02 -50.06 42.47
CA ILE B 700 -2.60 -49.89 42.76
C ILE B 700 -2.05 -49.02 41.63
N ALA B 701 -1.95 -47.71 41.90
CA ALA B 701 -1.53 -46.72 40.90
C ALA B 701 -0.02 -46.58 40.98
N MET B 702 0.65 -47.04 39.95
CA MET B 702 2.06 -47.35 40.03
C MET B 702 2.79 -47.01 38.74
N THR B 703 4.12 -46.89 38.86
CA THR B 703 4.95 -46.31 37.82
C THR B 703 6.38 -46.82 37.97
N GLY B 704 7.17 -46.63 36.91
CA GLY B 704 8.58 -46.98 36.95
C GLY B 704 9.18 -47.54 35.67
N GLU B 705 10.32 -46.99 35.28
CA GLU B 705 11.02 -47.46 34.10
C GLU B 705 11.76 -48.76 34.43
N VAL B 706 11.86 -49.64 33.43
CA VAL B 706 12.27 -51.02 33.62
C VAL B 706 13.57 -51.28 32.88
N SER B 707 14.27 -52.36 33.26
CA SER B 707 15.29 -52.95 32.42
C SER B 707 14.68 -54.01 31.52
N LEU B 708 15.47 -54.47 30.53
CA LEU B 708 15.04 -55.60 29.72
C LEU B 708 14.97 -56.86 30.56
N ARG B 709 16.07 -57.15 31.27
CA ARG B 709 16.20 -58.41 31.99
C ARG B 709 15.27 -58.46 33.19
N GLY B 710 14.84 -57.30 33.67
CA GLY B 710 13.68 -57.24 34.55
C GLY B 710 13.84 -56.34 35.75
N LYS B 711 14.99 -55.71 35.89
CA LYS B 711 15.23 -54.93 37.09
C LYS B 711 14.53 -53.58 36.94
N VAL B 712 13.76 -53.23 37.96
CA VAL B 712 12.94 -52.03 37.91
C VAL B 712 13.87 -50.85 38.08
N MET B 713 14.15 -50.17 36.98
CA MET B 713 15.09 -49.07 37.02
C MET B 713 14.54 -47.89 37.82
N PRO B 714 15.43 -47.04 38.32
CA PRO B 714 14.97 -45.82 38.97
C PRO B 714 14.30 -44.87 38.00
N ILE B 715 13.49 -43.97 38.55
CA ILE B 715 12.91 -42.85 37.82
C ILE B 715 13.09 -41.59 38.63
N GLY B 716 13.21 -40.48 37.94
CA GLY B 716 12.99 -39.20 38.56
C GLY B 716 11.53 -38.82 38.48
N GLY B 717 11.23 -37.62 38.97
CA GLY B 717 9.88 -37.10 38.93
C GLY B 717 8.89 -37.93 39.72
N VAL B 718 9.34 -38.56 40.81
CA VAL B 718 8.51 -39.45 41.60
C VAL B 718 7.45 -38.65 42.34
N LYS B 719 7.68 -37.35 42.50
CA LYS B 719 6.72 -36.38 43.00
C LYS B 719 5.37 -36.52 42.30
N GLU B 720 5.32 -36.18 41.00
CA GLU B 720 4.06 -36.13 40.25
C GLU B 720 3.38 -37.49 40.14
N LYS B 721 4.18 -38.56 40.10
CA LYS B 721 3.61 -39.90 40.01
C LYS B 721 2.89 -40.27 41.29
N LEU B 722 3.51 -40.03 42.45
CA LEU B 722 2.85 -40.31 43.72
C LEU B 722 1.65 -39.42 43.94
N LEU B 723 1.73 -38.19 43.42
CA LEU B 723 0.60 -37.28 43.49
C LEU B 723 -0.57 -37.74 42.64
N ALA B 724 -0.29 -38.30 41.46
CA ALA B 724 -1.37 -38.83 40.64
C ALA B 724 -1.96 -40.07 41.27
N ALA B 725 -1.15 -40.83 42.01
CA ALA B 725 -1.67 -42.00 42.71
C ALA B 725 -2.64 -41.61 43.81
N HIS B 726 -2.26 -40.66 44.66
CA HIS B 726 -3.27 -40.22 45.62
C HIS B 726 -4.38 -39.40 44.99
N GLN B 727 -4.16 -38.76 43.85
CA GLN B 727 -5.24 -38.06 43.17
C GLN B 727 -6.35 -38.98 42.71
N ALA B 728 -6.02 -40.15 42.19
CA ALA B 728 -7.00 -41.03 41.58
C ALA B 728 -7.71 -41.92 42.59
N GLY B 729 -7.74 -41.52 43.86
CA GLY B 729 -8.37 -42.35 44.86
C GLY B 729 -7.60 -43.61 45.18
N ILE B 730 -6.34 -43.63 44.92
CA ILE B 730 -5.55 -44.83 45.12
C ILE B 730 -4.64 -44.60 46.31
N HIS B 731 -4.43 -45.65 47.11
CA HIS B 731 -3.58 -45.54 48.29
C HIS B 731 -2.56 -46.66 48.33
N LYS B 732 -2.41 -47.38 47.23
CA LYS B 732 -1.46 -48.49 47.15
C LYS B 732 -0.58 -48.22 45.95
N ILE B 733 0.74 -48.21 46.15
CA ILE B 733 1.68 -47.80 45.11
C ILE B 733 2.82 -48.81 45.03
N VAL B 734 3.17 -49.23 43.82
CA VAL B 734 4.46 -49.82 43.54
C VAL B 734 5.38 -48.70 43.07
N LEU B 735 6.55 -48.58 43.70
CA LEU B 735 7.65 -47.72 43.32
C LEU B 735 8.93 -48.54 43.34
N PRO B 736 9.93 -48.19 42.51
CA PRO B 736 11.19 -48.95 42.52
C PRO B 736 11.90 -48.78 43.86
N LYS B 737 12.42 -49.90 44.37
CA LYS B 737 13.10 -49.86 45.64
C LYS B 737 14.43 -49.13 45.53
N ASP B 738 14.98 -49.01 44.31
CA ASP B 738 16.11 -48.13 44.06
C ASP B 738 15.82 -46.67 44.38
N ASN B 739 14.58 -46.23 44.21
CA ASN B 739 14.24 -44.85 44.52
C ASN B 739 13.78 -44.68 45.95
N GLU B 740 14.27 -45.50 46.89
CA GLU B 740 13.82 -45.35 48.27
C GLU B 740 14.41 -44.09 48.91
N ALA B 741 15.67 -43.76 48.60
CA ALA B 741 16.23 -42.50 49.06
C ALA B 741 15.58 -41.33 48.32
N GLN B 742 15.21 -41.56 47.07
CA GLN B 742 14.41 -40.60 46.31
C GLN B 742 13.06 -40.40 46.95
N LEU B 743 12.49 -41.48 47.49
CA LEU B 743 11.24 -41.42 48.22
C LEU B 743 11.38 -40.64 49.51
N GLU B 744 12.56 -40.70 50.14
CA GLU B 744 12.77 -39.93 51.36
C GLU B 744 12.86 -38.44 51.07
N GLU B 745 13.16 -38.06 49.83
CA GLU B 745 13.12 -36.66 49.42
C GLU B 745 11.72 -36.07 49.51
N LEU B 746 10.69 -36.91 49.40
CA LEU B 746 9.32 -36.44 49.25
C LEU B 746 8.81 -35.73 50.50
N PRO B 747 7.96 -34.73 50.35
CA PRO B 747 7.21 -34.23 51.50
C PRO B 747 6.33 -35.33 52.08
N LYS B 748 6.22 -35.32 53.41
CA LYS B 748 5.38 -36.31 54.10
C LYS B 748 3.92 -36.13 53.77
N GLU B 749 3.49 -34.88 53.55
CA GLU B 749 2.08 -34.58 53.30
C GLU B 749 1.58 -35.19 52.00
N VAL B 750 2.48 -35.41 51.06
CA VAL B 750 2.18 -36.22 49.89
C VAL B 750 1.87 -37.65 50.30
N LEU B 751 2.68 -38.23 51.18
CA LEU B 751 2.50 -39.61 51.59
C LEU B 751 1.67 -39.69 52.87
N GLU B 752 0.36 -39.59 52.71
CA GLU B 752 -0.52 -39.61 53.87
C GLU B 752 -0.84 -41.03 54.32
N GLY B 753 -1.57 -41.77 53.50
CA GLY B 753 -1.97 -43.12 53.87
C GLY B 753 -1.50 -44.04 52.77
N LEU B 754 -0.59 -43.51 51.97
CA LEU B 754 -0.23 -44.10 50.69
C LEU B 754 0.72 -45.25 50.99
N GLU B 755 0.16 -46.44 51.09
CA GLU B 755 0.96 -47.64 51.27
C GLU B 755 1.78 -47.89 50.03
N ILE B 756 3.09 -47.94 50.20
CA ILE B 756 4.01 -48.09 49.09
C ILE B 756 4.61 -49.48 49.16
N LYS B 757 4.48 -50.24 48.07
CA LYS B 757 5.07 -51.57 48.00
C LYS B 757 6.36 -51.47 47.19
N LEU B 758 7.39 -50.91 47.83
CA LEU B 758 8.71 -50.72 47.24
C LEU B 758 9.34 -52.04 46.86
N VAL B 759 9.61 -52.24 45.57
CA VAL B 759 10.13 -53.51 45.08
C VAL B 759 11.23 -53.23 44.07
N GLU B 760 12.01 -54.27 43.77
CA GLU B 760 13.08 -54.18 42.80
C GLU B 760 12.83 -54.93 41.50
N ASP B 761 11.97 -55.92 41.50
CA ASP B 761 11.82 -56.75 40.32
C ASP B 761 10.35 -56.78 39.91
N VAL B 762 10.14 -57.03 38.61
CA VAL B 762 8.80 -57.01 38.03
C VAL B 762 7.93 -58.14 38.59
N GLY B 763 8.56 -59.26 38.96
CA GLY B 763 7.81 -60.43 39.37
C GLY B 763 7.05 -60.25 40.67
N GLU B 764 7.54 -59.36 41.54
CA GLU B 764 6.79 -58.98 42.75
C GLU B 764 5.46 -58.35 42.40
N VAL B 765 5.47 -57.37 41.48
CA VAL B 765 4.27 -56.65 41.09
C VAL B 765 3.31 -57.60 40.36
N LEU B 766 3.87 -58.49 39.55
CA LEU B 766 3.10 -59.54 38.88
C LEU B 766 2.41 -60.44 39.89
N GLU B 767 3.10 -60.76 40.98
CA GLU B 767 2.54 -61.63 42.00
C GLU B 767 1.75 -60.88 43.06
N TYR B 768 1.71 -59.55 43.01
CA TYR B 768 0.84 -58.79 43.90
C TYR B 768 -0.49 -58.41 43.27
N LEU B 769 -0.47 -57.69 42.15
CA LEU B 769 -1.71 -57.11 41.63
C LEU B 769 -2.61 -58.18 41.05
N LEU B 770 -2.03 -59.20 40.44
CA LEU B 770 -2.78 -60.41 40.16
C LEU B 770 -3.17 -61.06 41.48
N LEU B 771 -4.43 -60.88 41.86
CA LEU B 771 -4.92 -61.46 43.12
C LEU B 771 -4.93 -62.99 43.11
N PRO B 772 -5.13 -63.69 41.97
CA PRO B 772 -4.53 -65.02 41.85
C PRO B 772 -3.20 -64.99 41.12
N GLU B 773 -2.21 -65.70 41.65
CA GLU B 773 -0.84 -65.60 41.15
C GLU B 773 -0.61 -66.14 39.73
N PRO B 774 -1.17 -67.31 39.31
CA PRO B 774 -0.94 -67.58 37.89
C PRO B 774 -1.88 -66.83 36.96
N ARG C 2 -31.01 24.61 98.40
CA ARG C 2 -31.64 24.45 97.09
C ARG C 2 -32.95 25.25 97.02
N LEU C 3 -32.87 26.46 96.49
CA LEU C 3 -34.05 27.31 96.35
C LEU C 3 -34.93 26.81 95.22
N GLU C 4 -36.23 26.71 95.48
CA GLU C 4 -37.20 26.21 94.52
C GLU C 4 -37.94 27.40 93.91
N LEU C 5 -37.81 27.56 92.60
CA LEU C 5 -38.34 28.70 91.87
C LEU C 5 -39.06 28.20 90.63
N PRO C 6 -40.03 28.97 90.11
CA PRO C 6 -40.70 28.56 88.87
C PRO C 6 -39.77 28.59 87.67
N VAL C 7 -40.09 27.76 86.68
CA VAL C 7 -39.25 27.55 85.51
C VAL C 7 -39.99 28.10 84.29
N ILE C 8 -39.30 28.90 83.49
CA ILE C 8 -39.77 29.23 82.16
C ILE C 8 -39.12 28.25 81.18
N PRO C 9 -39.89 27.40 80.53
CA PRO C 9 -39.32 26.47 79.53
C PRO C 9 -38.91 27.22 78.28
N LEU C 10 -37.61 27.22 77.99
CA LEU C 10 -37.10 27.95 76.84
C LEU C 10 -37.47 27.24 75.54
N ARG C 11 -37.63 28.03 74.48
CA ARG C 11 -38.16 27.53 73.23
C ARG C 11 -37.13 26.71 72.47
N ASN C 12 -36.03 27.34 72.07
CA ASN C 12 -34.94 26.63 71.42
C ASN C 12 -33.57 27.14 71.79
N THR C 13 -33.47 28.18 72.62
CA THR C 13 -32.21 28.83 72.91
C THR C 13 -31.66 28.33 74.24
N VAL C 14 -30.37 28.00 74.26
CA VAL C 14 -29.67 27.68 75.50
C VAL C 14 -29.15 29.01 76.04
N ILE C 15 -29.91 29.62 76.94
CA ILE C 15 -29.61 30.95 77.43
C ILE C 15 -28.45 30.85 78.43
N LEU C 16 -27.34 31.48 78.10
CA LEU C 16 -26.17 31.54 78.96
C LEU C 16 -26.41 32.52 80.10
N PRO C 17 -25.63 32.42 81.18
CA PRO C 17 -25.66 33.49 82.20
C PRO C 17 -25.10 34.79 81.65
N HIS C 18 -25.49 35.88 82.33
CA HIS C 18 -25.06 37.25 82.01
C HIS C 18 -25.44 37.64 80.58
N THR C 19 -26.62 37.24 80.14
CA THR C 19 -27.10 37.51 78.79
C THR C 19 -28.39 38.31 78.85
N THR C 20 -28.44 39.40 78.09
CA THR C 20 -29.67 40.19 77.96
C THR C 20 -30.49 39.57 76.83
N THR C 21 -31.24 38.53 77.17
CA THR C 21 -32.06 37.79 76.21
C THR C 21 -33.53 37.99 76.53
N PRO C 22 -34.34 38.56 75.63
CA PRO C 22 -35.78 38.65 75.87
C PRO C 22 -36.42 37.26 75.85
N VAL C 23 -37.45 37.10 76.67
CA VAL C 23 -38.13 35.82 76.85
C VAL C 23 -39.61 36.00 76.51
N ASP C 24 -40.10 35.19 75.58
CA ASP C 24 -41.51 35.17 75.20
C ASP C 24 -42.10 33.82 75.56
N VAL C 25 -43.26 33.83 76.20
CA VAL C 25 -43.95 32.62 76.61
C VAL C 25 -45.25 32.53 75.82
N GLY C 26 -45.40 31.48 75.02
CA GLY C 26 -46.58 31.30 74.19
C GLY C 26 -47.43 30.13 74.65
N ARG C 27 -47.20 29.66 75.86
CA ARG C 27 -47.93 28.53 76.44
C ARG C 27 -48.91 29.03 77.48
N ALA C 28 -50.14 28.50 77.42
CA ALA C 28 -51.15 28.87 78.40
C ALA C 28 -50.89 28.28 79.78
N LYS C 29 -50.15 27.17 79.84
CA LYS C 29 -49.84 26.54 81.12
C LYS C 29 -48.55 27.04 81.75
N SER C 30 -47.65 27.62 80.97
CA SER C 30 -46.37 28.07 81.49
C SER C 30 -46.38 29.52 81.96
N LYS C 31 -47.44 30.27 81.69
CA LYS C 31 -47.53 31.66 82.15
C LYS C 31 -47.89 31.78 83.61
N ARG C 32 -48.48 30.72 84.20
CA ARG C 32 -48.72 30.70 85.64
C ARG C 32 -47.41 30.68 86.40
N ALA C 33 -46.42 29.94 85.88
CA ALA C 33 -45.07 29.96 86.44
C ALA C 33 -44.43 31.34 86.29
N VAL C 34 -44.71 32.03 85.19
CA VAL C 34 -44.20 33.38 84.98
C VAL C 34 -44.78 34.35 86.00
N GLU C 35 -46.09 34.27 86.24
CA GLU C 35 -46.73 35.14 87.21
C GLU C 35 -46.31 34.80 88.65
N GLU C 36 -46.11 33.51 88.94
CA GLU C 36 -45.61 33.11 90.25
C GLU C 36 -44.18 33.57 90.46
N ALA C 37 -43.37 33.59 89.40
CA ALA C 37 -42.01 34.09 89.51
C ALA C 37 -41.96 35.61 89.64
N MET C 38 -42.93 36.30 89.02
CA MET C 38 -43.08 37.73 89.27
C MET C 38 -43.48 38.01 90.71
N GLY C 39 -44.34 37.16 91.28
CA GLY C 39 -44.67 37.24 92.69
C GLY C 39 -43.66 36.65 93.64
N ALA C 40 -42.58 36.05 93.11
CA ALA C 40 -41.53 35.44 93.91
C ALA C 40 -40.22 36.22 93.84
N ASP C 41 -40.32 37.55 93.79
CA ASP C 41 -39.20 38.50 93.92
C ASP C 41 -38.17 38.35 92.79
N ARG C 42 -38.69 38.44 91.55
CA ARG C 42 -37.97 38.56 90.27
C ARG C 42 -36.75 37.63 90.14
N LEU C 43 -36.99 36.33 90.33
CA LEU C 43 -35.93 35.33 90.21
C LEU C 43 -36.47 34.12 89.46
N ILE C 44 -35.97 33.90 88.24
CA ILE C 44 -36.44 32.84 87.37
C ILE C 44 -35.25 31.98 86.96
N PHE C 45 -35.37 30.66 87.14
CA PHE C 45 -34.44 29.73 86.52
C PHE C 45 -34.84 29.50 85.07
N LEU C 46 -33.88 29.64 84.17
CA LEU C 46 -34.09 29.42 82.74
C LEU C 46 -33.49 28.08 82.35
N VAL C 47 -34.33 27.18 81.84
CA VAL C 47 -33.91 25.84 81.47
C VAL C 47 -34.21 25.63 79.99
N ALA C 48 -33.15 25.37 79.22
CA ALA C 48 -33.32 25.09 77.80
C ALA C 48 -33.96 23.73 77.60
N GLN C 49 -34.82 23.63 76.59
CA GLN C 49 -35.52 22.42 76.23
C GLN C 49 -35.31 22.21 74.72
N ARG C 50 -35.88 21.13 74.17
CA ARG C 50 -35.81 20.79 72.75
C ARG C 50 -36.80 21.59 71.92
N ASP C 51 -37.11 21.10 70.71
CA ASP C 51 -38.03 21.74 69.78
C ASP C 51 -39.38 22.06 70.43
N PRO C 52 -40.03 23.20 70.00
CA PRO C 52 -41.24 23.71 70.67
C PRO C 52 -42.37 22.72 70.88
N GLU C 53 -43.07 22.91 71.99
CA GLU C 53 -43.95 21.91 72.55
C GLU C 53 -45.27 21.82 71.78
N VAL C 54 -46.12 20.90 72.22
CA VAL C 54 -47.47 20.75 71.71
C VAL C 54 -48.42 21.10 72.86
N ASP C 55 -47.98 22.07 73.68
CA ASP C 55 -48.63 22.46 74.94
C ASP C 55 -48.75 21.26 75.88
N ASP C 56 -47.61 20.64 76.17
CA ASP C 56 -47.53 19.54 77.12
C ASP C 56 -46.17 19.59 77.81
N PRO C 57 -46.05 20.38 78.88
CA PRO C 57 -44.77 20.42 79.61
C PRO C 57 -44.54 19.13 80.38
N ALA C 58 -43.28 18.72 80.45
CA ALA C 58 -42.90 17.49 81.14
C ALA C 58 -41.68 17.73 82.02
N PRO C 59 -41.66 17.17 83.23
CA PRO C 59 -40.47 17.34 84.09
C PRO C 59 -39.28 16.51 83.64
N ASP C 60 -39.49 15.47 82.83
CA ASP C 60 -38.41 14.60 82.41
C ASP C 60 -37.65 15.11 81.20
N ASP C 61 -38.13 16.18 80.56
CA ASP C 61 -37.50 16.73 79.36
C ASP C 61 -36.81 18.07 79.64
N LEU C 62 -36.29 18.26 80.84
CA LEU C 62 -35.59 19.47 81.22
C LEU C 62 -34.10 19.20 81.37
N TYR C 63 -33.29 20.22 81.07
CA TYR C 63 -31.85 20.08 81.16
C TYR C 63 -31.40 20.13 82.62
N THR C 64 -30.21 19.57 82.86
CA THR C 64 -29.64 19.53 84.21
C THR C 64 -29.10 20.89 84.64
N TRP C 65 -28.54 21.66 83.72
CA TRP C 65 -27.96 22.96 84.03
C TRP C 65 -29.02 24.05 83.87
N GLY C 66 -29.28 24.79 84.93
CA GLY C 66 -30.20 25.90 84.91
C GLY C 66 -29.48 27.23 85.13
N VAL C 67 -30.10 28.30 84.62
CA VAL C 67 -29.54 29.64 84.67
C VAL C 67 -30.56 30.56 85.34
N GLN C 68 -30.18 31.19 86.43
CA GLN C 68 -31.05 32.12 87.13
C GLN C 68 -31.01 33.48 86.46
N ALA C 69 -32.13 34.21 86.51
CA ALA C 69 -32.25 35.50 85.87
C ALA C 69 -33.03 36.45 86.76
N VAL C 70 -32.87 37.75 86.50
CA VAL C 70 -33.55 38.82 87.24
C VAL C 70 -34.43 39.61 86.28
N VAL C 71 -35.63 39.97 86.75
CA VAL C 71 -36.63 40.63 85.92
C VAL C 71 -36.59 42.13 86.19
N LYS C 72 -36.51 42.93 85.13
CA LYS C 72 -36.58 44.38 85.23
C LYS C 72 -37.95 44.93 84.88
N GLN C 73 -38.54 44.52 83.76
CA GLN C 73 -39.86 44.98 83.37
C GLN C 73 -40.52 43.94 82.49
N ALA C 74 -41.84 44.02 82.39
CA ALA C 74 -42.62 43.11 81.57
C ALA C 74 -43.92 43.79 81.17
N MET C 75 -44.56 43.25 80.13
CA MET C 75 -45.83 43.76 79.65
C MET C 75 -46.55 42.64 78.92
N ARG C 76 -47.80 42.89 78.55
CA ARG C 76 -48.64 41.92 77.87
C ARG C 76 -48.89 42.37 76.44
N LEU C 77 -48.48 41.53 75.48
CA LEU C 77 -48.70 41.80 74.07
C LEU C 77 -50.17 41.56 73.72
N PRO C 78 -50.71 42.30 72.75
CA PRO C 78 -52.15 42.16 72.43
C PRO C 78 -52.54 40.84 71.77
N ASP C 79 -51.58 40.09 71.21
CA ASP C 79 -51.91 38.83 70.57
C ASP C 79 -51.89 37.64 71.52
N GLY C 80 -51.66 37.87 72.81
CA GLY C 80 -51.66 36.80 73.79
C GLY C 80 -50.27 36.24 74.05
N THR C 81 -49.30 37.13 74.28
CA THR C 81 -47.94 36.71 74.56
C THR C 81 -47.41 37.55 75.72
N LEU C 82 -46.72 36.90 76.65
CA LEU C 82 -46.09 37.57 77.78
C LEU C 82 -44.66 37.89 77.39
N GLN C 83 -44.37 39.18 77.18
CA GLN C 83 -43.04 39.63 76.80
C GLN C 83 -42.34 40.22 78.01
N VAL C 84 -41.14 39.73 78.29
CA VAL C 84 -40.35 40.18 79.43
C VAL C 84 -38.91 40.38 78.97
N MET C 85 -38.30 41.47 79.43
CA MET C 85 -36.90 41.75 79.17
C MET C 85 -36.12 41.45 80.44
N VAL C 86 -35.20 40.48 80.36
CA VAL C 86 -34.44 40.03 81.52
C VAL C 86 -32.96 39.98 81.17
N GLU C 87 -32.13 40.02 82.20
CA GLU C 87 -30.70 39.72 82.10
C GLU C 87 -30.39 38.58 83.05
N ALA C 88 -29.72 37.56 82.53
CA ALA C 88 -29.45 36.36 83.33
C ALA C 88 -28.43 36.66 84.42
N ARG C 89 -28.59 35.99 85.56
CA ARG C 89 -27.73 36.24 86.71
C ARG C 89 -26.53 35.29 86.74
N ALA C 90 -26.79 33.99 86.86
CA ALA C 90 -25.72 33.01 87.02
C ALA C 90 -26.25 31.62 86.68
N ARG C 91 -25.32 30.69 86.50
CA ARG C 91 -25.66 29.30 86.25
C ARG C 91 -25.85 28.54 87.57
N ALA C 92 -26.58 27.43 87.48
CA ALA C 92 -26.85 26.61 88.65
C ALA C 92 -27.08 25.18 88.19
N GLN C 93 -26.98 24.25 89.14
CA GLN C 93 -27.14 22.82 88.88
C GLN C 93 -28.41 22.33 89.55
N VAL C 94 -29.26 21.66 88.77
CA VAL C 94 -30.50 21.12 89.30
C VAL C 94 -30.22 19.79 89.99
N THR C 95 -30.56 19.71 91.29
CA THR C 95 -30.32 18.50 92.06
C THR C 95 -31.50 17.54 91.96
N ASP C 96 -32.70 18.00 92.30
CA ASP C 96 -33.90 17.19 92.29
C ASP C 96 -34.98 17.89 91.47
N TYR C 97 -35.82 17.09 90.84
CA TYR C 97 -36.90 17.60 89.99
C TYR C 97 -38.23 17.48 90.73
N ILE C 98 -38.81 18.62 91.08
CA ILE C 98 -40.16 18.63 91.64
C ILE C 98 -41.16 18.43 90.50
N PRO C 99 -42.08 17.48 90.63
CA PRO C 99 -43.04 17.23 89.54
C PRO C 99 -43.99 18.40 89.31
N GLY C 100 -44.36 18.59 88.05
CA GLY C 100 -45.25 19.65 87.66
C GLY C 100 -46.37 19.13 86.77
N PRO C 101 -47.01 20.01 85.99
CA PRO C 101 -46.87 21.47 85.88
C PRO C 101 -47.49 22.21 87.07
N TYR C 102 -46.96 23.36 87.48
CA TYR C 102 -45.82 24.05 86.84
C TYR C 102 -44.45 23.59 87.33
N LEU C 103 -43.46 23.74 86.45
CA LEU C 103 -42.14 23.17 86.69
C LEU C 103 -41.38 23.96 87.75
N ARG C 104 -40.57 23.25 88.54
CA ARG C 104 -39.75 23.83 89.58
C ARG C 104 -38.30 23.40 89.40
N ALA C 105 -37.37 24.26 89.80
CA ALA C 105 -35.95 23.96 89.71
C ALA C 105 -35.26 24.27 91.04
N ARG C 106 -34.28 23.44 91.37
CA ARG C 106 -33.41 23.65 92.53
C ARG C 106 -32.02 24.05 92.05
N GLY C 107 -31.24 24.63 92.97
CA GLY C 107 -29.88 25.00 92.63
C GLY C 107 -29.33 26.01 93.61
N GLU C 108 -28.36 26.79 93.13
CA GLU C 108 -27.67 27.79 93.93
C GLU C 108 -27.97 29.18 93.39
N VAL C 109 -27.76 30.19 94.25
CA VAL C 109 -28.04 31.57 93.86
C VAL C 109 -27.01 32.07 92.85
N PHE C 110 -25.74 31.68 93.01
CA PHE C 110 -24.72 31.96 92.00
C PHE C 110 -23.59 30.95 92.13
N SER C 111 -23.07 30.52 90.98
CA SER C 111 -21.95 29.60 90.92
C SER C 111 -20.94 30.02 89.87
N GLU C 112 -20.90 31.32 89.55
CA GLU C 112 -19.99 31.84 88.55
C GLU C 112 -18.57 31.93 89.11
N ILE C 113 -17.61 32.05 88.20
CA ILE C 113 -16.20 32.14 88.54
C ILE C 113 -15.68 33.50 88.08
N PHE C 114 -15.18 34.30 89.01
CA PHE C 114 -14.62 35.61 88.74
C PHE C 114 -13.24 35.48 88.07
N PRO C 115 -12.85 36.46 87.26
CA PRO C 115 -11.56 36.37 86.56
C PRO C 115 -10.36 36.45 87.50
N ILE C 116 -9.42 35.53 87.29
CA ILE C 116 -8.15 35.49 88.01
C ILE C 116 -7.04 35.57 86.97
N ASP C 117 -5.97 36.31 87.30
CA ASP C 117 -4.82 36.58 86.43
C ASP C 117 -5.29 37.27 85.13
N GLU C 118 -5.74 38.51 85.32
CA GLU C 118 -6.52 39.26 84.33
C GLU C 118 -5.73 39.66 83.10
N ALA C 119 -4.41 39.50 83.08
CA ALA C 119 -3.63 39.83 81.88
C ALA C 119 -3.94 38.88 80.73
N VAL C 120 -3.94 37.58 81.00
CA VAL C 120 -4.28 36.58 79.99
C VAL C 120 -5.75 36.70 79.60
N VAL C 121 -6.61 37.04 80.57
CA VAL C 121 -8.03 37.24 80.31
C VAL C 121 -8.24 38.43 79.37
N ARG C 122 -7.50 39.53 79.60
CA ARG C 122 -7.62 40.71 78.75
C ARG C 122 -7.06 40.45 77.35
N VAL C 123 -5.98 39.65 77.26
CA VAL C 123 -5.43 39.26 75.96
C VAL C 123 -6.44 38.40 75.20
N LEU C 124 -7.11 37.47 75.91
CA LEU C 124 -8.14 36.64 75.28
C LEU C 124 -9.34 37.48 74.85
N VAL C 125 -9.70 38.50 75.63
CA VAL C 125 -10.81 39.40 75.28
C VAL C 125 -10.48 40.19 74.01
N GLU C 126 -9.25 40.72 73.92
CA GLU C 126 -8.84 41.47 72.73
C GLU C 126 -8.76 40.56 71.50
N GLU C 127 -8.25 39.34 71.68
CA GLU C 127 -8.18 38.39 70.57
C GLU C 127 -9.57 37.96 70.09
N LEU C 128 -10.50 37.78 71.04
CA LEU C 128 -11.88 37.44 70.67
C LEU C 128 -12.57 38.61 69.98
N LYS C 129 -12.25 39.84 70.39
CA LYS C 129 -12.80 41.02 69.72
C LYS C 129 -12.29 41.13 68.29
N GLU C 130 -10.99 40.89 68.09
CA GLU C 130 -10.43 40.94 66.74
C GLU C 130 -10.97 39.81 65.86
N ALA C 131 -11.15 38.62 66.44
CA ALA C 131 -11.71 37.50 65.69
C ALA C 131 -13.17 37.75 65.33
N PHE C 132 -13.93 38.38 66.23
CA PHE C 132 -15.32 38.71 65.92
C PHE C 132 -15.41 39.82 64.87
N GLU C 133 -14.46 40.77 64.90
CA GLU C 133 -14.40 41.80 63.86
C GLU C 133 -14.07 41.19 62.50
N LYS C 134 -13.16 40.21 62.45
CA LYS C 134 -12.88 39.50 61.22
C LYS C 134 -14.10 38.69 60.75
N TYR C 135 -14.81 38.06 61.70
CA TYR C 135 -15.99 37.27 61.38
C TYR C 135 -17.12 38.13 60.79
N VAL C 136 -17.33 39.32 61.35
CA VAL C 136 -18.35 40.19 60.79
C VAL C 136 -17.86 40.90 59.53
N ALA C 137 -16.54 41.01 59.33
CA ALA C 137 -16.00 41.60 58.12
C ALA C 137 -15.89 40.64 56.96
N ASN C 138 -16.08 39.33 57.19
CA ASN C 138 -16.05 38.36 56.10
C ASN C 138 -17.35 38.28 55.31
N HIS C 139 -18.38 39.04 55.69
CA HIS C 139 -19.68 38.95 55.04
C HIS C 139 -19.78 39.97 53.91
N LYS C 140 -20.25 39.51 52.74
CA LYS C 140 -20.47 40.37 51.58
C LYS C 140 -21.92 40.42 51.12
N SER C 141 -22.65 39.30 51.20
CA SER C 141 -24.08 39.28 50.92
C SER C 141 -24.86 38.64 52.06
N LEU C 142 -24.21 38.48 53.22
CA LEU C 142 -24.76 37.82 54.40
C LEU C 142 -24.63 38.75 55.61
N ARG C 143 -25.14 39.98 55.45
CA ARG C 143 -24.83 41.09 56.34
C ARG C 143 -25.36 40.87 57.76
N LEU C 144 -24.67 41.49 58.72
CA LEU C 144 -24.96 41.36 60.14
C LEU C 144 -25.06 42.76 60.74
N ASP C 145 -25.66 42.85 61.93
CA ASP C 145 -25.88 44.14 62.58
C ASP C 145 -24.56 44.76 63.04
N ARG C 146 -24.34 46.03 62.64
CA ARG C 146 -23.16 46.75 63.07
C ARG C 146 -23.27 47.22 64.52
N TYR C 147 -24.49 47.30 65.06
CA TYR C 147 -24.70 47.74 66.43
C TYR C 147 -24.30 46.69 67.45
N GLN C 148 -24.06 45.44 67.01
CA GLN C 148 -23.51 44.43 67.90
C GLN C 148 -22.09 44.77 68.33
N LEU C 149 -21.32 45.43 67.45
CA LEU C 149 -19.98 45.88 67.79
C LEU C 149 -20.00 47.03 68.80
N GLU C 150 -21.08 47.80 68.83
CA GLU C 150 -21.24 48.84 69.83
C GLU C 150 -21.83 48.33 71.13
N ALA C 151 -22.31 47.09 71.17
CA ALA C 151 -22.92 46.51 72.35
C ALA C 151 -21.91 45.82 73.26
N VAL C 152 -20.65 45.69 72.83
CA VAL C 152 -19.64 45.07 73.68
C VAL C 152 -18.89 46.09 74.53
N LYS C 153 -19.03 47.39 74.23
CA LYS C 153 -18.41 48.42 75.06
C LYS C 153 -19.26 48.79 76.27
N GLY C 154 -20.51 48.33 76.32
CA GLY C 154 -21.32 48.51 77.52
C GLY C 154 -21.10 47.46 78.59
N THR C 155 -20.24 46.48 78.32
CA THR C 155 -19.91 45.43 79.28
C THR C 155 -18.80 45.91 80.20
N SER C 156 -18.95 45.58 81.49
CA SER C 156 -17.98 45.97 82.50
C SER C 156 -17.09 44.82 82.94
N ASP C 157 -17.38 43.59 82.53
CA ASP C 157 -16.65 42.40 82.94
C ASP C 157 -16.42 41.52 81.72
N PRO C 158 -15.43 40.63 81.77
CA PRO C 158 -15.29 39.65 80.67
C PRO C 158 -16.43 38.65 80.55
N ALA C 159 -17.24 38.48 81.60
CA ALA C 159 -18.26 37.43 81.61
C ALA C 159 -19.39 37.73 80.63
N MET C 160 -20.07 38.87 80.79
CA MET C 160 -21.15 39.19 79.88
C MET C 160 -20.62 39.61 78.51
N LEU C 161 -19.35 40.05 78.44
CA LEU C 161 -18.71 40.27 77.15
C LEU C 161 -18.61 38.99 76.35
N ALA C 162 -18.05 37.94 76.97
CA ALA C 162 -17.91 36.64 76.29
C ALA C 162 -19.27 36.03 76.00
N ASP C 163 -20.23 36.18 76.92
CA ASP C 163 -21.55 35.60 76.70
C ASP C 163 -22.36 36.36 75.65
N THR C 164 -22.10 37.67 75.49
CA THR C 164 -22.75 38.43 74.42
C THR C 164 -22.10 38.14 73.08
N ILE C 165 -20.78 37.88 73.07
CA ILE C 165 -20.11 37.44 71.86
C ILE C 165 -20.62 36.07 71.42
N ALA C 166 -20.80 35.16 72.38
CA ALA C 166 -21.38 33.84 72.07
C ALA C 166 -22.84 33.95 71.68
N TYR C 167 -23.55 34.94 72.23
CA TYR C 167 -24.96 35.15 71.91
C TYR C 167 -25.16 35.68 70.49
N HIS C 168 -24.18 36.40 69.95
CA HIS C 168 -24.27 37.00 68.62
C HIS C 168 -23.59 36.15 67.55
N ALA C 169 -23.66 34.83 67.69
CA ALA C 169 -23.15 33.90 66.69
C ALA C 169 -24.18 32.79 66.52
N THR C 170 -23.82 31.76 65.75
CA THR C 170 -24.73 30.67 65.46
C THR C 170 -23.98 29.35 65.50
N TRP C 171 -24.33 28.49 66.45
CA TRP C 171 -23.83 27.12 66.51
C TRP C 171 -24.87 26.25 67.19
N THR C 172 -24.55 24.96 67.30
CA THR C 172 -25.49 24.00 67.84
C THR C 172 -25.62 24.14 69.35
N VAL C 173 -26.64 23.48 69.91
CA VAL C 173 -26.90 23.55 71.34
C VAL C 173 -25.94 22.66 72.12
N ALA C 174 -25.23 21.75 71.46
CA ALA C 174 -24.27 20.90 72.15
C ALA C 174 -23.07 21.70 72.65
N GLU C 175 -22.62 22.66 71.84
CA GLU C 175 -21.50 23.51 72.26
C GLU C 175 -21.92 24.45 73.40
N LYS C 176 -23.16 24.94 73.36
CA LYS C 176 -23.67 25.75 74.48
C LYS C 176 -23.83 24.91 75.74
N GLN C 177 -24.21 23.64 75.58
CA GLN C 177 -24.27 22.71 76.71
C GLN C 177 -22.88 22.46 77.29
N GLU C 178 -21.87 22.34 76.43
CA GLU C 178 -20.49 22.16 76.89
C GLU C 178 -19.98 23.41 77.59
N ILE C 179 -20.38 24.59 77.10
CA ILE C 179 -20.03 25.85 77.77
C ILE C 179 -20.70 25.93 79.14
N LEU C 180 -21.98 25.53 79.22
CA LEU C 180 -22.70 25.57 80.49
C LEU C 180 -22.18 24.55 81.48
N GLU C 181 -21.63 23.44 80.99
CA GLU C 181 -21.07 22.43 81.90
C GLU C 181 -19.77 22.89 82.53
N LEU C 182 -19.07 23.84 81.91
CA LEU C 182 -17.80 24.34 82.42
C LEU C 182 -18.01 25.68 83.11
N THR C 183 -17.64 25.74 84.39
CA THR C 183 -17.76 26.98 85.15
C THR C 183 -16.50 27.84 85.08
N ASP C 184 -15.37 27.27 84.68
CA ASP C 184 -14.14 28.03 84.56
C ASP C 184 -14.21 29.00 83.39
N LEU C 185 -13.70 30.21 83.62
CA LEU C 185 -13.79 31.27 82.61
C LEU C 185 -12.81 31.04 81.48
N GLU C 186 -11.57 30.65 81.80
CA GLU C 186 -10.51 30.58 80.81
C GLU C 186 -10.71 29.41 79.85
N ALA C 187 -11.20 28.27 80.36
CA ALA C 187 -11.44 27.11 79.51
C ALA C 187 -12.55 27.36 78.50
N ARG C 188 -13.66 27.97 78.95
CA ARG C 188 -14.74 28.28 78.03
C ARG C 188 -14.39 29.44 77.11
N LEU C 189 -13.50 30.34 77.55
CA LEU C 189 -13.02 31.40 76.67
C LEU C 189 -12.16 30.83 75.54
N LYS C 190 -11.27 29.90 75.86
CA LYS C 190 -10.46 29.23 74.84
C LYS C 190 -11.33 28.38 73.92
N LYS C 191 -12.38 27.76 74.47
CA LYS C 191 -13.30 26.98 73.63
C LYS C 191 -14.08 27.87 72.67
N VAL C 192 -14.51 29.04 73.14
CA VAL C 192 -15.21 30.01 72.28
C VAL C 192 -14.28 30.53 71.19
N LEU C 193 -13.02 30.82 71.54
CA LEU C 193 -12.04 31.26 70.55
C LEU C 193 -11.75 30.18 69.50
N GLY C 194 -11.65 28.92 69.94
CA GLY C 194 -11.44 27.84 68.99
C GLY C 194 -12.63 27.61 68.08
N LEU C 195 -13.84 27.72 68.63
CA LEU C 195 -15.05 27.58 67.81
C LEU C 195 -15.17 28.71 66.78
N LEU C 196 -14.80 29.94 67.18
CA LEU C 196 -14.82 31.05 66.24
C LEU C 196 -13.75 30.90 65.17
N SER C 197 -12.58 30.35 65.53
CA SER C 197 -11.56 30.06 64.54
C SER C 197 -12.02 28.98 63.55
N ARG C 198 -12.75 27.98 64.05
CA ARG C 198 -13.31 26.95 63.17
C ARG C 198 -14.36 27.55 62.24
N ASP C 199 -15.17 28.49 62.73
CA ASP C 199 -16.14 29.17 61.88
C ASP C 199 -15.45 30.00 60.80
N LEU C 200 -14.35 30.68 61.15
CA LEU C 200 -13.58 31.45 60.18
C LEU C 200 -12.98 30.54 59.10
N GLU C 201 -12.44 29.39 59.51
CA GLU C 201 -11.86 28.44 58.56
C GLU C 201 -12.91 27.84 57.65
N ARG C 202 -14.10 27.53 58.19
CA ARG C 202 -15.17 26.98 57.37
C ARG C 202 -15.70 28.00 56.38
N PHE C 203 -15.81 29.27 56.78
CA PHE C 203 -16.20 30.33 55.84
C PHE C 203 -15.16 30.52 54.75
N GLU C 204 -13.87 30.44 55.10
CA GLU C 204 -12.82 30.54 54.09
C GLU C 204 -12.86 29.39 53.10
N LEU C 205 -13.12 28.17 53.60
CA LEU C 205 -13.23 27.01 52.72
C LEU C 205 -14.45 27.11 51.81
N ASP C 206 -15.57 27.61 52.35
CA ASP C 206 -16.77 27.79 51.53
C ASP C 206 -16.57 28.84 50.45
N LYS C 207 -15.85 29.93 50.78
CA LYS C 207 -15.55 30.95 49.78
C LYS C 207 -14.61 30.43 48.71
N ARG C 208 -13.64 29.58 49.09
CA ARG C 208 -12.75 28.97 48.11
C ARG C 208 -13.50 28.01 47.19
N VAL C 209 -14.45 27.24 47.75
CA VAL C 209 -15.27 26.32 46.95
C VAL C 209 -16.15 27.11 45.97
N ALA C 210 -16.75 28.21 46.45
CA ALA C 210 -17.54 29.06 45.58
C ALA C 210 -16.69 29.71 44.49
N GLN C 211 -15.43 30.04 44.82
CA GLN C 211 -14.53 30.59 43.82
C GLN C 211 -14.17 29.55 42.76
N ARG C 212 -13.99 28.29 43.15
CA ARG C 212 -13.73 27.23 42.18
C ARG C 212 -14.95 26.95 41.32
N VAL C 213 -16.15 27.04 41.91
CA VAL C 213 -17.38 26.90 41.14
C VAL C 213 -17.52 28.04 40.14
N LYS C 214 -17.12 29.25 40.55
CA LYS C 214 -17.08 30.39 39.63
C LYS C 214 -16.05 30.18 38.52
N GLU C 215 -14.93 29.53 38.83
CA GLU C 215 -13.93 29.25 37.80
C GLU C 215 -14.43 28.23 36.78
N GLN C 216 -15.11 27.18 37.26
CA GLN C 216 -15.70 26.20 36.36
C GLN C 216 -16.81 26.83 35.52
N MET C 217 -17.60 27.70 36.14
CA MET C 217 -18.63 28.43 35.41
C MET C 217 -18.03 29.38 34.38
N ASP C 218 -16.90 30.01 34.72
CA ASP C 218 -16.18 30.87 33.77
C ASP C 218 -15.66 30.07 32.59
N THR C 219 -15.16 28.85 32.86
CA THR C 219 -14.76 27.94 31.79
C THR C 219 -15.94 27.59 30.90
N ASN C 220 -17.09 27.27 31.51
CA ASN C 220 -18.27 26.89 30.73
C ASN C 220 -18.83 28.06 29.93
N GLN C 221 -18.84 29.27 30.49
CA GLN C 221 -19.39 30.40 29.75
C GLN C 221 -18.43 30.89 28.68
N ARG C 222 -17.12 30.76 28.90
CA ARG C 222 -16.17 31.11 27.86
C ARG C 222 -16.19 30.11 26.74
N GLU C 223 -16.37 28.84 27.07
CA GLU C 223 -16.59 27.83 26.06
C GLU C 223 -17.92 28.01 25.37
N SER C 224 -18.91 28.57 26.08
CA SER C 224 -20.17 28.95 25.44
C SER C 224 -19.98 30.14 24.52
N TYR C 225 -19.07 31.05 24.87
CA TYR C 225 -18.68 32.12 23.96
C TYR C 225 -18.00 31.57 22.72
N LEU C 226 -17.19 30.52 22.91
CA LEU C 226 -16.62 29.78 21.79
C LEU C 226 -17.72 29.15 20.94
N ARG C 227 -18.73 28.59 21.59
CA ARG C 227 -19.91 28.04 20.92
C ARG C 227 -20.60 29.10 20.09
N GLU C 228 -20.83 30.28 20.67
CA GLU C 228 -21.61 31.32 20.01
C GLU C 228 -20.84 31.93 18.84
N GLN C 229 -19.58 32.29 19.05
CA GLN C 229 -18.74 32.83 17.98
C GLN C 229 -18.57 31.82 16.86
N MET C 230 -18.32 30.56 17.19
CA MET C 230 -17.96 29.62 16.16
C MET C 230 -19.19 28.92 15.58
N LYS C 231 -20.36 29.03 16.22
CA LYS C 231 -21.60 28.71 15.52
C LYS C 231 -22.00 29.83 14.57
N ALA C 232 -21.62 31.08 14.86
CA ALA C 232 -21.78 32.12 13.85
C ALA C 232 -20.76 31.96 12.72
N ILE C 233 -19.64 31.32 13.02
CA ILE C 233 -18.57 31.14 12.04
C ILE C 233 -18.85 29.95 11.11
N GLN C 234 -19.37 28.84 11.64
CA GLN C 234 -19.45 27.60 10.90
C GLN C 234 -20.50 27.56 9.78
N LYS C 235 -21.35 28.57 9.70
CA LYS C 235 -22.45 28.53 8.74
C LYS C 235 -21.95 28.64 7.30
N GLU C 236 -20.83 29.34 7.09
CA GLU C 236 -20.33 29.60 5.75
C GLU C 236 -19.07 28.82 5.41
N LEU C 237 -18.84 27.66 6.04
CA LEU C 237 -17.57 26.95 5.93
C LEU C 237 -17.28 26.46 4.51
N GLY C 238 -16.00 26.57 4.15
CA GLY C 238 -15.48 25.83 3.01
C GLY C 238 -15.15 24.39 3.38
N GLY C 239 -15.27 24.06 4.66
CA GLY C 239 -15.25 22.67 5.10
C GLY C 239 -16.66 22.21 5.41
N GLU C 240 -17.26 21.50 4.47
CA GLU C 240 -18.71 21.31 4.47
C GLU C 240 -19.15 19.93 4.89
N ASP C 241 -18.24 18.95 4.95
CA ASP C 241 -18.67 17.62 5.35
C ASP C 241 -18.83 17.53 6.86
N GLY C 242 -18.31 18.52 7.60
CA GLY C 242 -18.69 18.69 8.99
C GLY C 242 -20.10 19.20 9.15
N LEU C 243 -20.67 19.80 8.10
CA LEU C 243 -22.05 20.27 7.96
C LEU C 243 -22.40 21.33 8.99
N SER C 244 -21.41 22.08 9.52
CA SER C 244 -21.57 23.09 10.58
C SER C 244 -22.16 22.50 11.86
N ASP C 245 -22.02 21.20 12.07
CA ASP C 245 -22.67 20.50 13.15
C ASP C 245 -21.77 20.30 14.36
N LEU C 246 -20.59 20.93 14.37
CA LEU C 246 -19.75 20.89 15.56
C LEU C 246 -20.40 21.65 16.71
N GLU C 247 -20.90 22.85 16.43
CA GLU C 247 -21.59 23.62 17.46
C GLU C 247 -23.05 23.19 17.59
N ALA C 248 -23.61 22.62 16.52
CA ALA C 248 -24.97 22.07 16.61
C ALA C 248 -25.02 20.87 17.54
N LEU C 249 -23.97 20.05 17.54
CA LEU C 249 -23.93 18.93 18.47
C LEU C 249 -23.18 19.26 19.76
N ARG C 250 -22.60 20.47 19.87
CA ARG C 250 -22.00 20.96 21.11
C ARG C 250 -23.02 21.23 22.22
N LYS C 251 -24.32 21.21 21.93
CA LYS C 251 -25.39 21.29 22.94
C LYS C 251 -25.32 20.17 23.96
N LYS C 252 -24.73 19.06 23.58
CA LYS C 252 -24.39 17.95 24.45
C LYS C 252 -22.88 17.71 24.54
N ILE C 253 -22.09 18.78 24.43
CA ILE C 253 -20.70 18.84 24.90
C ILE C 253 -20.59 19.44 26.29
N GLU C 254 -21.22 20.58 26.53
CA GLU C 254 -21.11 21.23 27.83
C GLU C 254 -22.46 21.71 28.36
N GLU C 255 -23.54 21.52 27.61
CA GLU C 255 -24.87 21.73 28.17
C GLU C 255 -25.46 20.34 28.36
N VAL C 256 -24.60 19.41 28.74
CA VAL C 256 -24.89 17.98 28.74
C VAL C 256 -25.17 17.55 30.18
N GLY C 257 -26.10 16.61 30.33
CA GLY C 257 -26.47 16.08 31.63
C GLY C 257 -25.88 14.71 31.86
N MET C 258 -24.72 14.49 31.26
CA MET C 258 -23.97 13.24 31.26
C MET C 258 -22.65 13.51 31.97
N PRO C 259 -21.98 12.46 32.54
CA PRO C 259 -20.92 12.71 33.54
C PRO C 259 -19.66 13.40 33.05
N GLU C 260 -18.70 13.56 33.97
CA GLU C 260 -17.48 14.31 33.67
C GLU C 260 -16.56 13.55 32.73
N ALA C 261 -16.79 12.25 32.52
CA ALA C 261 -16.15 11.56 31.40
C ALA C 261 -16.63 12.15 30.07
N VAL C 262 -17.94 12.38 29.96
CA VAL C 262 -18.50 13.02 28.76
C VAL C 262 -18.03 14.47 28.65
N LYS C 263 -17.93 15.16 29.79
CA LYS C 263 -17.44 16.53 29.80
C LYS C 263 -15.99 16.62 29.37
N THR C 264 -15.13 15.74 29.90
CA THR C 264 -13.70 15.80 29.59
C THR C 264 -13.42 15.34 28.16
N LYS C 265 -14.07 14.24 27.74
CA LYS C 265 -14.06 13.81 26.34
C LYS C 265 -14.52 14.92 25.42
N ALA C 266 -15.58 15.64 25.81
CA ALA C 266 -16.13 16.69 24.98
C ALA C 266 -15.23 17.92 24.94
N LEU C 267 -14.51 18.20 26.04
CA LEU C 267 -13.48 19.21 26.04
C LEU C 267 -12.38 18.87 25.05
N LYS C 268 -12.01 17.59 24.97
CA LYS C 268 -11.05 17.19 23.94
C LYS C 268 -11.68 17.18 22.55
N GLU C 269 -13.01 16.98 22.46
CA GLU C 269 -13.70 17.13 21.18
C GLU C 269 -13.61 18.54 20.65
N LEU C 270 -13.60 19.52 21.54
CA LEU C 270 -13.38 20.90 21.12
C LEU C 270 -12.03 21.06 20.42
N ASP C 271 -10.98 20.44 20.99
CA ASP C 271 -9.70 20.36 20.30
C ASP C 271 -9.79 19.55 19.02
N ARG C 272 -10.73 18.61 18.95
CA ARG C 272 -10.94 17.81 17.75
C ARG C 272 -11.87 18.49 16.74
N LEU C 273 -12.52 19.59 17.12
CA LEU C 273 -13.25 20.40 16.16
C LEU C 273 -12.26 21.31 15.41
N GLU C 274 -12.82 22.29 14.69
CA GLU C 274 -12.10 23.34 13.96
C GLU C 274 -11.10 22.77 12.97
N ARG C 275 -11.56 21.78 12.22
CA ARG C 275 -10.74 21.11 11.22
C ARG C 275 -11.58 20.84 9.99
N MET C 276 -10.89 20.65 8.88
CA MET C 276 -11.52 20.52 7.57
C MET C 276 -11.80 19.04 7.30
N GLN C 277 -12.08 18.73 6.03
CA GLN C 277 -12.67 17.44 5.65
C GLN C 277 -12.13 16.92 4.33
N GLN C 278 -12.90 16.05 3.67
CA GLN C 278 -12.60 15.43 2.37
C GLN C 278 -11.36 14.54 2.41
N GLY C 279 -11.52 13.42 3.12
CA GLY C 279 -10.68 12.26 2.90
C GLY C 279 -10.23 11.56 4.16
N SER C 280 -9.93 12.32 5.19
CA SER C 280 -9.58 11.79 6.51
C SER C 280 -9.87 12.83 7.57
N PRO C 281 -11.12 13.28 7.73
CA PRO C 281 -11.39 14.48 8.52
C PRO C 281 -11.24 14.26 10.01
N GLU C 282 -10.59 15.20 10.66
CA GLU C 282 -10.47 15.18 12.10
C GLU C 282 -11.65 15.84 12.80
N ALA C 283 -12.46 16.63 12.08
CA ALA C 283 -13.62 17.27 12.70
C ALA C 283 -14.93 16.56 12.41
N THR C 284 -15.03 15.83 11.28
CA THR C 284 -16.16 14.92 11.10
C THR C 284 -16.11 13.80 12.11
N VAL C 285 -14.90 13.29 12.39
CA VAL C 285 -14.78 12.22 13.38
C VAL C 285 -14.96 12.77 14.78
N ALA C 286 -14.76 14.10 14.96
CA ALA C 286 -15.11 14.74 16.22
C ALA C 286 -16.62 14.66 16.48
N ARG C 287 -17.44 14.98 15.47
CA ARG C 287 -18.89 14.94 15.69
C ARG C 287 -19.42 13.51 15.70
N THR C 288 -18.80 12.61 14.94
CA THR C 288 -19.23 11.22 14.94
C THR C 288 -18.87 10.55 16.27
N TYR C 289 -17.68 10.85 16.80
CA TYR C 289 -17.29 10.39 18.13
C TYR C 289 -18.18 10.99 19.21
N LEU C 290 -18.53 12.28 19.04
CA LEU C 290 -19.39 12.97 20.04
C LEU C 290 -20.73 12.26 20.10
N ASP C 291 -21.35 12.03 18.94
CA ASP C 291 -22.66 11.31 18.89
C ASP C 291 -22.47 9.94 19.56
N TRP C 292 -21.42 9.22 19.18
CA TRP C 292 -21.19 7.85 19.73
C TRP C 292 -21.16 7.93 21.26
N LEU C 293 -20.42 8.88 21.83
CA LEU C 293 -20.35 9.03 23.30
C LEU C 293 -21.71 9.42 23.85
N THR C 294 -22.35 10.44 23.25
CA THR C 294 -23.66 10.93 23.77
C THR C 294 -24.76 9.90 23.52
N GLU C 295 -24.86 9.39 22.29
CA GLU C 295 -25.95 8.42 21.95
C GLU C 295 -25.84 7.21 22.88
N VAL C 296 -24.62 6.70 23.08
CA VAL C 296 -24.44 5.59 24.07
C VAL C 296 -24.95 6.10 25.42
N PRO C 297 -25.90 5.41 26.08
CA PRO C 297 -26.48 5.91 27.33
C PRO C 297 -25.42 6.06 28.43
N TRP C 298 -25.55 7.09 29.27
CA TRP C 298 -24.61 7.26 30.41
C TRP C 298 -25.42 7.43 31.70
N SER C 299 -25.20 6.56 32.68
CA SER C 299 -25.97 6.58 33.93
C SER C 299 -27.47 6.54 33.66
N LYS C 300 -27.88 5.81 32.62
CA LYS C 300 -29.28 5.66 32.23
C LYS C 300 -29.60 4.18 32.29
N ALA C 301 -30.56 3.78 33.11
CA ALA C 301 -30.80 2.37 33.40
C ALA C 301 -32.28 2.05 33.36
N ASP C 302 -32.63 0.94 32.71
CA ASP C 302 -34.00 0.44 32.80
C ASP C 302 -34.30 -0.10 34.20
N PRO C 303 -35.53 0.04 34.66
CA PRO C 303 -35.95 -0.66 35.88
C PRO C 303 -36.10 -2.15 35.62
N GLU C 304 -35.20 -2.93 36.21
CA GLU C 304 -35.18 -4.37 35.97
C GLU C 304 -35.79 -5.10 37.14
N VAL C 305 -36.79 -5.92 36.86
CA VAL C 305 -37.50 -6.65 37.89
C VAL C 305 -36.59 -7.78 38.37
N LEU C 306 -36.46 -7.91 39.68
CA LEU C 306 -35.58 -8.89 40.28
C LEU C 306 -36.46 -10.00 40.86
N ASP C 307 -36.91 -10.90 40.00
CA ASP C 307 -37.74 -12.01 40.42
C ASP C 307 -37.32 -13.26 39.68
N ILE C 308 -37.43 -14.39 40.38
CA ILE C 308 -37.08 -15.68 39.81
C ILE C 308 -38.33 -16.51 39.47
N ASN C 309 -39.41 -16.38 40.24
CA ASN C 309 -40.63 -17.11 39.92
C ASN C 309 -41.33 -16.49 38.73
N HIS C 310 -41.15 -15.17 38.54
CA HIS C 310 -41.53 -14.51 37.29
C HIS C 310 -40.93 -15.22 36.09
N THR C 311 -39.65 -15.58 36.18
CA THR C 311 -39.03 -16.29 35.08
C THR C 311 -39.54 -17.72 34.97
N ARG C 312 -39.98 -18.33 36.09
CA ARG C 312 -40.66 -19.62 36.03
C ARG C 312 -41.93 -19.53 35.20
N GLN C 313 -42.68 -18.43 35.34
CA GLN C 313 -43.82 -18.26 34.42
C GLN C 313 -43.38 -17.89 33.01
N VAL C 314 -42.35 -17.05 32.85
CA VAL C 314 -41.94 -16.59 31.52
C VAL C 314 -41.45 -17.74 30.66
N LEU C 315 -40.65 -18.61 31.23
CA LEU C 315 -40.13 -19.77 30.53
C LEU C 315 -41.16 -20.90 30.41
N ASP C 316 -42.29 -20.72 31.07
CA ASP C 316 -43.45 -21.57 30.89
C ASP C 316 -44.39 -21.05 29.82
N GLU C 317 -44.41 -19.75 29.59
CA GLU C 317 -45.29 -19.09 28.63
C GLU C 317 -44.63 -18.85 27.28
N ASP C 318 -43.31 -19.01 27.19
CA ASP C 318 -42.60 -18.74 25.95
C ASP C 318 -42.07 -20.00 25.29
N HIS C 319 -42.03 -21.12 26.00
CA HIS C 319 -41.41 -22.32 25.46
C HIS C 319 -42.15 -23.53 25.98
N TYR C 320 -42.12 -24.59 25.18
CA TYR C 320 -42.55 -25.89 25.70
C TYR C 320 -41.57 -26.41 26.73
N GLY C 321 -40.29 -26.37 26.39
CA GLY C 321 -39.24 -26.64 27.35
C GLY C 321 -38.88 -28.09 27.54
N LEU C 322 -37.59 -28.36 27.69
CA LEU C 322 -37.12 -29.66 28.17
C LEU C 322 -37.13 -29.75 29.68
N LYS C 323 -37.40 -28.63 30.36
CA LYS C 323 -37.53 -28.51 31.81
C LYS C 323 -36.24 -28.84 32.53
N ASP C 324 -35.11 -28.80 31.84
CA ASP C 324 -33.82 -29.14 32.39
C ASP C 324 -32.91 -27.93 32.45
N VAL C 325 -32.75 -27.25 31.32
CA VAL C 325 -32.03 -26.00 31.24
C VAL C 325 -32.68 -24.91 32.06
N LYS C 326 -34.01 -25.00 32.24
CA LYS C 326 -34.73 -24.07 33.11
C LYS C 326 -34.16 -24.08 34.53
N GLU C 327 -33.79 -25.28 35.00
CA GLU C 327 -33.13 -25.39 36.29
C GLU C 327 -31.76 -24.72 36.28
N ARG C 328 -31.07 -24.72 35.14
CA ARG C 328 -29.74 -24.12 35.09
C ARG C 328 -29.80 -22.60 35.18
N ILE C 329 -30.78 -22.00 34.49
CA ILE C 329 -30.92 -20.56 34.58
C ILE C 329 -31.50 -20.19 35.95
N LEU C 330 -32.22 -21.12 36.60
CA LEU C 330 -32.55 -20.94 38.01
C LEU C 330 -31.30 -20.90 38.89
N GLU C 331 -30.32 -21.78 38.63
CA GLU C 331 -29.06 -21.76 39.37
C GLU C 331 -28.39 -20.41 39.26
N TYR C 332 -28.23 -19.97 38.01
CA TYR C 332 -27.51 -18.74 37.73
C TYR C 332 -28.26 -17.53 38.28
N LEU C 333 -29.56 -17.45 38.06
CA LEU C 333 -30.32 -16.29 38.54
C LEU C 333 -30.49 -16.32 40.06
N ALA C 334 -30.48 -17.50 40.67
CA ALA C 334 -30.51 -17.57 42.12
C ALA C 334 -29.19 -17.10 42.70
N VAL C 335 -28.10 -17.25 41.94
CA VAL C 335 -26.88 -16.56 42.31
C VAL C 335 -27.02 -15.06 42.09
N ARG C 336 -27.75 -14.67 41.03
CA ARG C 336 -27.92 -13.24 40.72
C ARG C 336 -28.78 -12.54 41.75
N GLN C 337 -29.57 -13.28 42.50
CA GLN C 337 -30.34 -12.66 43.58
C GLN C 337 -29.41 -12.32 44.75
N LEU C 338 -28.28 -13.02 44.84
CA LEU C 338 -27.28 -12.76 45.87
C LEU C 338 -26.08 -12.05 45.25
N THR C 339 -26.34 -10.85 44.73
CA THR C 339 -25.28 -9.94 44.32
C THR C 339 -25.08 -8.89 45.42
N GLN C 340 -23.98 -9.02 46.15
CA GLN C 340 -23.75 -8.24 47.36
C GLN C 340 -22.45 -7.45 47.27
N GLY C 341 -22.03 -6.89 48.40
CA GLY C 341 -20.76 -6.17 48.45
C GLY C 341 -20.89 -4.69 48.20
N LEU C 342 -22.07 -4.12 48.48
CA LEU C 342 -22.47 -2.73 48.21
C LEU C 342 -22.49 -2.39 46.73
N ASP C 343 -22.43 -3.39 45.85
CA ASP C 343 -22.55 -3.22 44.41
C ASP C 343 -22.95 -4.56 43.81
N VAL C 344 -22.85 -4.67 42.48
CA VAL C 344 -23.13 -5.90 41.74
C VAL C 344 -21.84 -6.30 41.02
N ARG C 345 -21.11 -7.26 41.60
CA ARG C 345 -19.88 -7.76 41.00
C ARG C 345 -20.01 -9.27 40.83
N ASN C 346 -19.46 -9.79 39.73
CA ASN C 346 -19.84 -11.13 39.31
C ASN C 346 -18.87 -12.22 39.78
N LYS C 347 -17.67 -12.26 39.17
CA LYS C 347 -16.72 -13.37 39.25
C LYS C 347 -17.45 -14.73 39.17
N ALA C 348 -18.08 -14.97 38.02
CA ALA C 348 -19.00 -16.09 37.87
C ALA C 348 -19.04 -16.46 36.40
N PRO C 349 -19.55 -17.65 36.06
CA PRO C 349 -19.68 -18.04 34.63
C PRO C 349 -20.62 -17.16 33.81
N ILE C 350 -20.65 -17.42 32.49
CA ILE C 350 -21.42 -16.59 31.55
C ILE C 350 -22.31 -17.36 30.59
N LEU C 351 -22.76 -18.56 30.98
CA LEU C 351 -23.85 -19.30 30.33
C LEU C 351 -23.59 -19.61 28.86
N VAL C 352 -22.66 -20.54 28.59
CA VAL C 352 -22.48 -20.97 27.20
C VAL C 352 -23.65 -21.88 26.83
N LEU C 353 -24.24 -21.63 25.67
CA LEU C 353 -25.35 -22.44 25.17
C LEU C 353 -24.85 -23.22 23.97
N VAL C 354 -24.99 -24.54 24.03
CA VAL C 354 -24.48 -25.45 23.01
C VAL C 354 -25.65 -26.30 22.53
N GLY C 355 -25.69 -26.57 21.22
CA GLY C 355 -26.74 -27.35 20.62
C GLY C 355 -26.94 -26.98 19.16
N PRO C 356 -28.02 -27.49 18.57
CA PRO C 356 -28.32 -27.16 17.17
C PRO C 356 -28.68 -25.70 17.02
N PRO C 357 -28.46 -25.12 15.83
CA PRO C 357 -28.92 -23.75 15.58
C PRO C 357 -30.42 -23.63 15.57
N GLY C 358 -31.11 -24.68 15.13
CA GLY C 358 -32.53 -24.58 14.91
C GLY C 358 -33.32 -24.48 16.20
N VAL C 359 -32.78 -25.05 17.28
CA VAL C 359 -33.43 -25.00 18.59
C VAL C 359 -33.52 -23.56 19.07
N GLY C 360 -34.61 -23.24 19.77
CA GLY C 360 -34.94 -21.88 20.13
C GLY C 360 -34.08 -21.32 21.23
N LYS C 361 -32.81 -21.10 20.91
CA LYS C 361 -31.88 -20.56 21.89
C LYS C 361 -32.09 -19.06 22.08
N THR C 362 -32.12 -18.29 20.99
CA THR C 362 -32.29 -16.85 21.11
C THR C 362 -33.69 -16.51 21.60
N SER C 363 -34.66 -17.40 21.36
CA SER C 363 -35.97 -17.31 21.98
C SER C 363 -35.87 -17.49 23.49
N LEU C 364 -35.04 -18.41 23.96
CA LEU C 364 -34.83 -18.57 25.39
C LEU C 364 -34.18 -17.34 25.99
N GLY C 365 -33.23 -16.75 25.26
CA GLY C 365 -32.56 -15.54 25.73
C GLY C 365 -33.49 -14.34 25.79
N ARG C 366 -34.36 -14.19 24.79
CA ARG C 366 -35.29 -13.08 24.84
C ARG C 366 -36.38 -13.31 25.88
N SER C 367 -36.66 -14.59 26.19
CA SER C 367 -37.53 -14.90 27.33
C SER C 367 -36.89 -14.43 28.63
N ILE C 368 -35.60 -14.69 28.80
CA ILE C 368 -34.91 -14.24 30.01
C ILE C 368 -34.86 -12.71 30.06
N ALA C 369 -34.63 -12.07 28.92
CA ALA C 369 -34.57 -10.61 28.86
C ALA C 369 -35.92 -9.98 29.19
N ARG C 370 -37.01 -10.57 28.69
CA ARG C 370 -38.34 -10.10 29.03
C ARG C 370 -38.68 -10.40 30.48
N SER C 371 -38.12 -11.49 31.00
CA SER C 371 -38.32 -11.82 32.40
C SER C 371 -37.60 -10.86 33.31
N MET C 372 -36.55 -10.21 32.81
CA MET C 372 -35.79 -9.24 33.59
C MET C 372 -36.15 -7.78 33.29
N ASN C 373 -37.11 -7.53 32.40
CA ASN C 373 -37.43 -6.20 31.85
C ASN C 373 -36.19 -5.52 31.29
N ARG C 374 -35.48 -6.24 30.43
CA ARG C 374 -34.26 -5.74 29.83
C ARG C 374 -34.30 -5.89 28.31
N LYS C 375 -33.58 -4.99 27.64
CA LYS C 375 -33.62 -4.88 26.20
C LYS C 375 -32.76 -5.97 25.57
N PHE C 376 -33.41 -6.96 24.97
CA PHE C 376 -32.71 -8.01 24.24
C PHE C 376 -32.11 -7.45 22.95
N HIS C 377 -30.93 -7.96 22.60
CA HIS C 377 -30.24 -7.58 21.38
C HIS C 377 -29.72 -8.85 20.72
N ARG C 378 -29.19 -8.69 19.52
CA ARG C 378 -28.39 -9.76 18.94
C ARG C 378 -27.34 -9.15 18.04
N ILE C 379 -26.07 -9.31 18.44
CA ILE C 379 -24.93 -9.11 17.56
C ILE C 379 -24.15 -10.42 17.56
N SER C 380 -23.91 -10.97 16.38
CA SER C 380 -23.33 -12.29 16.29
C SER C 380 -21.82 -12.17 16.11
N LEU C 381 -21.08 -13.12 16.68
CA LEU C 381 -19.63 -13.13 16.54
C LEU C 381 -19.11 -14.24 15.65
N GLY C 382 -19.94 -14.82 14.80
CA GLY C 382 -19.41 -15.59 13.68
C GLY C 382 -18.87 -14.76 12.55
N GLY C 383 -19.03 -13.44 12.60
CA GLY C 383 -18.65 -12.53 11.55
C GLY C 383 -17.59 -11.49 11.88
N VAL C 384 -16.83 -11.67 12.95
CA VAL C 384 -15.72 -10.78 13.27
C VAL C 384 -14.41 -11.52 13.12
N ARG C 385 -13.46 -10.92 12.40
CA ARG C 385 -12.16 -11.55 12.18
C ARG C 385 -11.00 -10.81 12.81
N ASP C 386 -11.23 -9.65 13.40
CA ASP C 386 -10.16 -8.83 13.91
C ASP C 386 -10.70 -7.91 14.99
N GLU C 387 -9.79 -7.40 15.82
CA GLU C 387 -10.06 -6.33 16.78
C GLU C 387 -10.11 -4.96 16.11
N ALA C 388 -10.95 -4.85 15.08
CA ALA C 388 -11.33 -3.59 14.47
C ALA C 388 -12.81 -3.54 14.15
N GLU C 389 -13.47 -4.69 14.07
CA GLU C 389 -14.92 -4.81 13.98
C GLU C 389 -15.56 -4.97 15.35
N ILE C 390 -14.76 -5.23 16.38
CA ILE C 390 -15.21 -5.19 17.76
C ILE C 390 -14.42 -4.20 18.61
N ARG C 391 -13.21 -3.85 18.20
CA ARG C 391 -12.49 -2.74 18.79
C ARG C 391 -12.59 -1.57 17.83
N GLY C 392 -12.12 -0.41 18.27
CA GLY C 392 -12.30 0.81 17.52
C GLY C 392 -11.06 1.20 16.74
N HIS C 393 -11.05 2.45 16.32
CA HIS C 393 -9.84 3.16 15.95
C HIS C 393 -9.95 4.56 16.53
N ARG C 394 -8.81 5.14 16.88
CA ARG C 394 -8.79 6.42 17.60
C ARG C 394 -9.35 7.52 16.70
N ARG C 395 -10.20 8.36 17.28
CA ARG C 395 -11.00 9.29 16.49
C ARG C 395 -10.12 10.41 15.93
N THR C 396 -9.54 10.12 14.78
CA THR C 396 -8.81 11.10 13.99
C THR C 396 -9.15 11.01 12.51
N TYR C 397 -10.03 10.09 12.10
CA TYR C 397 -10.49 10.00 10.73
C TYR C 397 -11.84 9.29 10.70
N ILE C 398 -12.75 9.80 9.86
CA ILE C 398 -13.98 9.07 9.57
C ILE C 398 -13.64 7.99 8.56
N GLY C 399 -14.43 6.93 8.52
CA GLY C 399 -13.97 5.69 7.92
C GLY C 399 -13.37 4.76 8.94
N ALA C 400 -13.20 5.21 10.17
CA ALA C 400 -12.97 4.35 11.32
C ALA C 400 -14.33 4.06 11.94
N MET C 401 -14.71 2.79 11.96
CA MET C 401 -16.07 2.57 12.40
C MET C 401 -16.05 1.66 13.62
N PRO C 402 -16.68 2.06 14.73
CA PRO C 402 -16.48 1.34 15.99
C PRO C 402 -17.22 0.00 16.04
N GLY C 403 -16.93 -0.74 17.11
CA GLY C 403 -17.19 -2.16 17.14
C GLY C 403 -18.63 -2.54 17.48
N LYS C 404 -18.86 -3.86 17.48
CA LYS C 404 -20.22 -4.42 17.57
C LYS C 404 -20.90 -4.14 18.90
N LEU C 405 -20.18 -4.25 20.01
CA LEU C 405 -20.83 -4.03 21.30
C LEU C 405 -21.21 -2.57 21.48
N ILE C 406 -20.37 -1.64 21.03
CA ILE C 406 -20.78 -0.25 21.15
C ILE C 406 -21.82 0.09 20.07
N HIS C 407 -21.84 -0.65 18.95
CA HIS C 407 -22.96 -0.55 18.01
C HIS C 407 -24.28 -0.91 18.71
N ALA C 408 -24.30 -2.03 19.41
CA ALA C 408 -25.50 -2.48 20.11
C ALA C 408 -25.80 -1.62 21.34
N MET C 409 -24.78 -0.96 21.89
CA MET C 409 -24.99 -0.15 23.08
C MET C 409 -25.45 1.25 22.70
N LYS C 410 -25.04 1.74 21.52
CA LYS C 410 -25.65 2.92 20.93
C LYS C 410 -27.06 2.63 20.45
N GLN C 411 -27.36 1.37 20.08
CA GLN C 411 -28.72 0.98 19.75
C GLN C 411 -29.66 1.17 20.93
N VAL C 412 -29.21 0.79 22.11
CA VAL C 412 -30.04 0.83 23.30
C VAL C 412 -29.88 2.18 24.00
N GLY C 413 -30.96 2.63 24.63
CA GLY C 413 -30.96 3.88 25.37
C GLY C 413 -30.67 3.73 26.84
N VAL C 414 -30.37 2.53 27.33
CA VAL C 414 -30.01 2.33 28.73
C VAL C 414 -28.71 1.56 28.80
N ILE C 415 -27.97 1.78 29.88
CA ILE C 415 -26.61 1.24 29.95
C ILE C 415 -26.57 -0.22 30.33
N ASN C 416 -27.70 -0.88 30.49
CA ASN C 416 -27.78 -2.24 31.02
C ASN C 416 -28.66 -3.17 30.18
N PRO C 417 -28.16 -3.67 29.05
CA PRO C 417 -28.89 -4.72 28.33
C PRO C 417 -28.39 -6.13 28.59
N VAL C 418 -29.32 -7.08 28.55
CA VAL C 418 -28.96 -8.46 28.25
C VAL C 418 -28.42 -8.53 26.84
N ILE C 419 -27.30 -9.20 26.64
CA ILE C 419 -26.82 -9.50 25.30
C ILE C 419 -26.57 -10.99 25.20
N LEU C 420 -27.20 -11.62 24.22
CA LEU C 420 -26.86 -12.98 23.85
C LEU C 420 -25.88 -12.99 22.70
N LEU C 421 -24.89 -13.88 22.78
CA LEU C 421 -23.85 -13.98 21.79
C LEU C 421 -24.09 -15.27 21.01
N ASP C 422 -24.04 -15.17 19.69
CA ASP C 422 -24.46 -16.25 18.80
C ASP C 422 -23.23 -16.84 18.13
N GLU C 423 -23.01 -18.14 18.31
CA GLU C 423 -21.99 -18.91 17.59
C GLU C 423 -20.58 -18.34 17.79
N ILE C 424 -20.12 -18.41 19.03
CA ILE C 424 -18.77 -17.96 19.35
C ILE C 424 -17.75 -18.88 18.70
N ASP C 425 -18.08 -20.16 18.60
CA ASP C 425 -17.17 -21.17 18.07
C ASP C 425 -16.93 -21.08 16.57
N LYS C 426 -17.62 -20.19 15.87
CA LYS C 426 -17.49 -20.03 14.43
C LYS C 426 -16.72 -18.74 14.10
N MET C 427 -15.65 -18.53 14.85
CA MET C 427 -14.77 -17.37 14.75
C MET C 427 -13.39 -17.86 14.33
N SER C 428 -12.60 -16.99 13.70
CA SER C 428 -11.26 -17.36 13.28
C SER C 428 -10.33 -16.15 13.29
N SER C 429 -9.04 -16.43 13.38
CA SER C 429 -8.00 -15.40 13.29
C SER C 429 -7.41 -15.41 11.88
N ASP C 430 -8.17 -14.84 10.94
CA ASP C 430 -7.76 -14.85 9.55
C ASP C 430 -6.58 -13.91 9.32
N TRP C 431 -6.67 -12.69 9.81
CA TRP C 431 -5.64 -11.69 9.61
C TRP C 431 -4.84 -11.57 10.90
N ARG C 432 -3.79 -10.74 10.88
CA ARG C 432 -2.86 -10.61 12.00
C ARG C 432 -3.58 -10.09 13.24
N GLY C 433 -3.78 -10.98 14.22
CA GLY C 433 -4.53 -10.66 15.41
C GLY C 433 -5.76 -11.52 15.58
N ASP C 434 -5.81 -12.26 16.68
CA ASP C 434 -6.98 -13.04 17.02
C ASP C 434 -7.89 -12.18 17.88
N PRO C 435 -9.14 -11.93 17.48
CA PRO C 435 -10.05 -11.19 18.35
C PRO C 435 -10.60 -12.01 19.53
N ALA C 436 -10.12 -13.22 19.78
CA ALA C 436 -10.55 -13.96 20.96
C ALA C 436 -10.03 -13.30 22.24
N SER C 437 -8.88 -12.65 22.17
CA SER C 437 -8.31 -12.01 23.34
C SER C 437 -9.09 -10.75 23.74
N ALA C 438 -9.38 -9.88 22.78
CA ALA C 438 -10.23 -8.74 23.06
C ALA C 438 -11.66 -9.19 23.33
N MET C 439 -12.04 -10.33 22.75
CA MET C 439 -13.33 -10.95 23.06
C MET C 439 -13.42 -11.34 24.52
N LEU C 440 -12.30 -11.78 25.09
CA LEU C 440 -12.24 -11.91 26.53
C LEU C 440 -12.24 -10.55 27.22
N GLU C 441 -11.58 -9.55 26.63
CA GLU C 441 -11.48 -8.24 27.24
C GLU C 441 -12.81 -7.49 27.25
N VAL C 442 -13.64 -7.66 26.21
CA VAL C 442 -14.96 -7.05 26.19
C VAL C 442 -15.97 -7.80 27.04
N LEU C 443 -15.56 -8.83 27.77
CA LEU C 443 -16.44 -9.80 28.39
C LEU C 443 -16.18 -9.95 29.88
N ASP C 444 -14.90 -9.92 30.26
CA ASP C 444 -14.43 -10.40 31.55
C ASP C 444 -14.93 -9.51 32.67
N PRO C 445 -15.85 -10.01 33.50
CA PRO C 445 -16.65 -9.13 34.36
C PRO C 445 -15.96 -8.70 35.65
N GLU C 446 -14.68 -8.38 35.52
CA GLU C 446 -13.94 -7.63 36.53
C GLU C 446 -13.02 -6.58 35.92
N GLN C 447 -12.77 -6.61 34.62
CA GLN C 447 -12.04 -5.57 33.93
C GLN C 447 -12.90 -4.79 32.94
N ASN C 448 -14.03 -5.36 32.52
CA ASN C 448 -14.90 -4.71 31.54
C ASN C 448 -15.61 -3.48 32.09
N ASN C 449 -15.63 -3.32 33.41
CA ASN C 449 -16.17 -2.15 34.09
C ASN C 449 -15.40 -0.86 33.81
N THR C 450 -14.09 -0.95 33.61
CA THR C 450 -13.25 0.22 33.29
C THR C 450 -12.54 -0.10 31.97
N PHE C 451 -13.36 -0.38 30.97
CA PHE C 451 -12.89 -0.84 29.68
C PHE C 451 -13.22 0.21 28.62
N THR C 452 -12.27 0.41 27.72
CA THR C 452 -12.51 1.21 26.52
C THR C 452 -11.93 0.47 25.33
N ASP C 453 -12.52 0.68 24.16
CA ASP C 453 -11.90 0.19 22.95
C ASP C 453 -10.91 1.23 22.45
N HIS C 454 -10.48 1.06 21.21
CA HIS C 454 -9.55 2.02 20.62
C HIS C 454 -10.28 3.30 20.23
N TYR C 455 -11.59 3.20 20.00
CA TYR C 455 -12.39 4.35 19.58
C TYR C 455 -12.56 5.32 20.74
N LEU C 456 -13.19 4.86 21.83
CA LEU C 456 -13.41 5.70 22.99
C LEU C 456 -12.11 5.88 23.77
N ASP C 457 -12.07 6.93 24.58
CA ASP C 457 -10.84 7.29 25.30
C ASP C 457 -10.96 7.07 26.79
N VAL C 458 -11.89 7.75 27.45
CA VAL C 458 -12.25 7.45 28.83
C VAL C 458 -13.10 6.20 28.77
N PRO C 459 -12.91 5.23 29.66
CA PRO C 459 -13.67 3.99 29.60
C PRO C 459 -15.16 4.19 29.81
N TYR C 460 -15.93 3.33 29.14
CA TYR C 460 -17.37 3.20 29.35
C TYR C 460 -17.61 1.86 30.04
N ASP C 461 -18.50 1.88 31.03
CA ASP C 461 -18.73 0.69 31.84
C ASP C 461 -19.52 -0.37 31.08
N LEU C 462 -19.00 -1.60 31.13
CA LEU C 462 -19.65 -2.78 30.55
C LEU C 462 -19.91 -3.85 31.61
N SER C 463 -20.05 -3.42 32.86
CA SER C 463 -20.14 -4.34 34.00
C SER C 463 -21.56 -4.83 34.26
N LYS C 464 -22.52 -3.90 34.35
CA LYS C 464 -23.91 -4.30 34.58
C LYS C 464 -24.49 -5.00 33.36
N VAL C 465 -23.86 -4.84 32.20
CA VAL C 465 -24.32 -5.47 30.96
C VAL C 465 -24.14 -6.97 31.07
N PHE C 466 -25.20 -7.71 30.80
CA PHE C 466 -25.21 -9.15 30.98
C PHE C 466 -24.75 -9.88 29.72
N PHE C 467 -23.98 -10.93 29.92
CA PHE C 467 -23.27 -11.59 28.83
C PHE C 467 -23.69 -13.05 28.85
N ILE C 468 -24.78 -13.38 28.19
CA ILE C 468 -25.17 -14.76 27.96
C ILE C 468 -24.70 -15.16 26.57
N THR C 469 -24.38 -16.44 26.38
CA THR C 469 -23.57 -16.85 25.24
C THR C 469 -24.05 -18.14 24.59
N THR C 470 -24.07 -18.17 23.26
CA THR C 470 -24.47 -19.37 22.55
C THR C 470 -23.39 -19.75 21.56
N ALA C 471 -23.02 -21.02 21.57
CA ALA C 471 -22.16 -21.57 20.54
C ALA C 471 -22.88 -22.74 19.89
N ASN C 472 -22.15 -23.48 19.08
CA ASN C 472 -22.59 -24.75 18.52
C ASN C 472 -21.72 -25.90 18.97
N THR C 473 -20.42 -25.66 19.11
CA THR C 473 -19.47 -26.72 19.37
C THR C 473 -18.49 -26.21 20.42
N LEU C 474 -18.13 -27.06 21.37
CA LEU C 474 -17.29 -26.63 22.47
C LEU C 474 -15.81 -26.88 22.21
N GLN C 475 -15.44 -27.35 21.02
CA GLN C 475 -14.04 -27.57 20.67
C GLN C 475 -13.37 -26.34 20.09
N THR C 476 -13.99 -25.71 19.10
CA THR C 476 -13.38 -24.55 18.45
C THR C 476 -13.58 -23.26 19.22
N ILE C 477 -14.19 -23.32 20.39
CA ILE C 477 -14.15 -22.19 21.31
C ILE C 477 -12.72 -22.01 21.80
N PRO C 478 -12.17 -20.80 21.76
CA PRO C 478 -10.76 -20.60 22.14
C PRO C 478 -10.50 -20.85 23.62
N ARG C 479 -9.27 -21.26 23.91
CA ARG C 479 -8.88 -21.61 25.28
C ARG C 479 -8.92 -20.43 26.28
N PRO C 480 -8.47 -19.21 25.98
CA PRO C 480 -8.66 -18.13 26.97
C PRO C 480 -10.10 -17.72 27.15
N LEU C 481 -10.97 -18.09 26.21
CA LEU C 481 -12.38 -17.80 26.37
C LEU C 481 -13.08 -18.88 27.17
N LEU C 482 -12.41 -20.00 27.46
CA LEU C 482 -12.96 -21.08 28.28
C LEU C 482 -12.98 -20.77 29.77
N ASP C 483 -12.45 -19.63 30.20
CA ASP C 483 -12.71 -19.19 31.56
C ASP C 483 -14.17 -18.86 31.74
N ARG C 484 -14.64 -19.03 32.97
CA ARG C 484 -15.99 -18.68 33.48
C ARG C 484 -17.13 -19.11 32.54
N MET C 485 -17.36 -20.42 32.46
CA MET C 485 -18.43 -21.00 31.66
C MET C 485 -19.24 -21.95 32.55
N GLU C 486 -20.50 -22.16 32.19
CA GLU C 486 -21.19 -23.41 32.49
C GLU C 486 -21.72 -23.97 31.18
N VAL C 487 -21.28 -25.18 30.85
CA VAL C 487 -21.78 -25.91 29.69
C VAL C 487 -23.24 -26.24 29.91
N ILE C 488 -24.10 -25.76 29.02
CA ILE C 488 -25.55 -25.88 29.15
C ILE C 488 -26.01 -26.73 27.97
N GLU C 489 -26.30 -28.00 28.23
CA GLU C 489 -26.52 -28.93 27.14
C GLU C 489 -27.95 -28.80 26.64
N ILE C 490 -28.11 -28.34 25.41
CA ILE C 490 -29.42 -28.19 24.77
C ILE C 490 -29.47 -29.09 23.55
N PRO C 491 -29.87 -30.35 23.72
CA PRO C 491 -29.97 -31.26 22.57
C PRO C 491 -31.20 -30.99 21.74
N GLY C 492 -31.49 -31.90 20.81
CA GLY C 492 -32.63 -31.80 19.93
C GLY C 492 -33.96 -32.11 20.58
N TYR C 493 -34.95 -32.51 19.78
CA TYR C 493 -36.25 -32.78 20.33
C TYR C 493 -36.73 -34.17 19.96
N THR C 494 -37.75 -34.61 20.70
CA THR C 494 -38.55 -35.78 20.39
C THR C 494 -39.76 -35.36 19.56
N ASN C 495 -40.38 -36.34 18.91
CA ASN C 495 -41.30 -36.04 17.81
C ASN C 495 -42.61 -35.44 18.31
N MET C 496 -43.14 -35.97 19.43
CA MET C 496 -44.39 -35.44 19.96
C MET C 496 -44.16 -34.07 20.60
N GLU C 497 -42.98 -33.88 21.20
CA GLU C 497 -42.63 -32.60 21.78
C GLU C 497 -42.59 -31.50 20.73
N LYS C 498 -41.87 -31.72 19.64
CA LYS C 498 -41.82 -30.73 18.58
C LYS C 498 -43.15 -30.64 17.84
N GLN C 499 -43.95 -31.71 17.88
CA GLN C 499 -45.29 -31.67 17.33
C GLN C 499 -46.16 -30.67 18.07
N ALA C 500 -46.13 -30.71 19.40
CA ALA C 500 -46.86 -29.73 20.19
C ALA C 500 -46.23 -28.35 20.07
N ILE C 501 -44.90 -28.29 19.93
CA ILE C 501 -44.19 -27.02 19.70
C ILE C 501 -44.70 -26.37 18.43
N ALA C 502 -44.85 -27.17 17.36
CA ALA C 502 -45.45 -26.70 16.12
C ALA C 502 -46.85 -26.18 16.37
N ARG C 503 -47.74 -27.05 16.84
CA ARG C 503 -49.17 -26.75 16.92
C ARG C 503 -49.50 -25.67 17.94
N GLN C 504 -48.57 -25.31 18.82
CA GLN C 504 -48.74 -24.17 19.71
C GLN C 504 -48.01 -22.92 19.25
N TYR C 505 -46.70 -23.00 19.04
CA TYR C 505 -45.88 -21.82 18.91
C TYR C 505 -45.26 -21.61 17.54
N LEU C 506 -45.58 -22.40 16.52
CA LEU C 506 -44.91 -22.20 15.24
C LEU C 506 -45.90 -21.91 14.12
N TRP C 507 -46.89 -22.77 13.94
CA TRP C 507 -47.95 -22.58 12.95
C TRP C 507 -48.82 -21.34 13.16
N PRO C 508 -49.31 -20.98 14.37
CA PRO C 508 -50.10 -19.74 14.48
C PRO C 508 -49.32 -18.46 14.17
N LYS C 509 -48.01 -18.43 14.42
CA LYS C 509 -47.25 -17.26 14.00
C LYS C 509 -47.06 -17.23 12.49
N GLN C 510 -47.06 -18.40 11.84
CA GLN C 510 -47.12 -18.43 10.37
C GLN C 510 -48.43 -17.87 9.86
N VAL C 511 -49.53 -18.24 10.54
CA VAL C 511 -50.85 -17.68 10.28
C VAL C 511 -50.83 -16.16 10.40
N ARG C 512 -50.17 -15.66 11.44
CA ARG C 512 -50.06 -14.21 11.63
C ARG C 512 -49.20 -13.56 10.55
N GLU C 513 -48.10 -14.21 10.16
CA GLU C 513 -47.12 -13.53 9.33
C GLU C 513 -47.57 -13.47 7.88
N SER C 514 -48.02 -14.60 7.31
CA SER C 514 -48.41 -14.58 5.91
C SER C 514 -49.82 -14.03 5.69
N GLY C 515 -50.62 -13.90 6.74
CA GLY C 515 -51.92 -13.27 6.64
C GLY C 515 -53.09 -14.22 6.49
N MET C 516 -53.18 -15.23 7.35
CA MET C 516 -54.13 -16.33 7.18
C MET C 516 -55.08 -16.39 8.38
N GLU C 517 -55.49 -15.21 8.84
CA GLU C 517 -56.18 -15.06 10.13
C GLU C 517 -57.58 -15.65 10.04
N GLY C 518 -57.70 -16.89 10.50
CA GLY C 518 -58.95 -17.62 10.39
C GLY C 518 -59.22 -18.24 9.05
N ARG C 519 -58.18 -18.61 8.30
CA ARG C 519 -58.37 -19.07 6.93
C ARG C 519 -58.02 -20.54 6.72
N ILE C 520 -57.01 -21.08 7.41
CA ILE C 520 -56.72 -22.51 7.32
C ILE C 520 -56.55 -23.12 8.70
N GLU C 521 -56.66 -24.45 8.75
CA GLU C 521 -56.38 -25.22 9.96
C GLU C 521 -55.74 -26.54 9.57
N VAL C 522 -54.87 -27.04 10.44
CA VAL C 522 -54.07 -28.23 10.18
C VAL C 522 -54.47 -29.31 11.18
N THR C 523 -54.36 -30.57 10.76
CA THR C 523 -54.60 -31.68 11.70
C THR C 523 -53.29 -32.21 12.26
N ASP C 524 -53.39 -32.92 13.38
CA ASP C 524 -52.20 -33.35 14.10
C ASP C 524 -51.51 -34.52 13.42
N ALA C 525 -52.27 -35.31 12.66
CA ALA C 525 -51.65 -36.35 11.83
C ALA C 525 -50.79 -35.71 10.75
N ALA C 526 -51.22 -34.57 10.22
CA ALA C 526 -50.39 -33.83 9.27
C ALA C 526 -49.14 -33.26 9.93
N ILE C 527 -49.24 -32.81 11.20
CA ILE C 527 -48.08 -32.26 11.90
C ILE C 527 -47.06 -33.36 12.18
N LEU C 528 -47.53 -34.52 12.66
CA LEU C 528 -46.62 -35.64 12.86
C LEU C 528 -46.08 -36.16 11.53
N ARG C 529 -46.83 -35.97 10.43
CA ARG C 529 -46.32 -36.43 9.15
C ARG C 529 -45.22 -35.47 8.63
N VAL C 530 -45.45 -34.15 8.70
CA VAL C 530 -44.47 -33.17 8.18
C VAL C 530 -43.19 -33.23 9.00
N ILE C 531 -43.31 -33.62 10.27
CA ILE C 531 -42.13 -34.04 11.01
C ILE C 531 -41.53 -35.33 10.42
N SER C 532 -42.36 -36.33 10.14
CA SER C 532 -41.80 -37.66 9.88
C SER C 532 -41.16 -37.82 8.50
N GLU C 533 -41.49 -36.96 7.55
CA GLU C 533 -40.66 -36.82 6.36
C GLU C 533 -40.07 -35.43 6.15
N TYR C 534 -40.83 -34.34 6.21
CA TYR C 534 -40.37 -33.09 5.62
C TYR C 534 -39.23 -32.38 6.32
N THR C 535 -38.86 -32.78 7.54
CA THR C 535 -37.60 -32.29 8.11
C THR C 535 -37.11 -33.32 9.11
N ARG C 536 -35.80 -33.52 9.16
CA ARG C 536 -35.17 -34.35 10.15
C ARG C 536 -34.24 -33.59 11.07
N GLU C 537 -34.35 -32.28 11.15
CA GLU C 537 -33.41 -31.56 11.96
C GLU C 537 -33.79 -31.63 13.43
N ALA C 538 -32.76 -31.59 14.28
CA ALA C 538 -32.98 -31.51 15.71
C ALA C 538 -33.57 -30.17 16.10
N GLY C 539 -33.30 -29.14 15.30
CA GLY C 539 -33.86 -27.84 15.55
C GLY C 539 -35.28 -27.71 15.06
N VAL C 540 -35.77 -26.46 15.09
CA VAL C 540 -37.15 -26.20 14.70
C VAL C 540 -37.24 -25.10 13.64
N ARG C 541 -36.23 -24.95 12.77
CA ARG C 541 -36.49 -24.03 11.67
C ARG C 541 -36.75 -24.76 10.35
N GLY C 542 -36.36 -26.02 10.23
CA GLY C 542 -36.74 -26.81 9.07
C GLY C 542 -38.23 -27.07 9.01
N LEU C 543 -38.81 -27.44 10.16
CA LEU C 543 -40.26 -27.56 10.27
C LEU C 543 -40.92 -26.20 10.07
N GLU C 544 -40.23 -25.13 10.48
CA GLU C 544 -40.71 -23.79 10.23
C GLU C 544 -40.77 -23.48 8.74
N ARG C 545 -39.76 -23.92 7.98
CA ARG C 545 -39.81 -23.71 6.53
C ARG C 545 -40.92 -24.51 5.88
N GLU C 546 -41.09 -25.77 6.30
CA GLU C 546 -42.11 -26.61 5.71
C GLU C 546 -43.52 -26.08 6.03
N LEU C 547 -43.74 -25.61 7.26
CA LEU C 547 -45.06 -25.10 7.59
C LEU C 547 -45.32 -23.70 7.01
N GLY C 548 -44.28 -22.88 6.87
CA GLY C 548 -44.43 -21.63 6.16
C GLY C 548 -44.71 -21.82 4.67
N LYS C 549 -44.20 -22.91 4.10
CA LYS C 549 -44.43 -23.12 2.67
C LYS C 549 -45.78 -23.81 2.42
N ILE C 550 -46.26 -24.58 3.40
CA ILE C 550 -47.70 -24.88 3.52
C ILE C 550 -48.52 -23.59 3.54
N ALA C 551 -48.07 -22.60 4.32
CA ALA C 551 -48.81 -21.34 4.42
C ALA C 551 -48.80 -20.58 3.10
N ARG C 552 -47.70 -20.61 2.36
CA ARG C 552 -47.72 -19.97 1.04
C ARG C 552 -48.66 -20.68 0.07
N LYS C 553 -48.62 -22.02 0.00
CA LYS C 553 -49.52 -22.68 -0.96
C LYS C 553 -50.99 -22.61 -0.53
N GLY C 554 -51.25 -22.58 0.78
CA GLY C 554 -52.58 -22.30 1.27
C GLY C 554 -53.06 -20.90 0.98
N ALA C 555 -52.14 -19.92 1.03
CA ALA C 555 -52.47 -18.56 0.63
C ALA C 555 -52.85 -18.48 -0.84
N LYS C 556 -52.21 -19.32 -1.66
CA LYS C 556 -52.60 -19.37 -3.08
C LYS C 556 -54.00 -19.92 -3.23
N PHE C 557 -54.24 -21.15 -2.77
CA PHE C 557 -55.54 -21.77 -2.96
C PHE C 557 -56.65 -21.13 -2.11
N TRP C 558 -56.32 -20.15 -1.26
CA TRP C 558 -57.34 -19.29 -0.67
C TRP C 558 -57.59 -18.04 -1.50
N LEU C 559 -56.58 -17.49 -2.19
CA LEU C 559 -56.73 -16.21 -2.87
C LEU C 559 -57.73 -16.24 -4.04
N GLU C 560 -57.93 -17.39 -4.70
CA GLU C 560 -58.79 -17.38 -5.89
C GLU C 560 -60.24 -17.65 -5.54
N GLY C 561 -60.69 -17.26 -4.35
CA GLY C 561 -62.03 -17.57 -3.91
C GLY C 561 -62.05 -18.80 -3.03
N ALA C 562 -62.28 -18.61 -1.75
CA ALA C 562 -62.25 -19.70 -0.79
C ALA C 562 -63.55 -20.48 -0.86
N TRP C 563 -63.47 -21.82 -0.71
CA TRP C 563 -64.72 -22.56 -0.60
C TRP C 563 -65.41 -22.28 0.73
N GLU C 564 -64.66 -21.92 1.76
CA GLU C 564 -65.22 -21.41 2.99
C GLU C 564 -64.13 -20.54 3.61
N GLY C 565 -64.54 -19.62 4.50
CA GLY C 565 -63.61 -18.64 5.05
C GLY C 565 -62.48 -19.23 5.86
N LEU C 566 -62.68 -20.44 6.41
CA LEU C 566 -61.66 -21.18 7.15
C LEU C 566 -61.49 -22.56 6.52
N ARG C 567 -60.35 -22.77 5.83
CA ARG C 567 -60.17 -24.00 5.07
C ARG C 567 -59.47 -25.07 5.91
N THR C 568 -59.43 -26.29 5.38
CA THR C 568 -58.97 -27.46 6.12
C THR C 568 -57.70 -27.99 5.47
N ILE C 569 -56.67 -28.24 6.28
CA ILE C 569 -55.49 -28.96 5.82
C ILE C 569 -55.47 -30.31 6.51
N ASP C 570 -55.39 -31.39 5.73
CA ASP C 570 -55.40 -32.75 6.30
C ASP C 570 -53.96 -33.27 6.38
N ALA C 571 -53.78 -34.60 6.51
CA ALA C 571 -52.43 -35.18 6.61
C ALA C 571 -51.96 -35.66 5.24
N SER C 572 -52.86 -36.30 4.48
CA SER C 572 -52.49 -36.84 3.14
C SER C 572 -52.20 -35.70 2.16
N ASP C 573 -52.83 -34.54 2.36
CA ASP C 573 -52.64 -33.39 1.43
C ASP C 573 -51.24 -32.80 1.62
N ILE C 574 -50.66 -32.96 2.82
CA ILE C 574 -49.29 -32.43 3.10
C ILE C 574 -48.31 -33.02 2.08
N PRO C 575 -48.26 -34.36 1.88
CA PRO C 575 -47.42 -34.95 0.84
C PRO C 575 -47.76 -34.31 -0.51
N THR C 576 -49.06 -34.13 -0.79
CA THR C 576 -49.48 -33.49 -2.05
C THR C 576 -48.90 -32.07 -2.11
N TYR C 577 -48.95 -31.36 -0.97
CA TYR C 577 -48.38 -29.98 -0.91
C TYR C 577 -46.86 -30.06 -0.83
N LEU C 578 -46.18 -28.92 -0.96
CA LEU C 578 -44.70 -28.89 -0.81
C LEU C 578 -44.07 -30.02 -1.63
N GLY C 579 -44.43 -30.11 -2.92
CA GLY C 579 -43.83 -31.13 -3.79
C GLY C 579 -44.20 -32.55 -3.37
N ILE C 580 -43.20 -33.37 -3.03
CA ILE C 580 -43.46 -34.79 -2.68
C ILE C 580 -42.74 -35.16 -1.38
N PRO C 581 -43.30 -36.07 -0.54
CA PRO C 581 -42.62 -36.52 0.67
C PRO C 581 -41.19 -36.92 0.37
N ARG C 582 -40.24 -36.16 0.92
CA ARG C 582 -38.84 -36.31 0.56
C ARG C 582 -38.27 -37.60 1.14
N TYR C 583 -38.77 -38.00 2.31
CA TYR C 583 -38.38 -39.19 3.04
C TYR C 583 -39.63 -40.03 3.22
N ARG C 584 -39.48 -41.24 3.77
CA ARG C 584 -40.68 -41.93 4.18
C ARG C 584 -40.97 -41.60 5.66
N PRO C 585 -42.23 -41.71 6.09
CA PRO C 585 -42.56 -41.36 7.49
C PRO C 585 -41.91 -42.21 8.56
N ASP C 586 -41.58 -43.46 8.27
CA ASP C 586 -40.84 -44.29 9.22
C ASP C 586 -39.54 -44.72 8.55
N LYS C 587 -38.53 -43.87 8.68
CA LYS C 587 -37.19 -44.23 8.21
C LYS C 587 -36.53 -45.26 9.13
N ALA C 588 -37.13 -45.51 10.30
CA ALA C 588 -36.71 -46.66 11.11
C ALA C 588 -37.01 -47.96 10.38
N GLU C 589 -38.07 -47.98 9.58
CA GLU C 589 -38.32 -49.13 8.73
C GLU C 589 -37.23 -49.23 7.67
N THR C 590 -36.27 -50.12 7.89
CA THR C 590 -35.24 -50.37 6.88
C THR C 590 -35.13 -51.85 6.54
N GLU C 591 -36.00 -52.71 7.11
CA GLU C 591 -36.18 -54.12 6.74
C GLU C 591 -34.88 -54.90 6.80
N PRO C 592 -34.45 -55.33 8.04
CA PRO C 592 -33.03 -55.57 8.39
C PRO C 592 -32.11 -56.19 7.35
N GLN C 593 -31.01 -55.48 7.13
CA GLN C 593 -30.17 -55.59 5.96
C GLN C 593 -28.76 -56.03 6.33
N VAL C 594 -28.06 -56.57 5.34
CA VAL C 594 -26.77 -57.18 5.56
C VAL C 594 -25.72 -56.07 5.65
N GLY C 595 -25.18 -55.88 6.85
CA GLY C 595 -23.95 -55.14 7.04
C GLY C 595 -24.00 -53.64 7.25
N THR C 596 -24.79 -53.17 8.21
CA THR C 596 -24.71 -51.79 8.68
C THR C 596 -25.30 -51.69 10.08
N ALA C 597 -25.51 -50.45 10.52
CA ALA C 597 -26.19 -50.19 11.77
C ALA C 597 -26.79 -48.79 11.77
N GLN C 598 -28.04 -48.69 12.24
CA GLN C 598 -28.67 -47.39 12.45
C GLN C 598 -27.97 -46.73 13.62
N GLY C 599 -26.95 -45.96 13.31
CA GLY C 599 -26.17 -45.35 14.35
C GLY C 599 -26.90 -44.19 14.99
N LEU C 600 -26.32 -43.70 16.06
CA LEU C 600 -26.67 -42.41 16.62
C LEU C 600 -25.43 -41.54 16.59
N ALA C 601 -25.66 -40.25 16.54
CA ALA C 601 -24.55 -39.32 16.59
C ALA C 601 -25.06 -37.98 17.06
N TRP C 602 -24.13 -37.08 17.24
CA TRP C 602 -24.45 -35.68 17.26
C TRP C 602 -23.54 -34.93 16.31
N THR C 603 -23.99 -34.76 15.09
CA THR C 603 -23.47 -33.58 14.42
C THR C 603 -24.02 -32.35 15.14
N PRO C 604 -23.18 -31.36 15.44
CA PRO C 604 -23.61 -30.24 16.28
C PRO C 604 -24.74 -29.42 15.71
N VAL C 605 -24.87 -29.37 14.39
CA VAL C 605 -25.97 -28.69 13.72
C VAL C 605 -27.30 -29.41 14.00
N GLY C 606 -27.24 -30.67 14.37
CA GLY C 606 -28.44 -31.41 14.63
C GLY C 606 -28.14 -32.88 14.56
N GLY C 607 -28.76 -33.65 15.44
CA GLY C 607 -28.45 -35.05 15.53
C GLY C 607 -28.93 -35.83 14.32
N THR C 608 -28.31 -36.99 14.15
CA THR C 608 -28.52 -37.77 12.94
C THR C 608 -28.32 -39.23 13.27
N LEU C 609 -28.73 -40.05 12.33
CA LEU C 609 -28.29 -41.43 12.33
C LEU C 609 -27.00 -41.55 11.52
N LEU C 610 -26.29 -42.64 11.72
CA LEU C 610 -25.08 -42.93 10.96
C LEU C 610 -25.21 -44.37 10.50
N THR C 611 -25.86 -44.57 9.36
CA THR C 611 -26.06 -45.93 8.85
C THR C 611 -24.78 -46.32 8.14
N ILE C 612 -23.83 -46.82 8.93
CA ILE C 612 -22.44 -46.96 8.50
C ILE C 612 -22.23 -48.36 7.94
N GLU C 613 -21.76 -48.45 6.71
CA GLU C 613 -21.53 -49.77 6.14
C GLU C 613 -20.05 -50.11 6.22
N VAL C 614 -19.71 -51.31 5.74
CA VAL C 614 -18.34 -51.79 5.73
C VAL C 614 -18.20 -52.86 4.65
N ALA C 615 -17.04 -52.89 4.02
CA ALA C 615 -16.80 -53.77 2.90
C ALA C 615 -16.19 -55.06 3.36
N ALA C 616 -17.02 -56.10 3.46
CA ALA C 616 -16.54 -57.43 3.77
C ALA C 616 -16.00 -57.98 2.45
N VAL C 617 -14.69 -57.88 2.29
CA VAL C 617 -14.09 -58.14 0.98
C VAL C 617 -13.08 -59.29 1.04
N PRO C 618 -13.00 -60.10 -0.01
CA PRO C 618 -11.99 -61.17 -0.04
C PRO C 618 -10.59 -60.61 -0.18
N GLY C 619 -9.63 -61.42 0.24
CA GLY C 619 -8.25 -61.00 0.18
C GLY C 619 -7.39 -61.90 1.04
N SER C 620 -6.31 -61.32 1.57
CA SER C 620 -5.40 -62.03 2.47
C SER C 620 -5.26 -61.36 3.83
N GLY C 621 -6.10 -60.38 4.14
CA GLY C 621 -6.01 -59.70 5.42
C GLY C 621 -5.42 -58.30 5.35
N LYS C 622 -6.28 -57.29 5.42
CA LYS C 622 -5.84 -55.89 5.47
C LYS C 622 -6.97 -55.09 6.11
N LEU C 623 -6.72 -53.80 6.35
CA LEU C 623 -7.78 -52.95 6.86
C LEU C 623 -7.51 -51.52 6.41
N SER C 624 -8.56 -50.73 6.27
CA SER C 624 -8.45 -49.34 5.85
C SER C 624 -9.71 -48.61 6.32
N LEU C 625 -9.52 -47.67 7.23
CA LEU C 625 -10.60 -46.76 7.60
C LEU C 625 -10.77 -45.71 6.49
N THR C 626 -11.98 -45.56 5.98
CA THR C 626 -12.21 -44.66 4.86
C THR C 626 -13.50 -43.88 5.06
N GLY C 627 -13.57 -42.73 4.38
CA GLY C 627 -14.74 -41.90 4.50
C GLY C 627 -14.57 -40.81 5.53
N GLN C 628 -13.53 -39.98 5.34
CA GLN C 628 -13.26 -38.78 6.12
C GLN C 628 -12.90 -39.13 7.57
N LEU C 629 -12.16 -40.22 7.75
CA LEU C 629 -12.07 -40.77 9.09
C LEU C 629 -10.85 -40.28 9.84
N GLY C 630 -11.07 -39.84 11.08
CA GLY C 630 -10.04 -39.87 12.07
C GLY C 630 -9.90 -41.25 12.66
N GLU C 631 -8.75 -41.49 13.28
CA GLU C 631 -8.33 -42.84 13.65
C GLU C 631 -9.04 -43.38 14.88
N VAL C 632 -9.87 -42.56 15.53
CA VAL C 632 -10.71 -43.06 16.62
C VAL C 632 -11.69 -44.10 16.09
N MET C 633 -12.08 -43.94 14.82
CA MET C 633 -12.82 -44.98 14.13
C MET C 633 -12.03 -46.27 14.05
N LYS C 634 -10.74 -46.18 13.71
CA LYS C 634 -9.98 -47.42 13.49
C LYS C 634 -9.69 -48.11 14.82
N GLU C 635 -9.49 -47.35 15.89
CA GLU C 635 -9.27 -48.02 17.17
C GLU C 635 -10.55 -48.65 17.69
N SER C 636 -11.70 -48.00 17.53
CA SER C 636 -12.93 -48.63 17.99
C SER C 636 -13.30 -49.78 17.09
N ALA C 637 -12.97 -49.68 15.81
CA ALA C 637 -13.15 -50.78 14.88
C ALA C 637 -12.29 -51.96 15.25
N GLN C 638 -11.07 -51.71 15.69
CA GLN C 638 -10.21 -52.81 16.08
C GLN C 638 -10.58 -53.36 17.45
N ALA C 639 -11.11 -52.51 18.33
CA ALA C 639 -11.59 -53.01 19.62
C ALA C 639 -12.79 -53.92 19.43
N ALA C 640 -13.72 -53.51 18.58
CA ALA C 640 -14.87 -54.34 18.26
C ALA C 640 -14.47 -55.60 17.49
N LEU C 641 -13.58 -55.45 16.48
CA LEU C 641 -13.11 -56.60 15.72
C LEU C 641 -12.31 -57.56 16.58
N THR C 642 -11.61 -57.07 17.59
CA THR C 642 -10.92 -57.98 18.49
C THR C 642 -11.87 -58.60 19.50
N TYR C 643 -12.98 -57.92 19.80
CA TYR C 643 -14.04 -58.61 20.52
C TYR C 643 -14.65 -59.71 19.65
N LEU C 644 -14.76 -59.48 18.34
CA LEU C 644 -15.12 -60.54 17.40
C LEU C 644 -14.08 -61.66 17.41
N ARG C 645 -12.80 -61.31 17.52
CA ARG C 645 -11.76 -62.33 17.64
C ARG C 645 -11.91 -63.13 18.92
N ALA C 646 -12.30 -62.48 20.01
CA ALA C 646 -12.62 -63.15 21.26
C ALA C 646 -13.94 -63.90 21.22
N HIS C 647 -14.78 -63.66 20.21
CA HIS C 647 -16.11 -64.24 20.14
C HIS C 647 -16.40 -64.75 18.73
N THR C 648 -15.39 -65.38 18.12
CA THR C 648 -15.49 -65.82 16.72
C THR C 648 -16.48 -66.95 16.52
N GLN C 649 -16.69 -67.79 17.53
CA GLN C 649 -17.67 -68.85 17.39
C GLN C 649 -19.02 -68.44 17.95
N ASP C 650 -19.12 -67.27 18.57
CA ASP C 650 -20.38 -66.79 19.08
C ASP C 650 -21.28 -66.27 17.97
N TYR C 651 -20.71 -65.84 16.84
CA TYR C 651 -21.52 -65.22 15.80
C TYR C 651 -21.23 -65.78 14.42
N GLY C 652 -20.79 -67.05 14.32
CA GLY C 652 -20.68 -67.74 13.06
C GLY C 652 -19.41 -67.52 12.28
N LEU C 653 -18.42 -66.83 12.83
CA LEU C 653 -17.18 -66.63 12.11
C LEU C 653 -16.29 -67.88 12.18
N PRO C 654 -15.41 -68.07 11.20
CA PRO C 654 -14.31 -69.02 11.39
C PRO C 654 -13.31 -68.50 12.41
N GLU C 655 -12.46 -69.42 12.89
CA GLU C 655 -11.54 -69.11 13.98
C GLU C 655 -10.51 -68.05 13.57
N ASP C 656 -9.98 -68.14 12.35
CA ASP C 656 -9.05 -67.15 11.83
C ASP C 656 -9.69 -66.53 10.59
N PHE C 657 -10.59 -65.58 10.83
CA PHE C 657 -11.19 -64.84 9.72
C PHE C 657 -10.21 -63.85 9.14
N TYR C 658 -9.45 -63.17 10.00
CA TYR C 658 -8.76 -61.96 9.60
C TYR C 658 -7.54 -62.28 8.77
N ASN C 659 -7.04 -63.52 8.86
CA ASN C 659 -5.93 -63.95 8.03
C ASN C 659 -6.34 -64.09 6.57
N LYS C 660 -7.64 -64.11 6.28
CA LYS C 660 -8.11 -64.22 4.91
C LYS C 660 -9.20 -63.19 4.61
N VAL C 661 -9.62 -62.40 5.59
CA VAL C 661 -10.73 -61.47 5.41
C VAL C 661 -10.25 -60.07 5.78
N ASP C 662 -10.40 -59.15 4.84
CA ASP C 662 -10.04 -57.75 5.00
C ASP C 662 -11.14 -57.00 5.74
N LEU C 663 -11.09 -55.67 5.64
CA LEU C 663 -12.22 -54.75 5.81
C LEU C 663 -11.87 -53.41 5.20
N HIS C 664 -12.85 -52.78 4.55
CA HIS C 664 -12.75 -51.39 4.16
C HIS C 664 -13.89 -50.64 4.84
N VAL C 665 -13.61 -50.08 6.02
CA VAL C 665 -14.62 -49.32 6.74
C VAL C 665 -14.95 -48.04 6.00
N HIS C 666 -16.22 -47.83 5.72
CA HIS C 666 -16.72 -46.65 5.03
C HIS C 666 -17.76 -45.99 5.91
N VAL C 667 -17.50 -44.78 6.37
CA VAL C 667 -18.38 -44.07 7.28
C VAL C 667 -18.92 -42.83 6.58
N PRO C 668 -20.23 -42.56 6.65
CA PRO C 668 -20.79 -41.33 6.09
C PRO C 668 -20.26 -40.06 6.71
N ASP C 669 -19.79 -40.11 7.94
CA ASP C 669 -19.16 -38.97 8.57
C ASP C 669 -17.77 -39.39 9.01
N GLY C 670 -17.15 -38.56 9.84
CA GLY C 670 -15.83 -38.92 10.32
C GLY C 670 -15.66 -38.94 11.82
N ALA C 671 -14.47 -38.60 12.28
CA ALA C 671 -14.22 -38.39 13.69
C ALA C 671 -14.93 -37.09 14.08
N THR C 672 -16.12 -37.23 14.65
CA THR C 672 -16.92 -36.06 15.00
C THR C 672 -16.23 -35.32 16.15
N PRO C 673 -16.28 -33.98 16.13
CA PRO C 673 -15.48 -33.20 17.09
C PRO C 673 -15.84 -33.45 18.55
N LYS C 674 -17.10 -33.69 18.88
CA LYS C 674 -17.48 -34.05 20.24
C LYS C 674 -17.58 -35.57 20.29
N ASP C 675 -16.56 -36.21 20.87
CA ASP C 675 -16.51 -37.65 21.09
C ASP C 675 -16.67 -38.40 19.77
N GLY C 676 -15.60 -38.33 18.98
CA GLY C 676 -15.45 -39.10 17.76
C GLY C 676 -15.95 -40.54 17.82
N PRO C 677 -15.35 -41.40 18.65
CA PRO C 677 -15.76 -42.81 18.62
C PRO C 677 -16.94 -43.13 19.52
N SER C 678 -17.97 -42.27 19.52
CA SER C 678 -19.08 -42.41 20.44
C SER C 678 -20.12 -43.39 19.96
N ALA C 679 -19.99 -43.89 18.76
CA ALA C 679 -20.90 -44.90 18.26
C ALA C 679 -20.12 -46.14 17.88
N GLY C 680 -19.25 -46.59 18.79
CA GLY C 680 -18.48 -47.79 18.51
C GLY C 680 -19.34 -49.02 18.39
N ILE C 681 -20.51 -48.99 19.03
CA ILE C 681 -21.46 -50.09 18.89
C ILE C 681 -22.05 -50.11 17.50
N THR C 682 -22.18 -48.94 16.87
CA THR C 682 -22.64 -48.89 15.49
C THR C 682 -21.69 -49.62 14.58
N MET C 683 -20.39 -49.33 14.71
CA MET C 683 -19.39 -50.06 13.93
C MET C 683 -19.34 -51.53 14.34
N ALA C 684 -19.54 -51.81 15.63
CA ALA C 684 -19.44 -53.18 16.12
C ALA C 684 -20.53 -54.06 15.52
N THR C 685 -21.77 -53.62 15.64
CA THR C 685 -22.89 -54.33 15.03
C THR C 685 -22.81 -54.33 13.51
N ALA C 686 -22.31 -53.25 12.91
CA ALA C 686 -22.20 -53.20 11.46
C ALA C 686 -21.22 -54.24 10.94
N ILE C 687 -20.01 -54.28 11.51
CA ILE C 687 -19.01 -55.25 11.07
C ILE C 687 -19.40 -56.66 11.48
N ALA C 688 -20.14 -56.80 12.58
CA ALA C 688 -20.61 -58.11 12.99
C ALA C 688 -21.63 -58.65 12.00
N SER C 689 -22.54 -57.78 11.57
CA SER C 689 -23.54 -58.16 10.59
C SER C 689 -22.91 -58.49 9.25
N ALA C 690 -21.93 -57.68 8.83
CA ALA C 690 -21.36 -57.85 7.50
C ALA C 690 -20.45 -59.07 7.42
N LEU C 691 -19.67 -59.33 8.48
CA LEU C 691 -18.83 -60.51 8.47
C LEU C 691 -19.65 -61.77 8.72
N SER C 692 -20.74 -61.67 9.46
CA SER C 692 -21.63 -62.81 9.65
C SER C 692 -22.45 -63.12 8.41
N ARG C 693 -22.54 -62.17 7.48
CA ARG C 693 -23.45 -62.18 6.32
C ARG C 693 -24.90 -62.29 6.76
N ARG C 694 -25.18 -61.78 7.96
CA ARG C 694 -26.45 -61.84 8.63
C ARG C 694 -26.94 -60.44 8.94
N PRO C 695 -28.21 -60.15 8.75
CA PRO C 695 -28.69 -58.78 8.91
C PRO C 695 -28.66 -58.28 10.35
N ALA C 696 -28.38 -56.99 10.46
CA ALA C 696 -28.48 -56.26 11.71
C ALA C 696 -29.76 -55.46 11.67
N ARG C 697 -30.28 -55.15 12.84
CA ARG C 697 -31.64 -54.69 12.90
C ARG C 697 -31.79 -53.23 12.52
N MET C 698 -32.95 -52.95 11.95
CA MET C 698 -33.71 -51.71 11.95
C MET C 698 -34.15 -51.33 13.36
N ASP C 699 -34.46 -50.04 13.53
CA ASP C 699 -35.22 -49.50 14.65
C ASP C 699 -34.57 -49.72 16.01
N ILE C 700 -33.32 -50.18 16.07
CA ILE C 700 -32.59 -50.28 17.32
C ILE C 700 -31.52 -49.20 17.22
N ALA C 701 -31.39 -48.36 18.25
CA ALA C 701 -30.39 -47.30 18.20
C ALA C 701 -29.10 -47.72 18.92
N MET C 702 -27.96 -47.35 18.35
CA MET C 702 -26.66 -47.64 18.96
C MET C 702 -25.96 -46.34 19.33
N THR C 703 -25.37 -46.32 20.52
CA THR C 703 -24.29 -45.40 20.84
C THR C 703 -23.46 -46.01 21.96
N GLY C 704 -22.13 -45.97 21.81
CA GLY C 704 -21.32 -46.54 22.85
C GLY C 704 -19.85 -46.53 22.50
N GLU C 705 -19.06 -47.05 23.43
CA GLU C 705 -17.60 -47.08 23.33
C GLU C 705 -17.13 -48.49 23.65
N VAL C 706 -16.66 -49.20 22.64
CA VAL C 706 -16.13 -50.54 22.80
C VAL C 706 -14.79 -50.46 23.53
N SER C 707 -14.55 -51.38 24.48
CA SER C 707 -13.21 -51.60 25.01
C SER C 707 -12.67 -52.89 24.45
N LEU C 708 -11.36 -53.07 24.64
CA LEU C 708 -10.69 -54.26 24.11
C LEU C 708 -11.15 -55.51 24.84
N ARG C 709 -11.32 -55.43 26.17
CA ARG C 709 -11.88 -56.56 26.90
C ARG C 709 -13.36 -56.76 26.57
N GLY C 710 -14.03 -55.72 26.07
CA GLY C 710 -15.38 -55.83 25.61
C GLY C 710 -16.40 -55.29 26.58
N LYS C 711 -16.03 -54.24 27.28
CA LYS C 711 -16.91 -53.55 28.22
C LYS C 711 -17.21 -52.18 27.65
N VAL C 712 -18.47 -51.78 27.69
CA VAL C 712 -18.83 -50.45 27.22
C VAL C 712 -18.43 -49.43 28.28
N MET C 713 -17.67 -48.45 27.86
CA MET C 713 -17.52 -47.34 28.77
C MET C 713 -18.75 -46.47 28.69
N PRO C 714 -18.95 -45.62 29.69
CA PRO C 714 -19.92 -44.54 29.52
C PRO C 714 -19.51 -43.60 28.41
N ILE C 715 -20.52 -43.11 27.68
CA ILE C 715 -20.34 -42.03 26.73
C ILE C 715 -20.70 -40.74 27.44
N GLY C 716 -20.28 -39.62 26.84
CA GLY C 716 -20.62 -38.32 27.35
C GLY C 716 -21.81 -37.77 26.58
N GLY C 717 -22.78 -37.24 27.32
CA GLY C 717 -23.97 -36.69 26.71
C GLY C 717 -24.87 -37.74 26.11
N VAL C 718 -25.50 -38.55 26.97
CA VAL C 718 -26.44 -39.55 26.51
C VAL C 718 -27.76 -38.88 26.11
N LYS C 719 -28.00 -37.68 26.63
CA LYS C 719 -29.19 -36.90 26.27
C LYS C 719 -29.16 -36.54 24.80
N GLU C 720 -27.98 -36.19 24.28
CA GLU C 720 -27.79 -35.89 22.86
C GLU C 720 -28.23 -37.05 21.98
N LYS C 721 -27.75 -38.25 22.31
CA LYS C 721 -28.01 -39.43 21.49
C LYS C 721 -29.46 -39.84 21.57
N LEU C 722 -30.10 -39.68 22.74
CA LEU C 722 -31.49 -40.10 22.86
C LEU C 722 -32.46 -39.13 22.19
N LEU C 723 -32.19 -37.82 22.29
CA LEU C 723 -33.00 -36.87 21.54
C LEU C 723 -32.85 -37.07 20.04
N ALA C 724 -31.62 -37.36 19.60
CA ALA C 724 -31.41 -37.71 18.20
C ALA C 724 -32.09 -39.01 17.81
N ALA C 725 -32.14 -39.98 18.73
CA ALA C 725 -32.72 -41.28 18.42
C ALA C 725 -34.23 -41.17 18.23
N HIS C 726 -34.90 -40.44 19.12
CA HIS C 726 -36.34 -40.28 18.94
C HIS C 726 -36.66 -39.29 17.84
N GLN C 727 -35.70 -38.44 17.46
CA GLN C 727 -35.89 -37.56 16.32
C GLN C 727 -36.19 -38.33 15.04
N ALA C 728 -35.44 -39.38 14.77
CA ALA C 728 -35.57 -40.17 13.56
C ALA C 728 -36.56 -41.32 13.69
N GLY C 729 -37.34 -41.36 14.76
CA GLY C 729 -38.35 -42.39 14.89
C GLY C 729 -37.83 -43.75 15.28
N ILE C 730 -36.56 -43.86 15.66
CA ILE C 730 -36.08 -45.06 16.33
C ILE C 730 -36.47 -44.99 17.80
N HIS C 731 -37.17 -46.01 18.27
CA HIS C 731 -37.70 -46.03 19.63
C HIS C 731 -37.14 -47.13 20.52
N LYS C 732 -36.19 -47.92 20.03
CA LYS C 732 -35.57 -49.01 20.77
C LYS C 732 -34.09 -48.64 20.86
N ILE C 733 -33.56 -48.55 22.09
CA ILE C 733 -32.22 -47.99 22.29
C ILE C 733 -31.30 -49.03 22.92
N VAL C 734 -30.03 -49.00 22.51
CA VAL C 734 -28.94 -49.67 23.22
C VAL C 734 -28.06 -48.61 23.85
N LEU C 735 -27.80 -48.75 25.14
CA LEU C 735 -27.11 -47.77 25.96
C LEU C 735 -26.19 -48.50 26.92
N PRO C 736 -25.15 -47.83 27.42
CA PRO C 736 -24.32 -48.46 28.45
C PRO C 736 -25.08 -48.62 29.76
N LYS C 737 -24.91 -49.81 30.34
CA LYS C 737 -25.45 -50.09 31.67
C LYS C 737 -24.93 -49.09 32.68
N ASP C 738 -23.70 -48.67 32.51
CA ASP C 738 -23.04 -47.69 33.32
C ASP C 738 -23.66 -46.28 33.21
N ASN C 739 -24.48 -46.00 32.20
CA ASN C 739 -25.18 -44.72 32.11
C ASN C 739 -26.52 -44.72 32.81
N GLU C 740 -26.80 -45.73 33.64
CA GLU C 740 -28.15 -45.89 34.19
C GLU C 740 -28.49 -44.78 35.18
N ALA C 741 -27.47 -44.25 35.86
CA ALA C 741 -27.70 -43.10 36.73
C ALA C 741 -27.72 -41.82 35.92
N GLN C 742 -27.05 -41.83 34.77
CA GLN C 742 -27.15 -40.72 33.84
C GLN C 742 -28.52 -40.68 33.17
N LEU C 743 -29.25 -41.80 33.18
CA LEU C 743 -30.56 -41.87 32.52
C LEU C 743 -31.63 -41.10 33.25
N GLU C 744 -31.37 -40.61 34.45
CA GLU C 744 -32.33 -39.76 35.12
C GLU C 744 -32.09 -38.29 34.84
N GLU C 745 -31.10 -37.98 34.00
CA GLU C 745 -30.95 -36.63 33.48
C GLU C 745 -31.96 -36.35 32.37
N LEU C 746 -32.59 -37.37 31.82
CA LEU C 746 -33.59 -37.21 30.78
C LEU C 746 -34.93 -36.86 31.38
N PRO C 747 -35.72 -36.00 30.73
CA PRO C 747 -37.10 -35.82 31.17
C PRO C 747 -37.93 -37.05 30.82
N LYS C 748 -39.14 -37.10 31.40
CA LYS C 748 -40.06 -38.15 31.04
C LYS C 748 -40.53 -38.02 29.60
N GLU C 749 -40.60 -36.78 29.11
CA GLU C 749 -41.18 -36.49 27.80
C GLU C 749 -40.35 -37.11 26.68
N VAL C 750 -39.05 -37.32 26.93
CA VAL C 750 -38.22 -37.97 25.92
C VAL C 750 -38.22 -39.48 26.14
N LEU C 751 -38.41 -39.91 27.39
CA LEU C 751 -38.24 -41.33 27.71
C LEU C 751 -39.44 -42.15 27.27
N GLU C 752 -40.64 -41.55 27.31
CA GLU C 752 -41.85 -42.33 27.14
C GLU C 752 -41.99 -42.85 25.71
N GLY C 753 -41.41 -42.15 24.75
CA GLY C 753 -41.42 -42.67 23.40
C GLY C 753 -40.33 -43.67 23.09
N LEU C 754 -39.54 -44.07 24.08
CA LEU C 754 -38.33 -44.85 23.84
C LEU C 754 -38.29 -46.04 24.78
N GLU C 755 -37.61 -47.10 24.35
CA GLU C 755 -37.31 -48.19 25.27
C GLU C 755 -35.79 -48.41 25.22
N ILE C 756 -35.19 -48.66 26.39
CA ILE C 756 -33.74 -48.68 26.54
C ILE C 756 -33.30 -50.06 26.97
N LYS C 757 -32.43 -50.67 26.17
CA LYS C 757 -31.92 -52.00 26.45
C LYS C 757 -30.54 -51.82 27.06
N LEU C 758 -30.51 -51.53 28.37
CA LEU C 758 -29.26 -51.18 29.06
C LEU C 758 -28.31 -52.36 29.13
N VAL C 759 -27.13 -52.21 28.53
CA VAL C 759 -26.18 -53.32 28.41
C VAL C 759 -24.82 -52.85 28.93
N GLU C 760 -24.03 -53.80 29.42
CA GLU C 760 -22.70 -53.49 29.90
C GLU C 760 -21.60 -54.13 29.07
N ASP C 761 -21.91 -55.12 28.26
CA ASP C 761 -20.93 -55.82 27.47
C ASP C 761 -21.30 -55.74 26.00
N VAL C 762 -20.28 -55.93 25.18
CA VAL C 762 -20.45 -55.93 23.74
C VAL C 762 -21.27 -57.13 23.29
N GLY C 763 -21.11 -58.28 23.97
CA GLY C 763 -21.85 -59.47 23.58
C GLY C 763 -23.35 -59.34 23.79
N GLU C 764 -23.75 -58.46 24.71
CA GLU C 764 -25.17 -58.23 24.95
C GLU C 764 -25.85 -57.53 23.77
N VAL C 765 -25.27 -56.43 23.29
CA VAL C 765 -25.81 -55.79 22.09
C VAL C 765 -25.59 -56.68 20.86
N LEU C 766 -24.54 -57.51 20.86
CA LEU C 766 -24.33 -58.45 19.75
C LEU C 766 -25.37 -59.58 19.74
N GLU C 767 -26.01 -59.86 20.87
CA GLU C 767 -27.16 -60.76 20.81
C GLU C 767 -28.46 -60.00 20.58
N TYR C 768 -28.51 -58.69 20.89
CA TYR C 768 -29.72 -57.94 20.56
C TYR C 768 -29.86 -57.64 19.07
N LEU C 769 -28.74 -57.43 18.36
CA LEU C 769 -28.86 -56.84 17.03
C LEU C 769 -28.79 -57.83 15.89
N LEU C 770 -28.19 -58.99 16.11
CA LEU C 770 -28.30 -59.96 15.03
C LEU C 770 -29.72 -60.53 15.09
N LEU C 771 -30.57 -60.05 14.19
CA LEU C 771 -31.92 -60.58 14.07
C LEU C 771 -31.97 -62.07 13.73
N PRO C 772 -31.17 -62.62 12.80
CA PRO C 772 -31.05 -64.08 12.79
C PRO C 772 -30.04 -64.54 13.82
N GLU C 773 -29.87 -65.86 13.93
CA GLU C 773 -29.05 -66.42 15.00
C GLU C 773 -27.57 -66.08 14.91
N PRO C 774 -26.86 -66.21 13.76
CA PRO C 774 -25.45 -65.83 13.89
C PRO C 774 -25.24 -64.34 13.80
N ARG D 2 62.44 37.43 27.00
CA ARG D 2 61.89 38.33 28.02
C ARG D 2 61.48 37.58 29.28
N LEU D 3 60.24 37.81 29.71
CA LEU D 3 59.70 37.22 30.93
C LEU D 3 58.33 36.62 30.63
N GLU D 4 57.87 35.78 31.56
CA GLU D 4 56.53 35.26 31.50
C GLU D 4 55.51 36.37 31.73
N LEU D 5 54.48 36.40 30.88
CA LEU D 5 53.48 37.45 30.91
C LEU D 5 52.08 36.83 30.90
N PRO D 6 51.12 37.38 31.63
CA PRO D 6 49.77 36.84 31.62
C PRO D 6 49.05 37.14 30.32
N VAL D 7 48.08 36.28 30.02
CA VAL D 7 47.20 36.45 28.86
C VAL D 7 45.76 36.44 29.38
N ILE D 8 45.04 37.52 29.13
CA ILE D 8 43.59 37.48 29.35
C ILE D 8 42.95 36.58 28.29
N PRO D 9 42.06 35.64 28.66
CA PRO D 9 41.44 34.75 27.66
C PRO D 9 40.55 35.50 26.68
N LEU D 10 40.94 35.51 25.42
CA LEU D 10 40.25 36.24 24.38
C LEU D 10 39.17 35.36 23.74
N ARG D 11 38.02 35.97 23.49
CA ARG D 11 36.83 35.28 22.99
C ARG D 11 36.43 35.70 21.58
N ASN D 12 36.35 37.01 21.32
CA ASN D 12 36.08 37.50 19.98
C ASN D 12 36.84 38.78 19.67
N THR D 13 37.82 39.15 20.49
CA THR D 13 38.57 40.39 20.30
C THR D 13 40.01 40.05 19.95
N VAL D 14 40.44 40.47 18.77
CA VAL D 14 41.84 40.42 18.37
C VAL D 14 42.45 41.75 18.76
N ILE D 15 43.42 41.71 19.67
CA ILE D 15 43.96 42.93 20.26
C ILE D 15 44.93 43.56 19.27
N LEU D 16 44.53 44.69 18.71
CA LEU D 16 45.29 45.42 17.71
C LEU D 16 46.00 46.62 18.37
N PRO D 17 47.15 47.02 17.84
CA PRO D 17 47.88 48.16 18.43
C PRO D 17 47.13 49.49 18.31
N HIS D 18 47.26 50.29 19.37
CA HIS D 18 46.72 51.66 19.48
C HIS D 18 45.20 51.69 19.25
N THR D 19 44.51 50.72 19.82
CA THR D 19 43.05 50.63 19.73
C THR D 19 42.46 50.67 21.13
N THR D 20 41.47 51.53 21.33
CA THR D 20 40.78 51.66 22.61
C THR D 20 39.82 50.49 22.76
N THR D 21 40.29 49.42 23.39
CA THR D 21 39.49 48.21 23.56
C THR D 21 39.07 48.07 25.00
N PRO D 22 37.80 48.27 25.35
CA PRO D 22 37.34 47.99 26.73
C PRO D 22 37.07 46.50 26.91
N VAL D 23 37.75 45.90 27.89
CA VAL D 23 37.61 44.48 28.18
C VAL D 23 37.03 44.34 29.59
N ASP D 24 35.94 43.59 29.70
CA ASP D 24 35.28 43.35 30.99
C ASP D 24 35.81 42.05 31.58
N VAL D 25 36.51 42.15 32.70
CA VAL D 25 37.03 40.96 33.40
C VAL D 25 35.96 40.58 34.42
N GLY D 26 35.07 39.67 34.02
CA GLY D 26 34.01 39.21 34.89
C GLY D 26 34.15 37.72 35.20
N ARG D 27 35.28 37.16 34.83
CA ARG D 27 35.59 35.75 35.04
C ARG D 27 36.56 35.64 36.18
N ALA D 28 36.36 34.64 37.05
CA ALA D 28 37.24 34.47 38.20
C ALA D 28 38.64 34.04 37.77
N LYS D 29 38.75 33.24 36.72
CA LYS D 29 40.04 32.82 36.21
C LYS D 29 40.70 33.85 35.29
N SER D 30 39.94 34.86 34.85
CA SER D 30 40.52 35.95 34.08
C SER D 30 40.99 37.09 34.96
N LYS D 31 40.56 37.13 36.23
CA LYS D 31 41.01 38.16 37.15
C LYS D 31 42.48 37.96 37.54
N ARG D 32 42.93 36.71 37.59
CA ARG D 32 44.29 36.41 38.01
C ARG D 32 45.31 36.91 37.00
N ALA D 33 44.93 36.95 35.72
CA ALA D 33 45.79 37.51 34.68
C ALA D 33 46.06 38.98 34.93
N VAL D 34 45.02 39.72 35.31
CA VAL D 34 45.21 41.13 35.65
C VAL D 34 45.97 41.26 36.97
N GLU D 35 45.68 40.37 37.93
CA GLU D 35 46.29 40.42 39.26
C GLU D 35 47.80 40.24 39.20
N GLU D 36 48.26 39.36 38.31
CA GLU D 36 49.69 39.21 38.07
C GLU D 36 50.18 40.15 36.97
N ALA D 37 49.27 40.79 36.23
CA ALA D 37 49.69 41.76 35.23
C ALA D 37 50.11 43.07 35.86
N MET D 38 49.53 43.41 37.02
CA MET D 38 50.12 44.48 37.82
C MET D 38 51.52 44.11 38.31
N GLY D 39 51.80 42.82 38.50
CA GLY D 39 53.17 42.38 38.74
C GLY D 39 53.97 42.26 37.46
N ALA D 40 53.31 42.39 36.30
CA ALA D 40 53.96 42.35 35.00
C ALA D 40 54.05 43.72 34.33
N ASP D 41 53.95 44.79 35.14
CA ASP D 41 54.02 46.19 34.69
C ASP D 41 52.94 46.50 33.65
N ARG D 42 51.71 46.05 33.95
CA ARG D 42 50.49 46.25 33.15
C ARG D 42 50.61 45.71 31.72
N LEU D 43 51.49 44.74 31.51
CA LEU D 43 51.73 44.16 30.20
C LEU D 43 51.05 42.81 30.14
N ILE D 44 50.01 42.70 29.31
CA ILE D 44 49.25 41.47 29.13
C ILE D 44 49.52 40.99 27.72
N PHE D 45 50.24 39.88 27.59
CA PHE D 45 50.73 39.38 26.30
C PHE D 45 49.55 38.71 25.60
N LEU D 46 48.69 39.53 25.01
CA LEU D 46 47.38 39.09 24.54
C LEU D 46 47.52 38.33 23.23
N VAL D 47 47.27 37.03 23.30
CA VAL D 47 47.33 36.13 22.15
C VAL D 47 45.95 35.49 22.01
N ALA D 48 45.38 35.58 20.81
CA ALA D 48 44.11 34.92 20.56
C ALA D 48 44.30 33.42 20.49
N GLN D 49 43.26 32.68 20.88
CA GLN D 49 43.36 31.23 20.99
C GLN D 49 43.31 30.62 19.59
N ARG D 50 44.21 29.66 19.31
CA ARG D 50 44.24 29.07 17.98
C ARG D 50 43.05 28.13 17.76
N ASP D 51 42.79 27.26 18.73
CA ASP D 51 41.57 26.47 18.79
C ASP D 51 40.41 27.38 19.17
N PRO D 52 39.12 26.93 18.93
CA PRO D 52 37.94 27.74 19.29
C PRO D 52 37.92 28.39 20.67
N GLU D 53 37.57 29.68 20.68
CA GLU D 53 37.99 30.63 21.72
C GLU D 53 36.96 30.64 22.85
N VAL D 54 37.30 30.05 24.00
CA VAL D 54 36.37 29.94 25.13
C VAL D 54 36.58 31.10 26.10
N ASP D 55 35.60 31.28 27.00
CA ASP D 55 35.65 32.32 28.02
C ASP D 55 36.69 32.01 29.09
N ASP D 56 36.94 30.74 29.30
CA ASP D 56 37.87 30.14 30.23
C ASP D 56 39.28 30.11 29.64
N PRO D 57 40.32 30.06 30.47
CA PRO D 57 41.67 29.87 29.94
C PRO D 57 41.87 28.47 29.37
N ALA D 58 42.14 28.41 28.06
CA ALA D 58 42.35 27.15 27.38
C ALA D 58 43.83 26.85 27.30
N PRO D 59 44.33 25.80 27.95
CA PRO D 59 45.77 25.53 27.92
C PRO D 59 46.24 25.03 26.56
N ASP D 60 47.43 25.49 26.17
CA ASP D 60 48.18 25.02 25.00
C ASP D 60 47.41 25.19 23.69
N ASP D 61 46.58 26.22 23.60
CA ASP D 61 45.78 26.46 22.40
C ASP D 61 46.00 27.93 22.03
N LEU D 62 47.10 28.24 21.36
CA LEU D 62 47.44 29.64 21.13
C LEU D 62 47.95 29.83 19.71
N TYR D 63 47.67 31.00 19.17
CA TYR D 63 48.24 31.45 17.92
C TYR D 63 49.73 31.72 18.09
N THR D 64 50.45 31.68 16.97
CA THR D 64 51.87 31.98 16.97
C THR D 64 52.14 33.48 16.87
N TRP D 65 51.12 34.32 16.98
CA TRP D 65 51.26 35.76 16.93
C TRP D 65 50.46 36.39 18.07
N GLY D 66 50.96 37.50 18.58
CA GLY D 66 50.27 38.20 19.65
C GLY D 66 50.94 39.52 19.94
N VAL D 67 50.33 40.27 20.87
CA VAL D 67 50.78 41.62 21.16
C VAL D 67 51.05 41.76 22.65
N GLN D 68 51.96 42.68 22.98
CA GLN D 68 52.22 43.07 24.36
C GLN D 68 51.40 44.32 24.69
N ALA D 69 50.11 44.10 24.93
CA ALA D 69 49.21 45.19 25.22
C ALA D 69 49.49 45.76 26.60
N VAL D 70 49.46 47.09 26.68
CA VAL D 70 49.71 47.81 27.92
C VAL D 70 48.42 48.50 28.34
N VAL D 71 48.11 48.39 29.62
CA VAL D 71 46.85 48.91 30.14
C VAL D 71 47.04 50.37 30.55
N LYS D 72 46.24 51.25 29.96
CA LYS D 72 46.36 52.69 30.20
C LYS D 72 45.80 53.08 31.57
N GLN D 73 44.60 52.60 31.91
CA GLN D 73 43.98 52.89 33.19
C GLN D 73 43.24 51.67 33.68
N ALA D 74 43.11 51.54 35.01
CA ALA D 74 42.48 50.39 35.65
C ALA D 74 41.69 50.87 36.86
N MET D 75 40.36 50.83 36.74
CA MET D 75 39.47 51.06 37.86
C MET D 75 38.70 49.78 38.16
N ARG D 76 38.18 49.72 39.38
CA ARG D 76 37.45 48.53 39.84
C ARG D 76 36.01 48.94 40.13
N LEU D 77 35.10 48.44 39.30
CA LEU D 77 33.68 48.71 39.51
C LEU D 77 33.18 47.92 40.72
N PRO D 78 32.23 48.47 41.50
CA PRO D 78 31.85 47.81 42.76
C PRO D 78 31.00 46.58 42.58
N ASP D 79 30.46 46.31 41.39
CA ASP D 79 29.62 45.13 41.20
C ASP D 79 30.45 43.85 41.19
N GLY D 80 31.66 43.90 40.62
CA GLY D 80 32.52 42.74 40.60
C GLY D 80 33.22 42.50 39.28
N THR D 81 32.97 43.37 38.31
CA THR D 81 33.56 43.28 36.97
C THR D 81 34.58 44.39 36.79
N LEU D 82 35.82 44.02 36.51
CA LEU D 82 36.91 44.98 36.40
C LEU D 82 37.01 45.35 34.92
N GLN D 83 36.52 46.55 34.57
CA GLN D 83 36.44 47.01 33.19
C GLN D 83 37.80 47.58 32.78
N VAL D 84 38.71 46.67 32.43
CA VAL D 84 40.07 47.07 32.08
C VAL D 84 40.10 47.59 30.65
N MET D 85 41.05 48.47 30.35
CA MET D 85 41.28 48.99 29.01
C MET D 85 42.66 48.56 28.55
N VAL D 86 42.72 47.90 27.40
CA VAL D 86 43.97 47.37 26.87
C VAL D 86 44.32 48.12 25.59
N GLU D 87 45.61 48.29 25.35
CA GLU D 87 46.10 48.99 24.17
C GLU D 87 47.50 48.47 23.87
N ALA D 88 47.72 48.03 22.64
CA ALA D 88 49.00 47.46 22.25
C ALA D 88 49.81 48.46 21.43
N ARG D 89 51.06 48.08 21.15
CA ARG D 89 51.96 48.90 20.35
C ARG D 89 52.47 48.17 19.11
N ALA D 90 52.91 46.92 19.26
CA ALA D 90 53.36 46.13 18.12
C ALA D 90 53.19 44.66 18.45
N ARG D 91 53.21 43.83 17.41
CA ARG D 91 52.97 42.40 17.53
C ARG D 91 54.24 41.66 17.98
N ALA D 92 54.09 40.37 18.25
CA ALA D 92 55.17 39.49 18.70
C ALA D 92 54.73 38.06 18.44
N GLN D 93 55.67 37.14 18.59
CA GLN D 93 55.41 35.71 18.51
C GLN D 93 55.58 35.10 19.90
N VAL D 94 55.34 33.79 20.00
CA VAL D 94 55.36 33.09 21.27
C VAL D 94 56.52 32.11 21.25
N THR D 95 57.40 32.22 22.25
CA THR D 95 58.49 31.27 22.38
C THR D 95 57.96 29.89 22.75
N ASP D 96 57.12 29.81 23.78
CA ASP D 96 56.59 28.54 24.23
C ASP D 96 55.22 28.75 24.85
N TYR D 97 54.31 27.81 24.60
CA TYR D 97 52.99 27.84 25.21
C TYR D 97 53.07 27.33 26.64
N ILE D 98 52.56 28.12 27.58
CA ILE D 98 52.49 27.72 28.99
C ILE D 98 51.04 27.34 29.28
N PRO D 99 50.77 26.12 29.72
CA PRO D 99 49.38 25.71 29.97
C PRO D 99 48.79 26.41 31.19
N GLY D 100 47.47 26.57 31.16
CA GLY D 100 46.75 27.16 32.26
C GLY D 100 45.96 26.13 33.05
N PRO D 101 45.10 26.60 33.97
CA PRO D 101 44.86 28.01 34.33
C PRO D 101 45.92 28.58 35.30
N TYR D 102 46.26 29.86 35.19
CA TYR D 102 45.74 30.76 34.15
C TYR D 102 46.69 30.79 32.97
N LEU D 103 46.30 31.51 31.92
CA LEU D 103 47.10 31.57 30.71
C LEU D 103 48.40 32.31 30.97
N ARG D 104 49.52 31.67 30.65
CA ARG D 104 50.82 32.34 30.66
C ARG D 104 51.49 32.07 29.33
N ALA D 105 52.48 32.90 29.01
CA ALA D 105 53.23 32.75 27.78
C ALA D 105 54.61 33.37 27.97
N ARG D 106 55.52 32.99 27.08
CA ARG D 106 56.86 33.57 27.09
C ARG D 106 56.86 34.82 26.20
N GLY D 107 57.25 35.95 26.79
CA GLY D 107 57.19 37.20 26.07
C GLY D 107 58.29 37.33 25.03
N GLU D 108 58.00 38.12 23.99
CA GLU D 108 58.96 38.40 22.94
C GLU D 108 58.88 39.89 22.61
N VAL D 109 59.91 40.36 21.90
CA VAL D 109 60.05 41.79 21.65
C VAL D 109 59.00 42.26 20.63
N PHE D 110 58.81 43.58 20.58
CA PHE D 110 57.87 44.19 19.65
C PHE D 110 58.37 44.05 18.21
N SER D 111 57.47 43.64 17.32
CA SER D 111 57.77 43.53 15.89
C SER D 111 57.24 44.80 15.24
N GLU D 112 57.99 45.89 15.38
CA GLU D 112 57.61 47.17 14.81
C GLU D 112 57.88 47.19 13.31
N ILE D 113 56.96 47.78 12.56
CA ILE D 113 57.03 47.81 11.10
C ILE D 113 56.90 49.25 10.62
N PHE D 114 57.79 49.66 9.71
CA PHE D 114 57.72 50.92 9.01
C PHE D 114 58.01 50.63 7.55
N PRO D 115 57.24 51.18 6.62
CA PRO D 115 57.28 50.73 5.23
C PRO D 115 58.39 51.41 4.43
N ILE D 116 58.59 50.91 3.21
CA ILE D 116 59.48 51.50 2.22
C ILE D 116 58.60 52.05 1.11
N ASP D 117 59.07 53.12 0.45
CA ASP D 117 58.33 53.88 -0.56
C ASP D 117 57.00 54.40 0.02
N GLU D 118 57.15 55.31 0.98
CA GLU D 118 56.04 55.75 1.81
C GLU D 118 55.07 56.69 1.11
N ALA D 119 55.36 57.14 -0.11
CA ALA D 119 54.39 57.95 -0.84
C ALA D 119 53.18 57.13 -1.27
N VAL D 120 53.42 55.95 -1.82
CA VAL D 120 52.34 55.03 -2.17
C VAL D 120 51.64 54.53 -0.92
N VAL D 121 52.39 54.38 0.17
CA VAL D 121 51.81 54.00 1.46
C VAL D 121 50.86 55.08 1.97
N ARG D 122 51.26 56.36 1.85
CA ARG D 122 50.39 57.45 2.26
C ARG D 122 49.16 57.57 1.38
N VAL D 123 49.32 57.35 0.07
CA VAL D 123 48.18 57.36 -0.85
C VAL D 123 47.21 56.23 -0.51
N LEU D 124 47.74 55.05 -0.22
CA LEU D 124 46.89 53.90 0.10
C LEU D 124 46.20 54.05 1.46
N VAL D 125 46.89 54.62 2.45
CA VAL D 125 46.23 54.80 3.75
C VAL D 125 45.19 55.92 3.67
N GLU D 126 45.40 56.95 2.83
CA GLU D 126 44.36 57.95 2.62
C GLU D 126 43.16 57.36 1.88
N GLU D 127 43.42 56.49 0.90
CA GLU D 127 42.34 55.82 0.20
C GLU D 127 41.57 54.87 1.13
N LEU D 128 42.27 54.20 2.04
CA LEU D 128 41.60 53.30 2.97
C LEU D 128 40.85 54.09 4.04
N LYS D 129 41.34 55.28 4.41
CA LYS D 129 40.58 56.13 5.31
C LYS D 129 39.31 56.66 4.65
N GLU D 130 39.39 56.97 3.35
CA GLU D 130 38.18 57.35 2.61
C GLU D 130 37.23 56.16 2.46
N ALA D 131 37.77 54.95 2.31
CA ALA D 131 36.95 53.75 2.26
C ALA D 131 36.29 53.48 3.60
N PHE D 132 37.00 53.74 4.70
CA PHE D 132 36.41 53.64 6.03
C PHE D 132 35.32 54.69 6.24
N GLU D 133 35.55 55.91 5.72
CA GLU D 133 34.55 56.96 5.82
C GLU D 133 33.28 56.62 5.05
N LYS D 134 33.43 56.06 3.83
CA LYS D 134 32.24 55.69 3.07
C LYS D 134 31.60 54.41 3.59
N TYR D 135 32.37 53.55 4.28
CA TYR D 135 31.76 52.42 4.97
C TYR D 135 30.96 52.88 6.17
N VAL D 136 31.46 53.91 6.87
CA VAL D 136 30.72 54.53 7.96
C VAL D 136 29.44 55.18 7.44
N ALA D 137 29.53 55.89 6.32
CA ALA D 137 28.36 56.57 5.76
C ALA D 137 27.35 55.59 5.18
N ASN D 138 27.82 54.48 4.62
CA ASN D 138 26.91 53.46 4.11
C ASN D 138 26.23 52.71 5.25
N HIS D 139 27.01 52.33 6.27
CA HIS D 139 26.48 51.62 7.43
C HIS D 139 26.33 52.60 8.58
N LYS D 140 25.24 53.36 8.55
CA LYS D 140 24.96 54.33 9.59
C LYS D 140 24.22 53.74 10.78
N SER D 141 23.77 52.49 10.69
CA SER D 141 23.05 51.82 11.76
C SER D 141 23.96 50.95 12.62
N LEU D 142 25.27 50.98 12.40
CA LEU D 142 26.22 50.18 13.14
C LEU D 142 27.02 50.99 14.16
N ARG D 143 26.46 52.12 14.60
CA ARG D 143 27.12 53.11 15.47
C ARG D 143 28.45 53.56 14.88
N LEU D 144 28.38 54.07 13.65
CA LEU D 144 29.54 54.51 12.90
C LEU D 144 29.36 55.98 12.57
N ASP D 145 30.21 56.84 13.16
CA ASP D 145 30.12 58.27 12.93
C ASP D 145 31.45 58.84 12.48
N ARG D 146 31.55 60.17 12.43
CA ARG D 146 32.79 60.85 12.09
C ARG D 146 33.74 60.98 13.27
N TYR D 147 33.33 60.53 14.46
CA TYR D 147 34.23 60.49 15.61
C TYR D 147 35.38 59.51 15.36
N GLN D 148 35.09 58.40 14.68
CA GLN D 148 36.13 57.42 14.40
C GLN D 148 37.07 57.86 13.28
N LEU D 149 36.66 58.84 12.47
CA LEU D 149 37.54 59.43 11.47
C LEU D 149 38.40 60.56 12.02
N GLU D 150 38.10 61.04 13.23
CA GLU D 150 38.85 62.11 13.86
C GLU D 150 40.14 61.64 14.51
N ALA D 151 40.34 60.33 14.59
CA ALA D 151 41.57 59.78 15.16
C ALA D 151 42.47 59.12 14.14
N VAL D 152 42.05 59.05 12.87
CA VAL D 152 42.87 58.44 11.84
C VAL D 152 43.26 59.40 10.73
N LYS D 153 42.44 60.40 10.41
CA LYS D 153 42.68 61.24 9.25
C LYS D 153 43.72 62.31 9.56
N GLY D 154 44.75 62.40 8.71
CA GLY D 154 45.81 63.37 8.89
C GLY D 154 46.89 62.95 9.86
N THR D 155 46.77 61.78 10.48
CA THR D 155 47.74 61.30 11.45
C THR D 155 48.82 60.51 10.71
N SER D 156 50.06 60.61 11.20
CA SER D 156 51.15 59.78 10.70
C SER D 156 51.08 58.39 11.35
N ASP D 157 52.15 57.59 11.19
CA ASP D 157 52.29 56.20 11.61
C ASP D 157 51.15 55.34 11.07
N PRO D 158 51.18 54.97 9.79
CA PRO D 158 50.02 54.28 9.19
C PRO D 158 49.76 52.86 9.70
N ALA D 159 50.68 52.28 10.49
CA ALA D 159 50.41 50.98 11.11
C ALA D 159 49.26 51.07 12.10
N MET D 160 49.32 52.05 13.00
CA MET D 160 48.24 52.21 13.97
C MET D 160 46.98 52.76 13.32
N LEU D 161 47.12 53.47 12.19
CA LEU D 161 45.94 53.84 11.40
C LEU D 161 45.24 52.61 10.84
N ALA D 162 46.03 51.67 10.30
CA ALA D 162 45.46 50.43 9.76
C ALA D 162 44.82 49.60 10.86
N ASP D 163 45.48 49.53 12.02
CA ASP D 163 44.92 48.79 13.16
C ASP D 163 43.64 49.45 13.68
N THR D 164 43.60 50.78 13.70
CA THR D 164 42.42 51.49 14.18
C THR D 164 41.24 51.33 13.21
N ILE D 165 41.51 51.38 11.90
CA ILE D 165 40.46 51.16 10.91
C ILE D 165 39.96 49.72 10.97
N ALA D 166 40.88 48.75 11.14
CA ALA D 166 40.50 47.35 11.21
C ALA D 166 39.71 47.05 12.48
N TYR D 167 40.04 47.70 13.59
CA TYR D 167 39.30 47.50 14.82
C TYR D 167 37.94 48.20 14.78
N HIS D 168 37.85 49.34 14.09
CA HIS D 168 36.60 50.10 14.07
C HIS D 168 35.53 49.39 13.25
N ALA D 169 35.82 49.11 11.98
CA ALA D 169 34.87 48.40 11.14
C ALA D 169 34.79 46.93 11.55
N THR D 170 33.60 46.35 11.36
CA THR D 170 33.28 45.05 11.93
C THR D 170 33.29 43.96 10.85
N TRP D 171 34.09 42.92 11.08
CA TRP D 171 34.08 41.73 10.26
C TRP D 171 34.50 40.55 11.14
N THR D 172 34.92 39.46 10.49
CA THR D 172 35.25 38.22 11.18
C THR D 172 36.48 38.39 12.06
N VAL D 173 36.46 37.73 13.22
CA VAL D 173 37.53 37.83 14.21
C VAL D 173 38.81 37.19 13.67
N ALA D 174 38.69 36.07 12.97
CA ALA D 174 39.86 35.42 12.38
C ALA D 174 40.47 36.27 11.27
N GLU D 175 39.66 37.08 10.59
CA GLU D 175 40.20 38.05 9.64
C GLU D 175 41.04 39.12 10.35
N LYS D 176 40.59 39.57 11.52
CA LYS D 176 41.38 40.52 12.31
C LYS D 176 42.66 39.88 12.82
N GLN D 177 42.60 38.58 13.15
CA GLN D 177 43.79 37.86 13.55
C GLN D 177 44.77 37.72 12.39
N GLU D 178 44.27 37.47 11.18
CA GLU D 178 45.13 37.40 10.01
C GLU D 178 45.72 38.77 9.67
N ILE D 179 44.98 39.83 9.96
CA ILE D 179 45.50 41.19 9.85
C ILE D 179 46.65 41.38 10.83
N LEU D 180 46.50 40.86 12.06
CA LEU D 180 47.56 40.95 13.05
C LEU D 180 48.78 40.11 12.65
N GLU D 181 48.56 38.95 12.00
CA GLU D 181 49.66 38.13 11.54
C GLU D 181 50.44 38.78 10.39
N LEU D 182 49.77 39.56 9.54
CA LEU D 182 50.42 40.22 8.42
C LEU D 182 51.23 41.38 8.97
N THR D 183 52.54 41.16 9.10
CA THR D 183 53.43 42.18 9.64
C THR D 183 53.61 43.35 8.68
N ASP D 184 53.51 43.09 7.38
CA ASP D 184 53.73 44.11 6.37
C ASP D 184 52.65 45.17 6.42
N LEU D 185 53.07 46.43 6.48
CA LEU D 185 52.16 47.55 6.76
C LEU D 185 51.23 47.82 5.58
N GLU D 186 51.81 48.00 4.40
CA GLU D 186 51.03 48.32 3.21
C GLU D 186 50.18 47.12 2.78
N ALA D 187 50.71 45.91 3.00
CA ALA D 187 49.91 44.71 2.77
C ALA D 187 48.80 44.59 3.81
N ARG D 188 49.00 45.10 5.02
CA ARG D 188 47.91 45.15 6.00
C ARG D 188 46.83 46.13 5.56
N LEU D 189 47.23 47.26 4.96
CA LEU D 189 46.24 48.20 4.41
C LEU D 189 45.46 47.57 3.25
N LYS D 190 46.17 46.84 2.37
CA LYS D 190 45.50 46.10 1.30
C LYS D 190 44.57 45.03 1.86
N LYS D 191 44.97 44.41 2.97
CA LYS D 191 44.14 43.36 3.58
C LYS D 191 42.87 43.95 4.18
N VAL D 192 42.97 45.10 4.86
CA VAL D 192 41.78 45.77 5.41
C VAL D 192 40.84 46.19 4.29
N LEU D 193 41.40 46.77 3.22
CA LEU D 193 40.58 47.18 2.08
C LEU D 193 39.96 45.97 1.37
N GLY D 194 40.70 44.86 1.29
CA GLY D 194 40.16 43.66 0.66
C GLY D 194 39.06 43.00 1.45
N LEU D 195 39.18 42.99 2.78
CA LEU D 195 38.12 42.41 3.61
C LEU D 195 36.88 43.30 3.63
N LEU D 196 37.08 44.62 3.63
CA LEU D 196 35.96 45.54 3.42
C LEU D 196 35.32 45.33 2.05
N SER D 197 36.14 45.06 1.03
CA SER D 197 35.63 44.79 -0.31
C SER D 197 34.87 43.48 -0.36
N ARG D 198 35.31 42.48 0.40
CA ARG D 198 34.63 41.19 0.45
C ARG D 198 33.27 41.32 1.12
N ASP D 199 33.24 42.04 2.26
CA ASP D 199 32.00 42.33 2.97
C ASP D 199 31.04 43.13 2.09
N LEU D 200 31.58 44.13 1.38
CA LEU D 200 30.74 44.95 0.52
C LEU D 200 30.25 44.17 -0.69
N GLU D 201 31.10 43.32 -1.31
CA GLU D 201 30.67 42.61 -2.52
C GLU D 201 29.60 41.56 -2.19
N ARG D 202 29.74 40.91 -1.04
CA ARG D 202 28.65 40.10 -0.51
C ARG D 202 27.43 40.97 -0.21
N PHE D 203 27.65 42.21 0.19
CA PHE D 203 26.53 43.07 0.55
C PHE D 203 25.75 43.55 -0.68
N GLU D 204 26.44 43.87 -1.80
CA GLU D 204 25.62 44.26 -2.96
C GLU D 204 25.11 43.02 -3.68
N LEU D 205 25.79 41.88 -3.54
CA LEU D 205 25.19 40.64 -4.03
C LEU D 205 23.89 40.34 -3.28
N ASP D 206 23.86 40.62 -1.97
CA ASP D 206 22.67 40.41 -1.18
C ASP D 206 21.57 41.42 -1.52
N LYS D 207 21.92 42.70 -1.74
CA LYS D 207 20.85 43.64 -2.10
C LYS D 207 20.42 43.44 -3.55
N ARG D 208 21.28 42.88 -4.40
CA ARG D 208 20.87 42.53 -5.74
C ARG D 208 19.89 41.38 -5.74
N VAL D 209 20.16 40.32 -4.97
CA VAL D 209 19.21 39.22 -4.94
C VAL D 209 17.98 39.60 -4.10
N ALA D 210 18.11 40.62 -3.23
CA ALA D 210 16.93 41.20 -2.59
C ALA D 210 16.12 42.03 -3.58
N GLN D 211 16.79 42.68 -4.53
CA GLN D 211 16.05 43.33 -5.61
C GLN D 211 15.40 42.30 -6.51
N ARG D 212 16.03 41.12 -6.62
CA ARG D 212 15.41 40.00 -7.31
C ARG D 212 14.15 39.52 -6.60
N VAL D 213 14.18 39.43 -5.26
CA VAL D 213 12.97 38.98 -4.57
C VAL D 213 11.91 40.08 -4.60
N LYS D 214 12.34 41.35 -4.64
CA LYS D 214 11.37 42.45 -4.72
C LYS D 214 10.70 42.50 -6.08
N GLU D 215 11.47 42.37 -7.15
CA GLU D 215 10.88 42.28 -8.48
C GLU D 215 10.07 41.00 -8.64
N GLN D 216 10.47 39.91 -7.95
CA GLN D 216 9.73 38.66 -8.05
C GLN D 216 8.38 38.79 -7.38
N MET D 217 8.31 39.47 -6.23
CA MET D 217 7.02 39.67 -5.59
C MET D 217 6.19 40.71 -6.33
N ASP D 218 6.85 41.66 -7.02
CA ASP D 218 6.12 42.54 -7.95
C ASP D 218 5.48 41.75 -9.09
N THR D 219 6.23 40.82 -9.70
CA THR D 219 5.68 40.00 -10.77
C THR D 219 4.60 39.06 -10.27
N ASN D 220 4.74 38.54 -9.06
CA ASN D 220 3.73 37.65 -8.52
C ASN D 220 2.48 38.43 -8.10
N GLN D 221 2.66 39.68 -7.68
CA GLN D 221 1.51 40.53 -7.39
C GLN D 221 0.79 40.94 -8.68
N ARG D 222 1.55 41.19 -9.75
CA ARG D 222 0.91 41.47 -11.03
C ARG D 222 0.28 40.20 -11.59
N GLU D 223 0.84 39.03 -11.27
CA GLU D 223 0.18 37.77 -11.58
C GLU D 223 -1.08 37.61 -10.76
N SER D 224 -1.13 38.21 -9.56
CA SER D 224 -2.35 38.17 -8.77
C SER D 224 -3.45 39.04 -9.38
N TYR D 225 -3.08 40.20 -9.93
CA TYR D 225 -4.08 41.02 -10.60
C TYR D 225 -4.51 40.39 -11.92
N LEU D 226 -3.58 39.72 -12.60
CA LEU D 226 -3.92 39.00 -13.82
C LEU D 226 -4.78 37.76 -13.53
N ARG D 227 -4.53 37.04 -12.44
CA ARG D 227 -5.34 35.87 -12.17
C ARG D 227 -6.71 36.31 -11.68
N GLU D 228 -6.82 37.51 -11.06
CA GLU D 228 -8.15 37.96 -10.72
C GLU D 228 -8.91 38.51 -11.93
N GLN D 229 -8.22 39.11 -12.90
CA GLN D 229 -8.92 39.47 -14.12
C GLN D 229 -9.20 38.24 -14.99
N MET D 230 -8.54 37.11 -14.72
CA MET D 230 -8.81 35.86 -15.42
C MET D 230 -9.95 35.05 -14.80
N LYS D 231 -10.04 34.99 -13.48
CA LYS D 231 -11.25 34.48 -12.81
C LYS D 231 -12.41 35.45 -12.92
N ALA D 232 -12.16 36.66 -13.43
CA ALA D 232 -13.20 37.61 -13.76
C ALA D 232 -13.73 37.42 -15.18
N ILE D 233 -12.87 37.56 -16.20
CA ILE D 233 -13.34 37.55 -17.58
C ILE D 233 -13.19 36.14 -18.12
N GLN D 234 -13.78 35.87 -19.29
CA GLN D 234 -13.85 34.58 -20.00
C GLN D 234 -14.41 33.50 -19.09
N LYS D 235 -15.27 33.90 -18.17
CA LYS D 235 -15.58 33.03 -17.05
C LYS D 235 -17.09 32.88 -16.96
N GLU D 236 -17.75 32.84 -18.11
CA GLU D 236 -19.17 32.55 -18.20
C GLU D 236 -19.41 31.05 -18.34
N LEU D 237 -18.78 30.28 -17.47
CA LEU D 237 -18.99 28.85 -17.40
C LEU D 237 -20.13 28.55 -16.42
N GLY D 238 -20.76 29.61 -15.89
CA GLY D 238 -22.04 29.44 -15.23
C GLY D 238 -23.09 28.88 -16.18
N GLY D 239 -23.00 29.25 -17.46
CA GLY D 239 -23.76 28.58 -18.51
C GLY D 239 -23.07 27.38 -19.13
N GLU D 240 -21.89 27.00 -18.64
CA GLU D 240 -21.20 25.82 -19.17
C GLU D 240 -21.01 24.77 -18.08
N ASP D 241 -20.31 25.09 -16.98
CA ASP D 241 -20.18 24.17 -15.85
C ASP D 241 -21.50 24.07 -15.10
N GLY D 242 -22.20 25.20 -15.00
CA GLY D 242 -23.53 25.18 -14.39
C GLY D 242 -24.53 24.36 -15.19
N LEU D 243 -24.55 24.58 -16.52
CA LEU D 243 -25.45 23.83 -17.39
C LEU D 243 -25.14 22.34 -17.39
N SER D 244 -23.84 22.00 -17.45
CA SER D 244 -23.45 20.60 -17.42
C SER D 244 -23.63 19.96 -16.06
N ASP D 245 -23.38 20.71 -14.98
CA ASP D 245 -23.43 20.09 -13.67
C ASP D 245 -24.49 20.70 -12.77
N LEU D 246 -24.49 22.01 -12.54
CA LEU D 246 -25.36 22.58 -11.51
C LEU D 246 -26.83 22.66 -11.98
N GLU D 247 -27.06 23.13 -13.20
CA GLU D 247 -28.41 23.12 -13.76
C GLU D 247 -28.88 21.69 -13.99
N ALA D 248 -27.93 20.79 -14.26
CA ALA D 248 -28.23 19.36 -14.28
C ALA D 248 -28.67 18.87 -12.91
N LEU D 249 -28.04 19.35 -11.83
CA LEU D 249 -28.47 19.00 -10.48
C LEU D 249 -29.88 19.49 -10.21
N ARG D 250 -30.19 20.71 -10.66
CA ARG D 250 -31.54 21.26 -10.47
C ARG D 250 -32.59 20.45 -11.23
N LYS D 251 -32.28 20.03 -12.47
CA LYS D 251 -33.27 19.25 -13.22
C LYS D 251 -33.32 17.80 -12.75
N LYS D 252 -32.25 17.31 -12.12
CA LYS D 252 -32.30 15.98 -11.51
C LYS D 252 -33.13 16.01 -10.23
N ILE D 253 -32.94 17.01 -9.37
CA ILE D 253 -33.77 17.09 -8.16
C ILE D 253 -35.18 17.56 -8.49
N GLU D 254 -35.39 18.07 -9.71
CA GLU D 254 -36.74 18.17 -10.23
C GLU D 254 -37.39 16.80 -10.33
N GLU D 255 -36.63 15.80 -10.75
CA GLU D 255 -37.11 14.43 -10.79
C GLU D 255 -36.58 13.56 -9.64
N VAL D 256 -36.04 14.17 -8.58
CA VAL D 256 -35.60 13.41 -7.41
C VAL D 256 -36.09 14.10 -6.15
N GLY D 257 -36.98 13.45 -5.40
CA GLY D 257 -37.60 14.04 -4.23
C GLY D 257 -36.90 13.72 -2.92
N MET D 258 -35.81 14.42 -2.66
CA MET D 258 -34.93 14.13 -1.54
C MET D 258 -35.62 14.50 -0.23
N PRO D 259 -35.29 13.80 0.85
CA PRO D 259 -35.71 14.28 2.17
C PRO D 259 -34.93 15.53 2.56
N GLU D 260 -35.40 16.20 3.60
CA GLU D 260 -34.86 17.50 3.98
C GLU D 260 -33.44 17.39 4.53
N ALA D 261 -33.11 16.26 5.15
CA ALA D 261 -31.73 16.03 5.59
C ALA D 261 -30.79 15.89 4.39
N VAL D 262 -31.26 15.20 3.36
CA VAL D 262 -30.46 14.95 2.17
C VAL D 262 -30.30 16.25 1.39
N LYS D 263 -31.35 17.06 1.33
CA LYS D 263 -31.25 18.38 0.70
C LYS D 263 -30.39 19.33 1.53
N THR D 264 -30.38 19.16 2.86
CA THR D 264 -29.54 19.99 3.72
C THR D 264 -28.06 19.72 3.46
N LYS D 265 -27.68 18.44 3.42
CA LYS D 265 -26.29 18.12 3.12
C LYS D 265 -25.98 18.45 1.66
N ALA D 266 -26.95 18.32 0.75
CA ALA D 266 -26.71 18.63 -0.65
C ALA D 266 -26.53 20.13 -0.88
N LEU D 267 -27.22 20.97 -0.10
CA LEU D 267 -26.96 22.41 -0.19
C LEU D 267 -25.64 22.78 0.48
N LYS D 268 -25.22 22.02 1.50
CA LYS D 268 -23.86 22.22 2.01
C LYS D 268 -22.81 21.79 0.97
N GLU D 269 -23.14 20.80 0.16
CA GLU D 269 -22.24 20.39 -0.92
C GLU D 269 -22.30 21.37 -2.09
N LEU D 270 -23.43 22.07 -2.23
CA LEU D 270 -23.48 23.26 -3.09
C LEU D 270 -22.63 24.39 -2.53
N ASP D 271 -22.50 24.49 -1.20
CA ASP D 271 -21.53 25.41 -0.63
C ASP D 271 -20.11 24.96 -0.93
N ARG D 272 -19.89 23.64 -1.06
CA ARG D 272 -18.63 23.14 -1.60
C ARG D 272 -18.49 23.38 -3.10
N LEU D 273 -19.57 23.69 -3.80
CA LEU D 273 -19.49 24.08 -5.21
C LEU D 273 -19.06 25.54 -5.35
N GLU D 274 -19.26 26.10 -6.57
CA GLU D 274 -18.84 27.45 -6.95
C GLU D 274 -17.33 27.65 -6.82
N ARG D 275 -16.57 26.60 -7.13
CA ARG D 275 -15.13 26.72 -7.36
C ARG D 275 -14.90 26.32 -8.81
N MET D 276 -14.26 27.18 -9.60
CA MET D 276 -14.31 26.94 -11.04
C MET D 276 -13.29 25.88 -11.46
N GLN D 277 -13.18 25.73 -12.78
CA GLN D 277 -12.21 24.80 -13.34
C GLN D 277 -10.79 25.26 -13.05
N GLN D 278 -10.55 26.57 -13.10
CA GLN D 278 -9.25 27.11 -12.74
C GLN D 278 -9.22 27.62 -11.31
N GLY D 279 -10.30 27.41 -10.55
CA GLY D 279 -10.36 27.81 -9.16
C GLY D 279 -9.94 26.70 -8.21
N SER D 280 -10.65 26.59 -7.09
CA SER D 280 -10.34 25.54 -6.12
C SER D 280 -10.79 24.19 -6.68
N PRO D 281 -10.09 23.09 -6.34
CA PRO D 281 -10.50 21.77 -6.82
C PRO D 281 -11.49 21.02 -5.92
N GLU D 282 -12.11 21.71 -4.96
CA GLU D 282 -13.15 21.09 -4.14
C GLU D 282 -14.38 20.76 -4.98
N ALA D 283 -14.70 21.64 -5.92
CA ALA D 283 -15.97 21.52 -6.63
C ALA D 283 -15.92 20.41 -7.68
N THR D 284 -14.73 19.94 -8.06
CA THR D 284 -14.65 18.85 -9.02
C THR D 284 -15.15 17.54 -8.41
N VAL D 285 -14.58 17.17 -7.26
CA VAL D 285 -15.05 16.00 -6.53
C VAL D 285 -16.47 16.23 -6.01
N ALA D 286 -16.80 17.49 -5.69
CA ALA D 286 -18.17 17.82 -5.27
C ALA D 286 -19.17 17.64 -6.41
N ARG D 287 -18.76 17.96 -7.64
CA ARG D 287 -19.65 17.79 -8.79
C ARG D 287 -19.86 16.32 -9.12
N THR D 288 -18.79 15.51 -9.03
CA THR D 288 -18.95 14.07 -9.22
C THR D 288 -19.88 13.48 -8.17
N TYR D 289 -19.71 13.92 -6.92
CA TYR D 289 -20.53 13.42 -5.81
C TYR D 289 -21.99 13.85 -5.94
N LEU D 290 -22.24 15.11 -6.30
CA LEU D 290 -23.61 15.57 -6.46
C LEU D 290 -24.27 15.00 -7.72
N ASP D 291 -23.47 14.71 -8.77
CA ASP D 291 -24.03 14.04 -9.94
C ASP D 291 -24.46 12.62 -9.61
N TRP D 292 -23.62 11.90 -8.86
CA TRP D 292 -23.99 10.57 -8.38
C TRP D 292 -25.22 10.60 -7.49
N LEU D 293 -25.31 11.60 -6.61
CA LEU D 293 -26.42 11.68 -5.67
C LEU D 293 -27.72 12.07 -6.37
N THR D 294 -27.65 13.04 -7.28
CA THR D 294 -28.85 13.57 -7.90
C THR D 294 -29.34 12.66 -9.01
N GLU D 295 -28.45 11.84 -9.57
CA GLU D 295 -28.90 10.83 -10.50
C GLU D 295 -29.58 9.67 -9.78
N VAL D 296 -29.34 9.51 -8.49
CA VAL D 296 -30.07 8.51 -7.70
C VAL D 296 -31.46 9.04 -7.41
N PRO D 297 -32.52 8.31 -7.75
CA PRO D 297 -33.88 8.80 -7.49
C PRO D 297 -34.27 8.68 -6.02
N TRP D 298 -34.91 9.72 -5.51
CA TRP D 298 -35.61 9.72 -4.23
C TRP D 298 -37.07 10.03 -4.45
N SER D 299 -37.94 9.29 -3.74
CA SER D 299 -39.39 9.49 -3.70
C SER D 299 -40.05 9.46 -5.08
N LYS D 300 -39.46 8.71 -6.01
CA LYS D 300 -40.03 8.50 -7.33
C LYS D 300 -40.32 7.02 -7.45
N ALA D 301 -41.56 6.63 -7.23
CA ALA D 301 -41.94 5.24 -7.23
C ALA D 301 -42.71 4.94 -8.51
N ASP D 302 -42.79 3.66 -8.81
CA ASP D 302 -43.64 3.19 -9.87
C ASP D 302 -45.00 2.81 -9.31
N PRO D 303 -46.07 3.12 -10.04
CA PRO D 303 -47.37 2.52 -9.72
C PRO D 303 -47.32 1.01 -9.90
N GLU D 304 -48.03 0.30 -9.03
CA GLU D 304 -47.82 -1.12 -8.80
C GLU D 304 -49.08 -1.91 -9.08
N VAL D 305 -48.98 -2.87 -10.00
CA VAL D 305 -50.09 -3.75 -10.36
C VAL D 305 -49.70 -5.17 -9.98
N LEU D 306 -50.47 -5.78 -9.08
CA LEU D 306 -50.14 -7.09 -8.55
C LEU D 306 -51.03 -8.17 -9.11
N ASP D 307 -51.59 -7.97 -10.30
CA ASP D 307 -52.68 -8.82 -10.75
C ASP D 307 -52.15 -10.19 -11.20
N ILE D 308 -52.77 -11.25 -10.66
CA ILE D 308 -52.25 -12.60 -10.81
C ILE D 308 -52.50 -13.15 -12.21
N ASN D 309 -53.66 -12.84 -12.79
CA ASN D 309 -53.95 -13.28 -14.16
C ASN D 309 -53.13 -12.50 -15.17
N HIS D 310 -52.97 -11.20 -14.89
CA HIS D 310 -52.03 -10.36 -15.61
C HIS D 310 -50.62 -10.94 -15.55
N THR D 311 -50.20 -11.40 -14.38
CA THR D 311 -48.85 -11.92 -14.25
C THR D 311 -48.68 -13.26 -14.97
N ARG D 312 -49.69 -14.15 -14.87
CA ARG D 312 -49.60 -15.46 -15.54
C ARG D 312 -49.60 -15.30 -17.06
N GLN D 313 -50.43 -14.39 -17.58
CA GLN D 313 -50.47 -14.22 -19.02
C GLN D 313 -49.25 -13.46 -19.54
N VAL D 314 -48.75 -12.48 -18.77
CA VAL D 314 -47.55 -11.76 -19.18
C VAL D 314 -46.33 -12.68 -19.12
N LEU D 315 -46.34 -13.66 -18.22
CA LEU D 315 -45.28 -14.67 -18.25
C LEU D 315 -45.44 -15.64 -19.42
N ASP D 316 -46.66 -16.11 -19.69
CA ASP D 316 -46.82 -17.11 -20.75
C ASP D 316 -46.84 -16.53 -22.16
N GLU D 317 -46.94 -15.21 -22.31
CA GLU D 317 -46.89 -14.65 -23.66
C GLU D 317 -45.47 -14.66 -24.22
N ASP D 318 -44.46 -14.41 -23.39
CA ASP D 318 -43.08 -14.49 -23.86
C ASP D 318 -42.34 -15.70 -23.35
N HIS D 319 -42.99 -16.67 -22.72
CA HIS D 319 -42.32 -17.89 -22.36
C HIS D 319 -43.19 -19.10 -22.66
N TYR D 320 -42.55 -20.14 -23.20
CA TYR D 320 -43.15 -21.45 -23.36
C TYR D 320 -43.16 -22.23 -22.05
N GLY D 321 -41.98 -22.58 -21.56
CA GLY D 321 -41.82 -23.07 -20.20
C GLY D 321 -42.01 -24.55 -19.94
N LEU D 322 -41.85 -24.90 -18.67
CA LEU D 322 -41.98 -26.26 -18.18
C LEU D 322 -42.99 -26.34 -17.04
N LYS D 323 -43.37 -25.20 -16.47
CA LYS D 323 -44.24 -25.02 -15.31
C LYS D 323 -43.66 -25.70 -14.07
N ASP D 324 -42.36 -25.91 -14.01
CA ASP D 324 -41.75 -26.36 -12.77
C ASP D 324 -41.57 -25.21 -11.81
N VAL D 325 -41.57 -23.99 -12.34
CA VAL D 325 -41.12 -22.83 -11.58
C VAL D 325 -42.14 -21.70 -11.57
N LYS D 326 -43.08 -21.69 -12.52
CA LYS D 326 -43.99 -20.56 -12.68
C LYS D 326 -44.91 -20.43 -11.47
N GLU D 327 -45.36 -21.58 -10.97
CA GLU D 327 -46.20 -21.65 -9.79
C GLU D 327 -45.52 -21.05 -8.58
N ARG D 328 -44.21 -21.24 -8.42
CA ARG D 328 -43.52 -20.72 -7.25
C ARG D 328 -43.29 -19.21 -7.37
N ILE D 329 -43.16 -18.71 -8.60
CA ILE D 329 -43.08 -17.27 -8.84
C ILE D 329 -44.35 -16.61 -8.38
N LEU D 330 -45.49 -17.17 -8.79
CA LEU D 330 -46.75 -16.60 -8.36
C LEU D 330 -47.01 -16.87 -6.87
N GLU D 331 -46.35 -17.89 -6.30
CA GLU D 331 -46.35 -18.05 -4.84
C GLU D 331 -45.78 -16.82 -4.15
N TYR D 332 -44.56 -16.44 -4.53
CA TYR D 332 -43.95 -15.28 -3.90
C TYR D 332 -44.75 -14.01 -4.17
N LEU D 333 -45.34 -13.91 -5.36
CA LEU D 333 -46.04 -12.70 -5.72
C LEU D 333 -47.34 -12.52 -4.93
N ALA D 334 -48.14 -13.57 -4.79
CA ALA D 334 -49.35 -13.35 -4.00
C ALA D 334 -49.08 -13.43 -2.50
N VAL D 335 -47.91 -13.92 -2.07
CA VAL D 335 -47.52 -13.72 -0.69
C VAL D 335 -47.20 -12.25 -0.42
N ARG D 336 -46.50 -11.57 -1.33
CA ARG D 336 -46.33 -10.12 -1.09
C ARG D 336 -47.65 -9.36 -1.29
N GLN D 337 -48.57 -9.93 -2.08
CA GLN D 337 -49.91 -9.35 -2.17
C GLN D 337 -50.64 -9.42 -0.84
N LEU D 338 -50.57 -10.57 -0.17
CA LEU D 338 -51.27 -10.71 1.10
C LEU D 338 -50.58 -9.95 2.21
N THR D 339 -49.25 -9.84 2.16
CA THR D 339 -48.50 -9.07 3.15
C THR D 339 -47.97 -7.81 2.49
N GLN D 340 -48.78 -6.74 2.51
CA GLN D 340 -48.41 -5.49 1.86
C GLN D 340 -48.78 -4.32 2.76
N GLY D 341 -47.90 -3.31 2.80
CA GLY D 341 -48.15 -2.10 3.56
C GLY D 341 -47.74 -0.82 2.85
N LEU D 342 -47.85 -0.82 1.51
CA LEU D 342 -47.46 0.28 0.61
C LEU D 342 -45.97 0.61 0.70
N ASP D 343 -45.17 -0.39 1.08
CA ASP D 343 -43.72 -0.40 0.95
C ASP D 343 -43.28 -1.86 1.04
N VAL D 344 -42.05 -2.12 0.61
CA VAL D 344 -41.54 -3.50 0.64
C VAL D 344 -41.21 -3.88 2.08
N ARG D 345 -41.77 -4.99 2.53
CA ARG D 345 -41.71 -5.41 3.93
C ARG D 345 -40.94 -6.72 4.10
N ASN D 346 -40.89 -7.17 5.35
CA ASN D 346 -40.23 -8.42 5.72
C ASN D 346 -41.15 -9.62 5.49
N LYS D 347 -40.84 -10.75 6.13
CA LYS D 347 -41.63 -12.00 5.94
C LYS D 347 -41.43 -12.51 4.51
N ALA D 348 -41.10 -11.62 3.57
CA ALA D 348 -40.91 -12.01 2.16
C ALA D 348 -39.42 -12.14 1.86
N PRO D 349 -38.84 -13.36 1.84
CA PRO D 349 -37.42 -13.54 1.50
C PRO D 349 -37.20 -13.47 -0.02
N ILE D 350 -36.05 -12.92 -0.44
CA ILE D 350 -35.73 -12.81 -1.89
C ILE D 350 -35.52 -14.23 -2.44
N LEU D 351 -35.55 -14.38 -3.77
CA LEU D 351 -35.45 -15.74 -4.37
C LEU D 351 -34.18 -15.86 -5.21
N VAL D 352 -33.58 -17.05 -5.25
CA VAL D 352 -32.36 -17.29 -6.08
C VAL D 352 -32.73 -18.17 -7.28
N LEU D 353 -32.31 -17.78 -8.49
CA LEU D 353 -32.60 -18.57 -9.70
C LEU D 353 -31.35 -19.34 -10.11
N VAL D 354 -31.14 -20.53 -9.54
CA VAL D 354 -29.93 -21.28 -9.82
C VAL D 354 -30.21 -22.18 -11.01
N GLY D 355 -29.19 -22.32 -11.87
CA GLY D 355 -29.22 -23.23 -12.98
C GLY D 355 -28.17 -22.81 -13.98
N PRO D 356 -28.23 -23.35 -15.19
CA PRO D 356 -27.31 -22.93 -16.24
C PRO D 356 -27.62 -21.52 -16.69
N PRO D 357 -26.62 -20.75 -17.11
CA PRO D 357 -26.87 -19.37 -17.56
C PRO D 357 -27.48 -19.25 -18.95
N GLY D 358 -27.60 -20.37 -19.67
CA GLY D 358 -28.14 -20.29 -21.01
C GLY D 358 -29.64 -20.09 -21.02
N VAL D 359 -30.32 -20.50 -19.95
CA VAL D 359 -31.77 -20.52 -19.97
C VAL D 359 -32.31 -19.11 -19.80
N GLY D 360 -33.60 -18.96 -20.05
CA GLY D 360 -34.21 -17.65 -20.16
C GLY D 360 -34.41 -16.92 -18.86
N LYS D 361 -33.32 -16.69 -18.14
CA LYS D 361 -33.40 -16.08 -16.81
C LYS D 361 -33.74 -14.61 -16.91
N THR D 362 -32.96 -13.87 -17.69
CA THR D 362 -33.16 -12.44 -17.83
C THR D 362 -34.48 -12.13 -18.53
N SER D 363 -34.91 -13.01 -19.44
CA SER D 363 -36.22 -12.86 -20.09
C SER D 363 -37.37 -13.07 -19.10
N LEU D 364 -37.23 -14.04 -18.20
CA LEU D 364 -38.22 -14.23 -17.16
C LEU D 364 -38.26 -13.03 -16.22
N GLY D 365 -37.09 -12.46 -15.91
CA GLY D 365 -37.05 -11.27 -15.06
C GLY D 365 -37.66 -10.05 -15.71
N ARG D 366 -37.43 -9.87 -17.01
CA ARG D 366 -38.05 -8.75 -17.71
C ARG D 366 -39.56 -8.96 -17.83
N SER D 367 -39.99 -10.22 -17.96
CA SER D 367 -41.41 -10.56 -17.97
C SER D 367 -42.08 -10.19 -16.66
N ILE D 368 -41.43 -10.52 -15.55
CA ILE D 368 -41.95 -10.14 -14.23
C ILE D 368 -41.92 -8.62 -14.06
N ALA D 369 -40.88 -7.96 -14.58
CA ALA D 369 -40.73 -6.51 -14.45
C ALA D 369 -41.83 -5.77 -15.20
N ARG D 370 -42.27 -6.32 -16.33
CA ARG D 370 -43.32 -5.66 -17.08
C ARG D 370 -44.69 -6.05 -16.55
N SER D 371 -44.77 -7.23 -15.93
CA SER D 371 -46.02 -7.56 -15.24
C SER D 371 -46.22 -6.66 -14.03
N MET D 372 -45.13 -6.24 -13.40
CA MET D 372 -45.24 -5.40 -12.21
C MET D 372 -45.16 -3.92 -12.51
N ASN D 373 -45.05 -3.56 -13.80
CA ASN D 373 -44.86 -2.18 -14.29
C ASN D 373 -43.63 -1.53 -13.64
N ARG D 374 -42.53 -2.27 -13.64
CA ARG D 374 -41.34 -1.81 -12.93
C ARG D 374 -40.11 -1.81 -13.82
N LYS D 375 -39.14 -0.95 -13.52
CA LYS D 375 -38.01 -0.69 -14.41
C LYS D 375 -37.01 -1.82 -14.29
N PHE D 376 -36.86 -2.58 -15.36
CA PHE D 376 -35.81 -3.59 -15.38
C PHE D 376 -34.46 -2.93 -15.56
N HIS D 377 -33.49 -3.42 -14.81
CA HIS D 377 -32.11 -2.99 -14.89
C HIS D 377 -31.29 -4.08 -14.22
N ARG D 378 -30.22 -4.51 -14.87
CA ARG D 378 -29.42 -5.58 -14.30
C ARG D 378 -27.97 -5.18 -14.23
N ILE D 379 -27.27 -5.73 -13.25
CA ILE D 379 -25.88 -5.39 -12.95
C ILE D 379 -25.09 -6.67 -12.80
N SER D 380 -23.89 -6.69 -13.37
CA SER D 380 -23.00 -7.82 -13.21
C SER D 380 -22.33 -7.77 -11.85
N LEU D 381 -22.14 -8.94 -11.26
CA LEU D 381 -21.45 -9.10 -9.99
C LEU D 381 -20.49 -10.27 -10.02
N GLY D 382 -19.86 -10.49 -11.18
CA GLY D 382 -18.92 -11.57 -11.33
C GLY D 382 -17.49 -11.14 -11.06
N GLY D 383 -16.83 -11.79 -10.12
CA GLY D 383 -15.46 -11.44 -9.77
C GLY D 383 -15.34 -10.08 -9.10
N VAL D 384 -16.16 -9.86 -8.08
CA VAL D 384 -16.18 -8.63 -7.31
C VAL D 384 -15.52 -8.89 -5.97
N ARG D 385 -14.44 -8.19 -5.69
CA ARG D 385 -13.74 -8.41 -4.43
C ARG D 385 -13.61 -7.18 -3.55
N ASP D 386 -14.00 -5.99 -4.02
CA ASP D 386 -14.00 -4.80 -3.18
C ASP D 386 -15.41 -4.40 -2.80
N GLU D 387 -15.53 -3.83 -1.60
CA GLU D 387 -16.70 -3.00 -1.31
C GLU D 387 -16.71 -1.76 -2.17
N ALA D 388 -15.54 -1.17 -2.44
CA ALA D 388 -15.49 -0.02 -3.36
C ALA D 388 -15.80 -0.42 -4.79
N GLU D 389 -15.81 -1.73 -5.08
CA GLU D 389 -16.38 -2.22 -6.32
C GLU D 389 -17.90 -2.38 -6.21
N ILE D 390 -18.36 -2.74 -5.01
CA ILE D 390 -19.83 -2.88 -4.76
C ILE D 390 -20.42 -1.51 -4.45
N ARG D 391 -20.07 -0.95 -3.28
CA ARG D 391 -20.62 0.38 -2.86
C ARG D 391 -19.59 1.48 -3.15
N GLY D 392 -19.94 2.73 -2.86
CA GLY D 392 -19.03 3.86 -3.12
C GLY D 392 -17.82 3.85 -2.21
N HIS D 393 -16.64 4.19 -2.74
CA HIS D 393 -15.40 4.27 -1.92
C HIS D 393 -15.39 5.61 -1.18
N ARG D 394 -14.57 5.72 -0.13
CA ARG D 394 -14.47 7.00 0.62
C ARG D 394 -14.31 8.15 -0.39
N ARG D 395 -15.05 9.25 -0.18
CA ARG D 395 -14.99 10.38 -1.14
C ARG D 395 -13.54 10.78 -1.42
N THR D 396 -13.17 10.88 -2.70
CA THR D 396 -11.78 11.27 -3.08
C THR D 396 -11.85 12.24 -4.27
N TYR D 397 -11.02 13.27 -4.27
CA TYR D 397 -11.09 14.30 -5.35
C TYR D 397 -11.24 13.59 -6.71
N ILE D 398 -12.38 13.77 -7.36
CA ILE D 398 -12.65 13.12 -8.69
C ILE D 398 -12.05 11.70 -8.66
N GLY D 399 -12.33 10.94 -7.61
CA GLY D 399 -11.78 9.57 -7.49
C GLY D 399 -12.51 8.76 -6.43
N ALA D 400 -12.32 7.44 -6.43
CA ALA D 400 -12.93 6.57 -5.40
C ALA D 400 -14.44 6.77 -5.37
N MET D 401 -15.07 6.92 -6.53
CA MET D 401 -16.54 7.14 -6.62
C MET D 401 -17.27 5.87 -6.19
N PRO D 402 -18.62 5.89 -6.03
CA PRO D 402 -19.38 4.72 -5.56
C PRO D 402 -19.16 3.47 -6.43
N GLY D 403 -19.60 2.30 -5.95
CA GLY D 403 -19.37 1.04 -6.69
C GLY D 403 -20.38 0.79 -7.79
N LYS D 404 -20.34 -0.38 -8.42
CA LYS D 404 -21.25 -0.72 -9.55
C LYS D 404 -22.70 -0.70 -9.06
N LEU D 405 -22.97 -1.27 -7.88
CA LEU D 405 -24.36 -1.36 -7.37
C LEU D 405 -24.94 0.04 -7.23
N ILE D 406 -24.15 0.98 -6.72
CA ILE D 406 -24.61 2.39 -6.57
C ILE D 406 -24.93 2.93 -7.97
N HIS D 407 -24.06 2.68 -8.94
CA HIS D 407 -24.30 3.13 -10.35
C HIS D 407 -25.57 2.46 -10.87
N ALA D 408 -25.77 1.18 -10.56
CA ALA D 408 -26.98 0.45 -11.00
C ALA D 408 -28.21 1.21 -10.51
N MET D 409 -28.36 1.36 -9.19
CA MET D 409 -29.48 2.10 -8.64
C MET D 409 -29.46 3.55 -9.12
N LYS D 410 -28.27 4.05 -9.46
CA LYS D 410 -28.14 5.39 -10.04
C LYS D 410 -28.77 5.47 -11.42
N GLN D 411 -28.71 4.39 -12.19
CA GLN D 411 -29.14 4.43 -13.59
C GLN D 411 -30.65 4.55 -13.71
N VAL D 412 -31.40 3.84 -12.86
CA VAL D 412 -32.85 3.93 -12.91
C VAL D 412 -33.29 5.29 -12.40
N GLY D 413 -34.47 5.71 -12.84
CA GLY D 413 -35.04 6.97 -12.39
C GLY D 413 -36.14 6.74 -11.38
N VAL D 414 -36.35 5.50 -10.97
CA VAL D 414 -37.37 5.18 -9.99
C VAL D 414 -36.70 4.59 -8.76
N ILE D 415 -37.29 4.85 -7.59
CA ILE D 415 -36.76 4.29 -6.36
C ILE D 415 -37.05 2.81 -6.21
N ASN D 416 -37.90 2.24 -7.05
CA ASN D 416 -38.32 0.85 -6.93
C ASN D 416 -38.15 0.14 -8.27
N PRO D 417 -36.91 -0.15 -8.67
CA PRO D 417 -36.74 -0.96 -9.88
C PRO D 417 -36.75 -2.46 -9.57
N VAL D 418 -36.78 -3.30 -10.60
CA VAL D 418 -36.50 -4.72 -10.45
C VAL D 418 -35.07 -4.94 -10.90
N ILE D 419 -34.22 -5.35 -9.97
CA ILE D 419 -32.86 -5.73 -10.30
C ILE D 419 -32.79 -7.24 -10.19
N LEU D 420 -32.33 -7.90 -11.25
CA LEU D 420 -32.16 -9.35 -11.25
C LEU D 420 -30.66 -9.64 -11.33
N LEU D 421 -30.11 -10.14 -10.23
CA LEU D 421 -28.67 -10.22 -10.05
C LEU D 421 -28.18 -11.52 -10.63
N ASP D 422 -27.43 -11.43 -11.71
CA ASP D 422 -26.84 -12.63 -12.26
C ASP D 422 -25.44 -12.85 -11.70
N GLU D 423 -24.99 -14.11 -11.80
CA GLU D 423 -23.68 -14.63 -11.35
C GLU D 423 -23.30 -14.17 -9.93
N ILE D 424 -24.26 -14.27 -9.01
CA ILE D 424 -24.02 -13.93 -7.60
C ILE D 424 -23.05 -14.88 -6.94
N ASP D 425 -22.83 -16.04 -7.55
CA ASP D 425 -21.99 -17.10 -7.07
C ASP D 425 -20.54 -16.99 -7.53
N LYS D 426 -20.23 -16.03 -8.38
CA LYS D 426 -18.86 -15.78 -8.82
C LYS D 426 -18.25 -14.69 -7.95
N MET D 427 -18.68 -14.68 -6.70
CA MET D 427 -18.35 -13.69 -5.72
C MET D 427 -17.22 -14.25 -4.86
N SER D 428 -16.24 -13.41 -4.52
CA SER D 428 -15.20 -13.82 -3.58
C SER D 428 -14.76 -12.58 -2.82
N SER D 429 -14.18 -12.78 -1.66
CA SER D 429 -13.89 -11.67 -0.76
C SER D 429 -12.39 -11.54 -0.58
N ASP D 430 -11.91 -10.30 -0.63
CA ASP D 430 -10.56 -9.95 -0.23
C ASP D 430 -10.63 -8.62 0.51
N TRP D 431 -9.47 -7.98 0.65
CA TRP D 431 -9.31 -6.78 1.45
C TRP D 431 -9.87 -5.55 0.73
N ARG D 432 -9.70 -4.39 1.38
CA ARG D 432 -10.27 -3.10 1.01
C ARG D 432 -11.78 -3.19 0.88
N GLY D 433 -12.41 -3.43 2.03
CA GLY D 433 -13.85 -3.53 2.13
C GLY D 433 -14.40 -4.87 1.67
N ASP D 434 -15.31 -5.45 2.47
CA ASP D 434 -15.91 -6.73 2.12
C ASP D 434 -17.00 -6.50 1.10
N PRO D 435 -16.96 -7.16 -0.06
CA PRO D 435 -18.07 -7.01 -1.01
C PRO D 435 -19.30 -7.79 -0.62
N ALA D 436 -19.16 -9.03 -0.10
CA ALA D 436 -20.30 -9.91 0.13
C ALA D 436 -21.17 -9.42 1.27
N SER D 437 -20.56 -8.90 2.32
CA SER D 437 -21.34 -8.33 3.42
C SER D 437 -22.05 -7.07 2.96
N ALA D 438 -21.40 -6.26 2.12
CA ALA D 438 -22.01 -5.04 1.62
C ALA D 438 -23.21 -5.34 0.73
N MET D 439 -23.10 -6.36 -0.12
CA MET D 439 -24.25 -6.69 -0.93
C MET D 439 -25.19 -7.68 -0.26
N LEU D 440 -24.91 -8.10 0.97
CA LEU D 440 -25.95 -8.73 1.78
C LEU D 440 -26.72 -7.70 2.60
N GLU D 441 -26.06 -6.62 3.02
CA GLU D 441 -26.80 -5.51 3.64
C GLU D 441 -27.48 -4.64 2.58
N VAL D 442 -27.18 -4.90 1.30
CA VAL D 442 -28.14 -4.55 0.26
C VAL D 442 -29.43 -5.33 0.47
N LEU D 443 -29.32 -6.63 0.74
CA LEU D 443 -30.42 -7.57 0.63
C LEU D 443 -31.22 -7.73 1.90
N ASP D 444 -31.24 -6.74 2.78
CA ASP D 444 -32.03 -6.87 3.97
C ASP D 444 -33.51 -6.69 3.65
N PRO D 445 -34.40 -7.23 4.49
CA PRO D 445 -35.81 -6.83 4.38
C PRO D 445 -36.03 -5.38 4.77
N GLU D 446 -35.50 -4.94 5.91
CA GLU D 446 -35.68 -3.56 6.37
C GLU D 446 -34.42 -2.83 6.79
N GLN D 447 -33.29 -3.52 7.03
CA GLN D 447 -32.10 -2.84 7.51
C GLN D 447 -31.43 -2.05 6.40
N ASN D 448 -31.67 -2.44 5.14
CA ASN D 448 -31.17 -1.72 3.98
C ASN D 448 -31.86 -0.39 3.73
N ASN D 449 -32.94 -0.08 4.48
CA ASN D 449 -33.54 1.25 4.45
C ASN D 449 -32.53 2.33 4.84
N THR D 450 -31.66 2.02 5.79
CA THR D 450 -30.46 2.81 6.03
C THR D 450 -29.36 2.20 5.17
N PHE D 451 -28.87 2.96 4.20
CA PHE D 451 -27.92 2.38 3.25
C PHE D 451 -26.92 3.48 2.87
N THR D 452 -25.83 3.57 3.62
CA THR D 452 -24.86 4.64 3.51
C THR D 452 -23.56 4.10 2.92
N ASP D 453 -23.11 4.74 1.85
CA ASP D 453 -21.88 4.33 1.18
C ASP D 453 -20.69 5.02 1.84
N HIS D 454 -19.47 4.74 1.35
CA HIS D 454 -18.30 5.51 1.73
C HIS D 454 -18.15 6.79 0.92
N TYR D 455 -18.66 6.83 -0.30
CA TYR D 455 -18.72 8.06 -1.06
C TYR D 455 -20.03 8.78 -0.78
N LEU D 456 -21.15 8.13 -1.08
CA LEU D 456 -22.45 8.65 -0.69
C LEU D 456 -22.58 8.50 0.82
N ASP D 457 -22.32 9.59 1.56
CA ASP D 457 -22.39 9.57 3.01
C ASP D 457 -23.79 9.82 3.54
N VAL D 458 -24.80 9.50 2.75
CA VAL D 458 -26.20 9.61 3.15
C VAL D 458 -26.79 8.21 3.04
N PRO D 459 -27.69 7.81 3.95
CA PRO D 459 -28.44 6.57 3.72
C PRO D 459 -29.35 6.72 2.53
N TYR D 460 -29.61 5.60 1.87
CA TYR D 460 -30.60 5.55 0.81
C TYR D 460 -31.71 4.58 1.18
N ASP D 461 -32.95 4.97 0.93
CA ASP D 461 -34.07 4.10 1.29
C ASP D 461 -34.16 2.95 0.28
N LEU D 462 -33.84 1.76 0.75
CA LEU D 462 -34.01 0.57 -0.07
C LEU D 462 -35.21 -0.24 0.38
N SER D 463 -36.02 0.32 1.29
CA SER D 463 -37.15 -0.37 1.90
C SER D 463 -38.40 -0.38 1.03
N LYS D 464 -38.31 0.12 -0.20
CA LYS D 464 -39.37 -0.08 -1.17
C LYS D 464 -38.86 -0.82 -2.39
N VAL D 465 -37.77 -1.57 -2.27
CA VAL D 465 -37.10 -2.19 -3.39
C VAL D 465 -37.24 -3.70 -3.28
N PHE D 466 -37.73 -4.33 -4.34
CA PHE D 466 -37.71 -5.78 -4.45
C PHE D 466 -36.41 -6.25 -5.10
N PHE D 467 -35.91 -7.40 -4.68
CA PHE D 467 -34.67 -7.95 -5.18
C PHE D 467 -34.90 -9.40 -5.60
N ILE D 468 -34.18 -9.83 -6.63
CA ILE D 468 -34.23 -11.22 -7.08
C ILE D 468 -32.89 -11.51 -7.72
N THR D 469 -32.43 -12.75 -7.60
CA THR D 469 -31.08 -13.08 -8.04
C THR D 469 -31.10 -14.37 -8.84
N THR D 470 -30.12 -14.50 -9.74
CA THR D 470 -29.88 -15.75 -10.43
C THR D 470 -28.44 -16.17 -10.18
N ALA D 471 -28.22 -17.47 -10.02
CA ALA D 471 -26.88 -18.01 -9.87
C ALA D 471 -26.66 -19.13 -10.86
N ASN D 472 -25.45 -19.67 -10.83
CA ASN D 472 -25.04 -20.75 -11.71
C ASN D 472 -24.59 -21.98 -10.92
N THR D 473 -24.03 -21.76 -9.74
CA THR D 473 -23.54 -22.80 -8.83
C THR D 473 -24.21 -22.52 -7.49
N LEU D 474 -25.05 -23.44 -7.01
CA LEU D 474 -25.66 -23.21 -5.70
C LEU D 474 -24.70 -23.51 -4.55
N GLN D 475 -23.60 -24.22 -4.82
CA GLN D 475 -22.65 -24.57 -3.76
C GLN D 475 -21.79 -23.40 -3.32
N THR D 476 -21.29 -22.60 -4.26
CA THR D 476 -20.29 -21.59 -3.95
C THR D 476 -20.92 -20.26 -3.55
N ILE D 477 -22.24 -20.19 -3.47
CA ILE D 477 -22.90 -19.02 -2.89
C ILE D 477 -22.52 -18.93 -1.42
N PRO D 478 -22.14 -17.76 -0.92
CA PRO D 478 -21.77 -17.64 0.50
C PRO D 478 -22.92 -17.98 1.44
N ARG D 479 -22.55 -18.56 2.57
CA ARG D 479 -23.49 -19.12 3.55
C ARG D 479 -24.42 -18.06 4.18
N PRO D 480 -23.98 -16.89 4.66
CA PRO D 480 -24.97 -15.87 5.07
C PRO D 480 -25.65 -15.21 3.89
N LEU D 481 -25.07 -15.28 2.69
CA LEU D 481 -25.80 -14.85 1.52
C LEU D 481 -26.95 -15.81 1.22
N LEU D 482 -26.80 -17.08 1.58
CA LEU D 482 -27.86 -18.05 1.43
C LEU D 482 -28.97 -17.91 2.48
N ASP D 483 -28.83 -16.98 3.42
CA ASP D 483 -29.96 -16.56 4.26
C ASP D 483 -31.05 -15.96 3.38
N ARG D 484 -32.29 -16.09 3.87
CA ARG D 484 -33.52 -15.48 3.30
C ARG D 484 -33.64 -15.66 1.79
N MET D 485 -33.74 -16.92 1.37
CA MET D 485 -33.87 -17.24 -0.04
C MET D 485 -34.94 -18.30 -0.26
N GLU D 486 -35.13 -18.67 -1.51
CA GLU D 486 -35.77 -19.93 -1.88
C GLU D 486 -34.89 -20.52 -2.98
N VAL D 487 -34.52 -21.79 -2.86
CA VAL D 487 -33.82 -22.47 -3.96
C VAL D 487 -34.78 -22.72 -5.10
N ILE D 488 -34.57 -22.04 -6.21
CA ILE D 488 -35.38 -22.22 -7.42
C ILE D 488 -34.42 -22.85 -8.43
N GLU D 489 -34.40 -24.18 -8.45
CA GLU D 489 -33.51 -24.91 -9.35
C GLU D 489 -34.08 -24.81 -10.76
N ILE D 490 -33.66 -23.80 -11.51
CA ILE D 490 -34.15 -23.58 -12.86
C ILE D 490 -33.67 -24.72 -13.74
N PRO D 491 -34.57 -25.46 -14.37
CA PRO D 491 -34.16 -26.48 -15.31
C PRO D 491 -33.50 -25.89 -16.55
N GLY D 492 -32.78 -26.73 -17.27
CA GLY D 492 -32.55 -26.51 -18.67
C GLY D 492 -33.83 -26.78 -19.47
N TYR D 493 -33.69 -26.75 -20.78
CA TYR D 493 -34.82 -27.08 -21.61
C TYR D 493 -34.53 -28.36 -22.38
N THR D 494 -35.57 -28.94 -22.96
CA THR D 494 -35.42 -30.13 -23.79
C THR D 494 -35.71 -29.78 -25.24
N ASN D 495 -35.50 -30.80 -26.08
CA ASN D 495 -35.31 -30.61 -27.53
C ASN D 495 -36.50 -29.92 -28.17
N MET D 496 -37.69 -30.44 -27.92
CA MET D 496 -38.91 -29.83 -28.44
C MET D 496 -39.19 -28.50 -27.77
N GLU D 497 -38.77 -28.33 -26.51
CA GLU D 497 -38.95 -27.04 -25.87
C GLU D 497 -37.94 -26.00 -26.32
N LYS D 498 -36.72 -26.42 -26.71
CA LYS D 498 -35.86 -25.45 -27.40
C LYS D 498 -36.49 -25.03 -28.71
N GLN D 499 -37.05 -25.98 -29.45
CA GLN D 499 -37.65 -25.62 -30.75
C GLN D 499 -38.86 -24.72 -30.57
N ALA D 500 -39.62 -24.97 -29.50
CA ALA D 500 -40.76 -24.13 -29.16
C ALA D 500 -40.30 -22.72 -28.78
N ILE D 501 -39.23 -22.60 -28.00
CA ILE D 501 -38.69 -21.28 -27.71
C ILE D 501 -38.10 -20.69 -28.98
N ALA D 502 -37.56 -21.54 -29.84
CA ALA D 502 -36.80 -21.09 -31.00
C ALA D 502 -37.71 -20.43 -32.01
N ARG D 503 -38.71 -21.14 -32.50
CA ARG D 503 -39.55 -20.71 -33.61
C ARG D 503 -40.47 -19.56 -33.26
N GLN D 504 -40.42 -19.05 -32.03
CA GLN D 504 -41.08 -17.81 -31.63
C GLN D 504 -40.11 -16.72 -31.20
N TYR D 505 -39.08 -17.07 -30.40
CA TYR D 505 -38.31 -16.04 -29.70
C TYR D 505 -36.89 -15.91 -30.23
N LEU D 506 -36.49 -16.68 -31.26
CA LEU D 506 -35.16 -16.50 -31.82
C LEU D 506 -35.19 -15.98 -33.24
N TRP D 507 -35.81 -16.73 -34.15
CA TRP D 507 -35.74 -16.42 -35.57
C TRP D 507 -36.45 -15.13 -35.98
N PRO D 508 -37.66 -14.78 -35.48
CA PRO D 508 -38.14 -13.41 -35.73
C PRO D 508 -37.24 -12.33 -35.15
N LYS D 509 -36.71 -12.56 -33.95
CA LYS D 509 -35.80 -11.58 -33.38
C LYS D 509 -34.50 -11.52 -34.15
N GLN D 510 -34.03 -12.67 -34.66
CA GLN D 510 -32.77 -12.66 -35.41
C GLN D 510 -32.92 -12.06 -36.80
N VAL D 511 -34.10 -12.19 -37.42
CA VAL D 511 -34.26 -11.49 -38.69
C VAL D 511 -34.57 -10.02 -38.44
N ARG D 512 -34.92 -9.68 -37.20
CA ARG D 512 -35.10 -8.25 -36.85
C ARG D 512 -33.73 -7.74 -36.38
N GLU D 513 -32.97 -8.60 -35.71
CA GLU D 513 -31.60 -8.23 -35.24
C GLU D 513 -30.72 -7.99 -36.47
N SER D 514 -30.79 -8.88 -37.46
CA SER D 514 -29.96 -8.74 -38.68
C SER D 514 -30.33 -7.44 -39.40
N GLY D 515 -31.56 -6.95 -39.18
CA GLY D 515 -32.02 -5.74 -39.88
C GLY D 515 -32.56 -6.10 -41.26
N MET D 516 -32.37 -7.34 -41.69
CA MET D 516 -32.89 -7.81 -42.99
C MET D 516 -33.81 -9.01 -42.76
N GLU D 517 -35.02 -8.99 -43.35
CA GLU D 517 -35.99 -10.09 -43.12
C GLU D 517 -36.99 -10.14 -44.29
N GLY D 518 -37.82 -11.18 -44.34
CA GLY D 518 -38.79 -11.33 -45.46
C GLY D 518 -38.14 -11.99 -46.65
N ARG D 519 -37.02 -12.69 -46.45
CA ARG D 519 -36.33 -13.35 -47.54
C ARG D 519 -35.88 -14.78 -47.23
N ILE D 520 -35.60 -15.11 -45.98
CA ILE D 520 -35.19 -16.47 -45.63
C ILE D 520 -36.35 -17.14 -44.93
N GLU D 521 -36.39 -18.47 -45.01
CA GLU D 521 -37.40 -19.24 -44.31
C GLU D 521 -36.72 -20.37 -43.59
N VAL D 522 -36.95 -20.44 -42.29
CA VAL D 522 -36.40 -21.47 -41.43
C VAL D 522 -37.58 -22.25 -40.88
N THR D 523 -37.58 -23.56 -41.13
CA THR D 523 -38.63 -24.42 -40.67
C THR D 523 -38.27 -25.04 -39.33
N ASP D 524 -38.82 -26.22 -39.08
CA ASP D 524 -38.61 -26.88 -37.81
C ASP D 524 -37.53 -27.96 -37.88
N ALA D 525 -37.43 -28.67 -39.01
CA ALA D 525 -36.42 -29.71 -39.14
C ALA D 525 -35.02 -29.11 -39.24
N ALA D 526 -34.93 -27.92 -39.82
CA ALA D 526 -33.66 -27.20 -39.82
C ALA D 526 -33.23 -26.83 -38.41
N ILE D 527 -34.17 -26.34 -37.58
CA ILE D 527 -33.89 -26.03 -36.19
C ILE D 527 -33.48 -27.30 -35.45
N LEU D 528 -34.13 -28.42 -35.79
CA LEU D 528 -33.77 -29.73 -35.24
C LEU D 528 -32.33 -30.10 -35.59
N ARG D 529 -31.92 -29.82 -36.83
CA ARG D 529 -30.52 -30.00 -37.22
C ARG D 529 -29.61 -29.11 -36.38
N VAL D 530 -30.05 -27.88 -36.12
CA VAL D 530 -29.21 -26.90 -35.43
C VAL D 530 -28.92 -27.31 -33.99
N ILE D 531 -29.94 -27.70 -33.22
CA ILE D 531 -29.67 -28.24 -31.89
C ILE D 531 -28.94 -29.58 -31.96
N SER D 532 -29.44 -30.52 -32.77
CA SER D 532 -28.95 -31.89 -32.74
C SER D 532 -27.51 -32.03 -33.21
N GLU D 533 -26.97 -31.08 -33.98
CA GLU D 533 -25.60 -31.23 -34.46
C GLU D 533 -24.73 -29.99 -34.27
N TYR D 534 -25.30 -28.86 -33.86
CA TYR D 534 -24.69 -27.53 -33.93
C TYR D 534 -24.71 -26.72 -32.63
N THR D 535 -25.44 -27.16 -31.62
CA THR D 535 -25.34 -26.48 -30.33
C THR D 535 -25.59 -27.49 -29.23
N ARG D 536 -24.60 -27.72 -28.37
CA ARG D 536 -24.78 -28.52 -27.17
C ARG D 536 -24.71 -27.66 -25.92
N GLU D 537 -25.04 -26.38 -26.05
CA GLU D 537 -25.16 -25.52 -24.88
C GLU D 537 -26.41 -25.90 -24.09
N ALA D 538 -26.37 -25.64 -22.79
CA ALA D 538 -27.43 -26.07 -21.89
C ALA D 538 -28.72 -25.30 -22.14
N GLY D 539 -28.63 -23.98 -22.21
CA GLY D 539 -29.80 -23.19 -22.48
C GLY D 539 -29.94 -22.80 -23.94
N VAL D 540 -30.51 -21.60 -24.15
CA VAL D 540 -30.85 -21.16 -25.50
C VAL D 540 -29.79 -20.30 -26.15
N ARG D 541 -28.77 -19.86 -25.41
CA ARG D 541 -27.93 -18.77 -25.91
C ARG D 541 -26.91 -19.28 -26.92
N GLY D 542 -26.65 -20.59 -26.94
CA GLY D 542 -25.80 -21.16 -27.97
C GLY D 542 -26.52 -21.34 -29.30
N LEU D 543 -27.85 -21.33 -29.27
CA LEU D 543 -28.64 -21.34 -30.50
C LEU D 543 -28.51 -20.03 -31.25
N GLU D 544 -28.20 -18.96 -30.52
CA GLU D 544 -28.12 -17.62 -31.09
C GLU D 544 -27.03 -17.53 -32.15
N ARG D 545 -25.87 -18.16 -31.91
CA ARG D 545 -24.76 -18.00 -32.85
C ARG D 545 -25.00 -18.79 -34.14
N GLU D 546 -25.58 -19.99 -34.03
CA GLU D 546 -25.85 -20.78 -35.23
C GLU D 546 -26.95 -20.14 -36.06
N LEU D 547 -28.00 -19.66 -35.38
CA LEU D 547 -29.09 -19.01 -36.09
C LEU D 547 -28.62 -17.68 -36.71
N GLY D 548 -27.70 -17.00 -36.03
CA GLY D 548 -27.13 -15.79 -36.59
C GLY D 548 -26.26 -16.03 -37.80
N LYS D 549 -25.51 -17.15 -37.81
CA LYS D 549 -24.68 -17.45 -38.97
C LYS D 549 -25.53 -17.91 -40.16
N ILE D 550 -26.67 -18.58 -39.89
CA ILE D 550 -27.66 -18.78 -40.95
C ILE D 550 -28.17 -17.44 -41.46
N ALA D 551 -28.45 -16.51 -40.55
CA ALA D 551 -28.90 -15.17 -40.95
C ALA D 551 -27.83 -14.43 -41.73
N ARG D 552 -26.56 -14.72 -41.44
CA ARG D 552 -25.47 -14.06 -42.15
C ARG D 552 -25.33 -14.60 -43.55
N LYS D 553 -25.48 -15.92 -43.71
CA LYS D 553 -25.45 -16.52 -45.04
C LYS D 553 -26.62 -16.03 -45.88
N GLY D 554 -27.78 -15.87 -45.26
CA GLY D 554 -28.91 -15.26 -45.94
C GLY D 554 -28.65 -13.81 -46.33
N ALA D 555 -27.98 -13.05 -45.45
CA ALA D 555 -27.72 -11.63 -45.72
C ALA D 555 -26.72 -11.45 -46.84
N LYS D 556 -25.67 -12.29 -46.88
CA LYS D 556 -24.75 -12.27 -48.01
C LYS D 556 -25.45 -12.65 -49.31
N PHE D 557 -26.11 -13.81 -49.33
CA PHE D 557 -26.68 -14.31 -50.57
C PHE D 557 -27.90 -13.52 -51.03
N TRP D 558 -28.44 -12.62 -50.19
CA TRP D 558 -29.40 -11.63 -50.67
C TRP D 558 -28.77 -10.33 -51.12
N LEU D 559 -27.68 -9.88 -50.46
CA LEU D 559 -27.09 -8.60 -50.86
C LEU D 559 -26.41 -8.71 -52.22
N GLU D 560 -25.86 -9.89 -52.55
CA GLU D 560 -25.32 -10.09 -53.88
C GLU D 560 -26.36 -10.63 -54.87
N GLY D 561 -27.65 -10.48 -54.56
CA GLY D 561 -28.71 -10.81 -55.49
C GLY D 561 -30.00 -11.26 -54.82
N ALA D 562 -31.14 -10.75 -55.28
CA ALA D 562 -32.45 -11.14 -54.77
C ALA D 562 -33.14 -11.97 -55.85
N TRP D 563 -32.89 -13.28 -55.84
CA TRP D 563 -33.36 -14.17 -56.90
C TRP D 563 -34.69 -14.83 -56.61
N GLU D 564 -34.85 -15.42 -55.43
CA GLU D 564 -36.06 -16.16 -55.10
C GLU D 564 -37.10 -15.20 -54.55
N GLY D 565 -38.18 -15.76 -54.03
CA GLY D 565 -39.16 -14.97 -53.31
C GLY D 565 -38.95 -15.14 -51.82
N LEU D 566 -38.55 -16.34 -51.43
CA LEU D 566 -38.35 -16.67 -50.03
C LEU D 566 -37.44 -17.89 -49.97
N ARG D 567 -36.32 -17.77 -49.26
CA ARG D 567 -35.30 -18.82 -49.23
C ARG D 567 -35.62 -19.82 -48.14
N THR D 568 -35.96 -21.04 -48.55
CA THR D 568 -36.37 -22.08 -47.62
C THR D 568 -35.15 -22.88 -47.21
N ILE D 569 -34.68 -22.67 -45.98
CA ILE D 569 -33.52 -23.40 -45.48
C ILE D 569 -34.02 -24.68 -44.84
N ASP D 570 -33.56 -25.82 -45.32
CA ASP D 570 -33.97 -27.11 -44.80
C ASP D 570 -32.77 -27.92 -44.33
N ALA D 571 -33.01 -29.18 -43.99
CA ALA D 571 -31.93 -30.10 -43.67
C ALA D 571 -31.10 -30.46 -44.89
N SER D 572 -31.58 -30.15 -46.09
CA SER D 572 -30.86 -30.44 -47.32
C SER D 572 -29.82 -29.38 -47.66
N ASP D 573 -29.99 -28.13 -47.23
CA ASP D 573 -29.04 -27.09 -47.58
C ASP D 573 -28.31 -26.55 -46.36
N ILE D 574 -28.47 -27.18 -45.20
CA ILE D 574 -27.96 -26.59 -43.95
C ILE D 574 -26.45 -26.44 -43.84
N PRO D 575 -25.58 -27.45 -44.09
CA PRO D 575 -24.18 -27.28 -43.67
C PRO D 575 -23.39 -26.34 -44.56
N THR D 576 -23.94 -25.95 -45.70
CA THR D 576 -23.36 -24.87 -46.47
C THR D 576 -23.48 -23.55 -45.73
N TYR D 577 -24.59 -23.32 -45.05
CA TYR D 577 -24.87 -22.03 -44.43
C TYR D 577 -24.41 -21.95 -43.00
N LEU D 578 -23.73 -22.99 -42.54
CA LEU D 578 -23.12 -23.07 -41.22
C LEU D 578 -21.79 -23.77 -41.38
N GLY D 579 -21.21 -24.24 -40.29
CA GLY D 579 -20.01 -25.04 -40.37
C GLY D 579 -20.32 -26.51 -40.54
N ILE D 580 -19.23 -27.29 -40.56
CA ILE D 580 -19.25 -28.75 -40.51
C ILE D 580 -19.81 -29.21 -39.17
N PRO D 581 -20.63 -30.30 -39.10
CA PRO D 581 -21.18 -30.75 -37.80
C PRO D 581 -20.13 -31.15 -36.78
N ARG D 582 -19.97 -30.26 -35.80
CA ARG D 582 -19.08 -30.45 -34.67
C ARG D 582 -19.69 -31.37 -33.62
N TYR D 583 -20.99 -31.57 -33.68
CA TYR D 583 -21.67 -32.55 -32.87
C TYR D 583 -22.32 -33.52 -33.84
N ARG D 584 -22.23 -34.81 -33.54
CA ARG D 584 -22.99 -35.79 -34.28
C ARG D 584 -24.47 -35.64 -33.94
N PRO D 585 -25.35 -36.36 -34.64
CA PRO D 585 -26.66 -36.66 -34.06
C PRO D 585 -26.60 -37.57 -32.83
N ASP D 586 -27.77 -38.04 -32.40
CA ASP D 586 -27.91 -38.81 -31.16
C ASP D 586 -27.02 -40.05 -31.16
N LYS D 587 -26.41 -40.32 -30.00
CA LYS D 587 -25.19 -41.11 -29.80
C LYS D 587 -25.39 -42.60 -29.96
N ALA D 588 -26.46 -43.13 -30.55
CA ALA D 588 -26.62 -44.58 -30.66
C ALA D 588 -25.77 -45.21 -31.75
N GLU D 589 -25.21 -44.42 -32.67
CA GLU D 589 -24.41 -44.94 -33.78
C GLU D 589 -22.92 -44.91 -33.45
N THR D 590 -22.60 -44.96 -32.16
CA THR D 590 -21.27 -44.67 -31.65
C THR D 590 -20.45 -45.97 -31.53
N GLU D 591 -20.99 -47.09 -32.06
CA GLU D 591 -20.38 -48.42 -32.10
C GLU D 591 -19.98 -48.90 -30.70
N PRO D 592 -20.97 -49.49 -29.94
CA PRO D 592 -20.98 -49.52 -28.46
C PRO D 592 -19.68 -49.74 -27.71
N GLN D 593 -19.36 -48.77 -26.85
CA GLN D 593 -18.00 -48.55 -26.42
C GLN D 593 -17.55 -49.61 -25.43
N VAL D 594 -16.38 -50.17 -25.73
CA VAL D 594 -15.79 -51.22 -24.94
C VAL D 594 -15.25 -50.68 -23.61
N GLY D 595 -15.01 -49.37 -23.51
CA GLY D 595 -14.64 -48.82 -22.22
C GLY D 595 -15.17 -47.46 -21.81
N THR D 596 -16.35 -47.06 -22.26
CA THR D 596 -16.81 -45.70 -21.99
C THR D 596 -18.28 -45.69 -21.62
N ALA D 597 -18.61 -45.01 -20.52
CA ALA D 597 -19.98 -44.91 -20.04
C ALA D 597 -20.41 -43.45 -19.99
N GLN D 598 -21.62 -43.17 -20.47
CA GLN D 598 -22.12 -41.80 -20.62
C GLN D 598 -22.45 -41.21 -19.26
N GLY D 599 -21.45 -40.59 -18.66
CA GLY D 599 -21.66 -39.90 -17.42
C GLY D 599 -22.50 -38.65 -17.61
N LEU D 600 -23.75 -38.72 -17.16
CA LEU D 600 -24.55 -37.53 -16.99
C LEU D 600 -23.91 -36.64 -15.95
N ALA D 601 -24.30 -35.38 -15.96
CA ALA D 601 -23.72 -34.47 -15.01
C ALA D 601 -24.71 -33.38 -14.75
N TRP D 602 -24.41 -32.58 -13.75
CA TRP D 602 -24.81 -31.20 -13.73
C TRP D 602 -23.54 -30.43 -13.44
N THR D 603 -22.81 -30.14 -14.50
CA THR D 603 -21.85 -29.08 -14.34
C THR D 603 -22.64 -27.79 -14.15
N PRO D 604 -22.16 -26.88 -13.35
CA PRO D 604 -22.98 -25.71 -13.02
C PRO D 604 -22.94 -24.61 -14.07
N VAL D 605 -23.00 -25.03 -15.33
CA VAL D 605 -23.24 -24.21 -16.51
C VAL D 605 -24.20 -25.06 -17.32
N GLY D 606 -24.59 -26.19 -16.75
CA GLY D 606 -25.43 -27.17 -17.39
C GLY D 606 -24.70 -28.49 -17.60
N GLY D 607 -25.41 -29.56 -17.30
CA GLY D 607 -24.83 -30.88 -17.39
C GLY D 607 -24.59 -31.32 -18.82
N THR D 608 -23.80 -32.37 -18.95
CA THR D 608 -23.30 -32.84 -20.22
C THR D 608 -23.46 -34.35 -20.26
N LEU D 609 -22.79 -34.98 -21.21
CA LEU D 609 -22.36 -36.36 -21.05
C LEU D 609 -20.85 -36.34 -20.78
N LEU D 610 -20.48 -36.33 -19.50
CA LEU D 610 -19.10 -36.54 -19.11
C LEU D 610 -18.75 -38.00 -19.30
N THR D 611 -18.49 -38.41 -20.54
CA THR D 611 -18.40 -39.83 -20.88
C THR D 611 -17.14 -40.42 -20.28
N ILE D 612 -17.29 -41.13 -19.17
CA ILE D 612 -16.14 -41.52 -18.37
C ILE D 612 -15.33 -42.58 -19.09
N GLU D 613 -14.03 -42.38 -19.13
CA GLU D 613 -13.08 -43.39 -19.57
C GLU D 613 -12.18 -43.74 -18.39
N VAL D 614 -11.82 -45.02 -18.29
CA VAL D 614 -10.97 -45.57 -17.24
C VAL D 614 -9.96 -46.50 -17.89
N ALA D 615 -9.12 -47.13 -17.07
CA ALA D 615 -8.27 -48.21 -17.56
C ALA D 615 -8.07 -49.25 -16.48
N ALA D 616 -7.88 -50.50 -16.92
CA ALA D 616 -7.74 -51.67 -16.05
C ALA D 616 -6.73 -52.64 -16.66
N VAL D 617 -5.49 -52.58 -16.19
CA VAL D 617 -4.41 -53.31 -16.84
C VAL D 617 -3.95 -54.43 -15.90
N PRO D 618 -3.23 -55.45 -16.39
CA PRO D 618 -2.51 -56.34 -15.46
C PRO D 618 -1.40 -55.56 -14.76
N GLY D 619 -1.58 -55.35 -13.46
CA GLY D 619 -0.73 -54.44 -12.69
C GLY D 619 -0.61 -54.88 -11.26
N SER D 620 -0.83 -53.93 -10.34
CA SER D 620 -0.58 -54.12 -8.92
C SER D 620 -1.77 -53.68 -8.05
N GLY D 621 -2.95 -53.52 -8.64
CA GLY D 621 -4.13 -53.26 -7.82
C GLY D 621 -4.28 -51.84 -7.33
N LYS D 622 -3.42 -50.91 -7.75
CA LYS D 622 -3.47 -49.55 -7.25
C LYS D 622 -4.50 -48.72 -8.02
N LEU D 623 -5.24 -47.89 -7.29
CA LEU D 623 -6.26 -47.04 -7.89
C LEU D 623 -5.70 -45.64 -8.05
N SER D 624 -5.56 -45.21 -9.30
CA SER D 624 -4.88 -43.97 -9.62
C SER D 624 -5.88 -43.00 -10.22
N LEU D 625 -6.06 -41.89 -9.55
CA LEU D 625 -7.13 -40.97 -9.91
C LEU D 625 -6.58 -39.89 -10.82
N THR D 626 -6.49 -40.22 -12.10
CA THR D 626 -5.79 -39.40 -13.07
C THR D 626 -6.73 -38.37 -13.69
N GLY D 627 -6.39 -37.10 -13.55
CA GLY D 627 -7.25 -36.08 -14.10
C GLY D 627 -7.83 -35.19 -13.04
N GLN D 628 -7.01 -34.91 -12.02
CA GLN D 628 -7.33 -34.01 -10.90
C GLN D 628 -8.56 -34.51 -10.16
N LEU D 629 -8.60 -35.82 -9.95
CA LEU D 629 -9.86 -36.43 -9.57
C LEU D 629 -10.02 -36.34 -8.06
N GLY D 630 -11.27 -36.24 -7.63
CA GLY D 630 -11.57 -35.94 -6.24
C GLY D 630 -11.55 -37.15 -5.32
N GLU D 631 -11.70 -36.83 -4.04
CA GLU D 631 -11.70 -37.84 -2.98
C GLU D 631 -13.01 -38.61 -2.94
N VAL D 632 -14.12 -37.93 -3.23
CA VAL D 632 -15.42 -38.58 -3.20
C VAL D 632 -15.55 -39.54 -4.36
N MET D 633 -14.80 -39.27 -5.43
CA MET D 633 -14.60 -40.23 -6.50
C MET D 633 -14.00 -41.51 -5.97
N LYS D 634 -12.96 -41.40 -5.12
CA LYS D 634 -12.34 -42.57 -4.51
C LYS D 634 -13.34 -43.30 -3.62
N GLU D 635 -14.17 -42.54 -2.90
CA GLU D 635 -15.16 -43.13 -2.00
C GLU D 635 -16.17 -43.97 -2.75
N SER D 636 -16.77 -43.38 -3.77
CA SER D 636 -17.77 -44.08 -4.54
C SER D 636 -17.15 -45.16 -5.39
N ALA D 637 -15.89 -44.96 -5.80
CA ALA D 637 -15.20 -45.94 -6.61
C ALA D 637 -14.83 -47.15 -5.79
N GLN D 638 -14.50 -46.94 -4.54
CA GLN D 638 -14.25 -48.05 -3.65
C GLN D 638 -15.56 -48.76 -3.32
N ALA D 639 -16.65 -48.02 -3.23
CA ALA D 639 -17.96 -48.67 -3.08
C ALA D 639 -18.31 -49.52 -4.30
N ALA D 640 -18.06 -49.00 -5.50
CA ALA D 640 -18.39 -49.75 -6.71
C ALA D 640 -17.49 -50.96 -6.89
N LEU D 641 -16.17 -50.79 -6.69
CA LEU D 641 -15.24 -51.92 -6.77
C LEU D 641 -15.54 -52.97 -5.70
N THR D 642 -15.92 -52.54 -4.50
CA THR D 642 -16.20 -53.53 -3.48
C THR D 642 -17.55 -54.19 -3.68
N TYR D 643 -18.43 -53.53 -4.43
CA TYR D 643 -19.60 -54.24 -4.92
C TYR D 643 -19.19 -55.31 -5.94
N LEU D 644 -18.21 -55.00 -6.78
CA LEU D 644 -17.70 -55.98 -7.73
C LEU D 644 -17.00 -57.13 -7.03
N ARG D 645 -16.24 -56.84 -5.97
CA ARG D 645 -15.42 -57.85 -5.30
C ARG D 645 -16.24 -58.88 -4.55
N ALA D 646 -17.53 -58.65 -4.35
CA ALA D 646 -18.45 -59.70 -3.95
C ALA D 646 -19.18 -60.33 -5.13
N HIS D 647 -18.99 -59.83 -6.35
CA HIS D 647 -19.76 -60.28 -7.52
C HIS D 647 -18.84 -60.41 -8.73
N THR D 648 -17.66 -61.02 -8.53
CA THR D 648 -16.61 -61.03 -9.54
C THR D 648 -17.02 -61.89 -10.73
N GLN D 649 -17.26 -63.18 -10.47
CA GLN D 649 -17.72 -64.10 -11.49
C GLN D 649 -19.15 -63.80 -11.94
N ASP D 650 -19.89 -62.98 -11.18
CA ASP D 650 -21.18 -62.48 -11.64
C ASP D 650 -21.01 -61.61 -12.87
N TYR D 651 -19.91 -60.89 -12.96
CA TYR D 651 -19.65 -59.96 -14.05
C TYR D 651 -18.42 -60.35 -14.86
N GLY D 652 -18.07 -61.64 -14.86
CA GLY D 652 -17.01 -62.16 -15.70
C GLY D 652 -15.61 -61.82 -15.26
N LEU D 653 -15.44 -61.24 -14.09
CA LEU D 653 -14.13 -60.86 -13.61
C LEU D 653 -13.37 -62.09 -13.15
N PRO D 654 -12.03 -62.04 -13.13
CA PRO D 654 -11.28 -63.07 -12.42
C PRO D 654 -11.56 -63.01 -10.92
N GLU D 655 -11.36 -64.14 -10.25
CA GLU D 655 -11.69 -64.24 -8.83
C GLU D 655 -10.79 -63.34 -7.99
N ASP D 656 -9.55 -63.16 -8.42
CA ASP D 656 -8.64 -62.17 -7.84
C ASP D 656 -8.18 -61.23 -8.95
N PHE D 657 -8.54 -59.97 -8.84
CA PHE D 657 -8.09 -58.93 -9.77
C PHE D 657 -7.62 -57.69 -9.05
N TYR D 658 -8.22 -57.38 -7.91
CA TYR D 658 -8.06 -56.17 -7.10
C TYR D 658 -6.68 -56.02 -6.51
N ASN D 659 -5.88 -57.09 -6.51
CA ASN D 659 -4.49 -57.02 -6.13
C ASN D 659 -3.57 -56.96 -7.33
N LYS D 660 -4.06 -57.26 -8.53
CA LYS D 660 -3.19 -57.20 -9.70
C LYS D 660 -3.77 -56.35 -10.82
N VAL D 661 -4.82 -55.57 -10.55
CA VAL D 661 -5.34 -54.70 -11.60
C VAL D 661 -5.22 -53.24 -11.16
N ASP D 662 -4.21 -52.55 -11.69
CA ASP D 662 -3.98 -51.14 -11.41
C ASP D 662 -5.10 -50.32 -12.04
N LEU D 663 -5.84 -49.60 -11.20
CA LEU D 663 -6.91 -48.76 -11.70
C LEU D 663 -6.38 -47.41 -12.17
N HIS D 664 -6.68 -47.07 -13.42
CA HIS D 664 -6.33 -45.79 -14.03
C HIS D 664 -7.63 -45.17 -14.50
N VAL D 665 -8.06 -44.10 -13.86
CA VAL D 665 -9.41 -43.59 -14.02
C VAL D 665 -9.33 -42.11 -14.40
N HIS D 666 -10.32 -41.64 -15.15
CA HIS D 666 -10.42 -40.23 -15.53
C HIS D 666 -11.87 -39.82 -15.67
N VAL D 667 -12.22 -38.72 -15.03
CA VAL D 667 -13.43 -37.98 -15.35
C VAL D 667 -13.02 -36.85 -16.29
N PRO D 668 -13.75 -36.60 -17.39
CA PRO D 668 -13.40 -35.46 -18.25
C PRO D 668 -13.82 -34.12 -17.67
N ASP D 669 -13.48 -33.91 -16.41
CA ASP D 669 -13.64 -32.73 -15.60
C ASP D 669 -12.94 -33.05 -14.30
N GLY D 670 -12.23 -32.06 -13.76
CA GLY D 670 -11.43 -32.29 -12.58
C GLY D 670 -12.25 -32.51 -11.33
N ALA D 671 -12.95 -31.47 -10.88
CA ALA D 671 -13.84 -31.58 -9.73
C ALA D 671 -14.90 -30.49 -9.83
N THR D 672 -16.17 -30.88 -9.98
CA THR D 672 -17.27 -29.93 -9.89
C THR D 672 -17.44 -29.53 -8.43
N PRO D 673 -17.88 -28.30 -8.13
CA PRO D 673 -18.22 -27.97 -6.73
C PRO D 673 -19.46 -28.68 -6.22
N LYS D 674 -20.21 -29.33 -7.11
CA LYS D 674 -21.49 -29.98 -6.85
C LYS D 674 -21.43 -30.97 -5.70
N ASP D 675 -22.50 -30.97 -4.91
CA ASP D 675 -22.63 -31.85 -3.75
C ASP D 675 -22.77 -33.28 -4.25
N GLY D 676 -21.70 -34.03 -4.14
CA GLY D 676 -21.74 -35.43 -4.42
C GLY D 676 -21.17 -35.76 -5.77
N PRO D 677 -20.60 -36.93 -5.89
CA PRO D 677 -20.17 -37.44 -7.19
C PRO D 677 -21.35 -37.75 -8.10
N SER D 678 -22.27 -38.57 -7.59
CA SER D 678 -23.52 -38.99 -8.20
C SER D 678 -23.35 -39.76 -9.51
N ALA D 679 -22.14 -40.21 -9.84
CA ALA D 679 -21.91 -40.96 -11.07
C ALA D 679 -21.16 -42.25 -10.79
N GLY D 680 -21.39 -42.84 -9.62
CA GLY D 680 -20.62 -44.00 -9.21
C GLY D 680 -20.89 -45.23 -10.07
N ILE D 681 -22.14 -45.40 -10.45
CA ILE D 681 -22.49 -46.48 -11.37
C ILE D 681 -21.88 -46.24 -12.74
N THR D 682 -21.59 -44.99 -13.08
CA THR D 682 -20.94 -44.71 -14.35
C THR D 682 -19.48 -45.12 -14.32
N MET D 683 -18.77 -44.77 -13.24
CA MET D 683 -17.43 -45.32 -13.04
C MET D 683 -17.44 -46.83 -13.03
N ALA D 684 -18.43 -47.44 -12.38
CA ALA D 684 -18.50 -48.89 -12.27
C ALA D 684 -18.69 -49.53 -13.64
N THR D 685 -19.55 -48.93 -14.46
CA THR D 685 -19.80 -49.43 -15.80
C THR D 685 -18.53 -49.37 -16.63
N ALA D 686 -17.81 -48.24 -16.51
CA ALA D 686 -16.58 -48.07 -17.26
C ALA D 686 -15.52 -49.08 -16.81
N ILE D 687 -15.42 -49.29 -15.49
CA ILE D 687 -14.39 -50.16 -14.95
C ILE D 687 -14.66 -51.61 -15.31
N ALA D 688 -15.92 -52.03 -15.19
CA ALA D 688 -16.29 -53.39 -15.55
C ALA D 688 -16.11 -53.62 -17.03
N SER D 689 -16.41 -52.60 -17.83
CA SER D 689 -16.16 -52.68 -19.26
C SER D 689 -14.67 -52.77 -19.56
N ALA D 690 -13.84 -52.15 -18.72
CA ALA D 690 -12.40 -52.17 -18.95
C ALA D 690 -11.80 -53.53 -18.63
N LEU D 691 -12.15 -54.09 -17.46
CA LEU D 691 -11.64 -55.42 -17.10
C LEU D 691 -12.15 -56.51 -18.04
N SER D 692 -13.46 -56.52 -18.33
CA SER D 692 -14.01 -57.64 -19.09
C SER D 692 -13.85 -57.48 -20.59
N ARG D 693 -13.42 -56.30 -21.05
CA ARG D 693 -13.27 -55.93 -22.46
C ARG D 693 -14.62 -56.11 -23.18
N ARG D 694 -15.71 -55.80 -22.46
CA ARG D 694 -17.06 -56.01 -22.93
C ARG D 694 -17.76 -54.67 -22.94
N PRO D 695 -18.58 -54.38 -23.95
CA PRO D 695 -18.98 -53.00 -24.19
C PRO D 695 -19.98 -52.46 -23.19
N ALA D 696 -20.06 -51.13 -23.14
CA ALA D 696 -21.11 -50.43 -22.42
C ALA D 696 -22.22 -50.11 -23.39
N ARG D 697 -23.44 -50.56 -23.07
CA ARG D 697 -24.53 -50.41 -24.02
C ARG D 697 -24.95 -48.95 -24.09
N MET D 698 -25.36 -48.54 -25.28
CA MET D 698 -25.49 -47.12 -25.57
C MET D 698 -26.93 -46.66 -25.49
N ASP D 699 -27.11 -45.38 -25.80
CA ASP D 699 -28.29 -44.58 -25.48
C ASP D 699 -28.63 -44.69 -24.00
N ILE D 700 -27.58 -44.72 -23.16
CA ILE D 700 -27.78 -44.90 -21.73
C ILE D 700 -27.02 -43.80 -20.99
N ALA D 701 -27.77 -42.82 -20.45
CA ALA D 701 -27.23 -41.67 -19.75
C ALA D 701 -27.51 -41.84 -18.26
N MET D 702 -26.57 -42.46 -17.55
CA MET D 702 -26.83 -42.89 -16.18
C MET D 702 -26.64 -41.75 -15.21
N THR D 703 -27.31 -41.85 -14.08
CA THR D 703 -27.02 -40.99 -12.93
C THR D 703 -27.43 -41.72 -11.66
N GLY D 704 -26.79 -41.39 -10.55
CA GLY D 704 -27.03 -42.11 -9.32
C GLY D 704 -25.75 -42.66 -8.71
N GLU D 705 -25.82 -43.07 -7.44
CA GLU D 705 -24.63 -43.48 -6.69
C GLU D 705 -24.80 -44.84 -6.03
N VAL D 706 -23.68 -45.40 -5.56
CA VAL D 706 -23.58 -46.79 -5.10
C VAL D 706 -23.40 -46.85 -3.60
N SER D 707 -24.15 -47.76 -2.96
CA SER D 707 -23.72 -48.39 -1.73
C SER D 707 -23.27 -49.80 -2.10
N LEU D 708 -22.12 -50.21 -1.57
CA LEU D 708 -21.36 -51.35 -2.06
C LEU D 708 -22.04 -52.68 -1.83
N ARG D 709 -23.07 -52.73 -0.98
CA ARG D 709 -23.87 -53.93 -0.85
C ARG D 709 -24.72 -54.14 -2.09
N GLY D 710 -24.89 -53.11 -2.91
CA GLY D 710 -25.75 -53.13 -4.07
C GLY D 710 -27.00 -52.32 -3.84
N LYS D 711 -26.86 -51.12 -3.30
CA LYS D 711 -28.02 -50.30 -3.01
C LYS D 711 -27.78 -48.89 -3.51
N VAL D 712 -28.68 -48.41 -4.36
CA VAL D 712 -28.49 -47.14 -5.06
C VAL D 712 -29.22 -46.05 -4.29
N MET D 713 -28.47 -45.17 -3.65
CA MET D 713 -29.05 -44.18 -2.76
C MET D 713 -29.66 -43.02 -3.53
N PRO D 714 -30.64 -42.33 -2.93
CA PRO D 714 -31.26 -41.19 -3.61
C PRO D 714 -30.41 -39.93 -3.52
N ILE D 715 -30.53 -39.14 -4.58
CA ILE D 715 -29.89 -37.83 -4.70
C ILE D 715 -30.92 -36.82 -5.14
N GLY D 716 -30.54 -35.55 -5.15
CA GLY D 716 -31.45 -34.46 -5.49
C GLY D 716 -31.08 -33.85 -6.82
N GLY D 717 -32.02 -33.10 -7.40
CA GLY D 717 -31.83 -32.44 -8.67
C GLY D 717 -31.73 -33.39 -9.86
N VAL D 718 -32.56 -34.43 -9.87
CA VAL D 718 -32.54 -35.43 -10.94
C VAL D 718 -33.14 -34.87 -12.23
N LYS D 719 -33.91 -33.79 -12.10
CA LYS D 719 -34.51 -33.09 -13.23
C LYS D 719 -33.44 -32.62 -14.22
N GLU D 720 -32.37 -32.01 -13.69
CA GLU D 720 -31.33 -31.47 -14.53
C GLU D 720 -30.55 -32.57 -15.21
N LYS D 721 -30.44 -33.71 -14.54
CA LYS D 721 -29.77 -34.88 -15.13
C LYS D 721 -30.54 -35.38 -16.33
N LEU D 722 -31.87 -35.48 -16.20
CA LEU D 722 -32.66 -35.93 -17.34
C LEU D 722 -32.74 -34.87 -18.44
N LEU D 723 -32.58 -33.61 -18.07
CA LEU D 723 -32.47 -32.53 -19.05
C LEU D 723 -31.25 -32.70 -19.92
N ALA D 724 -30.10 -32.91 -19.29
CA ALA D 724 -28.86 -33.11 -20.02
C ALA D 724 -28.90 -34.40 -20.84
N ALA D 725 -29.64 -35.40 -20.37
CA ALA D 725 -29.81 -36.60 -21.19
C ALA D 725 -30.63 -36.32 -22.44
N HIS D 726 -31.71 -35.53 -22.32
CA HIS D 726 -32.52 -35.29 -23.50
C HIS D 726 -31.96 -34.21 -24.42
N GLN D 727 -31.03 -33.39 -23.93
CA GLN D 727 -30.48 -32.34 -24.80
C GLN D 727 -29.62 -32.95 -25.89
N ALA D 728 -28.99 -34.09 -25.61
CA ALA D 728 -28.36 -34.91 -26.64
C ALA D 728 -29.25 -36.05 -27.09
N GLY D 729 -30.51 -36.07 -26.65
CA GLY D 729 -31.50 -37.04 -27.08
C GLY D 729 -31.19 -38.47 -26.65
N ILE D 730 -30.86 -38.66 -25.37
CA ILE D 730 -30.42 -39.95 -24.88
C ILE D 730 -31.51 -40.51 -23.99
N HIS D 731 -32.24 -41.52 -24.48
CA HIS D 731 -33.54 -41.89 -23.95
C HIS D 731 -33.51 -42.95 -22.84
N LYS D 732 -32.80 -44.06 -23.01
CA LYS D 732 -32.83 -45.11 -21.98
C LYS D 732 -32.01 -44.66 -20.77
N ILE D 733 -32.63 -44.61 -19.60
CA ILE D 733 -32.06 -44.00 -18.39
C ILE D 733 -32.10 -44.98 -17.21
N VAL D 734 -30.93 -45.16 -16.57
CA VAL D 734 -30.81 -45.71 -15.23
C VAL D 734 -31.08 -44.61 -14.20
N LEU D 735 -31.89 -44.90 -13.19
CA LEU D 735 -32.36 -43.87 -12.28
C LEU D 735 -32.71 -44.56 -10.96
N PRO D 736 -32.69 -43.85 -9.82
CA PRO D 736 -32.96 -44.54 -8.54
C PRO D 736 -34.42 -44.93 -8.34
N LYS D 737 -34.60 -46.16 -7.85
CA LYS D 737 -35.89 -46.59 -7.36
C LYS D 737 -36.27 -45.83 -6.09
N ASP D 738 -35.28 -45.27 -5.40
CA ASP D 738 -35.62 -44.32 -4.37
C ASP D 738 -36.09 -42.98 -4.93
N ASN D 739 -35.71 -42.68 -6.18
CA ASN D 739 -36.22 -41.51 -6.87
C ASN D 739 -37.43 -41.85 -7.72
N GLU D 740 -38.14 -42.94 -7.39
CA GLU D 740 -39.22 -43.44 -8.22
C GLU D 740 -40.40 -42.49 -8.29
N ALA D 741 -40.62 -41.69 -7.25
CA ALA D 741 -41.78 -40.82 -7.24
C ALA D 741 -41.41 -39.34 -7.36
N GLN D 742 -40.13 -39.00 -7.19
CA GLN D 742 -39.70 -37.64 -7.49
C GLN D 742 -39.74 -37.37 -8.99
N LEU D 743 -39.71 -38.45 -9.78
CA LEU D 743 -39.69 -38.38 -11.23
C LEU D 743 -41.01 -37.84 -11.80
N GLU D 744 -42.09 -37.91 -11.02
CA GLU D 744 -43.38 -37.39 -11.47
C GLU D 744 -43.65 -35.96 -11.02
N GLU D 745 -42.62 -35.17 -10.78
CA GLU D 745 -42.75 -33.73 -10.64
C GLU D 745 -42.04 -33.04 -11.79
N LEU D 746 -42.15 -33.63 -12.96
CA LEU D 746 -41.50 -33.19 -14.18
C LEU D 746 -42.55 -32.92 -15.24
N PRO D 747 -42.31 -31.92 -16.10
CA PRO D 747 -43.17 -31.76 -17.28
C PRO D 747 -42.89 -32.91 -18.24
N LYS D 748 -43.92 -33.23 -19.03
CA LYS D 748 -44.06 -34.58 -19.56
C LYS D 748 -43.04 -34.87 -20.66
N GLU D 749 -42.51 -33.82 -21.27
CA GLU D 749 -41.74 -33.96 -22.51
C GLU D 749 -40.42 -34.69 -22.27
N VAL D 750 -39.92 -34.67 -21.04
CA VAL D 750 -38.73 -35.45 -20.70
C VAL D 750 -39.11 -36.91 -20.58
N LEU D 751 -40.28 -37.17 -19.99
CA LEU D 751 -40.74 -38.52 -19.72
C LEU D 751 -41.14 -39.26 -20.97
N GLU D 752 -41.82 -38.60 -21.92
CA GLU D 752 -41.94 -39.21 -23.24
C GLU D 752 -40.68 -39.01 -24.06
N GLY D 753 -39.79 -38.13 -23.61
CA GLY D 753 -38.50 -38.07 -24.25
C GLY D 753 -37.57 -39.20 -23.88
N LEU D 754 -37.64 -39.70 -22.65
CA LEU D 754 -36.64 -40.62 -22.13
C LEU D 754 -37.28 -41.90 -21.59
N GLU D 755 -36.58 -43.02 -21.75
CA GLU D 755 -37.00 -44.32 -21.22
C GLU D 755 -36.33 -44.54 -19.86
N ILE D 756 -37.02 -44.16 -18.79
CA ILE D 756 -36.49 -44.38 -17.46
C ILE D 756 -36.69 -45.84 -17.07
N LYS D 757 -35.58 -46.52 -16.72
CA LYS D 757 -35.69 -47.71 -15.89
C LYS D 757 -35.19 -47.32 -14.49
N LEU D 758 -36.11 -47.33 -13.54
CA LEU D 758 -35.76 -47.03 -12.16
C LEU D 758 -35.10 -48.26 -11.55
N VAL D 759 -33.92 -48.09 -10.96
CA VAL D 759 -33.21 -49.21 -10.35
C VAL D 759 -32.98 -48.89 -8.88
N GLU D 760 -32.83 -49.95 -8.09
CA GLU D 760 -32.44 -49.82 -6.71
C GLU D 760 -31.09 -50.43 -6.43
N ASP D 761 -30.60 -51.27 -7.34
CA ASP D 761 -29.39 -52.05 -7.12
C ASP D 761 -28.42 -51.77 -8.25
N VAL D 762 -27.14 -51.93 -7.93
CA VAL D 762 -26.09 -51.85 -8.94
C VAL D 762 -26.11 -53.09 -9.81
N GLY D 763 -26.69 -54.19 -9.32
CA GLY D 763 -26.93 -55.33 -10.18
C GLY D 763 -27.96 -55.07 -11.27
N GLU D 764 -28.88 -54.13 -11.03
CA GLU D 764 -29.90 -53.82 -12.03
C GLU D 764 -29.33 -53.00 -13.17
N VAL D 765 -28.45 -52.03 -12.86
CA VAL D 765 -27.74 -51.34 -13.92
C VAL D 765 -26.70 -52.26 -14.59
N LEU D 766 -26.04 -53.13 -13.82
CA LEU D 766 -24.97 -53.97 -14.35
C LEU D 766 -25.44 -55.06 -15.30
N GLU D 767 -26.70 -55.45 -15.27
CA GLU D 767 -27.17 -56.47 -16.20
C GLU D 767 -27.67 -55.89 -17.51
N TYR D 768 -27.79 -54.56 -17.59
CA TYR D 768 -28.31 -53.89 -18.78
C TYR D 768 -27.26 -53.39 -19.75
N LEU D 769 -26.09 -52.98 -19.29
CA LEU D 769 -25.18 -52.23 -20.14
C LEU D 769 -24.06 -53.05 -20.75
N LEU D 770 -23.86 -54.28 -20.32
CA LEU D 770 -22.94 -55.15 -21.03
C LEU D 770 -23.71 -56.00 -22.02
N LEU D 771 -23.27 -56.02 -23.28
CA LEU D 771 -23.87 -56.96 -24.21
C LEU D 771 -23.54 -58.41 -23.85
N PRO D 772 -22.28 -58.79 -23.58
CA PRO D 772 -22.09 -60.02 -22.80
C PRO D 772 -21.90 -59.73 -21.33
N GLU D 773 -22.65 -60.45 -20.49
CA GLU D 773 -22.52 -60.25 -19.04
C GLU D 773 -21.23 -60.85 -18.49
N PRO D 774 -20.79 -62.05 -18.90
CA PRO D 774 -19.41 -62.33 -18.46
C PRO D 774 -18.38 -62.06 -19.55
N ARG E 2 -71.74 46.20 -83.45
CA ARG E 2 -71.23 46.44 -82.12
C ARG E 2 -69.77 46.87 -82.17
N LEU E 3 -69.05 46.37 -83.18
CA LEU E 3 -67.61 46.59 -83.39
C LEU E 3 -66.82 46.13 -82.17
N GLU E 4 -66.79 44.79 -82.02
CA GLU E 4 -66.27 44.07 -80.85
C GLU E 4 -64.89 44.53 -80.43
N LEU E 5 -64.77 44.87 -79.17
CA LEU E 5 -63.69 45.67 -78.60
C LEU E 5 -62.40 44.85 -78.50
N PRO E 6 -61.25 45.47 -78.77
CA PRO E 6 -59.97 44.77 -78.59
C PRO E 6 -59.64 44.62 -77.10
N VAL E 7 -58.89 43.56 -76.81
CA VAL E 7 -58.51 43.20 -75.45
C VAL E 7 -57.05 43.57 -75.27
N ILE E 8 -56.77 44.39 -74.25
CA ILE E 8 -55.42 44.85 -73.95
C ILE E 8 -54.75 43.76 -73.11
N PRO E 9 -53.61 43.21 -73.54
CA PRO E 9 -52.84 42.35 -72.63
C PRO E 9 -52.13 43.19 -71.58
N LEU E 10 -52.65 43.18 -70.36
CA LEU E 10 -52.14 44.04 -69.30
C LEU E 10 -50.92 43.41 -68.66
N ARG E 11 -49.79 44.11 -68.70
CA ARG E 11 -48.59 43.73 -67.97
C ARG E 11 -48.41 44.60 -66.73
N ASN E 12 -49.48 45.18 -66.23
CA ASN E 12 -49.44 46.15 -65.13
C ASN E 12 -50.62 45.85 -64.21
N THR E 13 -50.95 46.81 -63.34
CA THR E 13 -52.06 46.64 -62.41
C THR E 13 -53.40 46.58 -63.14
N VAL E 14 -54.28 45.72 -62.64
CA VAL E 14 -55.57 45.51 -63.28
C VAL E 14 -56.49 46.68 -62.95
N ILE E 15 -57.12 47.23 -63.99
CA ILE E 15 -58.08 48.31 -63.80
C ILE E 15 -59.35 47.76 -63.17
N LEU E 16 -59.72 48.34 -62.03
CA LEU E 16 -60.93 48.02 -61.30
C LEU E 16 -62.03 49.00 -61.66
N PRO E 17 -63.31 48.63 -61.51
CA PRO E 17 -64.40 49.53 -61.93
C PRO E 17 -64.46 50.83 -61.15
N HIS E 18 -64.74 51.91 -61.88
CA HIS E 18 -64.94 53.27 -61.37
C HIS E 18 -63.71 53.78 -60.62
N THR E 19 -62.60 53.80 -61.33
CA THR E 19 -61.33 54.19 -60.75
C THR E 19 -60.56 54.95 -61.81
N THR E 20 -59.94 56.06 -61.41
CA THR E 20 -59.14 56.87 -62.33
C THR E 20 -57.84 56.15 -62.64
N THR E 21 -57.78 55.50 -63.81
CA THR E 21 -56.63 54.69 -64.17
C THR E 21 -56.47 54.66 -65.69
N PRO E 22 -55.30 55.04 -66.21
CA PRO E 22 -55.03 54.84 -67.63
C PRO E 22 -54.76 53.38 -67.94
N VAL E 23 -54.92 53.02 -69.20
CA VAL E 23 -54.56 51.68 -69.65
C VAL E 23 -53.08 51.69 -70.06
N ASP E 24 -52.26 50.95 -69.31
CA ASP E 24 -50.84 50.90 -69.59
C ASP E 24 -50.53 49.75 -70.55
N VAL E 25 -49.35 49.83 -71.16
CA VAL E 25 -48.90 48.80 -72.09
C VAL E 25 -47.59 48.22 -71.57
N GLY E 26 -47.29 46.99 -71.99
CA GLY E 26 -46.09 46.32 -71.57
C GLY E 26 -45.36 45.64 -72.70
N ARG E 27 -45.90 45.77 -73.91
CA ARG E 27 -45.30 45.16 -75.09
C ARG E 27 -45.69 45.97 -76.31
N ALA E 28 -44.94 45.79 -77.40
CA ALA E 28 -45.18 46.55 -78.63
C ALA E 28 -46.48 46.12 -79.32
N LYS E 29 -46.95 44.90 -79.05
CA LYS E 29 -48.20 44.43 -79.64
C LYS E 29 -49.42 45.12 -79.03
N SER E 30 -49.27 45.71 -77.85
CA SER E 30 -50.39 46.40 -77.21
C SER E 30 -50.66 47.77 -77.81
N LYS E 31 -49.69 48.36 -78.52
CA LYS E 31 -49.91 49.66 -79.14
C LYS E 31 -50.91 49.57 -80.28
N ARG E 32 -50.87 48.48 -81.05
CA ARG E 32 -51.86 48.23 -82.09
C ARG E 32 -53.24 48.03 -81.49
N ALA E 33 -53.32 47.35 -80.34
CA ALA E 33 -54.60 47.15 -79.68
C ALA E 33 -55.16 48.45 -79.12
N VAL E 34 -54.28 49.33 -78.60
CA VAL E 34 -54.70 50.66 -78.15
C VAL E 34 -55.18 51.50 -79.32
N GLU E 35 -54.49 51.43 -80.45
CA GLU E 35 -54.90 52.18 -81.63
C GLU E 35 -56.22 51.65 -82.21
N GLU E 36 -56.49 50.35 -82.06
CA GLU E 36 -57.81 49.83 -82.45
C GLU E 36 -58.85 50.18 -81.40
N ALA E 37 -58.43 50.35 -80.15
CA ALA E 37 -59.32 50.82 -79.10
C ALA E 37 -59.67 52.29 -79.30
N MET E 38 -58.91 52.98 -80.16
CA MET E 38 -59.28 54.32 -80.59
C MET E 38 -60.51 54.30 -81.50
N GLY E 39 -60.71 53.21 -82.25
CA GLY E 39 -61.82 53.14 -83.19
C GLY E 39 -62.96 52.20 -82.83
N ALA E 40 -63.12 51.91 -81.55
CA ALA E 40 -64.13 50.96 -81.08
C ALA E 40 -65.31 51.69 -80.44
N ASP E 41 -65.65 52.86 -81.01
CA ASP E 41 -66.76 53.72 -80.59
C ASP E 41 -66.63 54.13 -79.12
N ARG E 42 -65.39 54.46 -78.72
CA ARG E 42 -65.04 54.90 -77.36
C ARG E 42 -65.41 53.87 -76.30
N LEU E 43 -65.27 52.59 -76.64
CA LEU E 43 -65.55 51.50 -75.72
C LEU E 43 -64.40 50.51 -75.78
N ILE E 44 -64.05 49.93 -74.63
CA ILE E 44 -62.92 49.01 -74.56
C ILE E 44 -63.22 47.93 -73.52
N PHE E 45 -62.82 46.70 -73.84
CA PHE E 45 -63.03 45.54 -72.98
C PHE E 45 -61.67 44.91 -72.72
N LEU E 46 -61.30 44.76 -71.45
CA LEU E 46 -59.96 44.33 -71.09
C LEU E 46 -60.01 42.99 -70.35
N VAL E 47 -59.14 42.07 -70.76
CA VAL E 47 -58.86 40.86 -70.01
C VAL E 47 -57.36 40.81 -69.77
N ALA E 48 -56.96 40.85 -68.51
CA ALA E 48 -55.55 40.90 -68.17
C ALA E 48 -54.93 39.51 -68.23
N GLN E 49 -53.60 39.49 -68.34
CA GLN E 49 -52.82 38.26 -68.33
C GLN E 49 -52.06 38.17 -67.01
N ARG E 50 -51.92 36.95 -66.49
CA ARG E 50 -51.32 36.74 -65.17
C ARG E 50 -49.80 36.93 -65.23
N ASP E 51 -49.16 36.66 -64.08
CA ASP E 51 -47.73 36.92 -63.87
C ASP E 51 -46.78 36.21 -64.84
N PRO E 52 -46.98 34.93 -65.22
CA PRO E 52 -46.25 34.45 -66.41
C PRO E 52 -46.77 35.12 -67.67
N GLU E 53 -45.83 35.54 -68.53
CA GLU E 53 -46.13 36.29 -69.74
C GLU E 53 -46.02 35.43 -70.99
N VAL E 54 -46.49 34.18 -70.92
CA VAL E 54 -46.42 33.20 -72.00
C VAL E 54 -47.16 33.70 -73.24
N ASP E 55 -46.45 33.77 -74.37
CA ASP E 55 -47.03 34.30 -75.60
C ASP E 55 -48.08 33.36 -76.20
N ASP E 56 -47.93 32.06 -75.98
CA ASP E 56 -48.89 31.11 -76.49
C ASP E 56 -50.23 31.24 -75.75
N PRO E 57 -51.35 30.97 -76.44
CA PRO E 57 -52.66 31.01 -75.76
C PRO E 57 -52.78 29.90 -74.74
N ALA E 58 -53.08 30.28 -73.51
CA ALA E 58 -53.18 29.37 -72.38
C ALA E 58 -54.47 29.64 -71.62
N PRO E 59 -55.01 28.63 -70.93
CA PRO E 59 -56.19 28.88 -70.07
C PRO E 59 -55.91 29.77 -68.87
N ASP E 60 -54.65 29.96 -68.49
CA ASP E 60 -54.31 30.87 -67.40
C ASP E 60 -53.99 32.29 -67.88
N ASP E 61 -53.60 32.44 -69.15
CA ASP E 61 -53.38 33.78 -69.69
C ASP E 61 -54.68 34.55 -69.83
N LEU E 62 -55.74 33.88 -70.27
CA LEU E 62 -57.05 34.47 -70.40
C LEU E 62 -57.94 34.03 -69.24
N TYR E 63 -59.03 34.77 -69.04
CA TYR E 63 -59.96 34.45 -67.96
C TYR E 63 -61.38 34.71 -68.43
N THR E 64 -62.33 34.11 -67.72
CA THR E 64 -63.75 34.21 -68.04
C THR E 64 -64.40 35.47 -67.49
N TRP E 65 -63.66 36.28 -66.74
CA TRP E 65 -64.20 37.51 -66.13
C TRP E 65 -63.35 38.70 -66.59
N GLY E 66 -63.78 39.35 -67.66
CA GLY E 66 -63.17 40.58 -68.11
C GLY E 66 -63.78 41.79 -67.44
N VAL E 67 -63.42 42.97 -67.95
CA VAL E 67 -63.94 44.23 -67.42
C VAL E 67 -64.27 45.16 -68.59
N GLN E 68 -65.40 45.86 -68.47
CA GLN E 68 -65.87 46.79 -69.49
C GLN E 68 -65.56 48.22 -69.07
N ALA E 69 -65.34 49.09 -70.04
CA ALA E 69 -64.97 50.47 -69.77
C ALA E 69 -65.42 51.37 -70.91
N VAL E 70 -65.49 52.66 -70.62
CA VAL E 70 -65.78 53.70 -71.60
C VAL E 70 -64.59 54.65 -71.65
N VAL E 71 -64.34 55.21 -72.82
CA VAL E 71 -63.18 56.07 -73.02
C VAL E 71 -63.55 57.51 -72.71
N LYS E 72 -62.79 58.14 -71.80
CA LYS E 72 -63.07 59.51 -71.37
C LYS E 72 -62.26 60.54 -72.15
N GLN E 73 -60.93 60.47 -72.08
CA GLN E 73 -60.06 61.42 -72.75
C GLN E 73 -58.69 60.77 -72.91
N ALA E 74 -57.85 61.37 -73.75
CA ALA E 74 -56.53 60.80 -74.03
C ALA E 74 -55.54 61.91 -74.32
N MET E 75 -54.43 61.92 -73.58
CA MET E 75 -53.28 62.78 -73.89
C MET E 75 -52.06 61.88 -74.05
N ARG E 76 -51.14 62.31 -74.91
CA ARG E 76 -49.91 61.57 -75.18
C ARG E 76 -48.77 62.25 -74.43
N LEU E 77 -48.64 61.93 -73.13
CA LEU E 77 -47.53 62.44 -72.34
C LEU E 77 -46.26 61.67 -72.68
N PRO E 78 -45.10 62.34 -72.72
CA PRO E 78 -43.86 61.63 -73.04
C PRO E 78 -43.31 60.81 -71.88
N ASP E 79 -43.53 59.50 -71.92
CA ASP E 79 -42.94 58.59 -70.95
C ASP E 79 -42.49 57.28 -71.56
N GLY E 80 -42.59 57.11 -72.88
CA GLY E 80 -42.30 55.84 -73.53
C GLY E 80 -43.42 54.82 -73.46
N THR E 81 -44.58 55.18 -72.93
CA THR E 81 -45.69 54.27 -72.73
C THR E 81 -46.97 54.90 -73.27
N LEU E 82 -47.63 54.22 -74.20
CA LEU E 82 -48.88 54.72 -74.76
C LEU E 82 -50.04 54.38 -73.83
N GLN E 83 -50.78 55.40 -73.41
CA GLN E 83 -51.83 55.25 -72.41
C GLN E 83 -53.13 55.91 -72.86
N VAL E 84 -54.27 55.33 -72.47
CA VAL E 84 -55.57 55.94 -72.71
C VAL E 84 -56.38 55.95 -71.41
N MET E 85 -56.88 57.13 -71.06
CA MET E 85 -57.44 57.41 -69.76
C MET E 85 -58.92 57.01 -69.77
N VAL E 86 -59.24 55.85 -69.18
CA VAL E 86 -60.59 55.32 -69.26
C VAL E 86 -61.11 55.02 -67.85
N GLU E 87 -62.43 54.86 -67.77
CA GLU E 87 -63.09 54.53 -66.51
C GLU E 87 -63.92 53.26 -66.68
N ALA E 88 -63.62 52.24 -65.88
CA ALA E 88 -64.33 50.97 -65.98
C ALA E 88 -65.65 51.03 -65.21
N ARG E 89 -66.67 50.36 -65.76
CA ARG E 89 -68.01 50.39 -65.17
C ARG E 89 -68.31 49.12 -64.36
N ALA E 90 -68.24 47.96 -64.99
CA ALA E 90 -68.52 46.69 -64.34
C ALA E 90 -67.85 45.57 -65.11
N ARG E 91 -67.81 44.41 -64.48
CA ARG E 91 -67.25 43.21 -65.10
C ARG E 91 -68.25 42.57 -66.05
N ALA E 92 -67.75 41.65 -66.87
CA ALA E 92 -68.58 40.98 -67.86
C ALA E 92 -68.02 39.60 -68.13
N GLN E 93 -68.89 38.73 -68.66
CA GLN E 93 -68.48 37.39 -69.05
C GLN E 93 -67.81 37.42 -70.41
N VAL E 94 -67.04 36.37 -70.68
CA VAL E 94 -66.34 36.21 -71.95
C VAL E 94 -66.90 34.98 -72.64
N THR E 95 -67.47 35.16 -73.84
CA THR E 95 -68.05 34.07 -74.59
C THR E 95 -67.29 33.74 -75.87
N ASP E 96 -66.36 34.60 -76.30
CA ASP E 96 -65.57 34.36 -77.50
C ASP E 96 -64.10 34.36 -77.14
N TYR E 97 -63.36 33.41 -77.73
CA TYR E 97 -61.95 33.22 -77.45
C TYR E 97 -61.14 33.22 -78.74
N ILE E 98 -61.37 34.23 -79.56
CA ILE E 98 -60.59 34.42 -80.79
C ILE E 98 -59.14 34.73 -80.42
N PRO E 99 -58.17 34.00 -80.96
CA PRO E 99 -56.77 34.21 -80.55
C PRO E 99 -56.23 35.56 -81.02
N GLY E 100 -55.33 36.13 -80.22
CA GLY E 100 -54.73 37.40 -80.53
C GLY E 100 -53.27 37.45 -80.14
N PRO E 101 -52.80 38.61 -79.64
CA PRO E 101 -53.50 39.89 -79.45
C PRO E 101 -53.67 40.69 -80.74
N TYR E 102 -54.77 41.44 -80.91
CA TYR E 102 -55.82 41.60 -79.91
C TYR E 102 -56.94 40.59 -80.08
N LEU E 103 -57.88 40.58 -79.13
CA LEU E 103 -58.99 39.64 -79.13
C LEU E 103 -60.25 40.35 -79.59
N ARG E 104 -60.99 39.70 -80.49
CA ARG E 104 -62.29 40.19 -80.93
C ARG E 104 -63.39 39.53 -80.12
N ALA E 105 -63.38 39.81 -78.82
CA ALA E 105 -64.33 39.25 -77.87
C ALA E 105 -65.21 40.36 -77.31
N ARG E 106 -66.51 40.09 -77.25
CA ARG E 106 -67.49 41.05 -76.73
C ARG E 106 -67.92 40.62 -75.34
N GLY E 107 -67.85 41.56 -74.39
CA GLY E 107 -68.29 41.27 -73.04
C GLY E 107 -69.80 41.19 -72.94
N GLU E 108 -70.25 40.51 -71.89
CA GLU E 108 -71.68 40.31 -71.65
C GLU E 108 -72.23 41.46 -70.80
N VAL E 109 -73.42 41.25 -70.23
CA VAL E 109 -74.05 42.28 -69.41
C VAL E 109 -73.31 42.42 -68.07
N PHE E 110 -73.64 43.49 -67.35
CA PHE E 110 -72.99 43.79 -66.09
C PHE E 110 -73.39 42.79 -65.02
N SER E 111 -72.40 42.28 -64.29
CA SER E 111 -72.63 41.33 -63.21
C SER E 111 -72.23 41.91 -61.86
N GLU E 112 -72.32 43.24 -61.72
CA GLU E 112 -71.99 43.92 -60.47
C GLU E 112 -73.25 43.99 -59.61
N ILE E 113 -73.20 43.38 -58.43
CA ILE E 113 -74.33 43.32 -57.52
C ILE E 113 -73.91 43.89 -56.17
N PHE E 114 -74.77 44.73 -55.60
CA PHE E 114 -74.51 45.30 -54.29
C PHE E 114 -74.67 44.24 -53.22
N PRO E 115 -73.71 44.07 -52.31
CA PRO E 115 -73.85 43.09 -51.23
C PRO E 115 -74.93 43.47 -50.23
N ILE E 116 -75.45 42.46 -49.54
CA ILE E 116 -76.49 42.66 -48.53
C ILE E 116 -75.89 43.35 -47.31
N ASP E 117 -76.66 44.27 -46.72
CA ASP E 117 -76.36 44.96 -45.46
C ASP E 117 -75.09 45.80 -45.58
N GLU E 118 -75.23 46.89 -46.34
CA GLU E 118 -74.13 47.76 -46.77
C GLU E 118 -73.41 48.47 -45.63
N ALA E 119 -73.95 48.47 -44.40
CA ALA E 119 -73.27 49.11 -43.27
C ALA E 119 -71.96 48.41 -42.94
N VAL E 120 -71.96 47.08 -42.95
CA VAL E 120 -70.74 46.31 -42.72
C VAL E 120 -69.75 46.53 -43.86
N VAL E 121 -70.26 46.72 -45.09
CA VAL E 121 -69.43 47.06 -46.24
C VAL E 121 -68.73 48.39 -46.02
N ARG E 122 -69.47 49.39 -45.53
CA ARG E 122 -68.89 50.71 -45.29
C ARG E 122 -67.90 50.67 -44.14
N VAL E 123 -68.17 49.86 -43.11
CA VAL E 123 -67.24 49.68 -42.00
C VAL E 123 -65.94 49.05 -42.49
N LEU E 124 -66.03 48.03 -43.35
CA LEU E 124 -64.84 47.41 -43.92
C LEU E 124 -64.08 48.35 -44.83
N VAL E 125 -64.80 49.21 -45.57
CA VAL E 125 -64.18 50.22 -46.42
C VAL E 125 -63.39 51.22 -45.56
N GLU E 126 -63.97 51.68 -44.46
CA GLU E 126 -63.27 52.62 -43.58
C GLU E 126 -62.07 51.96 -42.88
N GLU E 127 -62.21 50.69 -42.49
CA GLU E 127 -61.11 49.96 -41.86
C GLU E 127 -59.95 49.77 -42.83
N LEU E 128 -60.24 49.41 -44.08
CA LEU E 128 -59.19 49.24 -45.08
C LEU E 128 -58.59 50.57 -45.50
N LYS E 129 -59.39 51.65 -45.49
CA LYS E 129 -58.86 52.98 -45.79
C LYS E 129 -57.90 53.44 -44.70
N GLU E 130 -58.24 53.21 -43.43
CA GLU E 130 -57.33 53.57 -42.34
C GLU E 130 -56.09 52.69 -42.33
N ALA E 131 -56.23 51.40 -42.69
CA ALA E 131 -55.08 50.51 -42.80
C ALA E 131 -54.14 50.94 -43.92
N PHE E 132 -54.69 51.36 -45.06
CA PHE E 132 -53.87 51.85 -46.15
C PHE E 132 -53.22 53.19 -45.80
N GLU E 133 -53.93 54.04 -45.03
CA GLU E 133 -53.37 55.30 -44.56
C GLU E 133 -52.17 55.06 -43.64
N LYS E 134 -52.30 54.08 -42.72
CA LYS E 134 -51.19 53.73 -41.84
C LYS E 134 -50.05 53.08 -42.61
N TYR E 135 -50.38 52.32 -43.66
CA TYR E 135 -49.35 51.69 -44.49
C TYR E 135 -48.53 52.73 -45.25
N VAL E 136 -49.20 53.77 -45.78
CA VAL E 136 -48.48 54.86 -46.43
C VAL E 136 -47.70 55.68 -45.41
N ALA E 137 -48.27 55.88 -44.21
CA ALA E 137 -47.58 56.63 -43.17
C ALA E 137 -46.36 55.90 -42.64
N ASN E 138 -46.33 54.57 -42.75
CA ASN E 138 -45.13 53.83 -42.36
C ASN E 138 -43.97 54.08 -43.31
N HIS E 139 -44.26 54.25 -44.60
CA HIS E 139 -43.23 54.56 -45.60
C HIS E 139 -43.07 56.06 -45.83
N LYS E 140 -43.82 56.88 -45.09
CA LYS E 140 -43.66 58.34 -45.17
C LYS E 140 -42.25 58.80 -44.79
N SER E 141 -41.58 58.07 -43.89
CA SER E 141 -40.22 58.44 -43.48
C SER E 141 -39.18 58.25 -44.57
N LEU E 142 -39.50 57.50 -45.63
CA LEU E 142 -38.62 57.33 -46.78
C LEU E 142 -38.96 58.30 -47.92
N ARG E 143 -39.43 59.50 -47.57
CA ARG E 143 -39.79 60.59 -48.49
C ARG E 143 -40.89 60.15 -49.46
N LEU E 144 -42.06 59.84 -48.90
CA LEU E 144 -43.22 59.43 -49.66
C LEU E 144 -44.35 60.44 -49.47
N ASP E 145 -44.98 60.84 -50.58
CA ASP E 145 -46.08 61.79 -50.52
C ASP E 145 -47.34 61.13 -49.97
N ARG E 146 -48.28 61.97 -49.52
CA ARG E 146 -49.55 61.52 -48.97
C ARG E 146 -50.72 61.91 -49.87
N TYR E 147 -50.47 62.04 -51.17
CA TYR E 147 -51.51 62.45 -52.11
C TYR E 147 -52.41 61.30 -52.55
N GLN E 148 -52.06 60.06 -52.22
CA GLN E 148 -52.88 58.91 -52.57
C GLN E 148 -54.06 58.72 -51.63
N LEU E 149 -54.10 59.43 -50.51
CA LEU E 149 -55.22 59.35 -49.57
C LEU E 149 -56.25 60.45 -49.80
N GLU E 150 -56.04 61.33 -50.79
CA GLU E 150 -57.00 62.37 -51.10
C GLU E 150 -57.93 62.00 -52.24
N ALA E 151 -57.78 60.82 -52.83
CA ALA E 151 -58.65 60.34 -53.89
C ALA E 151 -59.68 59.34 -53.39
N VAL E 152 -59.76 59.13 -52.07
CA VAL E 152 -60.71 58.20 -51.48
C VAL E 152 -61.78 58.94 -50.67
N LYS E 153 -61.96 60.24 -50.92
CA LYS E 153 -62.97 61.02 -50.25
C LYS E 153 -63.80 61.81 -51.26
N GLY E 154 -64.78 62.58 -50.77
CA GLY E 154 -65.61 63.39 -51.63
C GLY E 154 -66.88 62.74 -52.12
N THR E 155 -67.08 61.44 -51.85
CA THR E 155 -68.28 60.73 -52.25
C THR E 155 -68.78 59.89 -51.09
N SER E 156 -69.98 59.36 -51.24
CA SER E 156 -70.64 58.57 -50.20
C SER E 156 -71.13 57.24 -50.75
N ASP E 157 -70.28 56.56 -51.52
CA ASP E 157 -70.60 55.23 -52.02
C ASP E 157 -69.51 54.26 -51.58
N PRO E 158 -69.85 53.19 -50.86
CA PRO E 158 -68.81 52.24 -50.41
C PRO E 158 -68.18 51.45 -51.55
N ALA E 159 -68.90 51.21 -52.64
CA ALA E 159 -68.42 50.34 -53.70
C ALA E 159 -67.29 50.99 -54.49
N MET E 160 -67.46 52.27 -54.85
CA MET E 160 -66.45 52.99 -55.62
C MET E 160 -65.17 53.16 -54.81
N LEU E 161 -65.32 53.49 -53.52
CA LEU E 161 -64.17 53.66 -52.64
C LEU E 161 -63.47 52.33 -52.40
N ALA E 162 -64.23 51.23 -52.27
CA ALA E 162 -63.64 49.90 -52.12
C ALA E 162 -62.85 49.52 -53.35
N ASP E 163 -63.38 49.81 -54.54
CA ASP E 163 -62.68 49.47 -55.78
C ASP E 163 -61.41 50.30 -55.95
N THR E 164 -61.46 51.60 -55.65
CA THR E 164 -60.26 52.42 -55.83
C THR E 164 -59.22 52.13 -54.75
N ILE E 165 -59.64 51.70 -53.56
CA ILE E 165 -58.68 51.30 -52.53
C ILE E 165 -58.03 49.97 -52.88
N ALA E 166 -58.83 49.02 -53.40
CA ALA E 166 -58.28 47.73 -53.80
C ALA E 166 -57.39 47.86 -55.03
N TYR E 167 -57.62 48.87 -55.86
CA TYR E 167 -56.68 49.16 -56.93
C TYR E 167 -55.42 49.82 -56.41
N HIS E 168 -55.56 50.72 -55.42
CA HIS E 168 -54.43 51.54 -54.96
C HIS E 168 -53.39 50.71 -54.23
N ALA E 169 -53.76 49.55 -53.69
CA ALA E 169 -52.79 48.63 -53.13
C ALA E 169 -52.20 47.80 -54.27
N THR E 170 -50.94 48.05 -54.61
CA THR E 170 -50.29 47.40 -55.75
C THR E 170 -49.89 45.98 -55.34
N TRP E 171 -50.41 44.99 -56.04
CA TRP E 171 -50.13 43.60 -55.75
C TRP E 171 -49.76 42.85 -57.03
N THR E 172 -49.63 41.53 -56.90
CA THR E 172 -49.38 40.68 -58.06
C THR E 172 -50.60 40.65 -58.98
N VAL E 173 -50.35 40.49 -60.27
CA VAL E 173 -51.38 40.63 -61.28
C VAL E 173 -52.34 39.43 -61.25
N ALA E 174 -51.81 38.23 -60.98
CA ALA E 174 -52.65 37.04 -60.92
C ALA E 174 -53.60 37.08 -59.73
N GLU E 175 -53.12 37.54 -58.57
CA GLU E 175 -54.00 37.72 -57.44
C GLU E 175 -54.96 38.88 -57.65
N LYS E 176 -54.57 39.88 -58.44
CA LYS E 176 -55.49 40.94 -58.83
C LYS E 176 -56.61 40.40 -59.73
N GLN E 177 -56.28 39.46 -60.63
CA GLN E 177 -57.31 38.80 -61.43
C GLN E 177 -58.22 37.95 -60.57
N GLU E 178 -57.66 37.27 -59.57
CA GLU E 178 -58.46 36.50 -58.63
C GLU E 178 -59.38 37.39 -57.82
N ILE E 179 -58.92 38.61 -57.50
CA ILE E 179 -59.77 39.62 -56.89
C ILE E 179 -60.89 40.04 -57.85
N LEU E 180 -60.54 40.24 -59.13
CA LEU E 180 -61.50 40.71 -60.11
C LEU E 180 -62.57 39.67 -60.44
N GLU E 181 -62.26 38.39 -60.27
CA GLU E 181 -63.23 37.33 -60.55
C GLU E 181 -64.29 37.18 -59.48
N LEU E 182 -64.19 37.96 -58.40
CA LEU E 182 -65.16 37.95 -57.31
C LEU E 182 -66.10 39.12 -57.52
N THR E 183 -67.38 38.82 -57.74
CA THR E 183 -68.36 39.87 -58.01
C THR E 183 -68.68 40.68 -56.75
N ASP E 184 -68.75 40.02 -55.60
CA ASP E 184 -68.99 40.72 -54.35
C ASP E 184 -67.76 41.54 -53.96
N LEU E 185 -68.01 42.63 -53.25
CA LEU E 185 -66.95 43.54 -52.83
C LEU E 185 -66.58 43.38 -51.36
N GLU E 186 -66.83 42.20 -50.79
CA GLU E 186 -66.33 41.85 -49.46
C GLU E 186 -65.15 40.91 -49.54
N ALA E 187 -65.25 39.89 -50.40
CA ALA E 187 -64.18 38.92 -50.55
C ALA E 187 -62.92 39.56 -51.14
N ARG E 188 -63.10 40.56 -52.00
CA ARG E 188 -61.94 41.25 -52.55
C ARG E 188 -61.24 42.09 -51.49
N LEU E 189 -62.00 42.66 -50.54
CA LEU E 189 -61.38 43.44 -49.47
C LEU E 189 -60.66 42.52 -48.49
N LYS E 190 -61.27 41.36 -48.18
CA LYS E 190 -60.59 40.38 -47.34
C LYS E 190 -59.36 39.81 -48.04
N LYS E 191 -59.39 39.74 -49.37
CA LYS E 191 -58.19 39.39 -50.13
C LYS E 191 -57.12 40.47 -50.03
N VAL E 192 -57.54 41.74 -50.00
CA VAL E 192 -56.57 42.84 -49.85
C VAL E 192 -55.88 42.75 -48.49
N LEU E 193 -56.66 42.50 -47.43
CA LEU E 193 -56.05 42.28 -46.11
C LEU E 193 -55.21 41.01 -46.07
N GLY E 194 -55.59 39.98 -46.83
CA GLY E 194 -54.78 38.77 -46.89
C GLY E 194 -53.43 38.98 -47.56
N LEU E 195 -53.42 39.71 -48.67
CA LEU E 195 -52.16 40.01 -49.36
C LEU E 195 -51.30 40.96 -48.55
N LEU E 196 -51.93 41.93 -47.87
CA LEU E 196 -51.21 42.81 -46.96
C LEU E 196 -50.61 42.03 -45.80
N SER E 197 -51.35 41.05 -45.29
CA SER E 197 -50.88 40.22 -44.18
C SER E 197 -49.69 39.37 -44.60
N ARG E 198 -49.75 38.75 -45.78
CA ARG E 198 -48.63 37.90 -46.20
C ARG E 198 -47.41 38.74 -46.58
N ASP E 199 -47.64 39.96 -47.09
CA ASP E 199 -46.51 40.83 -47.42
C ASP E 199 -45.81 41.34 -46.17
N LEU E 200 -46.59 41.76 -45.17
CA LEU E 200 -45.98 42.16 -43.90
C LEU E 200 -45.38 40.96 -43.17
N GLU E 201 -45.93 39.76 -43.36
CA GLU E 201 -45.33 38.58 -42.76
C GLU E 201 -43.98 38.23 -43.38
N ARG E 202 -43.85 38.33 -44.70
CA ARG E 202 -42.55 38.02 -45.30
C ARG E 202 -41.54 39.14 -45.04
N PHE E 203 -42.00 40.39 -44.94
CA PHE E 203 -41.07 41.47 -44.59
C PHE E 203 -40.63 41.37 -43.14
N GLU E 204 -41.54 40.98 -42.24
CA GLU E 204 -41.16 40.74 -40.86
C GLU E 204 -40.27 39.50 -40.75
N LEU E 205 -40.43 38.54 -41.64
CA LEU E 205 -39.52 37.39 -41.68
C LEU E 205 -38.11 37.81 -42.09
N ASP E 206 -38.02 38.74 -43.06
CA ASP E 206 -36.72 39.32 -43.41
C ASP E 206 -36.12 40.09 -42.24
N LYS E 207 -36.97 40.81 -41.49
CA LYS E 207 -36.51 41.49 -40.29
C LYS E 207 -36.06 40.50 -39.22
N ARG E 208 -36.74 39.35 -39.12
CA ARG E 208 -36.33 38.30 -38.19
C ARG E 208 -34.96 37.72 -38.57
N VAL E 209 -34.74 37.50 -39.86
CA VAL E 209 -33.44 36.98 -40.33
C VAL E 209 -32.34 38.01 -40.09
N ALA E 210 -32.65 39.30 -40.26
CA ALA E 210 -31.72 40.36 -39.90
C ALA E 210 -31.43 40.38 -38.40
N GLN E 211 -32.45 40.12 -37.58
CA GLN E 211 -32.23 39.99 -36.14
C GLN E 211 -31.39 38.77 -35.80
N ARG E 212 -31.55 37.68 -36.55
CA ARG E 212 -30.74 36.49 -36.32
C ARG E 212 -29.28 36.73 -36.68
N VAL E 213 -29.01 37.44 -37.77
CA VAL E 213 -27.61 37.65 -38.15
C VAL E 213 -26.96 38.73 -37.28
N LYS E 214 -27.75 39.72 -36.82
CA LYS E 214 -27.23 40.67 -35.84
C LYS E 214 -27.02 39.98 -34.50
N GLU E 215 -27.87 38.99 -34.19
CA GLU E 215 -27.72 38.19 -32.98
C GLU E 215 -26.47 37.32 -33.05
N GLN E 216 -26.18 36.74 -34.22
CA GLN E 216 -24.96 35.96 -34.40
C GLN E 216 -23.72 36.83 -34.31
N MET E 217 -23.75 38.02 -34.90
CA MET E 217 -22.63 38.95 -34.78
C MET E 217 -22.46 39.43 -33.34
N ASP E 218 -23.57 39.62 -32.63
CA ASP E 218 -23.47 40.10 -31.26
C ASP E 218 -23.03 38.99 -30.31
N THR E 219 -23.47 37.75 -30.55
CA THR E 219 -22.97 36.63 -29.77
C THR E 219 -21.49 36.37 -30.05
N ASN E 220 -21.07 36.52 -31.31
CA ASN E 220 -19.65 36.40 -31.61
C ASN E 220 -18.87 37.54 -30.98
N GLN E 221 -19.48 38.73 -30.89
CA GLN E 221 -18.86 39.85 -30.19
C GLN E 221 -18.72 39.54 -28.70
N ARG E 222 -19.77 39.01 -28.10
CA ARG E 222 -19.80 38.73 -26.67
C ARG E 222 -19.06 37.45 -26.30
N GLU E 223 -18.67 36.62 -27.27
CA GLU E 223 -17.70 35.56 -27.02
C GLU E 223 -16.38 35.80 -27.76
N SER E 224 -16.14 37.02 -28.23
CA SER E 224 -14.91 37.30 -28.95
C SER E 224 -14.12 38.48 -28.39
N TYR E 225 -14.84 39.52 -27.92
CA TYR E 225 -14.21 40.79 -27.54
C TYR E 225 -13.28 40.54 -26.36
N LEU E 226 -13.69 39.61 -25.52
CA LEU E 226 -12.96 39.21 -24.33
C LEU E 226 -11.95 38.14 -24.68
N ARG E 227 -12.02 37.57 -25.89
CA ARG E 227 -10.87 36.82 -26.36
C ARG E 227 -9.76 37.73 -26.85
N GLU E 228 -10.05 38.92 -27.41
CA GLU E 228 -8.91 39.83 -27.62
C GLU E 228 -8.45 40.49 -26.32
N GLN E 229 -9.39 40.66 -25.37
CA GLN E 229 -8.99 41.19 -24.05
C GLN E 229 -8.20 40.11 -23.31
N MET E 230 -8.70 38.87 -23.33
CA MET E 230 -8.02 37.75 -22.64
C MET E 230 -6.61 37.59 -23.20
N LYS E 231 -6.49 37.47 -24.54
CA LYS E 231 -5.15 37.24 -25.15
C LYS E 231 -4.25 38.42 -24.78
N ALA E 232 -4.78 39.64 -24.82
CA ALA E 232 -3.97 40.83 -24.46
C ALA E 232 -3.42 40.66 -23.05
N ILE E 233 -4.23 40.10 -22.14
CA ILE E 233 -3.79 39.88 -20.73
C ILE E 233 -3.20 38.46 -20.62
N GLN E 234 -3.23 37.70 -21.73
CA GLN E 234 -2.71 36.31 -21.72
C GLN E 234 -1.47 36.23 -22.63
N LYS E 235 -0.94 37.38 -23.05
CA LYS E 235 0.24 37.39 -23.96
C LYS E 235 1.39 36.66 -23.27
N GLU E 236 1.88 35.57 -23.87
CA GLU E 236 3.02 34.79 -23.30
C GLU E 236 2.56 34.01 -22.06
N LEU E 237 1.35 34.28 -21.57
CA LEU E 237 0.81 33.54 -20.40
C LEU E 237 0.71 32.05 -20.76
N GLY E 238 1.29 31.18 -19.94
CA GLY E 238 1.30 29.73 -20.26
C GLY E 238 2.28 29.44 -21.38
N GLY E 239 2.48 30.40 -22.29
CA GLY E 239 3.42 30.22 -23.41
C GLY E 239 2.91 30.91 -24.67
N GLU E 240 3.66 31.89 -25.17
CA GLU E 240 3.28 32.58 -26.43
C GLU E 240 3.21 31.55 -27.55
N ASP E 241 4.13 30.58 -27.55
CA ASP E 241 4.12 29.53 -28.56
C ASP E 241 2.86 28.69 -28.42
N GLY E 242 2.43 28.49 -27.17
CA GLY E 242 1.15 27.88 -26.92
C GLY E 242 -0.03 28.80 -27.18
N LEU E 243 0.19 30.11 -27.35
CA LEU E 243 -0.90 31.02 -27.68
C LEU E 243 -1.46 30.78 -29.07
N SER E 244 -0.58 30.56 -30.05
CA SER E 244 -1.05 30.31 -31.41
C SER E 244 -1.79 28.98 -31.50
N ASP E 245 -1.22 27.94 -30.88
CA ASP E 245 -1.91 26.67 -30.74
C ASP E 245 -3.21 26.83 -29.97
N LEU E 246 -3.19 27.60 -28.89
CA LEU E 246 -4.34 27.81 -28.03
C LEU E 246 -5.49 28.51 -28.76
N GLU E 247 -5.18 29.50 -29.59
CA GLU E 247 -6.22 30.14 -30.37
C GLU E 247 -6.69 29.25 -31.51
N ALA E 248 -5.81 28.39 -32.04
CA ALA E 248 -6.24 27.37 -32.99
C ALA E 248 -7.22 26.40 -32.33
N LEU E 249 -6.97 26.07 -31.07
CA LEU E 249 -7.91 25.23 -30.34
C LEU E 249 -9.22 25.96 -30.08
N ARG E 250 -9.16 27.25 -29.78
CA ARG E 250 -10.38 27.99 -29.47
C ARG E 250 -11.26 28.18 -30.70
N LYS E 251 -10.63 28.33 -31.88
CA LYS E 251 -11.44 28.38 -33.10
C LYS E 251 -11.90 26.99 -33.53
N LYS E 252 -11.08 25.96 -33.31
CA LYS E 252 -11.47 24.60 -33.68
C LYS E 252 -12.44 23.98 -32.69
N ILE E 253 -12.64 24.65 -31.55
CA ILE E 253 -13.67 24.16 -30.58
C ILE E 253 -15.04 24.35 -31.23
N GLU E 254 -15.14 25.33 -32.14
CA GLU E 254 -16.42 25.63 -32.83
C GLU E 254 -16.36 25.14 -34.28
N GLU E 255 -15.19 25.29 -34.93
CA GLU E 255 -15.06 24.91 -36.36
C GLU E 255 -15.34 23.41 -36.52
N VAL E 256 -14.70 22.57 -35.69
CA VAL E 256 -14.90 21.09 -35.78
C VAL E 256 -16.26 20.75 -35.17
N GLY E 257 -16.85 19.62 -35.56
CA GLY E 257 -18.18 19.25 -35.06
C GLY E 257 -18.13 18.72 -33.63
N MET E 258 -17.86 19.62 -32.67
CA MET E 258 -17.76 19.22 -31.24
C MET E 258 -19.17 19.01 -30.68
N PRO E 259 -19.52 17.81 -30.17
CA PRO E 259 -20.82 17.61 -29.54
C PRO E 259 -21.01 18.70 -28.47
N GLU E 260 -22.24 19.21 -28.32
CA GLU E 260 -22.47 20.33 -27.37
C GLU E 260 -21.67 20.08 -26.10
N ALA E 261 -21.83 18.90 -25.48
CA ALA E 261 -21.13 18.59 -24.22
C ALA E 261 -19.61 18.58 -24.45
N VAL E 262 -19.15 17.95 -25.53
CA VAL E 262 -17.70 17.92 -25.87
C VAL E 262 -17.23 19.37 -26.05
N LYS E 263 -17.98 20.18 -26.79
CA LYS E 263 -17.63 21.61 -26.97
C LYS E 263 -17.74 22.31 -25.60
N THR E 264 -18.73 21.90 -24.79
CA THR E 264 -18.88 22.48 -23.47
C THR E 264 -17.66 22.19 -22.59
N LYS E 265 -17.18 20.95 -22.59
CA LYS E 265 -15.96 20.63 -21.84
C LYS E 265 -14.75 21.31 -22.45
N ALA E 266 -14.78 21.54 -23.78
CA ALA E 266 -13.74 22.31 -24.44
C ALA E 266 -13.72 23.73 -23.93
N LEU E 267 -14.88 24.36 -23.79
CA LEU E 267 -14.93 25.74 -23.35
C LEU E 267 -14.74 25.87 -21.84
N LYS E 268 -15.08 24.85 -21.06
CA LYS E 268 -14.72 24.87 -19.63
C LYS E 268 -13.22 24.77 -19.46
N GLU E 269 -12.58 23.89 -20.22
CA GLU E 269 -11.13 23.81 -20.17
C GLU E 269 -10.49 25.06 -20.74
N LEU E 270 -11.16 25.72 -21.68
CA LEU E 270 -10.74 27.05 -22.12
C LEU E 270 -10.85 28.03 -20.95
N ASP E 271 -11.90 27.90 -20.15
CA ASP E 271 -12.00 28.69 -18.93
C ASP E 271 -10.96 28.24 -17.91
N ARG E 272 -10.55 26.99 -17.97
CA ARG E 272 -9.42 26.52 -17.17
C ARG E 272 -8.08 26.96 -17.74
N LEU E 273 -7.96 27.05 -19.07
CA LEU E 273 -6.69 27.35 -19.71
C LEU E 273 -6.43 28.87 -19.62
N GLU E 274 -5.45 29.34 -20.41
CA GLU E 274 -4.97 30.71 -20.47
C GLU E 274 -4.44 31.19 -19.13
N ARG E 275 -3.72 30.33 -18.39
CA ARG E 275 -3.56 30.52 -16.95
C ARG E 275 -2.70 31.71 -16.52
N MET E 276 -3.37 32.83 -16.25
CA MET E 276 -2.78 33.93 -15.48
C MET E 276 -2.65 33.62 -13.98
N GLN E 277 -3.03 32.41 -13.52
CA GLN E 277 -2.39 31.93 -12.30
C GLN E 277 -0.89 31.91 -12.46
N GLN E 278 -0.39 31.00 -13.30
CA GLN E 278 1.01 30.82 -13.61
C GLN E 278 1.08 30.05 -14.92
N GLY E 279 2.19 30.17 -15.64
CA GLY E 279 2.45 29.25 -16.73
C GLY E 279 2.98 27.92 -16.26
N SER E 280 2.18 27.19 -15.48
CA SER E 280 2.61 26.00 -14.78
C SER E 280 2.58 24.78 -15.69
N PRO E 281 3.03 23.61 -15.20
CA PRO E 281 2.68 22.34 -15.86
C PRO E 281 1.19 22.14 -16.13
N GLU E 282 0.32 22.64 -15.25
CA GLU E 282 -1.12 22.55 -15.48
C GLU E 282 -1.57 23.38 -16.69
N ALA E 283 -0.85 24.46 -16.99
CA ALA E 283 -1.12 25.20 -18.23
C ALA E 283 -0.85 24.33 -19.45
N THR E 284 0.24 23.56 -19.39
CA THR E 284 0.52 22.60 -20.44
C THR E 284 -0.49 21.46 -20.43
N VAL E 285 -1.03 21.12 -19.25
CA VAL E 285 -2.07 20.11 -19.14
C VAL E 285 -3.34 20.56 -19.88
N ALA E 286 -3.77 21.79 -19.65
CA ALA E 286 -4.98 22.24 -20.33
C ALA E 286 -4.73 22.51 -21.82
N ARG E 287 -3.51 22.95 -22.17
CA ARG E 287 -3.11 23.05 -23.58
C ARG E 287 -3.14 21.71 -24.28
N THR E 288 -2.59 20.66 -23.66
CA THR E 288 -2.62 19.35 -24.30
C THR E 288 -4.02 18.76 -24.27
N TYR E 289 -4.85 19.15 -23.30
CA TYR E 289 -6.25 18.73 -23.28
C TYR E 289 -6.99 19.24 -24.50
N LEU E 290 -6.93 20.54 -24.75
CA LEU E 290 -7.66 21.08 -25.89
C LEU E 290 -6.96 20.74 -27.20
N ASP E 291 -5.63 20.52 -27.16
CA ASP E 291 -4.90 20.03 -28.32
C ASP E 291 -5.22 18.57 -28.61
N TRP E 292 -5.74 17.87 -27.62
CA TRP E 292 -6.25 16.53 -27.84
C TRP E 292 -7.68 16.57 -28.34
N LEU E 293 -8.45 17.56 -27.91
CA LEU E 293 -9.89 17.51 -28.15
C LEU E 293 -10.24 17.81 -29.60
N THR E 294 -9.87 18.99 -30.09
CA THR E 294 -10.31 19.39 -31.41
C THR E 294 -9.54 18.66 -32.50
N GLU E 295 -8.33 18.21 -32.22
CA GLU E 295 -7.52 17.49 -33.19
C GLU E 295 -7.99 16.07 -33.38
N VAL E 296 -8.62 15.50 -32.37
CA VAL E 296 -9.48 14.33 -32.60
C VAL E 296 -10.61 14.75 -33.53
N PRO E 297 -10.94 13.94 -34.54
CA PRO E 297 -12.05 14.29 -35.44
C PRO E 297 -13.40 14.29 -34.74
N TRP E 298 -14.24 15.23 -35.17
CA TRP E 298 -15.54 15.41 -34.55
C TRP E 298 -16.51 15.85 -35.64
N SER E 299 -17.51 15.02 -35.91
CA SER E 299 -18.45 15.15 -37.02
C SER E 299 -17.75 15.29 -38.37
N LYS E 300 -16.59 14.66 -38.53
CA LYS E 300 -15.83 14.67 -39.78
C LYS E 300 -15.67 13.25 -40.27
N ALA E 301 -16.26 12.95 -41.42
CA ALA E 301 -16.49 11.58 -41.83
C ALA E 301 -15.91 11.35 -43.23
N ASP E 302 -16.21 10.18 -43.78
CA ASP E 302 -15.79 9.68 -45.07
C ASP E 302 -16.98 9.28 -45.93
N PRO E 303 -16.83 9.33 -47.24
CA PRO E 303 -17.75 8.60 -48.12
C PRO E 303 -17.38 7.12 -48.11
N GLU E 304 -18.19 6.33 -47.44
CA GLU E 304 -17.98 4.90 -47.36
C GLU E 304 -18.37 4.24 -48.67
N VAL E 305 -17.92 3.01 -48.85
CA VAL E 305 -18.35 2.20 -49.99
C VAL E 305 -19.32 1.16 -49.46
N LEU E 306 -20.55 1.23 -49.95
CA LEU E 306 -21.63 0.38 -49.51
C LEU E 306 -21.69 -0.92 -50.27
N ASP E 307 -20.69 -1.17 -51.11
CA ASP E 307 -20.63 -2.35 -51.95
C ASP E 307 -19.50 -3.24 -51.50
N ILE E 308 -19.73 -4.54 -51.55
CA ILE E 308 -18.69 -5.49 -51.19
C ILE E 308 -18.11 -6.20 -52.39
N ASN E 309 -18.72 -6.07 -53.58
CA ASN E 309 -18.12 -6.63 -54.78
C ASN E 309 -16.85 -5.86 -55.14
N HIS E 310 -16.93 -4.53 -55.08
CA HIS E 310 -15.72 -3.73 -55.23
C HIS E 310 -14.74 -3.95 -54.08
N THR E 311 -15.26 -4.21 -52.88
CA THR E 311 -14.39 -4.59 -51.77
C THR E 311 -13.74 -5.94 -52.02
N ARG E 312 -14.46 -6.86 -52.68
CA ARG E 312 -13.82 -8.10 -53.12
C ARG E 312 -12.71 -7.81 -54.13
N GLN E 313 -12.94 -6.83 -55.00
CA GLN E 313 -11.92 -6.45 -55.98
C GLN E 313 -10.68 -5.87 -55.30
N VAL E 314 -10.88 -5.01 -54.29
CA VAL E 314 -9.75 -4.40 -53.58
C VAL E 314 -8.99 -5.45 -52.78
N LEU E 315 -9.69 -6.46 -52.25
CA LEU E 315 -8.99 -7.58 -51.65
C LEU E 315 -8.24 -8.42 -52.68
N ASP E 316 -8.81 -8.56 -53.89
CA ASP E 316 -8.17 -9.42 -54.87
C ASP E 316 -6.94 -8.77 -55.50
N GLU E 317 -6.90 -7.43 -55.53
CA GLU E 317 -5.84 -6.77 -56.30
C GLU E 317 -4.48 -6.83 -55.61
N ASP E 318 -4.43 -6.74 -54.28
CA ASP E 318 -3.14 -6.58 -53.63
C ASP E 318 -2.67 -7.81 -52.85
N HIS E 319 -3.56 -8.54 -52.22
CA HIS E 319 -3.19 -9.67 -51.38
C HIS E 319 -3.56 -10.95 -52.10
N TYR E 320 -2.63 -11.88 -52.18
CA TYR E 320 -2.90 -13.17 -52.79
C TYR E 320 -2.99 -14.20 -51.67
N GLY E 321 -4.21 -14.52 -51.26
CA GLY E 321 -4.45 -15.40 -50.15
C GLY E 321 -4.87 -16.80 -50.54
N LEU E 322 -5.27 -17.57 -49.52
CA LEU E 322 -5.84 -18.90 -49.70
C LEU E 322 -7.32 -18.91 -50.03
N LYS E 323 -7.96 -17.73 -50.10
CA LYS E 323 -9.41 -17.57 -50.26
C LYS E 323 -10.17 -18.28 -49.14
N ASP E 324 -9.62 -18.22 -47.92
CA ASP E 324 -10.25 -18.86 -46.77
C ASP E 324 -10.80 -17.85 -45.78
N VAL E 325 -10.06 -16.78 -45.53
CA VAL E 325 -10.32 -15.94 -44.38
C VAL E 325 -10.73 -14.54 -44.83
N LYS E 326 -10.84 -14.35 -46.13
CA LYS E 326 -11.12 -13.05 -46.71
C LYS E 326 -12.56 -12.86 -47.11
N GLU E 327 -13.27 -13.95 -47.37
CA GLU E 327 -14.68 -13.87 -47.72
C GLU E 327 -15.54 -13.63 -46.49
N ARG E 328 -15.05 -14.05 -45.32
CA ARG E 328 -15.75 -13.86 -44.07
C ARG E 328 -15.76 -12.40 -43.67
N ILE E 329 -14.79 -11.63 -44.18
CA ILE E 329 -14.83 -10.19 -44.06
C ILE E 329 -16.01 -9.63 -44.81
N LEU E 330 -16.28 -10.16 -46.00
CA LEU E 330 -17.47 -9.76 -46.74
C LEU E 330 -18.73 -10.20 -46.02
N GLU E 331 -18.66 -11.35 -45.33
CA GLU E 331 -19.80 -11.81 -44.54
C GLU E 331 -20.13 -10.82 -43.44
N TYR E 332 -19.12 -10.32 -42.74
CA TYR E 332 -19.37 -9.32 -41.72
C TYR E 332 -19.85 -8.01 -42.34
N LEU E 333 -19.24 -7.60 -43.44
CA LEU E 333 -19.59 -6.34 -44.07
C LEU E 333 -20.94 -6.39 -44.78
N ALA E 334 -21.55 -7.57 -44.91
CA ALA E 334 -22.87 -7.66 -45.54
C ALA E 334 -23.96 -6.99 -44.70
N VAL E 335 -23.69 -6.72 -43.43
CA VAL E 335 -24.66 -5.98 -42.63
C VAL E 335 -24.33 -4.49 -42.61
N ARG E 336 -23.09 -4.14 -42.89
CA ARG E 336 -22.56 -2.86 -42.43
C ARG E 336 -23.19 -1.69 -43.18
N GLN E 337 -23.74 -1.95 -44.36
CA GLN E 337 -24.66 -1.03 -45.00
C GLN E 337 -26.12 -1.45 -44.82
N LEU E 338 -26.35 -2.71 -44.47
CA LEU E 338 -27.67 -3.33 -44.47
C LEU E 338 -28.27 -3.28 -43.08
N THR E 339 -27.86 -2.31 -42.28
CA THR E 339 -28.36 -2.18 -40.93
C THR E 339 -29.80 -1.70 -40.94
N GLN E 340 -30.48 -1.89 -39.81
CA GLN E 340 -31.85 -1.45 -39.66
C GLN E 340 -31.89 0.08 -39.64
N GLY E 341 -32.51 0.67 -40.66
CA GLY E 341 -32.39 2.10 -40.87
C GLY E 341 -31.16 2.52 -41.64
N LEU E 342 -30.31 1.56 -42.04
CA LEU E 342 -29.15 1.75 -42.92
C LEU E 342 -28.16 2.76 -42.33
N ASP E 343 -27.71 2.47 -41.12
CA ASP E 343 -26.83 3.37 -40.38
C ASP E 343 -25.69 2.54 -39.81
N VAL E 344 -24.93 3.10 -38.87
CA VAL E 344 -23.81 2.36 -38.30
C VAL E 344 -24.16 1.90 -36.88
N ARG E 345 -24.72 0.70 -36.78
CA ARG E 345 -24.82 -0.07 -35.55
C ARG E 345 -24.07 -1.38 -35.75
N ASN E 346 -23.63 -2.01 -34.65
CA ASN E 346 -22.90 -3.28 -34.80
C ASN E 346 -23.84 -4.47 -34.69
N LYS E 347 -24.39 -4.71 -33.48
CA LYS E 347 -25.20 -5.88 -33.12
C LYS E 347 -24.65 -7.20 -33.65
N ALA E 348 -23.33 -7.38 -33.60
CA ALA E 348 -22.64 -8.42 -34.35
C ALA E 348 -21.25 -8.61 -33.77
N PRO E 349 -20.53 -9.69 -34.14
CA PRO E 349 -19.12 -9.82 -33.70
C PRO E 349 -18.19 -8.75 -34.23
N ILE E 350 -17.04 -8.61 -33.56
CA ILE E 350 -16.09 -7.53 -33.83
C ILE E 350 -14.83 -8.07 -34.55
N LEU E 351 -14.94 -9.25 -35.16
CA LEU E 351 -14.08 -9.71 -36.27
C LEU E 351 -12.61 -9.83 -35.89
N VAL E 352 -12.27 -10.70 -34.94
CA VAL E 352 -10.92 -10.73 -34.39
C VAL E 352 -10.03 -11.63 -35.23
N LEU E 353 -8.79 -11.21 -35.40
CA LEU E 353 -7.84 -11.93 -36.24
C LEU E 353 -6.78 -12.58 -35.36
N VAL E 354 -6.64 -13.88 -35.48
CA VAL E 354 -5.84 -14.68 -34.56
C VAL E 354 -4.91 -15.56 -35.38
N GLY E 355 -3.68 -15.73 -34.91
CA GLY E 355 -2.71 -16.49 -35.67
C GLY E 355 -1.27 -16.14 -35.34
N PRO E 356 -0.41 -16.14 -36.36
CA PRO E 356 0.94 -15.63 -36.20
C PRO E 356 0.92 -14.12 -36.15
N PRO E 357 1.99 -13.46 -35.73
CA PRO E 357 2.00 -11.98 -35.75
C PRO E 357 2.61 -11.40 -37.00
N GLY E 358 3.49 -12.13 -37.69
CA GLY E 358 4.15 -11.57 -38.85
C GLY E 358 3.21 -11.42 -40.03
N VAL E 359 2.12 -12.19 -40.05
CA VAL E 359 1.20 -12.29 -41.17
C VAL E 359 0.50 -10.98 -41.47
N GLY E 360 -0.13 -10.92 -42.63
CA GLY E 360 -0.55 -9.65 -43.16
C GLY E 360 -1.87 -9.16 -42.62
N LYS E 361 -2.05 -9.23 -41.30
CA LYS E 361 -3.28 -8.77 -40.66
C LYS E 361 -3.45 -7.28 -40.90
N THR E 362 -2.36 -6.53 -40.76
CA THR E 362 -2.38 -5.12 -41.06
C THR E 362 -2.58 -4.87 -42.54
N SER E 363 -2.07 -5.77 -43.39
CA SER E 363 -2.27 -5.63 -44.84
C SER E 363 -3.72 -5.85 -45.24
N LEU E 364 -4.36 -6.89 -44.69
CA LEU E 364 -5.79 -7.10 -44.91
C LEU E 364 -6.61 -5.94 -44.40
N GLY E 365 -6.30 -5.43 -43.20
CA GLY E 365 -7.07 -4.32 -42.67
C GLY E 365 -6.88 -3.04 -43.47
N ARG E 366 -5.66 -2.84 -43.97
CA ARG E 366 -5.36 -1.70 -44.82
C ARG E 366 -6.15 -1.76 -46.12
N SER E 367 -6.20 -2.95 -46.73
CA SER E 367 -6.95 -3.13 -47.96
C SER E 367 -8.45 -2.97 -47.76
N ILE E 368 -8.98 -3.42 -46.62
CA ILE E 368 -10.39 -3.17 -46.30
C ILE E 368 -10.66 -1.69 -46.16
N ALA E 369 -9.80 -0.98 -45.43
CA ALA E 369 -10.01 0.45 -45.21
C ALA E 369 -9.91 1.23 -46.51
N ARG E 370 -9.07 0.74 -47.43
CA ARG E 370 -9.03 1.32 -48.77
C ARG E 370 -10.30 1.01 -49.53
N SER E 371 -10.84 -0.21 -49.38
CA SER E 371 -11.98 -0.65 -50.15
C SER E 371 -13.23 0.15 -49.82
N MET E 372 -13.47 0.40 -48.54
CA MET E 372 -14.59 1.23 -48.13
C MET E 372 -14.18 2.68 -47.90
N ASN E 373 -12.95 3.03 -48.29
CA ASN E 373 -12.48 4.41 -48.41
C ASN E 373 -12.54 5.14 -47.07
N ARG E 374 -11.85 4.57 -46.09
CA ARG E 374 -11.74 5.15 -44.77
C ARG E 374 -10.31 5.00 -44.25
N LYS E 375 -9.98 5.79 -43.23
CA LYS E 375 -8.62 5.85 -42.74
C LYS E 375 -8.23 4.59 -41.98
N PHE E 376 -6.95 4.27 -42.05
CA PHE E 376 -6.38 3.08 -41.43
C PHE E 376 -5.14 3.47 -40.62
N HIS E 377 -5.10 3.02 -39.37
CA HIS E 377 -3.95 3.24 -38.51
C HIS E 377 -4.00 2.22 -37.38
N ARG E 378 -3.00 1.34 -37.33
CA ARG E 378 -2.99 0.36 -36.25
C ARG E 378 -2.55 1.00 -34.95
N ILE E 379 -3.15 0.53 -33.86
CA ILE E 379 -2.71 0.85 -32.51
C ILE E 379 -2.54 -0.48 -31.77
N SER E 380 -1.45 -0.59 -31.02
CA SER E 380 -1.10 -1.85 -30.40
C SER E 380 -1.33 -1.79 -28.91
N LEU E 381 -2.14 -2.73 -28.40
CA LEU E 381 -2.28 -2.86 -26.95
C LEU E 381 -1.54 -4.08 -26.42
N GLY E 382 -0.58 -4.59 -27.17
CA GLY E 382 0.31 -5.61 -26.62
C GLY E 382 1.17 -5.02 -25.51
N GLY E 383 1.13 -5.65 -24.34
CA GLY E 383 1.91 -5.20 -23.21
C GLY E 383 1.31 -4.05 -22.43
N VAL E 384 0.19 -3.49 -22.87
CA VAL E 384 -0.47 -2.40 -22.17
C VAL E 384 -1.07 -2.93 -20.88
N ARG E 385 -0.68 -2.36 -19.76
CA ARG E 385 -0.98 -2.98 -18.49
C ARG E 385 -2.14 -2.34 -17.77
N ASP E 386 -2.36 -1.04 -17.98
CA ASP E 386 -3.07 -0.21 -17.03
C ASP E 386 -4.52 -0.03 -17.41
N GLU E 387 -5.32 0.43 -16.46
CA GLU E 387 -6.49 1.22 -16.81
C GLU E 387 -6.15 2.70 -16.71
N ALA E 388 -5.10 3.06 -17.44
CA ALA E 388 -4.72 4.44 -17.67
C ALA E 388 -4.14 4.61 -19.05
N GLU E 389 -4.11 3.55 -19.86
CA GLU E 389 -3.57 3.60 -21.21
C GLU E 389 -4.61 3.22 -22.27
N ILE E 390 -5.77 2.75 -21.84
CA ILE E 390 -6.93 2.63 -22.70
C ILE E 390 -7.84 3.84 -22.58
N ARG E 391 -8.19 4.18 -21.36
CA ARG E 391 -8.73 5.48 -21.05
C ARG E 391 -7.59 6.32 -20.51
N GLY E 392 -7.90 7.53 -20.06
CA GLY E 392 -6.85 8.49 -19.79
C GLY E 392 -6.27 8.41 -18.40
N HIS E 393 -5.70 9.53 -17.98
CA HIS E 393 -5.28 9.83 -16.63
C HIS E 393 -6.17 10.90 -16.06
N ARG E 394 -5.83 11.38 -14.87
CA ARG E 394 -6.47 12.57 -14.32
C ARG E 394 -5.66 13.78 -14.74
N ARG E 395 -6.36 14.82 -15.22
CA ARG E 395 -5.70 16.06 -15.63
C ARG E 395 -5.37 16.97 -14.46
N THR E 396 -5.51 16.49 -13.22
CA THR E 396 -5.08 17.26 -12.06
C THR E 396 -3.56 17.29 -11.94
N TYR E 397 -2.86 16.36 -12.57
CA TYR E 397 -1.41 16.25 -12.43
C TYR E 397 -0.73 16.22 -13.79
N ILE E 398 0.50 16.76 -13.83
CA ILE E 398 1.35 16.66 -15.01
C ILE E 398 1.83 15.22 -15.18
N GLY E 399 2.14 14.84 -16.42
CA GLY E 399 2.39 13.46 -16.75
C GLY E 399 1.14 12.71 -17.15
N ALA E 400 0.05 13.41 -17.42
CA ALA E 400 -1.21 12.77 -17.77
C ALA E 400 -1.28 12.56 -19.28
N MET E 401 -1.67 11.35 -19.67
CA MET E 401 -1.69 10.95 -21.06
C MET E 401 -3.01 10.22 -21.32
N PRO E 402 -3.62 10.40 -22.48
CA PRO E 402 -4.86 9.67 -22.73
C PRO E 402 -4.59 8.26 -23.19
N GLY E 403 -5.64 7.58 -23.60
CA GLY E 403 -5.54 6.20 -23.99
C GLY E 403 -4.89 6.01 -25.34
N LYS E 404 -4.73 4.74 -25.71
CA LYS E 404 -4.15 4.41 -26.98
C LYS E 404 -5.17 4.44 -28.11
N LEU E 405 -6.43 4.13 -27.81
CA LEU E 405 -7.43 4.07 -28.87
C LEU E 405 -7.82 5.47 -29.31
N ILE E 406 -7.96 6.38 -28.35
CA ILE E 406 -8.14 7.78 -28.67
C ILE E 406 -6.88 8.36 -29.31
N HIS E 407 -5.71 7.77 -29.02
CA HIS E 407 -4.49 8.16 -29.72
C HIS E 407 -4.56 7.78 -31.18
N ALA E 408 -5.06 6.57 -31.47
CA ALA E 408 -5.23 6.14 -32.86
C ALA E 408 -6.27 6.99 -33.57
N MET E 409 -7.32 7.38 -32.87
CA MET E 409 -8.33 8.25 -33.46
C MET E 409 -7.77 9.63 -33.76
N LYS E 410 -6.85 10.12 -32.93
CA LYS E 410 -6.24 11.40 -33.26
C LYS E 410 -5.24 11.23 -34.41
N GLN E 411 -4.63 10.05 -34.50
CA GLN E 411 -3.73 9.74 -35.63
C GLN E 411 -4.45 9.77 -36.96
N VAL E 412 -5.63 9.15 -37.03
CA VAL E 412 -6.47 9.29 -38.21
C VAL E 412 -7.19 10.63 -38.11
N GLY E 413 -7.90 11.01 -39.15
CA GLY E 413 -8.56 12.30 -39.10
C GLY E 413 -10.06 12.26 -39.27
N VAL E 414 -10.67 11.08 -39.20
CA VAL E 414 -12.10 10.96 -39.49
C VAL E 414 -12.82 10.29 -38.34
N ILE E 415 -14.11 10.64 -38.18
CA ILE E 415 -14.93 9.98 -37.18
C ILE E 415 -15.39 8.61 -37.64
N ASN E 416 -15.04 8.19 -38.85
CA ASN E 416 -15.23 6.82 -39.29
C ASN E 416 -13.94 6.23 -39.84
N PRO E 417 -12.98 5.92 -39.00
CA PRO E 417 -11.80 5.21 -39.51
C PRO E 417 -11.92 3.72 -39.37
N VAL E 418 -10.85 3.02 -39.71
CA VAL E 418 -10.67 1.63 -39.32
C VAL E 418 -9.51 1.58 -38.35
N ILE E 419 -9.81 1.28 -37.09
CA ILE E 419 -8.80 1.16 -36.05
C ILE E 419 -8.43 -0.32 -35.94
N LEU E 420 -7.14 -0.59 -35.96
CA LEU E 420 -6.63 -1.94 -35.83
C LEU E 420 -6.08 -2.09 -34.41
N LEU E 421 -6.35 -3.23 -33.79
CA LEU E 421 -5.91 -3.49 -32.41
C LEU E 421 -4.93 -4.65 -32.43
N ASP E 422 -3.70 -4.39 -31.99
CA ASP E 422 -2.67 -5.40 -32.13
C ASP E 422 -2.43 -6.13 -30.81
N GLU E 423 -2.53 -7.46 -30.88
CA GLU E 423 -2.06 -8.41 -29.87
C GLU E 423 -2.77 -8.22 -28.53
N ILE E 424 -4.07 -8.51 -28.56
CA ILE E 424 -4.87 -8.49 -27.35
C ILE E 424 -4.52 -9.68 -26.44
N ASP E 425 -4.26 -10.86 -27.01
CA ASP E 425 -4.00 -12.03 -26.18
C ASP E 425 -2.66 -11.95 -25.48
N LYS E 426 -1.72 -11.19 -26.03
CA LYS E 426 -0.45 -10.94 -25.35
C LYS E 426 -0.56 -9.82 -24.33
N MET E 427 -1.68 -9.11 -24.28
CA MET E 427 -1.99 -8.23 -23.17
C MET E 427 -2.51 -9.11 -22.03
N SER E 428 -1.97 -8.91 -20.83
CA SER E 428 -2.35 -9.63 -19.62
C SER E 428 -2.66 -8.62 -18.51
N SER E 429 -3.61 -8.97 -17.66
CA SER E 429 -3.91 -8.17 -16.48
C SER E 429 -2.98 -8.62 -15.36
N ASP E 430 -1.82 -7.97 -15.26
CA ASP E 430 -0.81 -8.24 -14.25
C ASP E 430 -0.76 -7.18 -13.17
N TRP E 431 -1.60 -6.14 -13.25
CA TRP E 431 -1.61 -5.04 -12.30
C TRP E 431 -3.07 -4.69 -12.02
N ARG E 432 -3.30 -4.03 -10.88
CA ARG E 432 -4.65 -3.71 -10.44
C ARG E 432 -5.33 -2.73 -11.40
N GLY E 433 -6.60 -2.97 -11.66
CA GLY E 433 -7.28 -2.24 -12.71
C GLY E 433 -7.24 -3.03 -13.99
N ASP E 434 -8.35 -3.67 -14.33
CA ASP E 434 -8.38 -4.59 -15.47
C ASP E 434 -8.53 -3.83 -16.77
N PRO E 435 -7.64 -4.06 -17.76
CA PRO E 435 -7.84 -3.45 -19.07
C PRO E 435 -8.96 -4.09 -19.87
N ALA E 436 -9.23 -5.39 -19.67
CA ALA E 436 -10.17 -6.13 -20.51
C ALA E 436 -11.60 -5.66 -20.35
N SER E 437 -11.94 -5.12 -19.17
CA SER E 437 -13.24 -4.49 -18.98
C SER E 437 -13.39 -3.26 -19.87
N ALA E 438 -12.29 -2.52 -20.07
CA ALA E 438 -12.36 -1.30 -20.86
C ALA E 438 -12.64 -1.60 -22.33
N MET E 439 -11.97 -2.62 -22.88
CA MET E 439 -12.30 -3.03 -24.24
C MET E 439 -13.63 -3.78 -24.30
N LEU E 440 -14.09 -4.35 -23.19
CA LEU E 440 -15.47 -4.84 -23.21
C LEU E 440 -16.43 -3.67 -23.40
N GLU E 441 -16.16 -2.57 -22.72
CA GLU E 441 -16.94 -1.35 -22.90
C GLU E 441 -16.74 -0.73 -24.27
N VAL E 442 -15.59 -0.98 -24.90
CA VAL E 442 -15.34 -0.46 -26.24
C VAL E 442 -16.01 -1.32 -27.34
N LEU E 443 -15.90 -2.64 -27.27
CA LEU E 443 -16.41 -3.51 -28.32
C LEU E 443 -17.89 -3.83 -28.20
N ASP E 444 -18.51 -3.60 -27.05
CA ASP E 444 -19.96 -3.68 -27.00
C ASP E 444 -20.55 -2.55 -27.85
N PRO E 445 -21.60 -2.84 -28.61
CA PRO E 445 -22.10 -1.86 -29.59
C PRO E 445 -22.86 -0.69 -29.00
N GLU E 446 -23.11 -0.65 -27.69
CA GLU E 446 -23.87 0.45 -27.17
C GLU E 446 -23.07 1.45 -26.35
N GLN E 447 -22.27 0.99 -25.40
CA GLN E 447 -21.58 1.94 -24.52
C GLN E 447 -20.27 2.41 -25.14
N ASN E 448 -19.96 1.95 -26.34
CA ASN E 448 -18.96 2.63 -27.15
C ASN E 448 -19.47 3.97 -27.66
N ASN E 449 -20.78 4.06 -27.92
CA ASN E 449 -21.40 5.34 -28.25
C ASN E 449 -21.32 6.29 -27.08
N THR E 450 -21.39 5.76 -25.86
CA THR E 450 -21.20 6.54 -24.66
C THR E 450 -19.85 6.24 -24.03
N PHE E 451 -18.83 6.03 -24.86
CA PHE E 451 -17.49 5.79 -24.37
C PHE E 451 -16.71 7.09 -24.29
N THR E 452 -16.32 7.44 -23.07
CA THR E 452 -15.33 8.46 -22.83
C THR E 452 -14.11 7.79 -22.23
N ASP E 453 -13.16 8.62 -21.82
CA ASP E 453 -11.92 8.18 -21.23
C ASP E 453 -11.71 8.94 -19.94
N HIS E 454 -10.68 8.57 -19.17
CA HIS E 454 -10.40 9.37 -17.99
C HIS E 454 -9.80 10.72 -18.34
N TYR E 455 -9.18 10.84 -19.53
CA TYR E 455 -8.54 12.07 -19.94
C TYR E 455 -9.57 13.15 -20.23
N LEU E 456 -10.41 12.95 -21.23
CA LEU E 456 -11.49 13.88 -21.51
C LEU E 456 -12.71 13.54 -20.64
N ASP E 457 -13.82 14.23 -20.91
CA ASP E 457 -15.02 14.05 -20.10
C ASP E 457 -16.19 13.47 -20.90
N VAL E 458 -16.57 14.12 -21.99
CA VAL E 458 -17.75 13.71 -22.74
C VAL E 458 -17.39 12.58 -23.68
N PRO E 459 -18.25 11.57 -23.83
CA PRO E 459 -17.96 10.45 -24.72
C PRO E 459 -17.77 10.81 -26.18
N TYR E 460 -16.93 9.99 -26.80
CA TYR E 460 -16.84 9.86 -28.24
C TYR E 460 -17.81 8.77 -28.70
N ASP E 461 -18.37 8.95 -29.88
CA ASP E 461 -19.27 7.98 -30.49
C ASP E 461 -18.45 6.96 -31.29
N LEU E 462 -17.91 5.97 -30.58
CA LEU E 462 -17.20 4.89 -31.24
C LEU E 462 -18.11 3.92 -31.99
N SER E 463 -19.43 4.04 -31.80
CA SER E 463 -20.37 3.14 -32.49
C SER E 463 -20.33 3.35 -33.99
N LYS E 464 -20.09 4.59 -34.42
CA LYS E 464 -19.94 4.87 -35.84
C LYS E 464 -18.66 4.28 -36.40
N VAL E 465 -17.71 3.95 -35.53
CA VAL E 465 -16.38 3.55 -35.95
C VAL E 465 -16.32 2.04 -36.07
N PHE E 466 -16.01 1.56 -37.26
CA PHE E 466 -15.72 0.16 -37.46
C PHE E 466 -14.44 -0.21 -36.72
N PHE E 467 -14.42 -1.39 -36.13
CA PHE E 467 -13.24 -1.92 -35.46
C PHE E 467 -12.79 -3.20 -36.12
N ILE E 468 -11.52 -3.51 -35.91
CA ILE E 468 -10.95 -4.80 -36.25
C ILE E 468 -9.79 -5.07 -35.31
N THR E 469 -9.69 -6.31 -34.86
CA THR E 469 -8.80 -6.66 -33.77
C THR E 469 -7.92 -7.84 -34.13
N THR E 470 -6.68 -7.81 -33.67
CA THR E 470 -5.68 -8.79 -34.05
C THR E 470 -4.98 -9.34 -32.82
N ALA E 471 -4.73 -10.65 -32.82
CA ALA E 471 -4.09 -11.29 -31.68
C ALA E 471 -3.39 -12.54 -32.16
N ASN E 472 -2.76 -13.25 -31.22
CA ASN E 472 -2.09 -14.49 -31.59
C ASN E 472 -2.80 -15.77 -31.16
N THR E 473 -3.37 -15.84 -29.97
CA THR E 473 -3.95 -17.09 -29.47
C THR E 473 -5.32 -16.82 -28.91
N LEU E 474 -6.27 -17.69 -29.23
CA LEU E 474 -7.64 -17.55 -28.75
C LEU E 474 -7.81 -17.92 -27.29
N GLN E 475 -6.78 -18.48 -26.64
CA GLN E 475 -6.90 -18.91 -25.25
C GLN E 475 -6.67 -17.79 -24.25
N THR E 476 -5.57 -17.07 -24.39
CA THR E 476 -5.18 -16.07 -23.41
C THR E 476 -5.86 -14.73 -23.63
N ILE E 477 -6.72 -14.64 -24.64
CA ILE E 477 -7.71 -13.56 -24.68
C ILE E 477 -8.57 -13.67 -23.43
N PRO E 478 -8.92 -12.56 -22.77
CA PRO E 478 -9.80 -12.64 -21.60
C PRO E 478 -11.18 -13.19 -21.93
N ARG E 479 -11.67 -14.05 -21.03
CA ARG E 479 -12.99 -14.68 -21.20
C ARG E 479 -14.19 -13.75 -21.29
N PRO E 480 -14.37 -12.68 -20.50
CA PRO E 480 -15.56 -11.86 -20.75
C PRO E 480 -15.43 -10.96 -21.96
N LEU E 481 -14.25 -10.84 -22.56
CA LEU E 481 -14.15 -10.24 -23.88
C LEU E 481 -14.54 -11.19 -24.98
N LEU E 482 -14.63 -12.49 -24.71
CA LEU E 482 -14.79 -13.48 -25.78
C LEU E 482 -16.18 -13.42 -26.40
N ASP E 483 -17.14 -12.78 -25.73
CA ASP E 483 -18.39 -12.46 -26.38
C ASP E 483 -18.18 -11.44 -27.49
N ARG E 484 -19.07 -11.51 -28.49
CA ARG E 484 -19.11 -10.65 -29.67
C ARG E 484 -17.77 -10.53 -30.41
N MET E 485 -17.02 -11.63 -30.46
CA MET E 485 -15.97 -11.76 -31.46
C MET E 485 -16.21 -13.06 -32.20
N GLU E 486 -16.04 -13.03 -33.50
CA GLU E 486 -15.98 -14.26 -34.28
C GLU E 486 -14.51 -14.36 -34.68
N VAL E 487 -13.87 -15.47 -34.32
CA VAL E 487 -12.44 -15.60 -34.53
C VAL E 487 -12.16 -15.86 -36.01
N ILE E 488 -11.08 -15.26 -36.50
CA ILE E 488 -10.55 -15.55 -37.83
C ILE E 488 -9.14 -16.08 -37.66
N GLU E 489 -8.97 -17.38 -37.86
CA GLU E 489 -7.65 -18.01 -37.77
C GLU E 489 -6.85 -17.57 -38.98
N ILE E 490 -6.03 -16.53 -38.80
CA ILE E 490 -5.14 -16.09 -39.92
C ILE E 490 -3.89 -16.98 -39.84
N PRO E 491 -3.78 -18.07 -40.63
CA PRO E 491 -2.66 -19.00 -40.52
C PRO E 491 -1.47 -18.62 -41.42
N GLY E 492 -0.33 -19.27 -41.23
CA GLY E 492 0.81 -19.02 -42.12
C GLY E 492 0.41 -19.31 -43.56
N TYR E 493 0.42 -18.30 -44.43
CA TYR E 493 -0.04 -18.50 -45.82
C TYR E 493 0.76 -19.62 -46.49
N THR E 494 0.13 -20.37 -47.39
CA THR E 494 0.81 -21.52 -48.05
C THR E 494 2.14 -21.05 -48.64
N ASN E 495 3.18 -21.89 -48.56
CA ASN E 495 4.52 -21.53 -49.10
C ASN E 495 4.36 -21.01 -50.54
N MET E 496 3.61 -21.72 -51.38
CA MET E 496 3.43 -21.31 -52.76
C MET E 496 2.73 -19.96 -52.86
N GLU E 497 1.79 -19.70 -51.95
CA GLU E 497 1.22 -18.37 -51.78
C GLU E 497 2.31 -17.35 -51.48
N LYS E 498 3.34 -17.76 -50.72
CA LYS E 498 4.37 -16.80 -50.36
C LYS E 498 5.39 -16.56 -51.45
N GLN E 499 5.79 -17.56 -52.24
CA GLN E 499 6.68 -17.21 -53.35
C GLN E 499 5.92 -16.45 -54.42
N ALA E 500 4.63 -16.72 -54.56
CA ALA E 500 3.80 -15.94 -55.46
C ALA E 500 3.72 -14.48 -55.01
N ILE E 501 3.35 -14.23 -53.75
CA ILE E 501 3.21 -12.86 -53.28
C ILE E 501 4.58 -12.22 -53.13
N ALA E 502 5.61 -13.02 -52.90
CA ALA E 502 6.95 -12.50 -52.77
C ALA E 502 7.47 -11.99 -54.11
N ARG E 503 7.26 -12.77 -55.17
CA ARG E 503 7.62 -12.31 -56.50
C ARG E 503 6.80 -11.11 -56.92
N GLN E 504 5.48 -11.16 -56.74
CA GLN E 504 4.68 -10.10 -57.31
C GLN E 504 4.77 -8.80 -56.51
N TYR E 505 4.76 -8.86 -55.19
CA TYR E 505 4.61 -7.64 -54.41
C TYR E 505 5.72 -7.40 -53.41
N LEU E 506 6.12 -8.40 -52.62
CA LEU E 506 7.09 -8.16 -51.54
C LEU E 506 8.47 -7.78 -52.06
N TRP E 507 9.03 -8.56 -52.98
CA TRP E 507 10.31 -8.20 -53.55
C TRP E 507 10.30 -6.87 -54.32
N PRO E 508 9.29 -6.54 -55.16
CA PRO E 508 9.32 -5.20 -55.78
C PRO E 508 9.16 -4.02 -54.82
N LYS E 509 8.55 -4.19 -53.64
CA LYS E 509 8.68 -3.18 -52.58
C LYS E 509 10.15 -2.91 -52.27
N GLN E 510 10.94 -3.96 -52.08
CA GLN E 510 12.35 -3.77 -51.75
C GLN E 510 13.12 -3.27 -52.95
N VAL E 511 12.65 -3.56 -54.15
CA VAL E 511 13.22 -2.97 -55.35
C VAL E 511 13.00 -1.46 -55.34
N ARG E 512 11.81 -1.02 -54.92
CA ARG E 512 11.58 0.42 -54.80
C ARG E 512 12.23 1.03 -53.56
N GLU E 513 12.51 0.23 -52.55
CA GLU E 513 13.10 0.72 -51.31
C GLU E 513 14.61 0.70 -51.30
N SER E 514 15.25 0.06 -52.27
CA SER E 514 16.70 0.02 -52.30
C SER E 514 17.30 0.81 -53.45
N GLY E 515 16.52 1.67 -54.11
CA GLY E 515 17.05 2.53 -55.16
C GLY E 515 17.51 1.80 -56.40
N MET E 516 17.06 0.57 -56.59
CA MET E 516 17.54 -0.33 -57.63
C MET E 516 16.50 -0.31 -58.73
N GLU E 517 16.91 0.09 -59.92
CA GLU E 517 16.04 0.13 -61.09
C GLU E 517 16.48 -0.87 -62.15
N GLY E 518 15.77 -2.01 -62.20
CA GLY E 518 15.78 -2.94 -63.31
C GLY E 518 17.05 -3.72 -63.56
N ARG E 519 17.79 -4.13 -62.53
CA ARG E 519 19.10 -4.71 -62.76
C ARG E 519 19.25 -6.11 -62.17
N ILE E 520 18.36 -6.49 -61.26
CA ILE E 520 18.39 -7.81 -60.61
C ILE E 520 17.06 -8.50 -60.85
N GLU E 521 17.11 -9.80 -61.15
CA GLU E 521 15.94 -10.67 -61.12
C GLU E 521 16.04 -11.69 -59.99
N VAL E 522 14.89 -12.23 -59.60
CA VAL E 522 14.82 -13.34 -58.65
C VAL E 522 14.09 -14.50 -59.33
N THR E 523 14.64 -15.70 -59.21
CA THR E 523 14.01 -16.88 -59.76
C THR E 523 13.20 -17.59 -58.69
N ASP E 524 12.37 -18.54 -59.14
CA ASP E 524 11.42 -19.19 -58.23
C ASP E 524 12.10 -20.16 -57.29
N ALA E 525 13.04 -20.97 -57.81
CA ALA E 525 13.74 -21.92 -56.96
C ALA E 525 14.66 -21.22 -55.96
N ALA E 526 15.07 -19.98 -56.28
CA ALA E 526 15.75 -19.14 -55.30
C ALA E 526 14.86 -18.84 -54.10
N ILE E 527 13.60 -18.52 -54.36
CA ILE E 527 12.68 -18.27 -53.27
C ILE E 527 12.34 -19.57 -52.54
N LEU E 528 12.31 -20.70 -53.26
CA LEU E 528 12.15 -22.01 -52.62
C LEU E 528 13.29 -22.33 -51.66
N ARG E 529 14.52 -22.04 -52.06
CA ARG E 529 15.67 -22.21 -51.18
C ARG E 529 15.61 -21.24 -50.00
N VAL E 530 15.16 -20.00 -50.25
CA VAL E 530 15.02 -18.99 -49.20
C VAL E 530 14.04 -19.46 -48.13
N ILE E 531 12.89 -20.00 -48.56
CA ILE E 531 11.90 -20.55 -47.63
C ILE E 531 12.44 -21.78 -46.91
N SER E 532 13.01 -22.73 -47.64
CA SER E 532 13.31 -24.03 -47.05
C SER E 532 14.54 -23.97 -46.16
N GLU E 533 15.38 -22.93 -46.29
CA GLU E 533 16.60 -22.90 -45.51
C GLU E 533 16.85 -21.62 -44.72
N TYR E 534 16.11 -20.54 -44.97
CA TYR E 534 16.56 -19.23 -44.51
C TYR E 534 15.54 -18.47 -43.69
N THR E 535 14.30 -18.95 -43.61
CA THR E 535 13.33 -18.36 -42.69
C THR E 535 12.43 -19.45 -42.15
N ARG E 536 11.94 -19.25 -40.91
CA ARG E 536 11.07 -20.24 -40.31
C ARG E 536 9.88 -19.61 -39.59
N GLU E 537 9.58 -18.35 -39.86
CA GLU E 537 8.40 -17.74 -39.25
C GLU E 537 7.12 -18.23 -39.92
N ALA E 538 6.03 -18.16 -39.17
CA ALA E 538 4.72 -18.37 -39.78
C ALA E 538 4.12 -17.09 -40.32
N GLY E 539 4.82 -15.97 -40.18
CA GLY E 539 4.41 -14.71 -40.77
C GLY E 539 5.14 -14.40 -42.06
N VAL E 540 5.41 -13.11 -42.32
CA VAL E 540 6.15 -12.77 -43.53
C VAL E 540 7.36 -11.92 -43.19
N ARG E 541 7.58 -11.66 -41.88
CA ARG E 541 8.69 -10.79 -41.46
C ARG E 541 10.04 -11.41 -41.81
N GLY E 542 10.18 -12.71 -41.64
CA GLY E 542 11.39 -13.39 -42.02
C GLY E 542 11.66 -13.31 -43.50
N LEU E 543 10.62 -13.39 -44.33
CA LEU E 543 10.83 -13.36 -45.76
C LEU E 543 11.17 -11.94 -46.23
N GLU E 544 10.61 -10.91 -45.59
CA GLU E 544 11.10 -9.56 -45.84
C GLU E 544 12.56 -9.42 -45.45
N ARG E 545 12.96 -10.06 -44.35
CA ARG E 545 14.38 -10.02 -43.97
C ARG E 545 15.25 -10.67 -45.03
N GLU E 546 14.85 -11.85 -45.52
CA GLU E 546 15.71 -12.57 -46.47
C GLU E 546 15.75 -11.88 -47.82
N LEU E 547 14.58 -11.48 -48.35
CA LEU E 547 14.58 -10.75 -49.61
C LEU E 547 15.23 -9.38 -49.48
N GLY E 548 15.10 -8.73 -48.31
CA GLY E 548 15.77 -7.46 -48.12
C GLY E 548 17.28 -7.58 -48.05
N LYS E 549 17.79 -8.60 -47.35
CA LYS E 549 19.23 -8.79 -47.27
C LYS E 549 19.80 -9.15 -48.63
N ILE E 550 19.11 -10.00 -49.39
CA ILE E 550 19.65 -10.38 -50.69
C ILE E 550 19.54 -9.22 -51.67
N ALA E 551 18.54 -8.35 -51.50
CA ALA E 551 18.41 -7.19 -52.39
C ALA E 551 19.49 -6.15 -52.10
N ARG E 552 19.77 -5.88 -50.83
CA ARG E 552 20.82 -4.92 -50.54
C ARG E 552 22.20 -5.53 -50.77
N LYS E 553 22.33 -6.86 -50.66
CA LYS E 553 23.55 -7.53 -51.10
C LYS E 553 23.77 -7.33 -52.59
N GLY E 554 22.68 -7.41 -53.36
CA GLY E 554 22.77 -7.02 -54.75
C GLY E 554 23.10 -5.55 -54.94
N ALA E 555 22.65 -4.70 -54.01
CA ALA E 555 22.99 -3.27 -54.08
C ALA E 555 24.49 -3.04 -53.92
N LYS E 556 25.12 -3.74 -52.96
CA LYS E 556 26.56 -3.57 -52.78
C LYS E 556 27.34 -4.25 -53.91
N PHE E 557 26.78 -5.32 -54.48
CA PHE E 557 27.47 -5.97 -55.59
C PHE E 557 27.40 -5.13 -56.85
N TRP E 558 26.26 -4.48 -57.11
CA TRP E 558 26.15 -3.60 -58.27
C TRP E 558 26.97 -2.33 -58.08
N LEU E 559 27.06 -1.85 -56.84
CA LEU E 559 27.92 -0.70 -56.62
C LEU E 559 29.40 -1.05 -56.76
N GLU E 560 29.77 -2.32 -56.59
CA GLU E 560 31.07 -2.82 -56.97
C GLU E 560 31.08 -3.47 -58.35
N GLY E 561 30.23 -2.99 -59.26
CA GLY E 561 30.31 -3.45 -60.64
C GLY E 561 28.98 -3.76 -61.28
N ALA E 562 28.76 -3.23 -62.48
CA ALA E 562 27.56 -3.52 -63.27
C ALA E 562 27.83 -4.59 -64.31
N TRP E 563 28.16 -5.79 -63.84
CA TRP E 563 28.68 -6.81 -64.76
C TRP E 563 27.56 -7.43 -65.61
N GLU E 564 26.37 -7.57 -65.06
CA GLU E 564 25.23 -8.10 -65.78
C GLU E 564 24.13 -7.05 -65.83
N GLY E 565 23.52 -6.89 -67.01
CA GLY E 565 22.33 -6.06 -67.12
C GLY E 565 21.16 -6.64 -66.35
N LEU E 566 21.07 -7.97 -66.31
CA LEU E 566 20.15 -8.68 -65.44
C LEU E 566 20.94 -9.73 -64.67
N ARG E 567 20.82 -9.72 -63.35
CA ARG E 567 21.54 -10.66 -62.50
C ARG E 567 20.60 -11.78 -62.08
N THR E 568 20.86 -12.97 -62.61
CA THR E 568 20.08 -14.17 -62.33
C THR E 568 20.54 -14.74 -60.99
N ILE E 569 19.72 -14.50 -59.97
CA ILE E 569 19.94 -15.16 -58.69
C ILE E 569 19.19 -16.48 -58.69
N ASP E 570 19.88 -17.56 -58.33
CA ASP E 570 19.29 -18.89 -58.35
C ASP E 570 19.74 -19.64 -57.10
N ALA E 571 19.59 -20.97 -57.14
CA ALA E 571 20.07 -21.82 -56.06
C ALA E 571 21.58 -21.88 -55.98
N SER E 572 22.29 -21.39 -56.99
CA SER E 572 23.75 -21.38 -56.95
C SER E 572 24.28 -20.31 -56.01
N ASP E 573 23.87 -19.06 -56.23
CA ASP E 573 24.52 -17.93 -55.56
C ASP E 573 23.85 -17.55 -54.24
N ILE E 574 22.85 -18.30 -53.78
CA ILE E 574 22.23 -18.00 -52.48
C ILE E 574 23.17 -18.11 -51.28
N PRO E 575 24.05 -19.12 -51.12
CA PRO E 575 24.92 -19.09 -49.93
C PRO E 575 25.99 -18.03 -49.99
N THR E 576 26.37 -17.58 -51.19
CA THR E 576 27.16 -16.36 -51.31
C THR E 576 26.37 -15.15 -50.85
N TYR E 577 25.07 -15.12 -51.14
CA TYR E 577 24.25 -13.97 -50.81
C TYR E 577 23.92 -13.84 -49.32
N LEU E 578 23.80 -14.96 -48.60
CA LEU E 578 23.36 -14.86 -47.21
C LEU E 578 24.26 -15.57 -46.20
N GLY E 579 25.28 -16.29 -46.64
CA GLY E 579 26.04 -17.13 -45.74
C GLY E 579 25.52 -18.55 -45.74
N ILE E 580 25.79 -19.25 -44.65
CA ILE E 580 25.35 -20.64 -44.47
C ILE E 580 23.82 -20.65 -44.37
N PRO E 581 23.13 -21.60 -45.02
CA PRO E 581 21.69 -21.80 -44.78
C PRO E 581 21.37 -22.00 -43.31
N ARG E 582 20.64 -21.04 -42.73
CA ARG E 582 20.42 -21.00 -41.29
C ARG E 582 19.60 -22.18 -40.81
N TYR E 583 18.68 -22.67 -41.63
CA TYR E 583 17.69 -23.63 -41.20
C TYR E 583 17.80 -24.85 -42.10
N ARG E 584 17.42 -26.00 -41.55
CA ARG E 584 17.55 -27.26 -42.27
C ARG E 584 16.64 -27.26 -43.50
N PRO E 585 17.11 -27.77 -44.64
CA PRO E 585 16.32 -27.73 -45.88
C PRO E 585 15.11 -28.65 -45.89
N ASP E 586 14.52 -28.80 -47.09
CA ASP E 586 13.45 -29.76 -47.33
C ASP E 586 13.82 -31.14 -46.81
N LYS E 587 13.07 -31.61 -45.82
CA LYS E 587 13.53 -32.67 -44.94
C LYS E 587 13.41 -34.03 -45.60
N ALA E 588 14.48 -34.51 -46.19
CA ALA E 588 14.58 -35.90 -46.63
C ALA E 588 15.37 -36.76 -45.66
N GLU E 589 16.38 -36.21 -44.99
CA GLU E 589 17.04 -36.87 -43.88
C GLU E 589 17.17 -35.84 -42.76
N THR E 590 16.41 -36.04 -41.70
CA THR E 590 16.39 -35.15 -40.55
C THR E 590 17.46 -35.71 -39.59
N GLU E 591 17.45 -35.30 -38.31
CA GLU E 591 18.40 -35.81 -37.35
C GLU E 591 18.16 -37.30 -37.09
N PRO E 592 19.17 -38.05 -36.66
CA PRO E 592 18.95 -39.47 -36.33
C PRO E 592 18.01 -39.65 -35.15
N GLN E 593 16.92 -40.36 -35.39
CA GLN E 593 15.77 -40.41 -34.49
C GLN E 593 15.40 -41.87 -34.24
N VAL E 594 16.09 -42.51 -33.30
CA VAL E 594 15.84 -43.90 -32.96
C VAL E 594 15.12 -44.04 -31.63
N GLY E 595 15.03 -42.97 -30.84
CA GLY E 595 14.28 -42.97 -29.61
C GLY E 595 13.22 -41.90 -29.60
N THR E 596 13.17 -41.09 -30.65
CA THR E 596 12.30 -39.92 -30.68
C THR E 596 11.62 -39.78 -32.03
N ALA E 597 10.77 -38.76 -32.12
CA ALA E 597 10.12 -38.35 -33.36
C ALA E 597 9.78 -36.87 -33.31
N GLN E 598 9.67 -36.27 -34.50
CA GLN E 598 9.33 -34.86 -34.70
C GLN E 598 7.93 -34.57 -34.18
N GLY E 599 7.59 -33.28 -34.04
CA GLY E 599 6.22 -32.97 -33.68
C GLY E 599 5.62 -31.61 -33.99
N LEU E 600 4.35 -31.59 -34.40
CA LEU E 600 3.72 -30.37 -34.87
C LEU E 600 2.85 -29.74 -33.79
N ALA E 601 2.87 -28.41 -33.73
CA ALA E 601 2.21 -27.69 -32.66
C ALA E 601 2.01 -26.25 -33.10
N TRP E 602 1.64 -25.42 -32.13
CA TRP E 602 1.30 -24.05 -32.38
C TRP E 602 1.71 -23.22 -31.19
N THR E 603 2.31 -22.08 -31.44
CA THR E 603 2.65 -21.11 -30.41
C THR E 603 1.73 -19.92 -30.66
N PRO E 604 1.75 -18.91 -29.79
CA PRO E 604 1.24 -17.61 -30.24
C PRO E 604 1.99 -17.05 -31.44
N VAL E 605 3.30 -17.21 -31.52
CA VAL E 605 4.05 -16.56 -32.59
C VAL E 605 4.06 -17.45 -33.83
N GLY E 606 3.55 -18.66 -33.72
CA GLY E 606 3.55 -19.59 -34.83
C GLY E 606 4.30 -20.88 -34.52
N GLY E 607 3.88 -21.93 -35.22
CA GLY E 607 4.24 -23.27 -34.81
C GLY E 607 5.68 -23.63 -35.09
N THR E 608 6.18 -24.57 -34.30
CA THR E 608 7.54 -25.07 -34.39
C THR E 608 7.47 -26.59 -34.47
N LEU E 609 8.58 -27.24 -34.80
CA LEU E 609 8.60 -28.69 -34.96
C LEU E 609 9.04 -29.27 -33.63
N LEU E 610 8.08 -29.63 -32.78
CA LEU E 610 8.37 -29.99 -31.40
C LEU E 610 8.67 -31.47 -31.32
N THR E 611 9.92 -31.80 -31.63
CA THR E 611 10.44 -33.15 -31.57
C THR E 611 10.56 -33.58 -30.11
N ILE E 612 9.50 -34.23 -29.60
CA ILE E 612 9.46 -34.70 -28.21
C ILE E 612 10.62 -35.65 -27.96
N GLU E 613 11.34 -35.42 -26.87
CA GLU E 613 12.44 -36.27 -26.49
C GLU E 613 12.04 -37.07 -25.25
N VAL E 614 11.71 -38.34 -25.47
CA VAL E 614 11.52 -39.33 -24.41
C VAL E 614 12.77 -40.18 -24.35
N ALA E 615 13.39 -40.28 -23.17
CA ALA E 615 14.56 -41.11 -22.95
C ALA E 615 14.20 -42.25 -22.00
N ALA E 616 14.28 -43.48 -22.50
CA ALA E 616 13.88 -44.67 -21.75
C ALA E 616 15.09 -45.20 -20.99
N VAL E 617 15.20 -44.77 -19.75
CA VAL E 617 16.28 -45.22 -18.88
C VAL E 617 15.74 -46.22 -17.87
N PRO E 618 16.55 -47.19 -17.44
CA PRO E 618 16.09 -48.10 -16.38
C PRO E 618 15.93 -47.35 -15.06
N GLY E 619 14.97 -47.79 -14.28
CA GLY E 619 14.69 -47.17 -13.01
C GLY E 619 13.70 -47.96 -12.19
N SER E 620 12.80 -47.25 -11.50
CA SER E 620 11.84 -47.88 -10.61
C SER E 620 10.42 -47.79 -11.15
N GLY E 621 10.28 -47.57 -12.46
CA GLY E 621 8.97 -47.57 -13.10
C GLY E 621 8.09 -46.40 -12.73
N LYS E 622 8.66 -45.39 -12.08
CA LYS E 622 7.94 -44.19 -11.74
C LYS E 622 7.98 -43.26 -12.94
N LEU E 623 7.17 -42.21 -12.87
CA LEU E 623 7.06 -41.26 -13.96
C LEU E 623 7.87 -40.02 -13.57
N SER E 624 8.87 -39.68 -14.39
CA SER E 624 9.84 -38.62 -14.07
C SER E 624 9.82 -37.56 -15.18
N LEU E 625 9.14 -36.45 -14.89
CA LEU E 625 8.93 -35.39 -15.86
C LEU E 625 10.07 -34.39 -15.86
N THR E 626 10.45 -33.92 -17.05
CA THR E 626 11.27 -32.74 -17.20
C THR E 626 10.72 -31.89 -18.34
N GLY E 627 10.88 -30.58 -18.23
CA GLY E 627 10.50 -29.72 -19.32
C GLY E 627 9.53 -28.62 -18.95
N GLN E 628 9.55 -28.24 -17.67
CA GLN E 628 8.62 -27.31 -17.02
C GLN E 628 7.16 -27.61 -17.40
N LEU E 629 6.72 -28.78 -17.00
CA LEU E 629 5.53 -29.42 -17.54
C LEU E 629 4.32 -29.24 -16.62
N GLY E 630 3.15 -29.09 -17.23
CA GLY E 630 1.90 -29.17 -16.51
C GLY E 630 1.43 -30.61 -16.36
N GLU E 631 0.33 -30.77 -15.63
CA GLU E 631 -0.20 -32.10 -15.34
C GLU E 631 -0.86 -32.76 -16.53
N VAL E 632 -1.37 -31.96 -17.48
CA VAL E 632 -2.05 -32.45 -18.68
C VAL E 632 -1.13 -33.38 -19.45
N MET E 633 0.18 -33.09 -19.38
CA MET E 633 1.21 -33.96 -19.87
C MET E 633 1.16 -35.33 -19.23
N LYS E 634 0.93 -35.41 -17.91
CA LYS E 634 1.07 -36.74 -17.33
C LYS E 634 -0.18 -37.56 -17.53
N GLU E 635 -1.37 -36.93 -17.65
CA GLU E 635 -2.46 -37.87 -17.98
C GLU E 635 -2.42 -38.28 -19.45
N SER E 636 -1.95 -37.41 -20.35
CA SER E 636 -1.72 -37.88 -21.71
C SER E 636 -0.63 -38.96 -21.74
N ALA E 637 0.35 -38.81 -20.86
CA ALA E 637 1.41 -39.79 -20.74
C ALA E 637 0.87 -41.14 -20.33
N GLN E 638 0.03 -41.17 -19.30
CA GLN E 638 -0.48 -42.46 -18.89
C GLN E 638 -1.50 -43.00 -19.87
N ALA E 639 -2.13 -42.12 -20.66
CA ALA E 639 -2.97 -42.61 -21.74
C ALA E 639 -2.15 -43.43 -22.72
N ALA E 640 -0.96 -42.93 -23.09
CA ALA E 640 -0.06 -43.70 -23.92
C ALA E 640 0.45 -44.95 -23.21
N LEU E 641 0.80 -44.81 -21.93
CA LEU E 641 1.34 -45.91 -21.17
C LEU E 641 0.31 -47.02 -21.01
N THR E 642 -0.93 -46.64 -20.73
CA THR E 642 -2.01 -47.61 -20.64
C THR E 642 -2.38 -48.16 -22.01
N TYR E 643 -2.10 -47.42 -23.06
CA TYR E 643 -2.29 -48.00 -24.38
C TYR E 643 -1.29 -49.13 -24.62
N LEU E 644 -0.02 -48.89 -24.33
CA LEU E 644 0.97 -49.93 -24.63
C LEU E 644 1.11 -50.93 -23.49
N ARG E 645 0.42 -50.72 -22.38
CA ARG E 645 0.33 -51.75 -21.35
C ARG E 645 -0.76 -52.76 -21.67
N ALA E 646 -1.67 -52.41 -22.57
CA ALA E 646 -2.50 -53.38 -23.25
C ALA E 646 -1.84 -53.96 -24.49
N HIS E 647 -0.69 -53.41 -24.90
CA HIS E 647 -0.02 -53.73 -26.14
C HIS E 647 1.48 -53.91 -25.94
N THR E 648 1.86 -54.70 -24.94
CA THR E 648 3.28 -54.93 -24.67
C THR E 648 3.92 -55.80 -25.75
N GLN E 649 3.43 -57.03 -25.89
CA GLN E 649 4.10 -58.02 -26.72
C GLN E 649 3.99 -57.73 -28.21
N ASP E 650 3.04 -56.88 -28.61
CA ASP E 650 2.84 -56.51 -30.01
C ASP E 650 3.70 -55.33 -30.44
N TYR E 651 4.48 -54.76 -29.53
CA TYR E 651 5.29 -53.59 -29.80
C TYR E 651 6.76 -53.85 -29.53
N GLY E 652 7.15 -55.13 -29.56
CA GLY E 652 8.52 -55.55 -29.29
C GLY E 652 8.96 -55.21 -27.88
N LEU E 653 8.03 -55.25 -26.94
CA LEU E 653 8.25 -54.83 -25.58
C LEU E 653 8.07 -56.02 -24.66
N PRO E 654 8.76 -56.04 -23.52
CA PRO E 654 8.56 -57.14 -22.56
C PRO E 654 7.19 -57.04 -21.90
N GLU E 655 6.87 -58.11 -21.15
CA GLU E 655 5.54 -58.26 -20.54
C GLU E 655 5.23 -57.19 -19.51
N ASP E 656 6.26 -56.65 -18.85
CA ASP E 656 6.07 -55.54 -17.93
C ASP E 656 7.29 -54.62 -17.97
N PHE E 657 7.02 -53.34 -18.11
CA PHE E 657 8.03 -52.29 -18.14
C PHE E 657 7.59 -51.02 -17.44
N TYR E 658 6.40 -51.02 -16.84
CA TYR E 658 5.91 -49.97 -15.97
C TYR E 658 6.52 -50.04 -14.57
N ASN E 659 7.35 -51.04 -14.30
CA ASN E 659 8.11 -51.16 -13.05
C ASN E 659 9.62 -51.12 -13.27
N LYS E 660 10.13 -51.75 -14.32
CA LYS E 660 11.58 -51.84 -14.46
C LYS E 660 12.19 -50.58 -15.05
N VAL E 661 11.37 -49.72 -15.67
CA VAL E 661 11.88 -48.61 -16.47
C VAL E 661 11.17 -47.33 -16.05
N ASP E 662 11.94 -46.37 -15.54
CA ASP E 662 11.43 -45.02 -15.32
C ASP E 662 11.32 -44.28 -16.64
N LEU E 663 10.34 -43.40 -16.73
CA LEU E 663 10.10 -42.61 -17.93
C LEU E 663 10.68 -41.22 -17.70
N HIS E 664 11.61 -40.80 -18.56
CA HIS E 664 12.34 -39.55 -18.34
C HIS E 664 12.42 -38.76 -19.65
N VAL E 665 11.68 -37.65 -19.71
CA VAL E 665 11.27 -37.01 -20.96
C VAL E 665 11.48 -35.51 -20.83
N HIS E 666 11.91 -34.86 -21.92
CA HIS E 666 11.80 -33.41 -22.06
C HIS E 666 10.85 -33.09 -23.20
N VAL E 667 10.11 -31.99 -23.05
CA VAL E 667 9.25 -31.47 -24.11
C VAL E 667 9.91 -30.21 -24.67
N PRO E 668 10.26 -30.20 -25.96
CA PRO E 668 10.63 -28.94 -26.61
C PRO E 668 9.46 -27.98 -26.59
N ASP E 669 9.75 -26.73 -26.18
CA ASP E 669 8.75 -25.70 -25.89
C ASP E 669 7.72 -26.25 -24.91
N GLY E 670 8.20 -26.51 -23.69
CA GLY E 670 7.40 -27.21 -22.70
C GLY E 670 6.17 -26.43 -22.27
N ALA E 671 5.18 -27.18 -21.74
CA ALA E 671 3.89 -26.66 -21.25
C ALA E 671 3.11 -25.95 -22.37
N THR E 672 2.54 -26.77 -23.29
CA THR E 672 1.91 -26.45 -24.58
C THR E 672 1.04 -25.21 -24.53
N PRO E 673 1.39 -24.16 -25.31
CA PRO E 673 0.60 -22.91 -25.30
C PRO E 673 -0.86 -23.08 -25.68
N LYS E 674 -1.16 -23.99 -26.60
CA LYS E 674 -2.53 -24.51 -26.68
C LYS E 674 -2.71 -25.38 -25.45
N ASP E 675 -3.57 -24.95 -24.55
CA ASP E 675 -3.89 -25.75 -23.40
C ASP E 675 -4.61 -26.99 -23.87
N GLY E 676 -4.09 -28.14 -23.46
CA GLY E 676 -4.36 -29.38 -24.14
C GLY E 676 -3.10 -29.88 -24.80
N PRO E 677 -2.74 -31.11 -24.48
CA PRO E 677 -1.42 -31.66 -24.84
C PRO E 677 -1.31 -31.95 -26.32
N SER E 678 -0.92 -30.89 -27.02
CA SER E 678 -0.96 -30.80 -28.47
C SER E 678 -0.18 -31.91 -29.16
N ALA E 679 0.95 -32.34 -28.62
CA ALA E 679 1.82 -33.26 -29.32
C ALA E 679 1.61 -34.68 -28.82
N GLY E 680 0.34 -35.04 -28.60
CA GLY E 680 0.00 -36.26 -27.88
C GLY E 680 0.46 -37.51 -28.60
N ILE E 681 0.17 -37.61 -29.90
CA ILE E 681 0.67 -38.76 -30.63
C ILE E 681 2.17 -38.61 -30.86
N THR E 682 2.67 -37.38 -30.82
CA THR E 682 4.11 -37.16 -30.93
C THR E 682 4.83 -37.57 -29.65
N MET E 683 4.28 -37.19 -28.47
CA MET E 683 4.81 -37.77 -27.23
C MET E 683 4.74 -39.28 -27.24
N ALA E 684 3.62 -39.84 -27.72
CA ALA E 684 3.44 -41.30 -27.73
C ALA E 684 4.46 -41.99 -28.65
N THR E 685 4.73 -41.39 -29.81
CA THR E 685 5.72 -41.94 -30.73
C THR E 685 7.12 -41.85 -30.15
N ALA E 686 7.45 -40.74 -29.48
CA ALA E 686 8.76 -40.65 -28.87
C ALA E 686 8.87 -41.57 -27.66
N ILE E 687 7.76 -41.81 -26.97
CA ILE E 687 7.72 -42.82 -25.91
C ILE E 687 8.02 -44.21 -26.46
N ALA E 688 7.30 -44.63 -27.50
CA ALA E 688 7.47 -46.01 -27.97
C ALA E 688 8.81 -46.19 -28.68
N SER E 689 9.31 -45.15 -29.35
CA SER E 689 10.64 -45.21 -29.94
C SER E 689 11.71 -45.22 -28.86
N ALA E 690 11.42 -44.60 -27.72
CA ALA E 690 12.27 -44.80 -26.56
C ALA E 690 12.17 -46.23 -26.05
N LEU E 691 10.94 -46.78 -26.01
CA LEU E 691 10.68 -48.07 -25.36
C LEU E 691 11.30 -49.24 -26.12
N SER E 692 11.27 -49.21 -27.44
CA SER E 692 11.82 -50.32 -28.22
C SER E 692 13.13 -50.01 -28.91
N ARG E 693 13.65 -48.77 -28.77
CA ARG E 693 14.87 -48.28 -29.44
C ARG E 693 14.78 -48.43 -30.96
N ARG E 694 13.60 -48.15 -31.52
CA ARG E 694 13.37 -48.31 -32.94
C ARG E 694 13.16 -46.96 -33.60
N PRO E 695 13.70 -46.77 -34.79
CA PRO E 695 13.53 -45.48 -35.47
C PRO E 695 12.07 -45.26 -35.84
N ALA E 696 11.49 -44.25 -35.21
CA ALA E 696 10.25 -43.67 -35.70
C ALA E 696 10.50 -43.23 -37.13
N ARG E 697 9.62 -43.64 -38.03
CA ARG E 697 9.84 -43.44 -39.45
C ARG E 697 9.89 -41.97 -39.80
N MET E 698 10.94 -41.61 -40.50
CA MET E 698 11.35 -40.23 -40.70
C MET E 698 10.58 -39.64 -41.89
N ASP E 699 10.81 -38.35 -42.15
CA ASP E 699 10.09 -37.50 -43.10
C ASP E 699 8.59 -37.43 -42.81
N ILE E 700 8.18 -37.74 -41.58
CA ILE E 700 6.81 -37.63 -41.15
C ILE E 700 6.80 -36.69 -39.95
N ALA E 701 5.87 -35.73 -39.96
CA ALA E 701 5.66 -34.85 -38.81
C ALA E 701 4.19 -34.98 -38.42
N MET E 702 3.93 -35.09 -37.12
CA MET E 702 2.58 -35.39 -36.65
C MET E 702 2.25 -34.60 -35.38
N THR E 703 0.96 -34.62 -35.06
CA THR E 703 0.37 -33.86 -33.98
C THR E 703 -0.88 -34.63 -33.53
N GLY E 704 -1.20 -34.54 -32.24
CA GLY E 704 -2.37 -35.29 -31.81
C GLY E 704 -2.59 -35.48 -30.33
N GLU E 705 -3.17 -36.64 -29.99
CA GLU E 705 -3.71 -36.94 -28.67
C GLU E 705 -3.89 -38.45 -28.55
N VAL E 706 -3.66 -38.98 -27.35
CA VAL E 706 -4.10 -40.32 -26.98
C VAL E 706 -5.23 -40.20 -25.97
N SER E 707 -6.40 -40.72 -26.33
CA SER E 707 -7.45 -40.89 -25.34
C SER E 707 -7.35 -42.28 -24.75
N LEU E 708 -8.19 -42.54 -23.76
CA LEU E 708 -7.92 -43.65 -22.85
C LEU E 708 -8.27 -45.00 -23.46
N ARG E 709 -9.22 -45.04 -24.39
CA ARG E 709 -9.46 -46.29 -25.13
C ARG E 709 -8.51 -46.47 -26.29
N GLY E 710 -7.76 -45.44 -26.66
CA GLY E 710 -6.80 -45.56 -27.74
C GLY E 710 -7.30 -44.89 -29.00
N LYS E 711 -8.14 -43.88 -28.82
CA LYS E 711 -8.76 -43.16 -29.92
C LYS E 711 -8.18 -41.75 -29.95
N VAL E 712 -8.21 -41.10 -31.10
CA VAL E 712 -7.66 -39.76 -31.21
C VAL E 712 -8.83 -38.79 -31.22
N MET E 713 -8.86 -37.89 -30.24
CA MET E 713 -10.00 -36.98 -30.18
C MET E 713 -9.87 -35.92 -31.27
N PRO E 714 -11.00 -35.43 -31.78
CA PRO E 714 -10.97 -34.42 -32.83
C PRO E 714 -10.35 -33.11 -32.36
N ILE E 715 -9.58 -32.51 -33.26
CA ILE E 715 -8.67 -31.43 -32.90
C ILE E 715 -9.32 -30.09 -33.19
N GLY E 716 -8.84 -29.06 -32.49
CA GLY E 716 -9.17 -27.70 -32.78
C GLY E 716 -8.01 -27.10 -33.55
N GLY E 717 -8.33 -26.36 -34.61
CA GLY E 717 -7.30 -25.76 -35.44
C GLY E 717 -6.53 -26.75 -36.27
N VAL E 718 -7.21 -27.35 -37.26
CA VAL E 718 -6.55 -28.25 -38.19
C VAL E 718 -5.58 -27.49 -39.08
N LYS E 719 -5.94 -26.27 -39.46
CA LYS E 719 -5.24 -25.54 -40.52
C LYS E 719 -3.83 -25.16 -40.12
N GLU E 720 -3.62 -24.73 -38.87
CA GLU E 720 -2.29 -24.38 -38.40
C GLU E 720 -1.38 -25.59 -38.41
N LYS E 721 -1.89 -26.74 -37.95
CA LYS E 721 -1.10 -27.97 -37.96
C LYS E 721 -0.74 -28.39 -39.37
N LEU E 722 -1.75 -28.50 -40.25
CA LEU E 722 -1.47 -29.02 -41.59
C LEU E 722 -0.68 -28.04 -42.42
N LEU E 723 -0.77 -26.75 -42.15
CA LEU E 723 -0.21 -25.83 -43.11
C LEU E 723 1.08 -25.18 -42.59
N ALA E 724 1.32 -25.18 -41.28
CA ALA E 724 2.70 -25.04 -40.83
C ALA E 724 3.49 -26.30 -41.18
N ALA E 725 2.81 -27.46 -41.27
CA ALA E 725 3.44 -28.64 -41.83
C ALA E 725 3.80 -28.46 -43.30
N HIS E 726 2.94 -27.80 -44.06
CA HIS E 726 3.29 -27.37 -45.40
C HIS E 726 4.49 -26.45 -45.37
N GLN E 727 4.41 -25.43 -44.52
CA GLN E 727 5.53 -24.55 -44.19
C GLN E 727 6.75 -25.33 -43.70
N ALA E 728 6.54 -26.42 -42.96
CA ALA E 728 7.66 -27.29 -42.64
C ALA E 728 8.20 -28.00 -43.87
N GLY E 729 7.38 -28.18 -44.91
CA GLY E 729 7.77 -28.98 -46.04
C GLY E 729 7.62 -30.46 -45.83
N ILE E 730 7.27 -30.89 -44.61
CA ILE E 730 7.12 -32.30 -44.33
C ILE E 730 5.74 -32.74 -44.80
N HIS E 731 5.71 -33.61 -45.80
CA HIS E 731 4.50 -33.86 -46.56
C HIS E 731 3.80 -35.15 -46.16
N LYS E 732 4.27 -35.82 -45.11
CA LYS E 732 3.52 -36.91 -44.52
C LYS E 732 3.06 -36.45 -43.14
N ILE E 733 1.74 -36.31 -42.99
CA ILE E 733 1.13 -35.76 -41.79
C ILE E 733 0.00 -36.70 -41.41
N VAL E 734 -0.10 -37.02 -40.13
CA VAL E 734 -1.15 -37.88 -39.64
C VAL E 734 -2.24 -36.99 -39.04
N LEU E 735 -3.50 -37.26 -39.40
CA LEU E 735 -4.64 -36.47 -38.95
C LEU E 735 -5.71 -37.40 -38.40
N PRO E 736 -6.45 -36.98 -37.37
CA PRO E 736 -7.54 -37.80 -36.85
C PRO E 736 -8.67 -37.99 -37.84
N LYS E 737 -9.22 -39.19 -37.85
CA LYS E 737 -10.36 -39.50 -38.72
C LYS E 737 -11.62 -38.81 -38.25
N ASP E 738 -11.67 -38.39 -36.99
CA ASP E 738 -12.76 -37.55 -36.52
C ASP E 738 -12.70 -36.14 -37.08
N ASN E 739 -11.58 -35.75 -37.65
CA ASN E 739 -11.45 -34.48 -38.34
C ASN E 739 -11.52 -34.64 -39.85
N GLU E 740 -11.98 -35.79 -40.34
CA GLU E 740 -12.02 -36.02 -41.79
C GLU E 740 -13.09 -35.17 -42.44
N ALA E 741 -14.09 -34.73 -41.68
CA ALA E 741 -15.05 -33.76 -42.17
C ALA E 741 -14.59 -32.33 -41.94
N GLN E 742 -13.56 -32.13 -41.13
CA GLN E 742 -13.05 -30.81 -40.84
C GLN E 742 -12.09 -30.29 -41.89
N LEU E 743 -11.71 -31.12 -42.88
CA LEU E 743 -10.75 -30.68 -43.89
C LEU E 743 -11.41 -29.95 -45.04
N GLU E 744 -12.73 -30.12 -45.22
CA GLU E 744 -13.44 -29.45 -46.30
C GLU E 744 -13.70 -27.98 -46.00
N GLU E 745 -13.47 -27.55 -44.76
CA GLU E 745 -13.57 -26.15 -44.37
C GLU E 745 -12.47 -25.31 -44.99
N LEU E 746 -11.44 -25.93 -45.50
CA LEU E 746 -10.11 -25.42 -45.80
C LEU E 746 -9.88 -25.37 -47.30
N PRO E 747 -8.97 -24.51 -47.78
CA PRO E 747 -8.65 -24.47 -49.21
C PRO E 747 -7.89 -25.71 -49.66
N LYS E 748 -8.01 -26.02 -50.95
CA LYS E 748 -7.25 -27.12 -51.52
C LYS E 748 -5.80 -26.76 -51.77
N GLU E 749 -5.48 -25.45 -51.80
CA GLU E 749 -4.10 -25.01 -51.99
C GLU E 749 -3.23 -25.33 -50.78
N VAL E 750 -3.86 -25.50 -49.62
CA VAL E 750 -3.18 -26.04 -48.45
C VAL E 750 -2.71 -27.45 -48.70
N LEU E 751 -3.59 -28.33 -49.15
CA LEU E 751 -3.36 -29.77 -49.17
C LEU E 751 -2.38 -30.21 -50.28
N GLU E 752 -1.88 -29.26 -51.06
CA GLU E 752 -0.91 -29.52 -52.12
C GLU E 752 0.37 -30.07 -51.54
N GLY E 753 0.55 -31.38 -51.70
CA GLY E 753 1.64 -32.10 -51.10
C GLY E 753 1.29 -32.78 -49.79
N LEU E 754 0.23 -32.36 -49.11
CA LEU E 754 -0.04 -32.86 -47.76
C LEU E 754 -0.69 -34.24 -47.85
N GLU E 755 0.14 -35.28 -47.89
CA GLU E 755 -0.34 -36.65 -47.83
C GLU E 755 -0.76 -36.96 -46.40
N ILE E 756 -2.02 -37.35 -46.24
CA ILE E 756 -2.59 -37.61 -44.93
C ILE E 756 -2.94 -39.09 -44.81
N LYS E 757 -2.37 -39.75 -43.81
CA LYS E 757 -2.81 -41.08 -43.42
C LYS E 757 -3.80 -40.87 -42.27
N LEU E 758 -5.08 -40.76 -42.62
CA LEU E 758 -6.13 -40.52 -41.64
C LEU E 758 -6.28 -41.72 -40.72
N VAL E 759 -6.12 -41.49 -39.42
CA VAL E 759 -6.27 -42.53 -38.42
C VAL E 759 -7.40 -42.16 -37.47
N GLU E 760 -8.09 -43.18 -36.97
CA GLU E 760 -9.06 -42.98 -35.91
C GLU E 760 -8.53 -43.50 -34.58
N ASP E 761 -7.52 -44.35 -34.60
CA ASP E 761 -6.86 -44.86 -33.41
C ASP E 761 -5.40 -44.40 -33.39
N VAL E 762 -4.86 -44.24 -32.18
CA VAL E 762 -3.45 -43.91 -32.03
C VAL E 762 -2.57 -45.06 -32.50
N GLY E 763 -3.03 -46.30 -32.33
CA GLY E 763 -2.21 -47.45 -32.68
C GLY E 763 -1.91 -47.54 -34.16
N GLU E 764 -2.76 -46.93 -34.99
CA GLU E 764 -2.55 -46.93 -36.43
C GLU E 764 -1.30 -46.14 -36.82
N VAL E 765 -1.08 -44.96 -36.24
CA VAL E 765 0.18 -44.29 -36.51
C VAL E 765 1.31 -45.02 -35.79
N LEU E 766 1.04 -45.68 -34.66
CA LEU E 766 2.09 -46.52 -34.08
C LEU E 766 2.44 -47.79 -34.87
N GLU E 767 1.63 -48.24 -35.84
CA GLU E 767 2.21 -49.21 -36.76
C GLU E 767 2.69 -48.58 -38.06
N TYR E 768 2.72 -47.25 -38.15
CA TYR E 768 3.23 -46.60 -39.35
C TYR E 768 4.52 -45.84 -39.11
N LEU E 769 5.11 -45.95 -37.90
CA LEU E 769 6.49 -45.52 -37.70
C LEU E 769 7.38 -46.57 -37.03
N LEU E 770 6.81 -47.67 -36.53
CA LEU E 770 7.60 -48.81 -36.06
C LEU E 770 7.63 -49.91 -37.10
N LEU E 771 7.69 -49.54 -38.37
CA LEU E 771 8.06 -50.51 -39.40
C LEU E 771 9.43 -51.15 -39.13
N PRO E 772 10.47 -50.43 -38.63
CA PRO E 772 11.62 -51.20 -38.10
C PRO E 772 11.39 -51.73 -36.70
N GLU E 773 10.44 -52.65 -36.51
CA GLU E 773 10.29 -53.31 -35.20
C GLU E 773 11.51 -54.13 -34.79
N PRO E 774 12.11 -54.99 -35.65
CA PRO E 774 13.32 -55.60 -35.09
C PRO E 774 14.58 -54.84 -35.46
N ARG F 2 -47.20 54.63 40.56
CA ARG F 2 -48.22 54.43 41.58
C ARG F 2 -49.31 53.47 41.09
N LEU F 3 -50.53 53.68 41.58
CA LEU F 3 -51.65 52.80 41.27
C LEU F 3 -52.49 53.37 40.14
N GLU F 4 -53.04 52.46 39.31
CA GLU F 4 -53.78 52.68 38.06
C GLU F 4 -53.20 53.76 37.14
N LEU F 5 -51.88 53.87 37.12
CA LEU F 5 -51.18 54.79 36.23
C LEU F 5 -51.04 54.16 34.85
N PRO F 6 -50.88 54.97 33.79
CA PRO F 6 -50.74 54.41 32.45
C PRO F 6 -49.45 53.62 32.26
N VAL F 7 -49.50 52.67 31.34
CA VAL F 7 -48.40 51.74 31.07
C VAL F 7 -47.87 52.01 29.67
N ILE F 8 -46.57 52.29 29.58
CA ILE F 8 -45.86 52.40 28.31
C ILE F 8 -44.96 51.18 28.20
N PRO F 9 -45.14 50.31 27.21
CA PRO F 9 -44.15 49.25 26.97
C PRO F 9 -42.83 49.84 26.53
N LEU F 10 -41.74 49.31 27.09
CA LEU F 10 -40.43 49.91 26.85
C LEU F 10 -39.81 49.28 25.61
N ARG F 11 -38.92 50.04 24.97
CA ARG F 11 -38.42 49.70 23.65
C ARG F 11 -37.13 48.89 23.77
N ASN F 12 -37.23 47.57 23.56
CA ASN F 12 -36.16 46.62 23.29
C ASN F 12 -35.27 46.30 24.50
N THR F 13 -35.40 47.05 25.59
CA THR F 13 -34.65 46.84 26.82
C THR F 13 -35.45 47.50 27.94
N VAL F 14 -35.41 46.90 29.13
CA VAL F 14 -35.96 47.53 30.32
C VAL F 14 -35.13 48.76 30.66
N ILE F 15 -35.81 49.84 31.04
CA ILE F 15 -35.12 51.07 31.42
C ILE F 15 -34.96 51.05 32.94
N LEU F 16 -33.70 51.00 33.38
CA LEU F 16 -33.41 50.96 34.80
C LEU F 16 -33.53 52.37 35.39
N PRO F 17 -33.85 52.48 36.68
CA PRO F 17 -34.07 53.82 37.26
C PRO F 17 -32.81 54.66 37.33
N HIS F 18 -33.04 55.96 37.46
CA HIS F 18 -32.03 56.99 37.73
C HIS F 18 -30.99 57.09 36.64
N THR F 19 -31.40 56.92 35.39
CA THR F 19 -30.54 57.13 34.24
C THR F 19 -31.30 57.95 33.21
N THR F 20 -30.66 58.99 32.69
CA THR F 20 -31.27 59.83 31.67
C THR F 20 -31.27 59.04 30.36
N THR F 21 -32.44 58.48 30.03
CA THR F 21 -32.59 57.60 28.88
C THR F 21 -33.65 58.16 27.93
N PRO F 22 -33.53 57.88 26.63
CA PRO F 22 -34.65 58.17 25.73
C PRO F 22 -35.60 57.00 25.60
N VAL F 23 -36.89 57.32 25.66
CA VAL F 23 -37.96 56.33 25.54
C VAL F 23 -38.80 56.69 24.33
N ASP F 24 -38.88 55.77 23.38
CA ASP F 24 -39.62 56.01 22.14
C ASP F 24 -41.07 55.58 22.30
N VAL F 25 -41.99 56.40 21.80
CA VAL F 25 -43.41 56.07 21.79
C VAL F 25 -43.84 56.14 20.32
N GLY F 26 -43.96 54.99 19.68
CA GLY F 26 -44.25 54.94 18.26
C GLY F 26 -45.64 54.45 17.92
N ARG F 27 -46.15 53.50 18.70
CA ARG F 27 -47.49 52.98 18.46
C ARG F 27 -48.54 53.87 19.10
N ALA F 28 -49.73 53.91 18.48
CA ALA F 28 -50.78 54.81 18.94
C ALA F 28 -51.39 54.36 20.27
N LYS F 29 -51.32 53.06 20.56
CA LYS F 29 -51.85 52.54 21.82
C LYS F 29 -51.02 53.02 23.00
N SER F 30 -49.71 53.14 22.81
CA SER F 30 -48.86 53.77 23.81
C SER F 30 -49.02 55.29 23.80
N LYS F 31 -49.38 55.87 22.65
CA LYS F 31 -49.61 57.31 22.58
C LYS F 31 -50.82 57.74 23.40
N ARG F 32 -51.87 56.90 23.40
CA ARG F 32 -53.04 57.17 24.25
C ARG F 32 -52.69 57.13 25.72
N ALA F 33 -51.82 56.19 26.12
CA ALA F 33 -51.38 56.14 27.51
C ALA F 33 -50.41 57.27 27.83
N VAL F 34 -49.68 57.78 26.83
CA VAL F 34 -48.89 59.00 27.03
C VAL F 34 -49.81 60.19 27.30
N GLU F 35 -50.87 60.31 26.51
CA GLU F 35 -51.85 61.39 26.69
C GLU F 35 -52.56 61.27 28.04
N GLU F 36 -52.74 60.04 28.52
CA GLU F 36 -53.28 59.84 29.86
C GLU F 36 -52.24 60.12 30.94
N ALA F 37 -50.96 59.83 30.67
CA ALA F 37 -49.92 59.95 31.68
C ALA F 37 -49.52 61.40 31.92
N MET F 38 -49.68 62.26 30.91
CA MET F 38 -49.55 63.70 31.15
C MET F 38 -50.71 64.25 31.97
N GLY F 39 -51.79 63.51 32.10
CA GLY F 39 -52.84 63.82 33.05
C GLY F 39 -52.66 63.18 34.41
N ALA F 40 -51.48 62.63 34.71
CA ALA F 40 -51.21 61.98 35.99
C ALA F 40 -50.03 62.64 36.71
N ASP F 41 -49.92 63.97 36.59
CA ASP F 41 -48.88 64.79 37.23
C ASP F 41 -47.47 64.34 36.86
N ARG F 42 -47.28 64.07 35.55
CA ARG F 42 -45.98 63.75 34.93
C ARG F 42 -45.33 62.51 35.55
N LEU F 43 -46.15 61.55 35.99
CA LEU F 43 -45.65 60.34 36.64
C LEU F 43 -46.23 59.14 35.89
N ILE F 44 -45.34 58.30 35.36
CA ILE F 44 -45.72 57.17 34.51
C ILE F 44 -45.24 55.89 35.16
N PHE F 45 -46.13 54.90 35.27
CA PHE F 45 -45.77 53.58 35.78
C PHE F 45 -45.31 52.74 34.58
N LEU F 46 -44.02 52.85 34.29
CA LEU F 46 -43.43 52.25 33.10
C LEU F 46 -43.31 50.73 33.29
N VAL F 47 -44.13 49.97 32.58
CA VAL F 47 -44.07 48.52 32.59
C VAL F 47 -43.62 48.04 31.23
N ALA F 48 -42.51 47.31 31.19
CA ALA F 48 -41.90 46.90 29.94
C ALA F 48 -42.51 45.59 29.45
N GLN F 49 -42.44 45.38 28.14
CA GLN F 49 -42.89 44.16 27.51
C GLN F 49 -41.69 43.25 27.24
N ARG F 50 -41.94 42.15 26.54
CA ARG F 50 -40.89 41.20 26.23
C ARG F 50 -40.05 41.68 25.06
N ASP F 51 -38.95 40.95 24.81
CA ASP F 51 -38.02 41.28 23.73
C ASP F 51 -38.64 41.22 22.33
N PRO F 52 -39.46 40.18 21.95
CA PRO F 52 -40.22 40.35 20.70
C PRO F 52 -41.37 41.31 20.88
N GLU F 53 -41.26 42.52 20.35
CA GLU F 53 -42.26 43.55 20.55
C GLU F 53 -43.41 43.31 19.58
N VAL F 54 -44.54 42.84 20.12
CA VAL F 54 -45.80 42.79 19.40
C VAL F 54 -46.21 44.23 19.12
N ASP F 55 -46.70 44.49 17.91
CA ASP F 55 -47.03 45.84 17.43
C ASP F 55 -48.07 46.54 18.30
N ASP F 56 -48.98 45.77 18.90
CA ASP F 56 -49.85 46.32 19.92
C ASP F 56 -49.48 45.76 21.29
N PRO F 57 -49.57 46.58 22.35
CA PRO F 57 -49.30 46.07 23.69
C PRO F 57 -50.32 45.03 24.12
N ALA F 58 -49.86 44.04 24.88
CA ALA F 58 -50.67 42.89 25.23
C ALA F 58 -50.73 42.74 26.75
N PRO F 59 -51.86 42.26 27.27
CA PRO F 59 -51.97 42.06 28.73
C PRO F 59 -51.38 40.74 29.22
N ASP F 60 -50.53 40.10 28.41
CA ASP F 60 -49.83 38.91 28.82
C ASP F 60 -48.33 38.96 28.53
N ASP F 61 -47.86 39.94 27.76
CA ASP F 61 -46.46 40.04 27.39
C ASP F 61 -45.68 41.03 28.25
N LEU F 62 -46.32 41.60 29.28
CA LEU F 62 -45.66 42.59 30.12
C LEU F 62 -44.70 41.92 31.10
N TYR F 63 -43.99 42.75 31.86
CA TYR F 63 -43.07 42.29 32.88
C TYR F 63 -43.64 42.55 34.26
N THR F 64 -43.11 41.83 35.25
CA THR F 64 -43.63 41.85 36.60
C THR F 64 -43.09 43.00 37.44
N TRP F 65 -42.24 43.85 36.87
CA TRP F 65 -41.71 45.01 37.56
C TRP F 65 -42.05 46.27 36.78
N GLY F 66 -42.73 47.20 37.43
CA GLY F 66 -43.04 48.49 36.82
C GLY F 66 -42.33 49.62 37.53
N VAL F 67 -41.67 50.50 36.76
CA VAL F 67 -40.89 51.57 37.34
C VAL F 67 -41.64 52.89 37.21
N GLN F 68 -41.64 53.68 38.29
CA GLN F 68 -42.31 54.97 38.31
C GLN F 68 -41.31 56.05 37.94
N ALA F 69 -41.64 56.85 36.93
CA ALA F 69 -40.72 57.83 36.37
C ALA F 69 -41.30 59.23 36.49
N VAL F 70 -40.48 60.17 36.97
CA VAL F 70 -40.82 61.59 37.00
C VAL F 70 -40.27 62.20 35.73
N VAL F 71 -41.16 62.78 34.92
CA VAL F 71 -40.76 63.29 33.61
C VAL F 71 -40.08 64.64 33.78
N LYS F 72 -38.80 64.71 33.39
CA LYS F 72 -38.08 65.98 33.41
C LYS F 72 -38.60 66.91 32.32
N GLN F 73 -38.75 66.40 31.10
CA GLN F 73 -39.28 67.14 29.97
C GLN F 73 -39.83 66.14 28.96
N ALA F 74 -40.82 66.57 28.19
CA ALA F 74 -41.48 65.73 27.21
C ALA F 74 -41.67 66.51 25.92
N MET F 75 -40.82 66.23 24.93
CA MET F 75 -40.92 66.85 23.62
C MET F 75 -41.70 65.94 22.68
N ARG F 76 -42.41 66.55 21.74
CA ARG F 76 -43.19 65.82 20.76
C ARG F 76 -42.59 66.01 19.37
N LEU F 77 -42.61 64.96 18.57
CA LEU F 77 -42.01 64.98 17.24
C LEU F 77 -43.04 64.56 16.20
N PRO F 78 -43.03 65.19 15.03
CA PRO F 78 -44.02 64.84 14.00
C PRO F 78 -43.64 63.68 13.09
N ASP F 79 -42.51 63.00 13.36
CA ASP F 79 -42.13 61.86 12.54
C ASP F 79 -43.00 60.64 12.83
N GLY F 80 -43.59 60.58 14.02
CA GLY F 80 -44.41 59.45 14.40
C GLY F 80 -43.97 58.85 15.71
N THR F 81 -42.85 59.34 16.24
CA THR F 81 -42.27 58.85 17.48
C THR F 81 -42.26 59.97 18.50
N LEU F 82 -42.85 59.71 19.67
CA LEU F 82 -42.85 60.67 20.77
C LEU F 82 -41.73 60.27 21.73
N GLN F 83 -40.55 60.85 21.50
CA GLN F 83 -39.40 60.61 22.37
C GLN F 83 -39.58 61.44 23.65
N VAL F 84 -39.70 60.74 24.78
CA VAL F 84 -39.92 61.37 26.07
C VAL F 84 -38.66 61.23 26.91
N MET F 85 -38.28 62.30 27.59
CA MET F 85 -37.12 62.29 28.49
C MET F 85 -37.64 61.99 29.89
N VAL F 86 -37.39 60.77 30.37
CA VAL F 86 -37.85 60.33 31.67
C VAL F 86 -36.65 60.08 32.57
N GLU F 87 -36.78 60.46 33.83
CA GLU F 87 -35.78 60.17 34.85
C GLU F 87 -36.48 59.36 35.94
N ALA F 88 -36.30 58.04 35.90
CA ALA F 88 -37.08 57.14 36.74
C ALA F 88 -36.55 57.14 38.17
N ARG F 89 -37.34 56.54 39.07
CA ARG F 89 -37.06 56.61 40.50
C ARG F 89 -36.70 55.26 41.11
N ALA F 90 -37.57 54.26 41.02
CA ALA F 90 -37.30 52.94 41.59
C ALA F 90 -38.30 51.96 41.02
N ARG F 91 -37.95 50.68 41.09
CA ARG F 91 -38.84 49.62 40.63
C ARG F 91 -40.00 49.46 41.59
N ALA F 92 -41.08 48.89 41.07
CA ALA F 92 -42.23 48.52 41.89
C ALA F 92 -42.86 47.28 41.28
N GLN F 93 -43.41 46.44 42.14
CA GLN F 93 -44.03 45.20 41.68
C GLN F 93 -45.36 45.48 40.99
N VAL F 94 -45.69 44.63 40.03
CA VAL F 94 -46.97 44.69 39.32
C VAL F 94 -47.81 43.53 39.83
N THR F 95 -48.97 43.85 40.41
CA THR F 95 -49.82 42.83 41.02
C THR F 95 -50.47 41.94 39.96
N ASP F 96 -51.17 42.55 39.01
CA ASP F 96 -51.78 41.82 37.91
C ASP F 96 -51.85 42.73 36.70
N TYR F 97 -52.42 42.22 35.60
CA TYR F 97 -52.48 42.94 34.34
C TYR F 97 -53.92 43.25 34.01
N ILE F 98 -54.21 44.52 33.74
CA ILE F 98 -55.52 44.98 33.30
C ILE F 98 -55.44 45.19 31.79
N PRO F 99 -56.27 44.51 31.00
CA PRO F 99 -56.14 44.59 29.53
C PRO F 99 -56.61 45.92 28.98
N GLY F 100 -56.05 46.27 27.82
CA GLY F 100 -56.45 47.45 27.09
C GLY F 100 -56.82 47.10 25.66
N PRO F 101 -56.25 47.82 24.69
CA PRO F 101 -55.36 48.97 24.81
C PRO F 101 -56.11 50.28 25.11
N TYR F 102 -55.54 51.23 25.87
CA TYR F 102 -54.19 51.15 26.43
C TYR F 102 -54.15 50.35 27.74
N LEU F 103 -52.99 49.78 28.02
CA LEU F 103 -52.84 48.91 29.17
C LEU F 103 -52.80 49.71 30.47
N ARG F 104 -53.26 49.06 31.54
CA ARG F 104 -53.16 49.61 32.88
C ARG F 104 -52.57 48.54 33.79
N ALA F 105 -51.77 49.00 34.76
CA ALA F 105 -51.22 48.11 35.77
C ALA F 105 -50.93 48.93 37.02
N ARG F 106 -51.40 48.46 38.15
CA ARG F 106 -51.19 49.15 39.42
C ARG F 106 -49.97 48.57 40.12
N GLY F 107 -49.33 49.42 40.93
CA GLY F 107 -48.14 49.03 41.67
C GLY F 107 -48.30 49.36 43.14
N GLU F 108 -47.16 49.64 43.77
CA GLU F 108 -47.09 49.96 45.19
C GLU F 108 -45.94 50.95 45.39
N VAL F 109 -45.46 51.04 46.62
CA VAL F 109 -44.32 51.88 46.99
C VAL F 109 -43.05 51.30 46.39
N PHE F 110 -41.97 52.09 46.45
CA PHE F 110 -40.69 51.71 45.85
C PHE F 110 -40.09 50.47 46.52
N SER F 111 -39.60 49.56 45.69
CA SER F 111 -39.00 48.31 46.15
C SER F 111 -37.55 48.47 46.57
N GLU F 112 -36.93 49.61 46.30
CA GLU F 112 -35.56 49.85 46.76
C GLU F 112 -35.57 50.08 48.26
N ILE F 113 -34.71 49.36 48.98
CA ILE F 113 -34.66 49.43 50.44
C ILE F 113 -33.21 49.62 50.86
N PHE F 114 -33.01 50.23 52.02
CA PHE F 114 -31.68 50.43 52.57
C PHE F 114 -31.51 49.61 53.84
N PRO F 115 -30.83 48.47 53.78
CA PRO F 115 -30.73 47.60 54.97
C PRO F 115 -29.63 48.03 55.93
N ILE F 116 -29.39 47.20 56.95
CA ILE F 116 -28.34 47.44 57.93
C ILE F 116 -26.98 47.13 57.32
N ASP F 117 -25.92 47.50 58.04
CA ASP F 117 -24.51 47.29 57.65
C ASP F 117 -24.19 48.02 56.35
N GLU F 118 -24.33 49.34 56.39
CA GLU F 118 -24.12 50.17 55.22
C GLU F 118 -22.65 50.45 54.93
N ALA F 119 -21.75 50.11 55.86
CA ALA F 119 -20.31 50.21 55.57
C ALA F 119 -19.91 49.22 54.48
N VAL F 120 -20.43 47.99 54.56
CA VAL F 120 -20.24 47.00 53.51
C VAL F 120 -20.89 47.46 52.21
N VAL F 121 -22.02 48.17 52.31
CA VAL F 121 -22.68 48.72 51.13
C VAL F 121 -21.80 49.75 50.43
N ARG F 122 -21.21 50.66 51.21
CA ARG F 122 -20.33 51.67 50.62
C ARG F 122 -19.04 51.07 50.08
N VAL F 123 -18.51 50.03 50.74
CA VAL F 123 -17.34 49.32 50.25
C VAL F 123 -17.64 48.66 48.91
N LEU F 124 -18.82 48.03 48.80
CA LEU F 124 -19.22 47.40 47.55
C LEU F 124 -19.50 48.42 46.45
N VAL F 125 -20.04 49.59 46.82
CA VAL F 125 -20.24 50.68 45.86
C VAL F 125 -18.92 51.17 45.30
N GLU F 126 -17.92 51.37 46.18
CA GLU F 126 -16.60 51.83 45.72
C GLU F 126 -15.91 50.76 44.87
N GLU F 127 -16.03 49.48 45.28
CA GLU F 127 -15.42 48.38 44.52
C GLU F 127 -16.07 48.23 43.15
N LEU F 128 -17.40 48.33 43.08
CA LEU F 128 -18.10 48.23 41.80
C LEU F 128 -17.83 49.45 40.93
N LYS F 129 -17.65 50.63 41.54
CA LYS F 129 -17.30 51.82 40.79
C LYS F 129 -15.92 51.68 40.15
N GLU F 130 -14.95 51.16 40.91
CA GLU F 130 -13.62 50.92 40.36
C GLU F 130 -13.64 49.83 39.29
N ALA F 131 -14.43 48.76 39.50
CA ALA F 131 -14.52 47.68 38.52
C ALA F 131 -15.21 48.13 37.24
N PHE F 132 -16.24 48.95 37.35
CA PHE F 132 -16.91 49.48 36.16
C PHE F 132 -16.04 50.51 35.45
N GLU F 133 -15.24 51.29 36.21
CA GLU F 133 -14.29 52.19 35.57
C GLU F 133 -13.24 51.41 34.78
N LYS F 134 -12.78 50.28 35.34
CA LYS F 134 -11.86 49.40 34.60
C LYS F 134 -12.53 48.79 33.38
N TYR F 135 -13.81 48.40 33.51
CA TYR F 135 -14.55 47.81 32.39
C TYR F 135 -14.77 48.82 31.27
N VAL F 136 -15.05 50.08 31.63
CA VAL F 136 -15.24 51.13 30.63
C VAL F 136 -13.90 51.49 29.98
N ALA F 137 -12.83 51.59 30.77
CA ALA F 137 -11.53 51.98 30.23
C ALA F 137 -10.96 50.90 29.32
N ASN F 138 -11.18 49.62 29.65
CA ASN F 138 -10.68 48.55 28.79
C ASN F 138 -11.52 48.34 27.53
N HIS F 139 -12.84 48.40 27.62
CA HIS F 139 -13.71 48.05 26.48
C HIS F 139 -13.87 49.21 25.49
N LYS F 140 -12.75 49.78 25.03
CA LYS F 140 -12.78 50.74 23.93
C LYS F 140 -12.94 50.03 22.60
N SER F 141 -12.44 48.80 22.49
CA SER F 141 -12.59 48.01 21.26
C SER F 141 -14.01 47.50 21.08
N LEU F 142 -14.75 47.28 22.16
CA LEU F 142 -16.12 46.81 22.11
C LEU F 142 -17.13 47.91 22.39
N ARG F 143 -16.73 49.18 22.21
CA ARG F 143 -17.60 50.37 22.18
C ARG F 143 -18.36 50.55 23.51
N LEU F 144 -17.60 50.90 24.53
CA LEU F 144 -18.13 51.42 25.79
C LEU F 144 -17.84 52.92 25.87
N ASP F 145 -18.87 53.71 26.10
CA ASP F 145 -18.79 55.16 25.93
C ASP F 145 -18.18 55.83 27.16
N ARG F 146 -17.88 57.13 27.02
CA ARG F 146 -17.29 57.91 28.09
C ARG F 146 -18.31 58.78 28.84
N TYR F 147 -19.39 59.22 28.19
CA TYR F 147 -20.46 59.91 28.89
C TYR F 147 -21.17 59.00 29.89
N GLN F 148 -21.22 57.69 29.59
CA GLN F 148 -21.76 56.73 30.55
C GLN F 148 -20.89 56.64 31.80
N LEU F 149 -19.57 56.76 31.63
CA LEU F 149 -18.69 56.82 32.79
C LEU F 149 -18.80 58.17 33.49
N GLU F 150 -19.07 59.25 32.76
CA GLU F 150 -19.19 60.56 33.34
C GLU F 150 -20.46 60.75 34.15
N ALA F 151 -21.55 60.07 33.76
CA ALA F 151 -22.85 60.26 34.40
C ALA F 151 -23.03 59.46 35.68
N VAL F 152 -22.04 58.66 36.08
CA VAL F 152 -22.13 57.87 37.31
C VAL F 152 -21.28 58.44 38.43
N LYS F 153 -20.57 59.54 38.20
CA LYS F 153 -19.75 60.16 39.22
C LYS F 153 -20.56 61.21 39.97
N GLY F 154 -20.34 61.29 41.29
CA GLY F 154 -21.05 62.24 42.12
C GLY F 154 -22.48 61.82 42.40
N THR F 155 -22.64 60.70 43.08
CA THR F 155 -23.95 60.15 43.40
C THR F 155 -24.18 60.17 44.91
N SER F 156 -25.42 60.45 45.32
CA SER F 156 -25.78 60.48 46.73
C SER F 156 -26.22 59.10 47.22
N ASP F 157 -27.24 58.53 46.59
CA ASP F 157 -27.74 57.21 46.99
C ASP F 157 -26.87 56.12 46.38
N PRO F 158 -26.75 54.96 47.03
CA PRO F 158 -26.10 53.82 46.35
C PRO F 158 -26.92 53.27 45.19
N ALA F 159 -28.25 53.43 45.25
CA ALA F 159 -29.11 52.98 44.16
C ALA F 159 -28.88 53.78 42.89
N MET F 160 -28.47 55.05 43.04
CA MET F 160 -28.11 55.90 41.89
C MET F 160 -27.05 55.24 41.04
N LEU F 161 -25.88 55.01 41.65
CA LEU F 161 -24.74 54.43 40.96
C LEU F 161 -25.01 52.99 40.55
N ALA F 162 -25.74 52.24 41.40
CA ALA F 162 -26.01 50.83 41.12
C ALA F 162 -26.86 50.66 39.86
N ASP F 163 -28.00 51.36 39.79
CA ASP F 163 -28.87 51.22 38.63
C ASP F 163 -28.28 51.90 37.40
N THR F 164 -27.55 53.01 37.59
CA THR F 164 -26.97 53.70 36.45
C THR F 164 -25.83 52.89 35.82
N ILE F 165 -25.00 52.26 36.64
CA ILE F 165 -23.93 51.41 36.13
C ILE F 165 -24.52 50.14 35.52
N ALA F 166 -25.56 49.58 36.14
CA ALA F 166 -26.21 48.39 35.60
C ALA F 166 -26.87 48.67 34.26
N TYR F 167 -27.34 49.91 34.04
CA TYR F 167 -27.82 50.27 32.71
C TYR F 167 -26.68 50.51 31.74
N HIS F 168 -25.59 51.14 32.21
CA HIS F 168 -24.53 51.57 31.30
C HIS F 168 -23.62 50.45 30.82
N ALA F 169 -23.80 49.23 31.33
CA ALA F 169 -23.12 48.06 30.78
C ALA F 169 -24.11 47.27 29.93
N THR F 170 -23.62 46.71 28.83
CA THR F 170 -24.47 46.08 27.83
C THR F 170 -24.50 44.58 28.02
N TRP F 171 -25.67 44.04 28.36
CA TRP F 171 -25.92 42.60 28.36
C TRP F 171 -27.39 42.36 28.02
N THR F 172 -27.88 41.17 28.33
CA THR F 172 -29.20 40.71 27.91
C THR F 172 -30.29 41.35 28.78
N VAL F 173 -31.52 40.88 28.58
CA VAL F 173 -32.69 41.43 29.26
C VAL F 173 -33.02 40.56 30.47
N ALA F 174 -32.69 39.27 30.36
CA ALA F 174 -32.98 38.34 31.45
C ALA F 174 -32.12 38.62 32.69
N GLU F 175 -30.84 38.99 32.48
CA GLU F 175 -29.99 39.35 33.60
C GLU F 175 -30.43 40.65 34.25
N LYS F 176 -30.92 41.61 33.44
CA LYS F 176 -31.48 42.84 33.99
C LYS F 176 -32.76 42.56 34.77
N GLN F 177 -33.58 41.62 34.29
CA GLN F 177 -34.79 41.23 35.01
C GLN F 177 -34.46 40.54 36.33
N GLU F 178 -33.41 39.72 36.34
CA GLU F 178 -32.95 39.12 37.58
C GLU F 178 -32.39 40.17 38.54
N ILE F 179 -31.79 41.23 38.00
CA ILE F 179 -31.31 42.34 38.84
C ILE F 179 -32.49 43.07 39.46
N LEU F 180 -33.51 43.37 38.65
CA LEU F 180 -34.66 44.11 39.17
C LEU F 180 -35.53 43.25 40.08
N GLU F 181 -35.43 41.93 39.96
CA GLU F 181 -36.02 41.05 40.97
C GLU F 181 -35.33 41.21 42.31
N LEU F 182 -34.01 41.44 42.29
CA LEU F 182 -33.23 41.58 43.51
C LEU F 182 -33.45 42.96 44.11
N THR F 183 -34.27 43.05 45.16
CA THR F 183 -34.49 44.30 45.86
C THR F 183 -33.42 44.58 46.91
N ASP F 184 -32.54 43.62 47.19
CA ASP F 184 -31.46 43.85 48.14
C ASP F 184 -30.41 44.78 47.55
N LEU F 185 -29.81 45.59 48.43
CA LEU F 185 -28.90 46.63 47.97
C LEU F 185 -27.53 46.07 47.60
N GLU F 186 -27.15 44.92 48.18
CA GLU F 186 -25.84 44.35 47.94
C GLU F 186 -25.84 43.22 46.91
N ALA F 187 -26.95 42.50 46.79
CA ALA F 187 -27.03 41.39 45.84
C ALA F 187 -27.00 41.88 44.41
N ARG F 188 -27.61 43.05 44.15
CA ARG F 188 -27.54 43.65 42.82
C ARG F 188 -26.10 44.04 42.47
N LEU F 189 -25.37 44.59 43.45
CA LEU F 189 -23.97 44.93 43.22
C LEU F 189 -23.11 43.69 42.97
N LYS F 190 -23.38 42.61 43.71
CA LYS F 190 -22.68 41.35 43.49
C LYS F 190 -22.96 40.77 42.11
N LYS F 191 -24.22 40.84 41.67
CA LYS F 191 -24.60 40.38 40.34
C LYS F 191 -23.93 41.19 39.23
N VAL F 192 -23.89 42.51 39.39
CA VAL F 192 -23.25 43.37 38.39
C VAL F 192 -21.74 43.12 38.35
N LEU F 193 -21.13 42.91 39.52
CA LEU F 193 -19.70 42.59 39.59
C LEU F 193 -19.38 41.27 38.90
N GLY F 194 -20.22 40.25 39.12
CA GLY F 194 -20.02 38.97 38.45
C GLY F 194 -20.20 39.04 36.94
N LEU F 195 -21.21 39.80 36.49
CA LEU F 195 -21.43 39.95 35.05
C LEU F 195 -20.30 40.73 34.39
N LEU F 196 -19.78 41.75 35.07
CA LEU F 196 -18.62 42.49 34.55
C LEU F 196 -17.38 41.61 34.48
N SER F 197 -17.19 40.74 35.47
CA SER F 197 -16.07 39.79 35.42
C SER F 197 -16.22 38.82 34.25
N ARG F 198 -17.45 38.36 33.99
CA ARG F 198 -17.70 37.46 32.86
C ARG F 198 -17.43 38.15 31.52
N ASP F 199 -17.88 39.41 31.39
CA ASP F 199 -17.64 40.17 30.17
C ASP F 199 -16.15 40.43 29.95
N LEU F 200 -15.43 40.78 31.03
CA LEU F 200 -13.98 40.98 30.91
C LEU F 200 -13.26 39.67 30.61
N GLU F 201 -13.82 38.54 31.02
CA GLU F 201 -13.13 37.28 30.75
C GLU F 201 -13.37 36.81 29.31
N ARG F 202 -14.56 37.05 28.77
CA ARG F 202 -14.76 36.82 27.34
C ARG F 202 -13.98 37.83 26.50
N PHE F 203 -13.79 39.02 27.05
CA PHE F 203 -12.95 40.05 26.44
C PHE F 203 -11.50 39.57 26.36
N GLU F 204 -11.02 38.96 27.45
CA GLU F 204 -9.73 38.27 27.47
C GLU F 204 -9.69 37.11 26.49
N LEU F 205 -10.79 36.39 26.34
CA LEU F 205 -10.89 35.31 25.35
C LEU F 205 -10.78 35.84 23.93
N ASP F 206 -11.33 37.02 23.68
CA ASP F 206 -11.16 37.71 22.41
C ASP F 206 -9.71 38.06 22.13
N LYS F 207 -8.97 38.53 23.15
CA LYS F 207 -7.54 38.73 22.88
C LYS F 207 -6.78 37.41 22.79
N ARG F 208 -7.25 36.34 23.42
CA ARG F 208 -6.56 35.06 23.25
C ARG F 208 -6.66 34.55 21.82
N VAL F 209 -7.88 34.56 21.27
CA VAL F 209 -8.05 34.22 19.85
C VAL F 209 -7.32 35.25 18.97
N ALA F 210 -7.21 36.50 19.43
CA ALA F 210 -6.50 37.52 18.66
C ALA F 210 -4.97 37.30 18.62
N GLN F 211 -4.37 36.79 19.70
CA GLN F 211 -2.96 36.39 19.60
C GLN F 211 -2.77 35.22 18.66
N ARG F 212 -3.64 34.21 18.77
CA ARG F 212 -3.46 33.07 17.90
C ARG F 212 -3.84 33.38 16.44
N VAL F 213 -4.53 34.51 16.20
CA VAL F 213 -4.64 35.06 14.85
C VAL F 213 -3.26 35.28 14.24
N LYS F 214 -2.40 36.04 14.92
CA LYS F 214 -1.12 36.37 14.27
C LYS F 214 -0.20 35.15 14.30
N GLU F 215 -0.32 34.31 15.34
CA GLU F 215 0.41 33.04 15.39
C GLU F 215 0.14 32.17 14.17
N GLN F 216 -1.11 31.80 13.98
CA GLN F 216 -1.42 30.84 12.94
C GLN F 216 -1.63 31.49 11.58
N MET F 217 -1.58 32.82 11.46
CA MET F 217 -1.34 33.37 10.12
C MET F 217 0.14 33.31 9.79
N ASP F 218 0.99 33.80 10.70
CA ASP F 218 2.38 34.09 10.35
C ASP F 218 3.19 32.82 10.15
N THR F 219 2.72 31.69 10.70
CA THR F 219 3.36 30.42 10.36
C THR F 219 3.26 30.13 8.84
N ASN F 220 2.06 30.23 8.28
CA ASN F 220 1.91 29.99 6.85
C ASN F 220 2.42 31.16 6.03
N GLN F 221 2.45 32.36 6.62
CA GLN F 221 3.04 33.51 5.96
C GLN F 221 4.53 33.31 5.73
N ARG F 222 5.24 32.77 6.72
CA ARG F 222 6.68 32.56 6.52
C ARG F 222 6.93 31.32 5.67
N GLU F 223 6.02 30.33 5.70
CA GLU F 223 6.07 29.24 4.73
C GLU F 223 5.98 29.76 3.30
N SER F 224 5.04 30.67 3.05
CA SER F 224 4.86 31.25 1.74
C SER F 224 6.02 32.16 1.35
N TYR F 225 6.55 32.91 2.32
CA TYR F 225 7.69 33.77 2.05
C TYR F 225 8.92 32.93 1.67
N LEU F 226 9.12 31.78 2.33
CA LEU F 226 10.23 30.92 1.96
C LEU F 226 9.98 30.16 0.65
N ARG F 227 8.70 29.98 0.28
CA ARG F 227 8.40 29.50 -1.07
C ARG F 227 8.94 30.49 -2.09
N GLU F 228 8.68 31.78 -1.83
CA GLU F 228 9.16 32.85 -2.70
C GLU F 228 10.69 32.87 -2.75
N GLN F 229 11.35 32.62 -1.62
CA GLN F 229 12.81 32.54 -1.63
C GLN F 229 13.32 31.34 -2.45
N MET F 230 12.59 30.21 -2.42
CA MET F 230 13.01 29.10 -3.26
C MET F 230 12.89 29.48 -4.73
N LYS F 231 11.78 30.11 -5.13
CA LYS F 231 11.65 30.48 -6.55
C LYS F 231 12.63 31.57 -6.95
N ALA F 232 13.08 32.39 -5.97
CA ALA F 232 13.96 33.49 -6.31
C ALA F 232 15.40 33.02 -6.43
N ILE F 233 15.74 31.94 -5.74
CA ILE F 233 17.05 31.33 -5.97
C ILE F 233 17.01 30.43 -7.20
N GLN F 234 15.88 29.76 -7.44
CA GLN F 234 15.79 28.89 -8.61
C GLN F 234 15.80 29.65 -9.93
N LYS F 235 15.35 30.92 -9.91
CA LYS F 235 15.38 31.69 -11.15
C LYS F 235 16.80 32.11 -11.50
N GLU F 236 17.67 32.26 -10.49
CA GLU F 236 19.06 32.59 -10.78
C GLU F 236 19.90 31.33 -10.90
N LEU F 237 19.44 30.22 -10.32
CA LEU F 237 19.97 28.91 -10.68
C LEU F 237 19.66 28.60 -12.13
N GLY F 238 18.45 28.93 -12.58
CA GLY F 238 18.06 28.79 -13.97
C GLY F 238 18.28 30.07 -14.74
N GLY F 239 19.20 30.90 -14.26
CA GLY F 239 19.47 32.18 -14.89
C GLY F 239 20.10 32.07 -16.26
N GLU F 240 19.34 32.51 -17.28
CA GLU F 240 19.88 32.67 -18.62
C GLU F 240 19.56 34.11 -18.99
N ASP F 241 20.41 35.03 -18.54
CA ASP F 241 20.24 36.45 -18.77
C ASP F 241 21.45 37.01 -19.50
N GLY F 242 21.93 36.27 -20.50
CA GLY F 242 23.07 36.70 -21.28
C GLY F 242 22.66 37.53 -22.48
N LEU F 243 23.02 38.81 -22.44
CA LEU F 243 22.72 39.74 -23.52
C LEU F 243 23.85 39.80 -24.55
N SER F 244 24.89 38.97 -24.40
CA SER F 244 26.06 39.08 -25.24
C SER F 244 25.85 38.49 -26.63
N ASP F 245 24.94 37.51 -26.77
CA ASP F 245 24.85 36.77 -28.03
C ASP F 245 23.89 37.37 -29.05
N LEU F 246 22.98 38.25 -28.60
CA LEU F 246 21.76 38.67 -29.30
C LEU F 246 21.92 39.12 -30.75
N GLU F 247 22.80 40.10 -30.99
CA GLU F 247 22.93 40.68 -32.33
C GLU F 247 23.60 39.69 -33.29
N ALA F 248 24.56 38.91 -32.78
CA ALA F 248 25.21 37.85 -33.55
C ALA F 248 24.23 36.77 -33.94
N LEU F 249 23.34 36.40 -33.00
CA LEU F 249 22.29 35.44 -33.32
C LEU F 249 21.32 35.99 -34.35
N ARG F 250 20.99 37.29 -34.24
CA ARG F 250 20.13 37.97 -35.21
C ARG F 250 20.72 37.92 -36.61
N LYS F 251 22.01 38.23 -36.74
CA LYS F 251 22.60 38.27 -38.06
C LYS F 251 22.91 36.87 -38.59
N LYS F 252 23.11 35.89 -37.70
CA LYS F 252 23.32 34.53 -38.19
C LYS F 252 22.03 33.76 -38.40
N ILE F 253 20.87 34.36 -38.08
CA ILE F 253 19.59 33.78 -38.51
C ILE F 253 19.56 33.60 -40.02
N GLU F 254 19.92 34.65 -40.76
CA GLU F 254 19.76 34.61 -42.21
C GLU F 254 20.88 33.83 -42.87
N GLU F 255 22.14 34.15 -42.54
CA GLU F 255 23.27 33.63 -43.28
C GLU F 255 23.58 32.18 -42.95
N VAL F 256 23.09 31.67 -41.84
CA VAL F 256 23.05 30.23 -41.61
C VAL F 256 21.66 29.82 -42.05
N GLY F 257 21.56 29.36 -43.30
CA GLY F 257 20.29 29.38 -43.98
C GLY F 257 19.41 28.21 -43.57
N MET F 258 18.48 28.48 -42.68
CA MET F 258 17.51 27.57 -42.12
C MET F 258 16.51 27.16 -43.19
N PRO F 259 15.90 25.99 -43.08
CA PRO F 259 14.76 25.62 -43.94
C PRO F 259 13.54 26.48 -43.70
N GLU F 260 12.52 26.35 -44.56
CA GLU F 260 11.33 27.19 -44.53
C GLU F 260 10.56 27.13 -43.21
N ALA F 261 10.30 25.92 -42.70
CA ALA F 261 9.74 25.78 -41.36
C ALA F 261 10.71 26.30 -40.31
N VAL F 262 12.00 26.05 -40.51
CA VAL F 262 12.98 26.39 -39.49
C VAL F 262 13.31 27.88 -39.54
N LYS F 263 13.34 28.47 -40.74
CA LYS F 263 13.45 29.93 -40.84
C LYS F 263 12.20 30.61 -40.32
N THR F 264 11.05 29.95 -40.48
CA THR F 264 9.80 30.48 -39.94
C THR F 264 9.85 30.56 -38.41
N LYS F 265 10.33 29.50 -37.76
CA LYS F 265 10.47 29.59 -36.31
C LYS F 265 11.64 30.46 -35.88
N ALA F 266 12.65 30.62 -36.73
CA ALA F 266 13.70 31.59 -36.45
C ALA F 266 13.15 33.01 -36.43
N LEU F 267 12.28 33.33 -37.38
CA LEU F 267 11.61 34.62 -37.38
C LEU F 267 10.63 34.74 -36.22
N LYS F 268 10.02 33.61 -35.81
CA LYS F 268 9.11 33.60 -34.66
C LYS F 268 9.85 33.92 -33.36
N GLU F 269 10.97 33.26 -33.13
CA GLU F 269 11.74 33.49 -31.90
C GLU F 269 12.46 34.83 -31.93
N LEU F 270 12.74 35.38 -33.12
CA LEU F 270 13.13 36.78 -33.20
C LEU F 270 11.98 37.69 -32.80
N ASP F 271 10.77 37.34 -33.20
CA ASP F 271 9.60 38.17 -32.92
C ASP F 271 9.22 38.14 -31.45
N ARG F 272 9.66 37.12 -30.71
CA ARG F 272 9.45 37.13 -29.27
C ARG F 272 10.37 38.12 -28.56
N LEU F 273 11.43 38.58 -29.21
CA LEU F 273 12.39 39.49 -28.61
C LEU F 273 12.15 40.91 -29.12
N GLU F 274 13.10 41.80 -28.77
CA GLU F 274 13.11 43.24 -29.06
C GLU F 274 11.92 44.04 -28.52
N ARG F 275 11.02 43.41 -27.77
CA ARG F 275 10.05 44.12 -26.92
C ARG F 275 10.23 43.72 -25.47
N MET F 276 10.44 42.44 -25.22
CA MET F 276 10.72 41.86 -23.92
C MET F 276 12.02 41.07 -24.04
N GLN F 277 12.95 41.33 -23.13
CA GLN F 277 14.21 40.62 -23.34
C GLN F 277 14.71 39.81 -22.14
N GLN F 278 14.81 40.42 -20.96
CA GLN F 278 15.52 39.77 -19.86
C GLN F 278 14.78 39.74 -18.54
N GLY F 279 13.83 40.62 -18.29
CA GLY F 279 13.07 40.63 -17.04
C GLY F 279 11.92 39.65 -17.01
N SER F 280 11.95 38.61 -17.84
CA SER F 280 10.84 37.72 -18.06
C SER F 280 11.36 36.35 -18.48
N PRO F 281 10.69 35.27 -18.05
CA PRO F 281 11.19 33.93 -18.40
C PRO F 281 11.01 33.57 -19.87
N GLU F 282 9.90 33.98 -20.48
CA GLU F 282 9.60 33.60 -21.86
C GLU F 282 10.56 34.22 -22.86
N ALA F 283 10.96 35.48 -22.64
CA ALA F 283 11.92 36.11 -23.54
C ALA F 283 13.31 35.51 -23.41
N THR F 284 13.71 35.17 -22.18
CA THR F 284 15.01 34.53 -21.98
C THR F 284 15.03 33.13 -22.57
N VAL F 285 13.93 32.38 -22.46
CA VAL F 285 13.95 31.04 -23.04
C VAL F 285 13.74 31.10 -24.55
N ALA F 286 13.11 32.16 -25.06
CA ALA F 286 13.05 32.38 -26.50
C ALA F 286 14.44 32.73 -27.05
N ARG F 287 15.20 33.52 -26.30
CA ARG F 287 16.59 33.79 -26.65
C ARG F 287 17.46 32.54 -26.54
N THR F 288 17.16 31.67 -25.57
CA THR F 288 17.92 30.43 -25.44
C THR F 288 17.63 29.50 -26.60
N TYR F 289 16.35 29.36 -26.97
CA TYR F 289 15.96 28.61 -28.15
C TYR F 289 16.50 29.25 -29.42
N LEU F 290 16.71 30.57 -29.40
CA LEU F 290 17.34 31.26 -30.52
C LEU F 290 18.82 30.93 -30.60
N ASP F 291 19.48 30.84 -29.45
CA ASP F 291 20.85 30.35 -29.39
C ASP F 291 20.94 28.93 -29.91
N TRP F 292 19.90 28.13 -29.64
CA TRP F 292 19.90 26.75 -30.08
C TRP F 292 19.56 26.63 -31.57
N LEU F 293 18.71 27.52 -32.06
CA LEU F 293 18.13 27.41 -33.38
C LEU F 293 18.92 28.21 -34.41
N THR F 294 19.91 28.98 -33.96
CA THR F 294 20.88 29.50 -34.90
C THR F 294 22.14 28.65 -34.92
N GLU F 295 22.53 28.09 -33.77
CA GLU F 295 23.70 27.23 -33.72
C GLU F 295 23.39 25.83 -34.23
N VAL F 296 22.15 25.55 -34.56
CA VAL F 296 21.93 24.45 -35.50
C VAL F 296 22.46 24.88 -36.89
N PRO F 297 23.31 24.08 -37.52
CA PRO F 297 23.95 24.50 -38.78
C PRO F 297 23.08 24.12 -39.98
N TRP F 298 22.79 25.10 -40.82
CA TRP F 298 22.02 24.87 -42.03
C TRP F 298 22.53 25.73 -43.17
N SER F 299 22.20 25.28 -44.38
CA SER F 299 22.78 25.66 -45.67
C SER F 299 24.29 25.45 -45.71
N LYS F 300 24.81 24.55 -44.90
CA LYS F 300 26.24 24.34 -44.71
C LYS F 300 26.56 22.87 -44.55
N ALA F 301 26.00 22.02 -45.41
CA ALA F 301 26.18 20.58 -45.33
C ALA F 301 27.61 20.17 -45.66
N ASP F 302 27.90 18.90 -45.38
CA ASP F 302 29.08 18.22 -45.90
C ASP F 302 28.68 17.40 -47.12
N PRO F 303 29.55 17.28 -48.11
CA PRO F 303 29.19 16.53 -49.32
C PRO F 303 29.07 15.05 -49.06
N GLU F 304 28.20 14.40 -49.83
CA GLU F 304 28.04 12.97 -49.81
C GLU F 304 29.14 12.29 -50.62
N VAL F 305 29.39 11.03 -50.31
CA VAL F 305 30.23 10.16 -51.12
C VAL F 305 29.43 8.91 -51.45
N LEU F 306 29.13 8.72 -52.73
CA LEU F 306 28.38 7.55 -53.18
C LEU F 306 29.29 6.39 -53.51
N ASP F 307 30.59 6.56 -53.32
CA ASP F 307 31.55 5.50 -53.58
C ASP F 307 31.54 4.53 -52.41
N ILE F 308 31.70 3.25 -52.73
CA ILE F 308 31.75 2.21 -51.72
C ILE F 308 33.18 1.76 -51.42
N ASN F 309 34.13 2.00 -52.33
CA ASN F 309 35.49 1.54 -52.11
C ASN F 309 36.33 2.57 -51.36
N HIS F 310 35.95 3.85 -51.43
CA HIS F 310 36.57 4.85 -50.58
C HIS F 310 36.32 4.54 -49.10
N THR F 311 35.08 4.16 -48.79
CA THR F 311 34.75 3.76 -47.43
C THR F 311 35.42 2.42 -47.09
N ARG F 312 35.69 1.58 -48.11
CA ARG F 312 36.50 0.37 -47.90
C ARG F 312 37.92 0.71 -47.43
N GLN F 313 38.55 1.69 -48.07
CA GLN F 313 39.90 2.07 -47.65
C GLN F 313 39.89 2.79 -46.30
N VAL F 314 38.84 3.55 -46.00
CA VAL F 314 38.77 4.18 -44.68
C VAL F 314 38.46 3.14 -43.59
N LEU F 315 37.72 2.08 -43.92
CA LEU F 315 37.47 1.06 -42.90
C LEU F 315 38.69 0.19 -42.65
N ASP F 316 39.52 -0.05 -43.68
CA ASP F 316 40.70 -0.88 -43.46
C ASP F 316 41.79 -0.14 -42.69
N GLU F 317 41.64 1.17 -42.47
CA GLU F 317 42.57 1.97 -41.67
C GLU F 317 41.98 2.42 -40.34
N ASP F 318 40.80 1.93 -39.97
CA ASP F 318 40.11 2.49 -38.80
C ASP F 318 40.58 1.80 -37.53
N HIS F 319 40.28 0.53 -37.40
CA HIS F 319 40.63 -0.07 -36.12
C HIS F 319 41.38 -1.39 -36.28
N TYR F 320 40.92 -2.28 -37.17
CA TYR F 320 41.69 -3.45 -37.58
C TYR F 320 41.65 -3.72 -39.07
N GLY F 321 40.61 -3.31 -39.79
CA GLY F 321 40.27 -4.02 -41.01
C GLY F 321 39.26 -5.10 -40.65
N LEU F 322 38.13 -4.64 -40.08
CA LEU F 322 37.15 -5.46 -39.36
C LEU F 322 36.66 -6.64 -40.19
N LYS F 323 36.32 -7.73 -39.50
CA LYS F 323 36.07 -8.97 -40.20
C LYS F 323 34.66 -9.03 -40.77
N ASP F 324 33.65 -8.92 -39.91
CA ASP F 324 32.26 -9.10 -40.33
C ASP F 324 31.47 -7.81 -40.45
N VAL F 325 31.86 -6.75 -39.75
CA VAL F 325 31.09 -5.51 -39.71
C VAL F 325 31.24 -4.70 -40.99
N LYS F 326 32.36 -4.90 -41.71
CA LYS F 326 32.61 -4.15 -42.94
C LYS F 326 31.55 -4.47 -43.99
N GLU F 327 31.07 -5.72 -44.01
CA GLU F 327 30.08 -6.13 -45.00
C GLU F 327 28.76 -5.42 -44.75
N ARG F 328 28.29 -5.39 -43.49
CA ARG F 328 27.03 -4.70 -43.16
C ARG F 328 27.12 -3.19 -43.35
N ILE F 329 28.25 -2.57 -43.02
CA ILE F 329 28.32 -1.12 -43.21
C ILE F 329 28.37 -0.78 -44.70
N LEU F 330 28.99 -1.64 -45.52
CA LEU F 330 28.95 -1.40 -46.95
C LEU F 330 27.57 -1.67 -47.52
N GLU F 331 26.81 -2.60 -46.92
CA GLU F 331 25.41 -2.83 -47.26
C GLU F 331 24.59 -1.55 -47.12
N TYR F 332 24.63 -0.96 -45.91
CA TYR F 332 23.80 0.20 -45.66
C TYR F 332 24.28 1.41 -46.47
N LEU F 333 25.58 1.54 -46.70
CA LEU F 333 26.01 2.70 -47.47
C LEU F 333 25.74 2.55 -48.96
N ALA F 334 25.83 1.35 -49.52
CA ALA F 334 25.43 1.13 -50.91
C ALA F 334 23.93 1.28 -51.10
N VAL F 335 23.14 1.08 -50.05
CA VAL F 335 21.74 1.48 -50.10
C VAL F 335 21.63 3.01 -50.04
N ARG F 336 22.40 3.64 -49.15
CA ARG F 336 22.29 5.06 -48.84
C ARG F 336 22.66 5.95 -50.02
N GLN F 337 23.51 5.47 -50.91
CA GLN F 337 24.04 6.31 -51.97
C GLN F 337 23.05 6.64 -53.08
N LEU F 338 22.22 5.69 -53.52
CA LEU F 338 21.36 5.92 -54.66
C LEU F 338 19.93 5.64 -54.23
N THR F 339 19.17 6.68 -53.91
CA THR F 339 17.78 6.55 -53.54
C THR F 339 16.94 7.56 -54.32
N GLN F 340 15.62 7.43 -54.17
CA GLN F 340 14.69 8.21 -54.99
C GLN F 340 14.67 9.68 -54.59
N GLY F 341 14.67 9.97 -53.29
CA GLY F 341 14.62 11.35 -52.84
C GLY F 341 15.96 12.03 -52.69
N LEU F 342 17.05 11.24 -52.62
CA LEU F 342 18.41 11.72 -52.39
C LEU F 342 18.51 12.61 -51.16
N ASP F 343 17.82 12.20 -50.11
CA ASP F 343 17.86 12.83 -48.81
C ASP F 343 17.99 11.74 -47.76
N VAL F 344 18.54 12.08 -46.61
CA VAL F 344 18.85 11.08 -45.60
C VAL F 344 17.90 11.34 -44.44
N ARG F 345 16.72 10.72 -44.48
CA ARG F 345 15.80 10.82 -43.36
C ARG F 345 15.54 9.48 -42.67
N ASN F 346 14.90 8.51 -43.35
CA ASN F 346 14.36 7.25 -42.83
C ASN F 346 13.98 6.33 -43.98
N LYS F 347 13.04 5.40 -43.69
CA LYS F 347 12.55 4.32 -44.55
C LYS F 347 13.67 3.33 -44.79
N ALA F 348 14.57 3.21 -43.82
CA ALA F 348 15.72 2.34 -43.92
C ALA F 348 16.14 1.94 -42.53
N PRO F 349 16.66 0.73 -42.36
CA PRO F 349 17.19 0.34 -41.06
C PRO F 349 18.52 1.03 -40.79
N ILE F 350 18.69 1.55 -39.57
CA ILE F 350 19.67 2.61 -39.35
C ILE F 350 20.84 2.20 -38.45
N LEU F 351 21.23 0.91 -38.53
CA LEU F 351 22.50 0.39 -38.01
C LEU F 351 22.61 0.57 -36.49
N VAL F 352 21.69 -0.07 -35.79
CA VAL F 352 21.84 -0.17 -34.34
C VAL F 352 23.03 -1.11 -34.08
N LEU F 353 23.86 -0.75 -33.12
CA LEU F 353 25.06 -1.54 -32.85
C LEU F 353 24.93 -2.21 -31.50
N VAL F 354 24.81 -3.53 -31.52
CA VAL F 354 24.64 -4.33 -30.32
C VAL F 354 25.88 -5.18 -30.14
N GLY F 355 26.54 -5.02 -29.00
CA GLY F 355 27.71 -5.79 -28.68
C GLY F 355 28.52 -5.11 -27.60
N PRO F 356 29.67 -5.70 -27.23
CA PRO F 356 30.50 -5.07 -26.21
C PRO F 356 31.14 -3.81 -26.73
N PRO F 357 31.16 -2.73 -25.93
CA PRO F 357 31.86 -1.52 -26.37
C PRO F 357 33.37 -1.57 -26.18
N GLY F 358 33.93 -2.74 -25.82
CA GLY F 358 35.35 -2.84 -25.58
C GLY F 358 36.19 -2.62 -26.82
N VAL F 359 35.71 -3.13 -27.96
CA VAL F 359 36.30 -2.75 -29.23
C VAL F 359 35.76 -1.36 -29.56
N GLY F 360 36.49 -0.61 -30.39
CA GLY F 360 36.19 0.79 -30.61
C GLY F 360 34.90 1.07 -31.36
N LYS F 361 33.89 1.56 -30.65
CA LYS F 361 32.57 1.78 -31.22
C LYS F 361 32.41 3.19 -31.78
N THR F 362 32.82 4.22 -31.04
CA THR F 362 32.55 5.59 -31.47
C THR F 362 33.50 6.02 -32.58
N SER F 363 34.71 5.45 -32.61
CA SER F 363 35.66 5.76 -33.69
C SER F 363 35.22 5.12 -35.00
N LEU F 364 34.38 4.08 -34.94
CA LEU F 364 33.71 3.59 -36.15
C LEU F 364 32.85 4.68 -36.78
N GLY F 365 32.05 5.37 -35.96
CA GLY F 365 31.29 6.50 -36.46
C GLY F 365 32.16 7.67 -36.89
N ARG F 366 33.30 7.85 -36.19
CA ARG F 366 34.26 8.89 -36.56
C ARG F 366 34.82 8.65 -37.97
N SER F 367 35.24 7.42 -38.25
CA SER F 367 35.83 7.12 -39.54
C SER F 367 34.78 7.02 -40.65
N ILE F 368 33.53 6.65 -40.31
CA ILE F 368 32.46 6.75 -41.31
C ILE F 368 32.16 8.21 -41.65
N ALA F 369 32.27 9.12 -40.67
CA ALA F 369 32.20 10.54 -40.98
C ALA F 369 33.38 10.98 -41.85
N ARG F 370 34.54 10.34 -41.66
CA ARG F 370 35.70 10.66 -42.48
C ARG F 370 35.56 10.14 -43.92
N SER F 371 34.95 8.96 -44.10
CA SER F 371 34.92 8.31 -45.41
C SER F 371 34.00 9.04 -46.36
N MET F 372 32.90 9.54 -45.84
CA MET F 372 31.99 10.33 -46.65
C MET F 372 32.14 11.83 -46.39
N ASN F 373 33.25 12.22 -45.75
CA ASN F 373 33.69 13.62 -45.61
C ASN F 373 32.72 14.41 -44.75
N ARG F 374 32.09 13.72 -43.84
CA ARG F 374 31.04 14.27 -43.04
C ARG F 374 31.63 14.63 -41.68
N LYS F 375 30.84 15.24 -40.80
CA LYS F 375 31.30 15.63 -39.49
C LYS F 375 30.61 14.77 -38.45
N PHE F 376 31.38 14.24 -37.51
CA PHE F 376 30.85 13.35 -36.50
C PHE F 376 30.40 14.13 -35.29
N HIS F 377 29.44 13.55 -34.57
CA HIS F 377 29.20 13.91 -33.18
C HIS F 377 28.77 12.65 -32.44
N ARG F 378 29.04 12.63 -31.14
CA ARG F 378 28.53 11.58 -30.27
C ARG F 378 27.83 12.19 -29.08
N ILE F 379 26.66 11.65 -28.75
CA ILE F 379 25.88 12.03 -27.58
C ILE F 379 25.46 10.79 -26.82
N SER F 380 25.54 10.86 -25.50
CA SER F 380 25.12 9.76 -24.65
C SER F 380 23.62 9.85 -24.40
N LEU F 381 22.92 8.74 -24.66
CA LEU F 381 21.49 8.70 -24.44
C LEU F 381 21.08 7.66 -23.41
N GLY F 382 22.04 6.92 -22.85
CA GLY F 382 21.73 6.03 -21.75
C GLY F 382 21.41 6.82 -20.49
N GLY F 383 20.60 6.22 -19.63
CA GLY F 383 20.13 6.91 -18.45
C GLY F 383 19.05 7.92 -18.73
N VAL F 384 18.56 8.02 -19.96
CA VAL F 384 17.52 8.96 -20.33
C VAL F 384 16.22 8.20 -20.46
N ARG F 385 15.35 8.37 -19.48
CA ARG F 385 14.10 7.65 -19.41
C ARG F 385 12.91 8.61 -19.52
N ASP F 386 13.17 9.88 -19.78
CA ASP F 386 12.16 10.90 -19.97
C ASP F 386 12.25 11.46 -21.38
N GLU F 387 11.16 12.09 -21.81
CA GLU F 387 11.11 12.78 -23.08
C GLU F 387 11.65 14.19 -22.95
N ALA F 388 12.10 14.58 -21.75
CA ALA F 388 12.63 15.91 -21.54
C ALA F 388 14.04 16.03 -22.07
N GLU F 389 14.70 14.91 -22.34
CA GLU F 389 16.07 14.93 -22.82
C GLU F 389 16.25 14.19 -24.13
N ILE F 390 15.20 13.55 -24.65
CA ILE F 390 15.15 13.17 -26.06
C ILE F 390 14.56 14.34 -26.82
N ARG F 391 13.35 14.72 -26.43
CA ARG F 391 12.80 15.98 -26.89
C ARG F 391 13.24 17.06 -25.92
N GLY F 392 12.71 18.25 -26.07
CA GLY F 392 13.14 19.29 -25.17
C GLY F 392 12.31 19.38 -23.91
N HIS F 393 12.20 20.58 -23.34
CA HIS F 393 11.34 20.84 -22.22
C HIS F 393 10.28 21.85 -22.64
N ARG F 394 9.19 21.87 -21.88
CA ARG F 394 7.99 22.59 -22.28
C ARG F 394 8.20 24.10 -22.26
N ARG F 395 7.59 24.79 -23.23
CA ARG F 395 7.82 26.21 -23.44
C ARG F 395 6.87 27.05 -22.58
N THR F 396 7.08 26.96 -21.27
CA THR F 396 6.29 27.76 -20.35
C THR F 396 7.12 28.27 -19.17
N TYR F 397 8.44 28.11 -19.22
CA TYR F 397 9.33 28.52 -18.14
C TYR F 397 10.75 28.66 -18.68
N ILE F 398 11.60 29.35 -17.90
CA ILE F 398 13.02 29.46 -18.22
C ILE F 398 13.75 28.29 -17.57
N GLY F 399 14.61 27.63 -18.35
CA GLY F 399 15.19 26.39 -17.90
C GLY F 399 14.70 25.27 -18.79
N ALA F 400 13.86 25.63 -19.76
CA ALA F 400 13.54 24.69 -20.83
C ALA F 400 14.79 24.42 -21.65
N MET F 401 15.03 23.14 -21.94
CA MET F 401 16.34 22.71 -22.38
C MET F 401 16.12 21.62 -23.42
N PRO F 402 16.82 21.64 -24.55
CA PRO F 402 16.52 20.70 -25.63
C PRO F 402 16.89 19.26 -25.32
N GLY F 403 16.61 18.41 -26.30
CA GLY F 403 17.04 17.03 -26.26
C GLY F 403 18.48 16.89 -26.68
N LYS F 404 18.99 15.68 -26.50
CA LYS F 404 20.40 15.41 -26.75
C LYS F 404 20.75 15.48 -28.22
N LEU F 405 19.79 15.15 -29.10
CA LEU F 405 20.01 15.24 -30.54
C LEU F 405 20.27 16.68 -30.95
N ILE F 406 19.55 17.62 -30.33
CA ILE F 406 19.74 19.02 -30.62
C ILE F 406 21.09 19.49 -30.08
N HIS F 407 21.54 18.90 -28.97
CA HIS F 407 22.86 19.16 -28.44
C HIS F 407 23.96 18.73 -29.40
N ALA F 408 23.82 17.51 -29.94
CA ALA F 408 24.73 17.02 -30.96
C ALA F 408 24.71 17.92 -32.17
N MET F 409 23.52 18.37 -32.55
CA MET F 409 23.34 19.12 -33.78
C MET F 409 23.94 20.52 -33.65
N LYS F 410 23.76 21.18 -32.50
CA LYS F 410 24.50 22.41 -32.21
C LYS F 410 26.01 22.17 -32.24
N GLN F 411 26.49 21.16 -31.52
CA GLN F 411 27.93 20.98 -31.39
C GLN F 411 28.59 20.44 -32.65
N VAL F 412 27.82 20.00 -33.63
CA VAL F 412 28.37 19.65 -34.93
C VAL F 412 28.08 20.84 -35.84
N GLY F 413 28.82 20.93 -36.95
CA GLY F 413 28.77 22.12 -37.77
C GLY F 413 28.23 21.99 -39.17
N VAL F 414 27.43 20.97 -39.47
CA VAL F 414 26.89 20.79 -40.82
C VAL F 414 25.41 20.47 -40.73
N ILE F 415 24.71 20.69 -41.85
CA ILE F 415 23.31 20.29 -42.01
C ILE F 415 23.07 18.83 -41.65
N ASN F 416 23.92 17.94 -42.11
CA ASN F 416 23.59 16.53 -42.24
C ASN F 416 24.58 15.63 -41.51
N PRO F 417 24.74 15.76 -40.21
CA PRO F 417 25.86 15.11 -39.51
C PRO F 417 25.60 13.63 -39.28
N VAL F 418 26.49 13.02 -38.50
CA VAL F 418 26.28 11.65 -38.04
C VAL F 418 26.03 11.61 -36.54
N ILE F 419 24.80 11.29 -36.15
CA ILE F 419 24.40 11.38 -34.75
C ILE F 419 24.49 9.99 -34.12
N LEU F 420 25.22 9.88 -33.02
CA LEU F 420 25.52 8.61 -32.36
C LEU F 420 24.60 8.45 -31.14
N LEU F 421 23.77 7.43 -31.16
CA LEU F 421 22.84 7.15 -30.05
C LEU F 421 23.47 6.10 -29.16
N ASP F 422 23.65 6.44 -27.89
CA ASP F 422 24.46 5.66 -26.98
C ASP F 422 23.61 5.00 -25.90
N GLU F 423 23.93 3.72 -25.64
CA GLU F 423 23.37 2.90 -24.57
C GLU F 423 21.85 2.79 -24.70
N ILE F 424 21.43 2.19 -25.81
CA ILE F 424 20.02 2.19 -26.17
C ILE F 424 19.37 0.84 -25.80
N ASP F 425 20.18 -0.14 -25.43
CA ASP F 425 19.65 -1.39 -24.90
C ASP F 425 18.89 -1.17 -23.59
N LYS F 426 19.36 -0.25 -22.75
CA LYS F 426 18.80 0.02 -21.44
C LYS F 426 17.65 1.01 -21.47
N MET F 427 16.99 1.16 -22.61
CA MET F 427 15.82 2.01 -22.73
C MET F 427 14.61 1.40 -22.01
N SER F 428 13.94 2.22 -21.20
CA SER F 428 12.76 1.79 -20.46
C SER F 428 11.92 3.00 -20.10
N SER F 429 10.66 2.74 -19.72
CA SER F 429 9.73 3.79 -19.37
C SER F 429 9.60 3.87 -17.85
N ASP F 430 10.17 4.91 -17.27
CA ASP F 430 10.10 5.16 -15.84
C ASP F 430 9.13 6.30 -15.53
N TRP F 431 9.36 7.45 -16.13
CA TRP F 431 8.55 8.63 -15.90
C TRP F 431 8.57 9.47 -17.16
N ARG F 432 7.64 10.43 -17.22
CA ARG F 432 7.36 11.24 -18.41
C ARG F 432 7.06 10.34 -19.61
N GLY F 433 6.26 9.30 -19.38
CA GLY F 433 5.91 8.35 -20.42
C GLY F 433 7.10 7.52 -20.87
N ASP F 434 6.96 6.96 -22.07
CA ASP F 434 8.09 6.30 -22.72
C ASP F 434 8.62 7.20 -23.82
N PRO F 435 9.87 7.65 -23.73
CA PRO F 435 10.48 8.37 -24.86
C PRO F 435 10.93 7.48 -26.01
N ALA F 436 10.65 6.17 -25.93
CA ALA F 436 10.75 5.32 -27.11
C ALA F 436 9.80 5.79 -28.20
N SER F 437 8.69 6.40 -27.81
CA SER F 437 7.85 7.15 -28.74
C SER F 437 8.62 8.30 -29.39
N ALA F 438 9.48 8.98 -28.63
CA ALA F 438 10.24 10.10 -29.22
C ALA F 438 11.32 9.60 -30.17
N MET F 439 11.97 8.48 -29.85
CA MET F 439 12.87 7.89 -30.85
C MET F 439 12.11 7.35 -32.06
N LEU F 440 10.85 6.94 -31.87
CA LEU F 440 10.05 6.55 -33.02
C LEU F 440 9.62 7.76 -33.83
N GLU F 441 9.52 8.92 -33.17
CA GLU F 441 9.34 10.18 -33.90
C GLU F 441 10.56 10.49 -34.76
N VAL F 442 11.74 10.18 -34.24
CA VAL F 442 12.95 10.27 -35.07
C VAL F 442 12.87 9.30 -36.23
N LEU F 443 12.40 8.07 -35.96
CA LEU F 443 12.49 6.94 -36.89
C LEU F 443 11.52 7.04 -38.07
N ASP F 444 10.65 8.04 -38.12
CA ASP F 444 9.71 8.08 -39.23
C ASP F 444 10.04 9.21 -40.19
N PRO F 445 10.00 8.94 -41.51
CA PRO F 445 10.57 9.89 -42.49
C PRO F 445 9.86 11.22 -42.58
N GLU F 446 8.64 11.32 -42.10
CA GLU F 446 8.01 12.62 -42.06
C GLU F 446 7.79 13.11 -40.65
N GLN F 447 7.80 12.21 -39.68
CA GLN F 447 7.79 12.65 -38.29
C GLN F 447 9.16 13.14 -37.83
N ASN F 448 10.21 12.94 -38.61
CA ASN F 448 11.43 13.69 -38.40
C ASN F 448 11.60 14.84 -39.37
N ASN F 449 10.96 14.76 -40.55
CA ASN F 449 10.85 15.90 -41.44
C ASN F 449 10.05 17.02 -40.81
N THR F 450 9.09 16.66 -39.95
CA THR F 450 8.36 17.63 -39.16
C THR F 450 8.64 17.32 -37.71
N PHE F 451 9.92 17.22 -37.35
CA PHE F 451 10.29 16.69 -36.05
C PHE F 451 9.87 17.60 -34.90
N THR F 452 9.38 16.95 -33.85
CA THR F 452 8.75 17.60 -32.73
C THR F 452 9.64 17.42 -31.51
N ASP F 453 9.98 18.53 -30.86
CA ASP F 453 10.52 18.50 -29.51
C ASP F 453 9.67 19.44 -28.66
N HIS F 454 9.73 19.24 -27.35
CA HIS F 454 9.11 20.22 -26.47
C HIS F 454 9.86 21.54 -26.48
N TYR F 455 11.17 21.52 -26.70
CA TYR F 455 11.95 22.73 -26.92
C TYR F 455 11.57 23.43 -28.21
N LEU F 456 11.09 22.67 -29.19
CA LEU F 456 10.77 23.19 -30.51
C LEU F 456 9.36 23.75 -30.57
N ASP F 457 9.18 24.72 -31.46
CA ASP F 457 7.92 25.43 -31.62
C ASP F 457 7.28 25.21 -32.98
N VAL F 458 8.04 25.38 -34.07
CA VAL F 458 7.63 24.91 -35.38
C VAL F 458 8.40 23.61 -35.57
N PRO F 459 7.83 22.62 -36.24
CA PRO F 459 8.55 21.36 -36.47
C PRO F 459 9.82 21.51 -37.29
N TYR F 460 10.82 20.71 -36.94
CA TYR F 460 12.14 20.70 -37.56
C TYR F 460 12.25 19.58 -38.59
N ASP F 461 13.18 19.76 -39.52
CA ASP F 461 13.46 18.75 -40.51
C ASP F 461 14.83 18.08 -40.32
N LEU F 462 14.78 16.77 -40.17
CA LEU F 462 15.96 15.90 -40.16
C LEU F 462 16.16 15.29 -41.54
N SER F 463 15.90 16.11 -42.57
CA SER F 463 15.75 15.64 -43.94
C SER F 463 17.03 15.02 -44.50
N LYS F 464 18.18 15.46 -44.02
CA LYS F 464 19.45 15.04 -44.59
C LYS F 464 20.33 14.31 -43.59
N VAL F 465 19.85 14.12 -42.36
CA VAL F 465 20.71 13.73 -41.26
C VAL F 465 20.98 12.23 -41.31
N PHE F 466 22.24 11.86 -41.40
CA PHE F 466 22.70 10.49 -41.20
C PHE F 466 22.44 10.08 -39.75
N PHE F 467 22.28 8.77 -39.52
CA PHE F 467 22.04 8.31 -38.16
C PHE F 467 22.67 6.94 -37.93
N ILE F 468 22.97 6.65 -36.66
CA ILE F 468 23.54 5.38 -36.22
C ILE F 468 23.26 5.24 -34.71
N THR F 469 23.11 4.00 -34.26
CA THR F 469 22.68 3.69 -32.90
C THR F 469 23.57 2.62 -32.29
N THR F 470 23.81 2.69 -30.98
CA THR F 470 24.63 1.70 -30.30
C THR F 470 23.91 1.17 -29.07
N ALA F 471 24.24 -0.05 -28.69
CA ALA F 471 23.62 -0.69 -27.53
C ALA F 471 24.57 -1.76 -27.00
N ASN F 472 24.06 -2.62 -26.11
CA ASN F 472 24.82 -3.72 -25.55
C ASN F 472 24.13 -5.07 -25.75
N THR F 473 22.80 -5.10 -25.63
CA THR F 473 22.05 -6.35 -25.74
C THR F 473 20.82 -6.12 -26.61
N LEU F 474 20.20 -7.23 -27.01
CA LEU F 474 19.06 -7.20 -27.91
C LEU F 474 17.76 -7.58 -27.23
N GLN F 475 17.81 -7.99 -25.97
CA GLN F 475 16.60 -8.46 -25.29
C GLN F 475 15.84 -7.36 -24.58
N THR F 476 16.48 -6.22 -24.29
CA THR F 476 15.80 -5.12 -23.62
C THR F 476 15.57 -3.94 -24.56
N ILE F 477 15.83 -4.10 -25.84
CA ILE F 477 15.53 -3.05 -26.83
C ILE F 477 14.03 -2.94 -27.00
N PRO F 478 13.45 -1.73 -26.99
CA PRO F 478 11.98 -1.60 -27.08
C PRO F 478 11.40 -2.08 -28.40
N ARG F 479 10.22 -2.70 -28.30
CA ARG F 479 9.53 -3.29 -29.45
C ARG F 479 9.08 -2.30 -30.53
N PRO F 480 8.47 -1.13 -30.24
CA PRO F 480 8.20 -0.19 -31.34
C PRO F 480 9.45 0.33 -32.02
N LEU F 481 10.54 0.45 -31.28
CA LEU F 481 11.80 0.84 -31.86
C LEU F 481 12.54 -0.32 -32.49
N LEU F 482 12.14 -1.56 -32.20
CA LEU F 482 12.83 -2.71 -32.75
C LEU F 482 12.53 -2.86 -34.24
N ASP F 483 11.40 -2.34 -34.70
CA ASP F 483 11.20 -2.23 -36.12
C ASP F 483 12.06 -1.12 -36.69
N ARG F 484 12.36 -1.23 -37.99
CA ARG F 484 13.18 -0.29 -38.76
C ARG F 484 14.60 -0.16 -38.20
N MET F 485 15.11 -1.24 -37.59
CA MET F 485 16.51 -1.36 -37.21
C MET F 485 17.14 -2.49 -38.02
N GLU F 486 18.47 -2.52 -38.04
CA GLU F 486 19.20 -3.71 -38.45
C GLU F 486 20.29 -4.03 -37.43
N VAL F 487 20.29 -5.28 -36.97
CA VAL F 487 21.16 -5.72 -35.89
C VAL F 487 22.40 -6.34 -36.50
N ILE F 488 23.57 -5.85 -36.09
CA ILE F 488 24.84 -6.35 -36.57
C ILE F 488 25.61 -6.89 -35.37
N GLU F 489 26.04 -8.15 -35.46
CA GLU F 489 26.79 -8.75 -34.38
C GLU F 489 28.21 -8.19 -34.33
N ILE F 490 28.81 -8.25 -33.15
CA ILE F 490 30.14 -7.70 -32.92
C ILE F 490 31.12 -8.84 -32.68
N PRO F 491 32.00 -9.12 -33.64
CA PRO F 491 33.08 -10.08 -33.39
C PRO F 491 34.24 -9.41 -32.67
N GLY F 492 34.67 -10.02 -31.57
CA GLY F 492 35.84 -9.56 -30.86
C GLY F 492 37.13 -9.98 -31.56
N TYR F 493 38.19 -10.07 -30.78
CA TYR F 493 39.51 -10.34 -31.34
C TYR F 493 40.34 -11.21 -30.41
N THR F 494 41.18 -12.05 -30.99
CA THR F 494 41.97 -13.03 -30.25
C THR F 494 43.30 -12.44 -29.81
N ASN F 495 44.20 -13.31 -29.35
CA ASN F 495 45.48 -12.88 -28.81
C ASN F 495 46.37 -12.22 -29.86
N MET F 496 46.50 -12.86 -31.03
CA MET F 496 47.34 -12.28 -32.09
C MET F 496 46.68 -11.03 -32.65
N GLU F 497 45.35 -10.99 -32.64
CA GLU F 497 44.63 -9.84 -33.17
C GLU F 497 44.70 -8.66 -32.21
N LYS F 498 44.56 -8.92 -30.91
CA LYS F 498 44.67 -7.84 -29.93
C LYS F 498 46.10 -7.32 -29.86
N GLN F 499 47.08 -8.21 -30.01
CA GLN F 499 48.47 -7.78 -30.09
C GLN F 499 48.73 -6.94 -31.33
N ALA F 500 48.16 -7.34 -32.47
CA ALA F 500 48.37 -6.59 -33.71
C ALA F 500 47.68 -5.24 -33.66
N ILE F 501 46.47 -5.16 -33.11
CA ILE F 501 45.80 -3.86 -33.05
C ILE F 501 46.49 -2.98 -32.02
N ALA F 502 46.99 -3.57 -30.93
CA ALA F 502 47.77 -2.80 -29.95
C ALA F 502 49.00 -2.19 -30.59
N ARG F 503 49.82 -3.03 -31.23
CA ARG F 503 51.05 -2.59 -31.88
C ARG F 503 50.79 -1.58 -33.00
N GLN F 504 49.73 -1.80 -33.79
CA GLN F 504 49.53 -0.97 -34.95
C GLN F 504 48.79 0.33 -34.64
N TYR F 505 47.83 0.32 -33.71
CA TYR F 505 46.99 1.48 -33.45
C TYR F 505 47.11 1.98 -32.02
N LEU F 506 47.02 1.12 -31.02
CA LEU F 506 46.58 1.56 -29.70
C LEU F 506 47.75 2.10 -28.90
N TRP F 507 48.86 1.37 -28.91
CA TRP F 507 50.09 1.87 -28.34
C TRP F 507 50.61 3.17 -28.96
N PRO F 508 50.60 3.39 -30.30
CA PRO F 508 50.90 4.75 -30.79
C PRO F 508 49.91 5.81 -30.30
N LYS F 509 48.63 5.46 -30.14
CA LYS F 509 47.67 6.40 -29.57
C LYS F 509 48.03 6.77 -28.15
N GLN F 510 48.45 5.77 -27.37
CA GLN F 510 48.67 6.01 -25.95
C GLN F 510 49.98 6.75 -25.71
N VAL F 511 51.00 6.48 -26.54
CA VAL F 511 52.22 7.27 -26.41
C VAL F 511 52.10 8.62 -27.10
N ARG F 512 51.08 8.82 -27.95
CA ARG F 512 50.74 10.18 -28.35
C ARG F 512 50.11 10.95 -27.19
N GLU F 513 49.24 10.28 -26.44
CA GLU F 513 48.59 10.95 -25.31
C GLU F 513 49.57 11.25 -24.20
N SER F 514 50.50 10.34 -23.93
CA SER F 514 51.58 10.66 -22.99
C SER F 514 52.57 11.65 -23.61
N GLY F 515 52.62 11.70 -24.94
CA GLY F 515 53.47 12.65 -25.63
C GLY F 515 54.91 12.23 -25.76
N MET F 516 55.26 11.03 -25.29
CA MET F 516 56.65 10.58 -25.29
C MET F 516 56.91 9.69 -26.51
N GLU F 517 56.76 10.29 -27.69
CA GLU F 517 57.02 9.58 -28.93
C GLU F 517 58.52 9.29 -29.08
N GLY F 518 58.83 8.06 -29.47
CA GLY F 518 60.20 7.67 -29.69
C GLY F 518 61.00 7.48 -28.42
N ARG F 519 60.35 7.28 -27.28
CA ARG F 519 61.03 7.15 -26.01
C ARG F 519 60.78 5.84 -25.31
N ILE F 520 59.81 5.04 -25.74
CA ILE F 520 59.46 3.78 -25.09
C ILE F 520 59.36 2.70 -26.15
N GLU F 521 60.08 1.58 -25.94
CA GLU F 521 60.02 0.42 -26.81
C GLU F 521 59.53 -0.78 -25.99
N VAL F 522 58.50 -1.46 -26.51
CA VAL F 522 57.87 -2.58 -25.82
C VAL F 522 57.99 -3.80 -26.73
N THR F 523 58.57 -4.87 -26.18
CA THR F 523 58.72 -6.10 -26.94
C THR F 523 57.38 -6.81 -27.10
N ASP F 524 57.30 -7.70 -28.08
CA ASP F 524 56.09 -8.48 -28.28
C ASP F 524 55.89 -9.52 -27.19
N ALA F 525 56.97 -9.96 -26.54
CA ALA F 525 56.85 -10.86 -25.40
C ALA F 525 56.15 -10.19 -24.24
N ALA F 526 56.40 -8.89 -24.05
CA ALA F 526 55.69 -8.11 -23.04
C ALA F 526 54.20 -8.02 -23.37
N ILE F 527 53.87 -7.89 -24.67
CA ILE F 527 52.49 -7.85 -25.10
C ILE F 527 51.81 -9.19 -24.82
N LEU F 528 52.53 -10.29 -25.10
CA LEU F 528 52.02 -11.62 -24.83
C LEU F 528 51.80 -11.85 -23.34
N ARG F 529 52.72 -11.31 -22.52
CA ARG F 529 52.57 -11.38 -21.06
C ARG F 529 51.34 -10.63 -20.58
N VAL F 530 51.10 -9.44 -21.16
CA VAL F 530 49.93 -8.64 -20.79
C VAL F 530 48.64 -9.36 -21.16
N ILE F 531 48.57 -9.90 -22.38
CA ILE F 531 47.33 -10.52 -22.83
C ILE F 531 47.15 -11.91 -22.21
N SER F 532 48.22 -12.46 -21.65
CA SER F 532 48.08 -13.69 -20.88
C SER F 532 47.52 -13.40 -19.49
N GLU F 533 48.21 -12.56 -18.71
CA GLU F 533 47.88 -12.44 -17.29
C GLU F 533 46.89 -11.33 -16.96
N TYR F 534 46.43 -10.53 -17.94
CA TYR F 534 45.54 -9.44 -17.57
C TYR F 534 44.20 -9.40 -18.30
N THR F 535 44.07 -10.07 -19.44
CA THR F 535 42.80 -10.05 -20.17
C THR F 535 42.33 -11.44 -20.59
N ARG F 536 41.01 -11.57 -20.62
CA ARG F 536 40.33 -12.65 -21.31
C ARG F 536 39.14 -12.14 -22.10
N GLU F 537 38.66 -10.94 -21.79
CA GLU F 537 37.67 -10.23 -22.58
C GLU F 537 38.17 -9.99 -24.00
N ALA F 538 37.27 -10.13 -24.96
CA ALA F 538 37.62 -9.84 -26.35
C ALA F 538 37.62 -8.33 -26.64
N GLY F 539 37.04 -7.53 -25.75
CA GLY F 539 37.09 -6.08 -25.91
C GLY F 539 38.41 -5.51 -25.40
N VAL F 540 38.79 -4.35 -25.93
CA VAL F 540 40.15 -3.84 -25.75
C VAL F 540 40.21 -2.45 -25.13
N ARG F 541 39.20 -2.05 -24.36
CA ARG F 541 39.38 -0.82 -23.59
C ARG F 541 40.09 -1.04 -22.27
N GLY F 542 40.09 -2.27 -21.75
CA GLY F 542 40.97 -2.59 -20.65
C GLY F 542 42.43 -2.53 -21.07
N LEU F 543 42.73 -2.99 -22.29
CA LEU F 543 44.07 -2.87 -22.87
C LEU F 543 44.47 -1.41 -23.05
N GLU F 544 43.50 -0.52 -23.24
CA GLU F 544 43.78 0.91 -23.31
C GLU F 544 44.31 1.45 -21.99
N ARG F 545 43.69 1.10 -20.86
CA ARG F 545 44.22 1.65 -19.60
C ARG F 545 45.43 0.85 -19.12
N GLU F 546 45.59 -0.39 -19.60
CA GLU F 546 46.80 -1.15 -19.28
C GLU F 546 48.02 -0.54 -19.95
N LEU F 547 47.94 -0.26 -21.26
CA LEU F 547 49.01 0.49 -21.91
C LEU F 547 49.05 1.93 -21.42
N GLY F 548 47.93 2.44 -20.88
CA GLY F 548 47.94 3.74 -20.25
C GLY F 548 48.77 3.78 -18.98
N LYS F 549 48.63 2.78 -18.13
CA LYS F 549 49.51 2.66 -16.96
C LYS F 549 50.94 2.41 -17.37
N ILE F 550 51.16 1.60 -18.42
CA ILE F 550 52.51 1.36 -18.93
C ILE F 550 53.14 2.67 -19.42
N ALA F 551 52.38 3.46 -20.18
CA ALA F 551 52.89 4.70 -20.74
C ALA F 551 53.04 5.78 -19.67
N ARG F 552 52.15 5.81 -18.67
CA ARG F 552 52.32 6.76 -17.58
C ARG F 552 53.53 6.43 -16.71
N LYS F 553 53.81 5.16 -16.47
CA LYS F 553 55.03 4.83 -15.72
C LYS F 553 56.28 5.08 -16.56
N GLY F 554 56.20 4.88 -17.87
CA GLY F 554 57.30 5.26 -18.73
C GLY F 554 57.52 6.77 -18.81
N ALA F 555 56.43 7.54 -18.83
CA ALA F 555 56.54 9.00 -18.86
C ALA F 555 56.98 9.53 -17.50
N LYS F 556 56.62 8.85 -16.41
CA LYS F 556 57.15 9.17 -15.10
C LYS F 556 58.66 8.90 -15.05
N PHE F 557 59.08 7.78 -15.65
CA PHE F 557 60.49 7.46 -15.75
C PHE F 557 61.23 8.46 -16.63
N TRP F 558 60.55 9.02 -17.63
CA TRP F 558 61.20 10.03 -18.47
C TRP F 558 61.27 11.37 -17.75
N LEU F 559 60.23 11.72 -16.98
CA LEU F 559 60.21 13.01 -16.29
C LEU F 559 61.14 13.03 -15.09
N GLU F 560 61.62 11.87 -14.64
CA GLU F 560 62.72 11.83 -13.69
C GLU F 560 64.07 12.06 -14.34
N GLY F 561 64.11 12.16 -15.67
CA GLY F 561 65.34 12.38 -16.40
C GLY F 561 65.33 11.68 -17.75
N ALA F 562 65.75 12.39 -18.79
CA ALA F 562 65.77 11.85 -20.14
C ALA F 562 67.04 11.05 -20.40
N TRP F 563 67.30 10.04 -19.55
CA TRP F 563 68.59 9.34 -19.61
C TRP F 563 68.65 8.33 -20.74
N GLU F 564 67.51 7.83 -21.22
CA GLU F 564 67.48 6.87 -22.32
C GLU F 564 66.70 7.47 -23.48
N GLY F 565 67.29 7.40 -24.67
CA GLY F 565 66.53 7.72 -25.87
C GLY F 565 65.42 6.73 -26.13
N LEU F 566 65.69 5.44 -25.88
CA LEU F 566 64.68 4.40 -25.98
C LEU F 566 64.67 3.61 -24.69
N ARG F 567 63.50 3.49 -24.07
CA ARG F 567 63.34 2.82 -22.79
C ARG F 567 62.71 1.45 -23.03
N THR F 568 63.48 0.40 -22.82
CA THR F 568 63.02 -0.97 -23.09
C THR F 568 62.21 -1.44 -21.89
N ILE F 569 60.90 -1.56 -22.09
CA ILE F 569 60.00 -2.07 -21.07
C ILE F 569 59.68 -3.51 -21.43
N ASP F 570 59.97 -4.42 -20.50
CA ASP F 570 59.87 -5.86 -20.69
C ASP F 570 58.70 -6.38 -19.85
N ALA F 571 58.62 -7.70 -19.74
CA ALA F 571 57.59 -8.31 -18.90
C ALA F 571 57.86 -8.17 -17.41
N SER F 572 59.04 -7.65 -17.02
CA SER F 572 59.39 -7.56 -15.61
C SER F 572 58.66 -6.42 -14.91
N ASP F 573 58.72 -5.21 -15.48
CA ASP F 573 58.15 -4.05 -14.81
C ASP F 573 56.65 -3.91 -15.04
N ILE F 574 56.05 -4.79 -15.85
CA ILE F 574 54.60 -4.73 -16.09
C ILE F 574 53.78 -5.01 -14.83
N PRO F 575 54.04 -6.08 -14.04
CA PRO F 575 53.33 -6.16 -12.76
C PRO F 575 53.93 -5.29 -11.67
N THR F 576 55.08 -4.67 -11.91
CA THR F 576 55.62 -3.70 -10.96
C THR F 576 54.84 -2.40 -11.00
N TYR F 577 54.32 -2.05 -12.18
CA TYR F 577 53.60 -0.80 -12.33
C TYR F 577 52.21 -0.89 -11.69
N LEU F 578 51.58 -2.05 -11.79
CA LEU F 578 50.20 -2.24 -11.35
C LEU F 578 50.08 -3.06 -10.08
N GLY F 579 50.76 -4.21 -10.00
CA GLY F 579 50.61 -5.08 -8.85
C GLY F 579 50.25 -6.50 -9.25
N ILE F 580 49.14 -6.99 -8.68
CA ILE F 580 48.68 -8.37 -8.92
C ILE F 580 48.16 -8.48 -10.35
N PRO F 581 48.38 -9.61 -11.03
CA PRO F 581 47.63 -9.87 -12.26
C PRO F 581 46.13 -9.91 -11.99
N ARG F 582 45.37 -9.39 -12.95
CA ARG F 582 43.93 -9.23 -12.77
C ARG F 582 43.23 -10.58 -12.75
N TYR F 583 43.71 -11.53 -13.54
CA TYR F 583 43.19 -12.88 -13.59
C TYR F 583 44.22 -13.80 -12.97
N ARG F 584 43.83 -15.06 -12.80
CA ARG F 584 44.81 -16.07 -12.47
C ARG F 584 45.66 -16.33 -13.71
N PRO F 585 46.96 -16.57 -13.53
CA PRO F 585 47.83 -16.79 -14.69
C PRO F 585 47.50 -18.09 -15.41
N ASP F 586 47.84 -18.10 -16.70
CA ASP F 586 47.35 -19.14 -17.61
C ASP F 586 47.97 -20.51 -17.34
N LYS F 587 47.10 -21.53 -17.31
CA LYS F 587 47.36 -22.95 -17.17
C LYS F 587 47.92 -23.33 -15.80
N ALA F 588 47.97 -22.38 -14.87
CA ALA F 588 48.14 -22.66 -13.44
C ALA F 588 46.78 -22.75 -12.74
N GLU F 589 45.81 -21.99 -13.24
CA GLU F 589 44.42 -22.22 -12.91
C GLU F 589 43.85 -23.43 -13.64
N THR F 590 44.34 -23.70 -14.86
CA THR F 590 43.86 -24.82 -15.68
C THR F 590 44.69 -26.04 -15.31
N GLU F 591 44.22 -26.78 -14.32
CA GLU F 591 44.91 -27.95 -13.81
C GLU F 591 44.06 -29.19 -14.01
N PRO F 592 44.69 -30.33 -14.30
CA PRO F 592 43.93 -31.57 -14.44
C PRO F 592 43.41 -32.08 -13.11
N GLN F 593 42.10 -31.97 -12.89
CA GLN F 593 41.50 -32.42 -11.65
C GLN F 593 40.25 -33.22 -11.92
N VAL F 594 39.90 -34.06 -10.95
CA VAL F 594 38.58 -34.69 -10.94
C VAL F 594 37.51 -33.64 -10.74
N GLY F 595 37.73 -32.73 -9.78
CA GLY F 595 36.75 -31.74 -9.41
C GLY F 595 36.56 -30.64 -10.42
N THR F 596 37.64 -30.04 -10.93
CA THR F 596 37.50 -28.85 -11.75
C THR F 596 36.99 -29.20 -13.15
N ALA F 597 36.52 -28.16 -13.86
CA ALA F 597 36.07 -28.32 -15.25
C ALA F 597 36.18 -26.95 -15.91
N GLN F 598 36.96 -26.87 -16.97
CA GLN F 598 37.16 -25.63 -17.71
C GLN F 598 36.27 -25.66 -18.94
N GLY F 599 35.20 -24.86 -18.92
CA GLY F 599 34.24 -24.79 -20.01
C GLY F 599 34.08 -23.38 -20.53
N LEU F 600 33.81 -23.27 -21.83
CA LEU F 600 33.65 -21.97 -22.47
C LEU F 600 32.33 -21.32 -22.08
N ALA F 601 32.33 -19.99 -21.98
CA ALA F 601 31.14 -19.25 -21.60
C ALA F 601 30.94 -18.09 -22.56
N TRP F 602 29.69 -17.70 -22.73
CA TRP F 602 29.32 -16.54 -23.52
C TRP F 602 28.85 -15.46 -22.57
N THR F 603 29.53 -14.33 -22.60
CA THR F 603 29.23 -13.17 -21.79
C THR F 603 29.08 -11.99 -22.71
N PRO F 604 28.01 -11.19 -22.55
CA PRO F 604 27.73 -10.12 -23.53
C PRO F 604 28.73 -8.98 -23.53
N VAL F 605 29.65 -8.93 -22.57
CA VAL F 605 30.69 -7.91 -22.55
C VAL F 605 31.98 -8.56 -23.02
N GLY F 606 31.87 -9.62 -23.81
CA GLY F 606 33.03 -10.41 -24.18
C GLY F 606 33.05 -11.69 -23.37
N GLY F 607 33.00 -12.83 -24.06
CA GLY F 607 32.82 -14.10 -23.37
C GLY F 607 34.05 -14.51 -22.58
N THR F 608 33.82 -15.44 -21.63
CA THR F 608 34.85 -15.89 -20.70
C THR F 608 34.87 -17.42 -20.72
N LEU F 609 35.66 -18.01 -19.82
CA LEU F 609 35.54 -19.42 -19.52
C LEU F 609 35.36 -19.57 -18.01
N LEU F 610 34.61 -20.59 -17.60
CA LEU F 610 34.18 -20.71 -16.22
C LEU F 610 34.67 -22.01 -15.63
N THR F 611 35.03 -21.96 -14.34
CA THR F 611 35.54 -23.11 -13.60
C THR F 611 34.39 -23.78 -12.87
N ILE F 612 33.93 -24.89 -13.44
CA ILE F 612 32.91 -25.73 -12.84
C ILE F 612 33.57 -26.77 -11.94
N GLU F 613 33.06 -26.91 -10.72
CA GLU F 613 33.60 -27.87 -9.77
C GLU F 613 32.52 -28.85 -9.34
N VAL F 614 32.83 -30.14 -9.44
CA VAL F 614 31.90 -31.23 -9.19
C VAL F 614 32.47 -32.11 -8.09
N ALA F 615 31.60 -32.65 -7.25
CA ALA F 615 32.01 -33.49 -6.14
C ALA F 615 31.03 -34.64 -6.02
N ALA F 616 31.47 -35.85 -6.36
CA ALA F 616 30.64 -37.05 -6.27
C ALA F 616 31.35 -38.09 -5.41
N VAL F 617 30.95 -38.15 -4.14
CA VAL F 617 31.19 -39.29 -3.26
C VAL F 617 29.81 -39.85 -2.90
N PRO F 618 29.72 -41.15 -2.56
CA PRO F 618 28.40 -41.81 -2.49
C PRO F 618 27.39 -41.18 -1.52
N GLY F 619 26.14 -41.12 -1.99
CA GLY F 619 25.03 -40.48 -1.33
C GLY F 619 23.72 -41.20 -1.58
N SER F 620 22.73 -40.48 -2.11
CA SER F 620 21.41 -41.06 -2.36
C SER F 620 20.87 -40.81 -3.76
N GLY F 621 21.38 -39.81 -4.49
CA GLY F 621 20.83 -39.45 -5.78
C GLY F 621 20.33 -38.03 -5.91
N LYS F 622 20.44 -37.23 -4.86
CA LYS F 622 19.86 -35.89 -4.87
C LYS F 622 20.81 -34.90 -5.53
N LEU F 623 20.25 -34.04 -6.38
CA LEU F 623 21.07 -33.03 -7.04
C LEU F 623 20.93 -31.70 -6.30
N SER F 624 22.04 -30.97 -6.19
CA SER F 624 22.09 -29.70 -5.46
C SER F 624 22.84 -28.66 -6.26
N LEU F 625 22.42 -27.40 -6.10
CA LEU F 625 22.90 -26.30 -6.92
C LEU F 625 23.35 -25.13 -6.05
N THR F 626 24.33 -24.38 -6.56
CA THR F 626 24.93 -23.27 -5.84
C THR F 626 25.15 -22.10 -6.80
N GLY F 627 24.74 -20.90 -6.38
CA GLY F 627 25.20 -19.73 -7.10
C GLY F 627 24.20 -18.89 -7.88
N GLN F 628 22.95 -18.76 -7.39
CA GLN F 628 21.86 -18.04 -8.06
C GLN F 628 21.55 -18.63 -9.44
N LEU F 629 21.37 -19.93 -9.50
CA LEU F 629 21.26 -20.62 -10.77
C LEU F 629 19.82 -20.67 -11.27
N GLY F 630 19.66 -20.52 -12.58
CA GLY F 630 18.44 -20.96 -13.22
C GLY F 630 18.33 -22.47 -13.16
N GLU F 631 17.09 -22.94 -13.18
CA GLU F 631 16.85 -24.36 -12.99
C GLU F 631 17.21 -25.17 -14.22
N VAL F 632 17.41 -24.51 -15.36
CA VAL F 632 17.72 -25.20 -16.60
C VAL F 632 19.05 -25.93 -16.49
N MET F 633 19.96 -25.43 -15.66
CA MET F 633 21.21 -26.13 -15.47
C MET F 633 21.02 -27.35 -14.60
N LYS F 634 20.06 -27.30 -13.69
CA LYS F 634 19.64 -28.50 -12.96
C LYS F 634 19.13 -29.55 -13.92
N GLU F 635 18.26 -29.18 -14.87
CA GLU F 635 17.78 -30.22 -15.77
C GLU F 635 18.84 -30.66 -16.76
N SER F 636 19.81 -29.81 -17.09
CA SER F 636 20.86 -30.25 -17.99
C SER F 636 21.78 -31.24 -17.29
N ALA F 637 22.02 -31.01 -16.00
CA ALA F 637 22.73 -32.01 -15.21
C ALA F 637 21.91 -33.29 -15.11
N GLN F 638 20.60 -33.15 -15.05
CA GLN F 638 19.74 -34.33 -15.08
C GLN F 638 19.86 -35.08 -16.39
N ALA F 639 19.95 -34.37 -17.49
CA ALA F 639 20.10 -35.02 -18.80
C ALA F 639 21.47 -35.68 -18.92
N ALA F 640 22.47 -35.08 -18.28
CA ALA F 640 23.78 -35.70 -18.22
C ALA F 640 23.73 -37.00 -17.44
N LEU F 641 22.99 -37.00 -16.33
CA LEU F 641 22.73 -38.22 -15.57
C LEU F 641 21.98 -39.24 -16.42
N THR F 642 21.08 -38.76 -17.28
CA THR F 642 20.32 -39.64 -18.17
C THR F 642 21.25 -40.34 -19.17
N TYR F 643 22.20 -39.59 -19.75
CA TYR F 643 23.13 -40.21 -20.68
C TYR F 643 24.07 -41.18 -19.97
N LEU F 644 24.46 -40.84 -18.74
CA LEU F 644 25.30 -41.78 -17.96
C LEU F 644 24.52 -43.01 -17.55
N ARG F 645 23.18 -42.89 -17.42
CA ARG F 645 22.33 -44.04 -17.20
C ARG F 645 22.09 -44.85 -18.47
N ALA F 646 22.28 -44.24 -19.64
CA ALA F 646 22.08 -44.97 -20.90
C ALA F 646 23.26 -45.87 -21.28
N HIS F 647 24.49 -45.46 -20.95
CA HIS F 647 25.69 -46.15 -21.44
C HIS F 647 26.70 -46.41 -20.32
N THR F 648 26.25 -47.07 -19.24
CA THR F 648 27.01 -47.09 -17.99
C THR F 648 28.32 -47.86 -18.10
N GLN F 649 28.28 -49.09 -18.62
CA GLN F 649 29.39 -50.02 -18.45
C GLN F 649 30.58 -49.77 -19.36
N ASP F 650 30.50 -48.77 -20.24
CA ASP F 650 31.57 -48.57 -21.22
C ASP F 650 32.80 -47.90 -20.64
N TYR F 651 32.68 -47.23 -19.47
CA TYR F 651 33.80 -46.45 -18.94
C TYR F 651 33.97 -46.62 -17.43
N GLY F 652 33.57 -47.76 -16.87
CA GLY F 652 33.77 -48.00 -15.46
C GLY F 652 32.85 -47.20 -14.55
N LEU F 653 31.73 -46.72 -15.07
CA LEU F 653 30.76 -46.02 -14.25
C LEU F 653 30.07 -47.00 -13.31
N PRO F 654 29.63 -46.54 -12.13
CA PRO F 654 28.90 -47.43 -11.21
C PRO F 654 27.59 -47.90 -11.83
N GLU F 655 27.28 -49.19 -11.59
CA GLU F 655 26.16 -49.84 -12.27
C GLU F 655 24.83 -49.22 -11.89
N ASP F 656 24.63 -48.95 -10.60
CA ASP F 656 23.44 -48.24 -10.12
C ASP F 656 23.95 -47.18 -9.16
N PHE F 657 24.24 -45.98 -9.70
CA PHE F 657 24.68 -44.85 -8.89
C PHE F 657 23.57 -43.87 -8.58
N TYR F 658 22.47 -43.92 -9.33
CA TYR F 658 21.40 -42.94 -9.18
C TYR F 658 20.66 -43.09 -7.85
N ASN F 659 20.72 -44.28 -7.25
CA ASN F 659 20.16 -44.51 -5.92
C ASN F 659 21.19 -44.36 -4.83
N LYS F 660 22.45 -44.10 -5.18
CA LYS F 660 23.50 -44.00 -4.17
C LYS F 660 24.48 -42.87 -4.37
N VAL F 661 24.30 -42.01 -5.37
CA VAL F 661 25.23 -40.89 -5.56
C VAL F 661 24.43 -39.60 -5.73
N ASP F 662 24.40 -38.79 -4.68
CA ASP F 662 24.07 -37.38 -4.80
C ASP F 662 25.13 -36.66 -5.62
N LEU F 663 24.69 -35.69 -6.41
CA LEU F 663 25.59 -34.89 -7.21
C LEU F 663 25.46 -33.44 -6.75
N HIS F 664 26.59 -32.78 -6.54
CA HIS F 664 26.61 -31.37 -6.13
C HIS F 664 27.68 -30.64 -6.95
N VAL F 665 27.24 -29.66 -7.71
CA VAL F 665 28.08 -28.90 -8.63
C VAL F 665 28.22 -27.49 -8.09
N HIS F 666 29.32 -26.81 -8.42
CA HIS F 666 29.44 -25.40 -8.13
C HIS F 666 29.60 -24.63 -9.43
N VAL F 667 28.84 -23.56 -9.58
CA VAL F 667 28.94 -22.66 -10.74
C VAL F 667 29.31 -21.27 -10.23
N PRO F 668 30.36 -20.65 -10.77
CA PRO F 668 30.78 -19.33 -10.25
C PRO F 668 29.83 -18.19 -10.56
N ASP F 669 28.88 -18.35 -11.48
CA ASP F 669 28.04 -17.23 -11.88
C ASP F 669 26.57 -17.64 -11.81
N GLY F 670 25.69 -16.66 -12.00
CA GLY F 670 24.26 -16.86 -11.83
C GLY F 670 23.53 -17.60 -12.94
N ALA F 671 23.39 -16.99 -14.11
CA ALA F 671 22.62 -17.59 -15.17
C ALA F 671 23.05 -17.01 -16.51
N THR F 672 23.06 -17.87 -17.53
CA THR F 672 23.32 -17.25 -18.80
C THR F 672 22.05 -16.63 -19.36
N PRO F 673 22.12 -15.37 -19.80
CA PRO F 673 20.99 -14.80 -20.53
C PRO F 673 20.76 -15.48 -21.86
N LYS F 674 21.77 -16.13 -22.43
CA LYS F 674 21.59 -16.93 -23.63
C LYS F 674 20.79 -18.18 -23.27
N ASP F 675 19.93 -18.59 -24.18
CA ASP F 675 19.00 -19.67 -23.90
C ASP F 675 19.73 -21.02 -23.94
N GLY F 676 19.08 -22.02 -23.38
CA GLY F 676 19.62 -23.36 -23.38
C GLY F 676 20.66 -23.53 -22.29
N PRO F 677 21.24 -24.73 -22.21
CA PRO F 677 22.34 -24.96 -21.28
C PRO F 677 23.56 -24.10 -21.59
N SER F 678 24.28 -23.74 -20.53
CA SER F 678 25.48 -22.91 -20.66
C SER F 678 26.57 -23.66 -21.39
N ALA F 679 26.93 -24.84 -20.90
CA ALA F 679 27.82 -25.79 -21.54
C ALA F 679 27.37 -27.18 -21.08
N GLY F 680 26.48 -27.80 -21.86
CA GLY F 680 25.81 -29.00 -21.38
C GLY F 680 26.70 -30.23 -21.40
N ILE F 681 27.43 -30.44 -22.49
CA ILE F 681 28.27 -31.62 -22.58
C ILE F 681 29.51 -31.48 -21.70
N THR F 682 29.89 -30.23 -21.38
CA THR F 682 30.99 -29.99 -20.44
C THR F 682 30.61 -30.44 -19.04
N MET F 683 29.38 -30.12 -18.62
CA MET F 683 28.86 -30.63 -17.35
C MET F 683 28.67 -32.14 -17.38
N ALA F 684 28.29 -32.70 -18.52
CA ALA F 684 28.18 -34.14 -18.64
C ALA F 684 29.52 -34.82 -18.42
N THR F 685 30.56 -34.26 -19.02
CA THR F 685 31.91 -34.74 -18.79
C THR F 685 32.36 -34.49 -17.36
N ALA F 686 31.90 -33.38 -16.76
CA ALA F 686 32.26 -33.06 -15.38
C ALA F 686 31.71 -34.09 -14.41
N ILE F 687 30.44 -34.45 -14.54
CA ILE F 687 29.90 -35.38 -13.55
C ILE F 687 30.24 -36.81 -13.93
N ALA F 688 30.56 -37.08 -15.21
CA ALA F 688 31.08 -38.39 -15.55
C ALA F 688 32.48 -38.61 -14.98
N SER F 689 33.31 -37.56 -15.00
CA SER F 689 34.62 -37.64 -14.36
C SER F 689 34.50 -37.64 -12.84
N ALA F 690 33.43 -37.03 -12.32
CA ALA F 690 33.15 -37.12 -10.89
C ALA F 690 32.73 -38.53 -10.51
N LEU F 691 32.01 -39.22 -11.39
CA LEU F 691 31.57 -40.59 -11.09
C LEU F 691 32.70 -41.60 -11.27
N SER F 692 33.53 -41.43 -12.30
CA SER F 692 34.64 -42.35 -12.52
C SER F 692 35.89 -42.00 -11.72
N ARG F 693 35.88 -40.84 -11.05
CA ARG F 693 36.96 -40.36 -10.16
C ARG F 693 38.29 -40.26 -10.90
N ARG F 694 38.24 -39.86 -12.17
CA ARG F 694 39.45 -39.64 -12.94
C ARG F 694 39.61 -38.16 -13.24
N PRO F 695 40.84 -37.64 -13.19
CA PRO F 695 41.02 -36.21 -13.45
C PRO F 695 40.71 -35.86 -14.90
N ALA F 696 40.21 -34.66 -15.09
CA ALA F 696 39.89 -34.20 -16.42
C ALA F 696 41.17 -33.82 -17.15
N ARG F 697 41.21 -34.06 -18.46
CA ARG F 697 42.27 -33.50 -19.27
C ARG F 697 42.14 -31.99 -19.33
N MET F 698 43.26 -31.32 -19.41
CA MET F 698 43.18 -29.90 -19.66
C MET F 698 43.73 -29.61 -21.05
N ASP F 699 43.96 -28.32 -21.34
CA ASP F 699 44.24 -27.75 -22.67
C ASP F 699 43.13 -28.03 -23.67
N ILE F 700 41.94 -28.43 -23.22
CA ILE F 700 40.79 -28.62 -24.09
C ILE F 700 39.56 -28.05 -23.40
N ALA F 701 39.05 -26.95 -23.95
CA ALA F 701 37.89 -26.26 -23.42
C ALA F 701 36.70 -26.59 -24.31
N MET F 702 35.69 -27.21 -23.71
CA MET F 702 34.59 -27.79 -24.47
C MET F 702 33.27 -27.21 -23.99
N THR F 703 32.31 -27.11 -24.90
CA THR F 703 30.99 -26.59 -24.59
C THR F 703 30.00 -27.16 -25.59
N GLY F 704 28.71 -27.07 -25.27
CA GLY F 704 27.67 -27.58 -26.14
C GLY F 704 26.35 -27.72 -25.40
N GLU F 705 25.32 -28.12 -26.14
CA GLU F 705 23.98 -28.28 -25.59
C GLU F 705 23.46 -29.68 -25.94
N VAL F 706 22.83 -30.36 -24.95
CA VAL F 706 22.65 -31.81 -24.96
C VAL F 706 21.16 -32.17 -25.02
N SER F 707 20.85 -33.31 -25.64
CA SER F 707 19.50 -33.84 -25.72
C SER F 707 19.44 -35.25 -25.14
N LEU F 708 18.25 -35.85 -25.25
CA LEU F 708 17.96 -37.08 -24.50
C LEU F 708 18.29 -38.36 -25.29
N ARG F 709 18.56 -38.24 -26.60
CA ARG F 709 18.97 -39.38 -27.42
C ARG F 709 20.43 -39.39 -27.79
N GLY F 710 21.30 -38.77 -27.00
CA GLY F 710 22.71 -38.79 -27.32
C GLY F 710 23.06 -37.91 -28.50
N LYS F 711 22.30 -36.84 -28.73
CA LYS F 711 22.53 -35.96 -29.86
C LYS F 711 22.90 -34.59 -29.33
N VAL F 712 24.10 -34.12 -29.67
CA VAL F 712 24.60 -32.83 -29.19
C VAL F 712 24.18 -31.82 -30.24
N MET F 713 23.09 -31.11 -29.97
CA MET F 713 22.54 -30.20 -30.97
C MET F 713 23.41 -28.95 -31.06
N PRO F 714 23.47 -28.29 -32.23
CA PRO F 714 24.45 -27.21 -32.43
C PRO F 714 24.20 -26.00 -31.55
N ILE F 715 25.27 -25.26 -31.31
CA ILE F 715 25.22 -24.08 -30.46
C ILE F 715 25.54 -22.84 -31.30
N GLY F 716 24.70 -21.84 -31.17
CA GLY F 716 25.02 -20.56 -31.75
C GLY F 716 25.96 -19.79 -30.88
N GLY F 717 26.64 -18.83 -31.48
CA GLY F 717 27.63 -18.06 -30.75
C GLY F 717 28.85 -18.85 -30.31
N VAL F 718 29.40 -19.70 -31.18
CA VAL F 718 30.72 -20.27 -30.95
C VAL F 718 31.83 -19.26 -31.18
N LYS F 719 31.49 -18.11 -31.76
CA LYS F 719 32.43 -17.03 -32.03
C LYS F 719 33.12 -16.54 -30.76
N GLU F 720 32.32 -16.06 -29.79
CA GLU F 720 32.89 -15.53 -28.55
C GLU F 720 33.46 -16.64 -27.68
N LYS F 721 32.94 -17.87 -27.80
CA LYS F 721 33.53 -19.02 -27.12
C LYS F 721 34.95 -19.29 -27.60
N LEU F 722 35.15 -19.27 -28.92
CA LEU F 722 36.49 -19.45 -29.47
C LEU F 722 37.38 -18.25 -29.15
N LEU F 723 36.80 -17.05 -29.10
CA LEU F 723 37.56 -15.87 -28.68
C LEU F 723 38.04 -16.01 -27.25
N ALA F 724 37.18 -16.51 -26.36
CA ALA F 724 37.56 -16.72 -24.96
C ALA F 724 38.61 -17.82 -24.82
N ALA F 725 38.46 -18.89 -25.60
CA ALA F 725 39.41 -19.99 -25.55
C ALA F 725 40.78 -19.56 -26.05
N HIS F 726 40.81 -18.72 -27.09
CA HIS F 726 42.08 -18.16 -27.54
C HIS F 726 42.64 -17.21 -26.48
N GLN F 727 41.76 -16.45 -25.82
CA GLN F 727 42.19 -15.67 -24.66
C GLN F 727 42.59 -16.54 -23.50
N ALA F 728 42.00 -17.74 -23.39
CA ALA F 728 42.42 -18.69 -22.38
C ALA F 728 43.73 -19.38 -22.73
N GLY F 729 44.20 -19.21 -23.96
CA GLY F 729 45.35 -19.96 -24.43
C GLY F 729 45.05 -21.40 -24.76
N ILE F 730 43.78 -21.80 -24.70
CA ILE F 730 43.37 -23.16 -24.98
C ILE F 730 43.05 -23.24 -26.46
N HIS F 731 43.80 -24.06 -27.18
CA HIS F 731 43.67 -24.10 -28.62
C HIS F 731 42.83 -25.26 -29.11
N LYS F 732 42.66 -26.31 -28.31
CA LYS F 732 41.84 -27.45 -28.68
C LYS F 732 40.42 -27.20 -28.18
N ILE F 733 39.48 -27.03 -29.11
CA ILE F 733 38.08 -26.75 -28.77
C ILE F 733 37.21 -27.66 -29.64
N VAL F 734 36.57 -28.62 -29.04
CA VAL F 734 35.65 -29.47 -29.78
C VAL F 734 34.34 -28.72 -29.95
N LEU F 735 33.56 -29.13 -30.94
CA LEU F 735 32.27 -28.53 -31.26
C LEU F 735 31.27 -29.63 -31.55
N PRO F 736 29.97 -29.33 -31.44
CA PRO F 736 28.97 -30.28 -31.94
C PRO F 736 29.08 -30.48 -33.44
N LYS F 737 28.57 -31.62 -33.92
CA LYS F 737 28.79 -32.01 -35.31
C LYS F 737 28.13 -31.05 -36.29
N ASP F 738 26.96 -30.51 -35.93
CA ASP F 738 26.22 -29.68 -36.85
C ASP F 738 26.69 -28.23 -36.83
N ASN F 739 27.64 -27.88 -35.97
CA ASN F 739 28.34 -26.61 -36.10
C ASN F 739 29.52 -26.67 -37.06
N GLU F 740 29.58 -27.66 -37.95
CA GLU F 740 30.72 -27.76 -38.85
C GLU F 740 30.63 -26.71 -39.94
N ALA F 741 29.41 -26.27 -40.26
CA ALA F 741 29.23 -25.21 -41.24
C ALA F 741 29.59 -23.85 -40.67
N GLN F 742 29.65 -23.74 -39.34
CA GLN F 742 30.20 -22.55 -38.71
C GLN F 742 31.67 -22.37 -39.03
N LEU F 743 32.40 -23.47 -39.24
CA LEU F 743 33.83 -23.42 -39.52
C LEU F 743 34.17 -22.85 -40.89
N GLU F 744 33.18 -22.61 -41.76
CA GLU F 744 33.41 -21.92 -43.01
C GLU F 744 32.93 -20.49 -43.00
N GLU F 745 32.05 -20.11 -42.07
CA GLU F 745 31.53 -18.75 -42.08
C GLU F 745 32.31 -17.82 -41.16
N LEU F 746 33.09 -18.38 -40.23
CA LEU F 746 34.02 -17.54 -39.50
C LEU F 746 35.18 -17.13 -40.40
N PRO F 747 35.71 -15.92 -40.21
CA PRO F 747 36.99 -15.57 -40.84
C PRO F 747 38.14 -16.39 -40.27
N LYS F 748 39.24 -16.46 -41.04
CA LYS F 748 40.25 -17.48 -40.86
C LYS F 748 41.15 -17.24 -39.65
N GLU F 749 41.27 -15.99 -39.20
CA GLU F 749 42.36 -15.60 -38.31
C GLU F 749 42.19 -16.19 -36.91
N VAL F 750 40.97 -16.57 -36.56
CA VAL F 750 40.69 -17.28 -35.32
C VAL F 750 40.73 -18.78 -35.53
N LEU F 751 40.27 -19.23 -36.70
CA LEU F 751 40.19 -20.65 -37.03
C LEU F 751 41.57 -21.29 -37.09
N GLU F 752 42.57 -20.54 -37.55
CA GLU F 752 43.92 -21.09 -37.61
C GLU F 752 44.57 -21.15 -36.24
N GLY F 753 44.23 -20.22 -35.35
CA GLY F 753 44.88 -20.19 -34.04
C GLY F 753 44.39 -21.24 -33.08
N LEU F 754 43.32 -21.95 -33.41
CA LEU F 754 42.67 -22.90 -32.52
C LEU F 754 42.39 -24.21 -33.26
N GLU F 755 42.62 -25.33 -32.57
CA GLU F 755 42.29 -26.63 -33.14
C GLU F 755 40.85 -27.00 -32.81
N ILE F 756 40.13 -27.54 -33.79
CA ILE F 756 38.71 -27.85 -33.64
C ILE F 756 38.47 -29.30 -34.03
N LYS F 757 37.84 -30.05 -33.14
CA LYS F 757 37.33 -31.38 -33.43
C LYS F 757 35.81 -31.34 -33.47
N LEU F 758 35.22 -32.25 -34.22
CA LEU F 758 33.77 -32.34 -34.34
C LEU F 758 33.29 -33.62 -33.67
N VAL F 759 32.28 -33.50 -32.80
CA VAL F 759 31.74 -34.65 -32.08
C VAL F 759 30.23 -34.67 -32.25
N GLU F 760 29.66 -35.87 -32.18
CA GLU F 760 28.21 -36.04 -32.16
C GLU F 760 27.69 -36.69 -30.89
N ASP F 761 28.45 -37.60 -30.28
CA ASP F 761 27.98 -38.36 -29.13
C ASP F 761 28.67 -37.84 -27.88
N VAL F 762 27.95 -37.89 -26.76
CA VAL F 762 28.56 -37.58 -25.48
C VAL F 762 29.54 -38.69 -25.09
N GLY F 763 29.30 -39.92 -25.57
CA GLY F 763 30.27 -40.99 -25.41
C GLY F 763 31.57 -40.75 -26.16
N GLU F 764 31.52 -39.93 -27.22
CA GLU F 764 32.73 -39.55 -27.93
C GLU F 764 33.59 -38.60 -27.08
N VAL F 765 32.97 -37.62 -26.43
CA VAL F 765 33.72 -36.74 -25.53
C VAL F 765 33.93 -37.35 -24.15
N LEU F 766 33.42 -38.57 -23.91
CA LEU F 766 33.90 -39.36 -22.77
C LEU F 766 35.34 -39.82 -22.97
N GLU F 767 35.81 -39.82 -24.22
CA GLU F 767 37.22 -40.09 -24.51
C GLU F 767 38.05 -38.83 -24.78
N TYR F 768 37.43 -37.64 -24.84
CA TYR F 768 38.15 -36.43 -25.20
C TYR F 768 38.36 -35.44 -24.06
N LEU F 769 37.95 -35.77 -22.83
CA LEU F 769 38.31 -34.87 -21.73
C LEU F 769 38.84 -35.67 -20.54
N LEU F 770 38.80 -37.01 -20.65
CA LEU F 770 39.19 -37.89 -19.56
C LEU F 770 40.64 -38.27 -19.72
N LEU F 771 41.37 -38.21 -18.60
CA LEU F 771 42.79 -38.54 -18.63
C LEU F 771 43.06 -40.01 -18.95
N PRO F 772 42.33 -41.00 -18.41
CA PRO F 772 42.39 -42.33 -19.03
C PRO F 772 41.24 -42.59 -19.98
N GLU F 773 41.41 -43.60 -20.83
CA GLU F 773 40.35 -43.97 -21.76
C GLU F 773 39.11 -44.56 -21.08
N PRO F 774 39.17 -45.20 -19.88
CA PRO F 774 37.83 -45.31 -19.29
C PRO F 774 37.54 -44.13 -18.39
PG AGS G . 30.05 -24.92 24.72
S1G AGS G . 28.66 -26.09 24.05
O2G AGS G . 30.51 -24.03 23.53
O3G AGS G . 31.27 -25.75 25.21
PB AGS G . 30.37 -23.41 27.00
O1B AGS G . 31.55 -22.73 26.44
O2B AGS G . 29.48 -22.45 27.78
O3B AGS G . 29.46 -24.05 25.87
PA AGS G . 31.21 -24.09 29.48
O1A AGS G . 30.44 -22.90 29.88
O2A AGS G . 31.03 -25.32 30.37
O3A AGS G . 30.83 -24.53 28.01
O5' AGS G . 32.72 -23.71 29.36
C5' AGS G . 33.14 -22.34 29.31
C4' AGS G . 33.45 -21.86 30.70
O4' AGS G . 34.18 -22.87 31.42
C3' AGS G . 34.30 -20.60 30.77
O3' AGS G . 33.98 -19.85 31.93
C2' AGS G . 35.71 -21.17 30.82
O2' AGS G . 36.61 -20.29 31.48
C1' AGS G . 35.50 -22.43 31.68
N9 AGS G . 36.46 -23.49 31.43
C8 AGS G . 37.72 -23.55 31.97
N7 AGS G . 38.40 -24.61 31.61
C5 AGS G . 37.54 -25.30 30.78
C6 AGS G . 37.67 -26.51 30.07
N6 AGS G . 38.76 -27.27 30.09
N1 AGS G . 36.62 -26.92 29.34
C2 AGS G . 35.52 -26.17 29.31
N3 AGS G . 35.28 -25.01 29.93
C4 AGS G . 36.33 -24.62 30.66
PG AGS H . -2.42 -22.45 36.85
S1G AGS H . -2.60 -23.68 35.34
O2G AGS H . -1.25 -21.46 36.62
O3G AGS H . -2.19 -23.25 38.17
PB AGS H . -4.18 -21.36 38.48
O1B AGS H . -3.13 -20.67 39.26
O2B AGS H . -5.52 -20.65 38.37
O3B AGS H . -3.72 -21.63 37.01
PA AGS H . -5.59 -22.90 40.17
O1A AGS H . -6.88 -23.16 39.51
O2A AGS H . -5.09 -23.96 41.15
O3A AGS H . -4.42 -22.75 39.14
O5' AGS H . -5.66 -21.52 40.91
C5' AGS H . -6.90 -20.93 41.33
C4' AGS H . -7.53 -21.74 42.43
O4' AGS H . -6.51 -22.48 43.14
C3' AGS H . -8.28 -20.91 43.48
O3' AGS H . -9.63 -21.35 43.59
C2' AGS H . -7.49 -21.18 44.77
O2' AGS H . -8.36 -21.24 45.90
C1' AGS H . -6.89 -22.53 44.49
N9 AGS H . -5.72 -22.84 45.28
C8 AGS H . -5.29 -22.21 46.42
N7 AGS H . -4.21 -22.72 46.94
C5 AGS H . -3.91 -23.78 46.09
C6 AGS H . -2.87 -24.73 46.09
N6 AGS H . -1.90 -24.76 47.02
N1 AGS H . -2.86 -25.64 45.10
C2 AGS H . -3.82 -25.60 44.17
N3 AGS H . -4.84 -24.76 44.07
C4 AGS H . -4.84 -23.86 45.07
#